data_9DYU
#
_entry.id   9DYU
#
_entity_poly.entity_id   1
_entity_poly.type   'polypeptide(L)'
_entity_poly.pdbx_seq_one_letter_code
;MDPGLFGGFGSGGSGGSGGSGVTPLSLGVETKGGVMTVLIPRNTTIPTRKCEIFTTAEHNQTAVEIHVLQGERPMAQDNK
SLGRFRLEGIPPMPAGVPQIEVCFDIDANGILHVTAKERSTGREASITIQNTTT
;
_entity_poly.pdbx_strand_id   A
#
# COMPACT_ATOMS: atom_id res chain seq x y z
N PRO A 3 -1.97 8.13 9.91
CA PRO A 3 -2.58 8.93 8.81
C PRO A 3 -3.62 8.09 8.05
N GLY A 4 -4.79 8.69 7.80
CA GLY A 4 -5.92 8.01 7.15
C GLY A 4 -6.26 8.60 5.78
N LEU A 5 -5.23 8.74 4.93
CA LEU A 5 -5.36 9.27 3.55
C LEU A 5 -4.28 8.67 2.62
N PHE A 6 -4.21 9.15 1.36
CA PHE A 6 -3.26 8.63 0.34
C PHE A 6 -2.29 9.70 -0.15
N GLY A 7 -1.02 9.28 -0.36
CA GLY A 7 -0.03 10.07 -1.08
C GLY A 7 0.01 9.68 -2.54
N GLY A 8 0.91 8.76 -2.88
CA GLY A 8 1.01 8.22 -4.25
C GLY A 8 2.09 8.92 -5.06
N PHE A 9 3.35 8.67 -4.69
CA PHE A 9 4.53 9.14 -5.43
C PHE A 9 4.74 8.18 -6.61
N GLY A 10 5.10 8.74 -7.78
CA GLY A 10 5.19 7.98 -9.04
C GLY A 10 6.20 6.84 -9.01
N SER A 11 7.26 7.01 -8.20
CA SER A 11 8.33 6.01 -8.00
C SER A 11 7.75 4.62 -7.63
N GLY A 12 7.93 3.64 -8.54
CA GLY A 12 7.51 2.26 -8.27
C GLY A 12 8.56 1.52 -7.47
N GLY A 13 9.59 1.08 -8.18
CA GLY A 13 10.72 0.37 -7.59
C GLY A 13 11.79 0.14 -8.63
N SER A 14 11.54 -0.86 -9.50
CA SER A 14 12.43 -1.26 -10.62
C SER A 14 13.79 -1.82 -10.13
N GLY A 15 13.87 -2.11 -8.81
CA GLY A 15 15.05 -2.75 -8.23
C GLY A 15 14.82 -4.23 -8.09
N GLY A 16 13.80 -4.59 -7.30
CA GLY A 16 13.43 -5.98 -7.07
C GLY A 16 14.47 -6.77 -6.26
N SER A 17 14.11 -8.00 -5.91
CA SER A 17 14.96 -8.95 -5.17
C SER A 17 14.24 -10.31 -5.09
N GLY A 18 14.65 -11.18 -4.14
CA GLY A 18 14.03 -12.49 -3.98
C GLY A 18 14.63 -13.28 -2.85
N GLY A 19 13.80 -14.08 -2.19
CA GLY A 19 14.21 -14.90 -1.06
C GLY A 19 13.07 -15.10 -0.08
N SER A 20 13.40 -15.62 1.11
CA SER A 20 12.41 -15.91 2.16
C SER A 20 13.11 -16.03 3.53
N GLY A 21 12.31 -16.09 4.60
CA GLY A 21 12.81 -16.09 5.97
C GLY A 21 12.11 -15.01 6.76
N VAL A 22 12.79 -13.87 6.98
CA VAL A 22 12.20 -12.67 7.61
C VAL A 22 12.46 -11.44 6.74
N THR A 23 11.58 -10.43 6.85
CA THR A 23 11.76 -9.17 6.13
C THR A 23 12.65 -8.22 6.99
N PRO A 24 13.69 -7.58 6.38
CA PRO A 24 14.62 -6.67 7.11
C PRO A 24 13.96 -5.33 7.50
N LEU A 25 12.89 -4.96 6.77
CA LEU A 25 12.19 -3.68 6.94
C LEU A 25 10.66 -3.91 7.02
N SER A 26 9.99 -3.12 7.87
CA SER A 26 8.52 -3.19 8.09
C SER A 26 7.76 -2.67 6.87
N LEU A 27 6.56 -3.20 6.61
CA LEU A 27 5.84 -2.94 5.35
C LEU A 27 4.69 -1.96 5.61
N GLY A 28 4.53 -0.98 4.71
CA GLY A 28 3.51 0.06 4.88
C GLY A 28 3.19 0.80 3.59
N VAL A 29 2.37 1.84 3.72
CA VAL A 29 1.91 2.68 2.59
C VAL A 29 2.46 4.09 2.76
N GLU A 30 2.37 4.87 1.67
CA GLU A 30 2.66 6.30 1.70
C GLU A 30 1.34 7.07 1.77
N THR A 31 1.35 8.08 2.63
CA THR A 31 0.22 8.96 2.88
C THR A 31 0.63 10.41 2.56
N LYS A 32 -0.38 11.25 2.27
CA LYS A 32 -0.20 12.63 1.76
C LYS A 32 0.72 13.47 2.67
N GLY A 33 1.68 14.17 2.05
CA GLY A 33 2.70 14.93 2.79
C GLY A 33 4.01 14.17 2.92
N GLY A 34 4.07 12.96 2.31
CA GLY A 34 5.31 12.16 2.26
C GLY A 34 5.56 11.37 3.53
N VAL A 35 4.48 11.03 4.26
CA VAL A 35 4.55 10.29 5.55
C VAL A 35 4.41 8.77 5.29
N MET A 36 5.23 7.94 5.97
CA MET A 36 5.18 6.46 5.83
C MET A 36 4.37 5.87 6.98
N THR A 37 3.24 5.22 6.64
CA THR A 37 2.37 4.55 7.61
C THR A 37 2.61 3.02 7.58
N VAL A 38 3.28 2.50 8.62
CA VAL A 38 3.58 1.07 8.75
C VAL A 38 2.30 0.28 9.12
N LEU A 39 2.01 -0.78 8.34
CA LEU A 39 0.82 -1.65 8.57
C LEU A 39 1.26 -3.03 9.09
N ILE A 40 2.40 -3.52 8.59
CA ILE A 40 2.99 -4.81 9.02
C ILE A 40 4.34 -4.57 9.70
N PRO A 41 4.57 -5.09 10.94
CA PRO A 41 5.90 -5.07 11.60
C PRO A 41 6.92 -5.98 10.87
N ARG A 42 8.23 -5.67 11.00
CA ARG A 42 9.30 -6.48 10.35
C ARG A 42 9.57 -7.78 11.13
N ASN A 43 10.63 -8.53 10.69
CA ASN A 43 11.02 -9.82 11.27
C ASN A 43 9.88 -10.85 11.09
N THR A 44 9.22 -10.73 9.92
CA THR A 44 8.08 -11.56 9.51
C THR A 44 8.48 -13.03 9.29
N THR A 45 7.88 -13.95 10.06
CA THR A 45 8.17 -15.40 9.97
C THR A 45 6.86 -16.21 9.92
N ILE A 46 5.74 -15.53 10.20
CA ILE A 46 4.37 -16.12 10.25
C ILE A 46 3.37 -15.25 9.44
N PRO A 47 2.21 -15.81 8.97
CA PRO A 47 1.21 -15.03 8.21
C PRO A 47 0.58 -13.93 9.10
N THR A 48 0.43 -12.72 8.52
CA THR A 48 0.03 -11.52 9.27
C THR A 48 -0.87 -10.64 8.39
N ARG A 49 -2.11 -10.40 8.81
CA ARG A 49 -3.03 -9.55 8.04
C ARG A 49 -3.29 -8.25 8.80
N LYS A 50 -3.49 -7.19 8.02
CA LYS A 50 -3.86 -5.86 8.49
C LYS A 50 -4.79 -5.27 7.43
N CYS A 51 -5.89 -4.67 7.88
CA CYS A 51 -6.79 -3.93 6.99
C CYS A 51 -7.02 -2.57 7.62
N GLU A 52 -6.91 -1.52 6.80
CA GLU A 52 -7.01 -0.13 7.24
C GLU A 52 -7.85 0.64 6.22
N ILE A 53 -8.80 1.40 6.74
CA ILE A 53 -9.75 2.16 5.93
C ILE A 53 -9.26 3.64 5.89
N PHE A 54 -9.02 4.16 4.68
CA PHE A 54 -8.45 5.53 4.47
C PHE A 54 -9.48 6.45 3.78
N THR A 55 -9.85 7.57 4.43
CA THR A 55 -10.82 8.54 3.87
C THR A 55 -10.11 9.86 3.50
N THR A 56 -10.34 10.34 2.26
CA THR A 56 -9.66 11.53 1.74
C THR A 56 -10.49 12.16 0.59
N ALA A 57 -10.40 13.48 0.46
CA ALA A 57 -11.04 14.25 -0.60
C ALA A 57 -9.98 14.69 -1.63
N GLU A 58 -10.02 14.07 -2.82
CA GLU A 58 -9.05 14.32 -3.91
C GLU A 58 -9.74 15.02 -5.09
N HIS A 59 -9.04 15.96 -5.75
CA HIS A 59 -9.61 16.75 -6.87
C HIS A 59 -9.48 15.98 -8.20
N ASN A 60 -10.59 15.94 -8.97
CA ASN A 60 -10.63 15.41 -10.36
C ASN A 60 -10.11 13.93 -10.43
N GLN A 61 -10.33 13.18 -9.34
CA GLN A 61 -9.74 11.83 -9.17
C GLN A 61 -10.54 10.81 -10.01
N THR A 62 -9.84 10.11 -10.91
CA THR A 62 -10.42 9.04 -11.76
C THR A 62 -10.00 7.66 -11.24
N ALA A 63 -8.90 7.65 -10.47
CA ALA A 63 -8.32 6.44 -9.89
C ALA A 63 -7.48 6.81 -8.65
N VAL A 64 -7.32 5.89 -7.70
CA VAL A 64 -6.56 6.11 -6.44
C VAL A 64 -5.28 5.26 -6.50
N GLU A 65 -4.11 5.90 -6.37
CA GLU A 65 -2.80 5.22 -6.54
C GLU A 65 -2.09 5.06 -5.18
N ILE A 66 -1.98 3.80 -4.73
CA ILE A 66 -1.38 3.45 -3.44
C ILE A 66 0.11 3.11 -3.66
N HIS A 67 1.00 3.84 -2.98
CA HIS A 67 2.45 3.65 -3.07
C HIS A 67 2.92 2.80 -1.86
N VAL A 68 3.45 1.58 -2.14
CA VAL A 68 3.86 0.61 -1.09
C VAL A 68 5.41 0.62 -0.92
N LEU A 69 5.85 0.82 0.34
CA LEU A 69 7.28 0.91 0.72
C LEU A 69 7.56 0.01 1.94
N GLN A 70 8.85 -0.23 2.21
CA GLN A 70 9.33 -0.91 3.42
C GLN A 70 10.41 -0.05 4.11
N GLY A 71 10.38 -0.06 5.45
CA GLY A 71 11.32 0.68 6.27
C GLY A 71 10.77 0.90 7.68
N GLU A 72 11.39 1.83 8.39
CA GLU A 72 10.97 2.25 9.75
C GLU A 72 10.84 3.78 9.83
N ARG A 73 11.21 4.48 8.74
CA ARG A 73 11.35 5.94 8.71
C ARG A 73 9.96 6.62 8.68
N PRO A 74 9.75 7.74 9.48
CA PRO A 74 8.45 8.44 9.57
C PRO A 74 8.03 9.14 8.25
N MET A 75 9.02 9.37 7.36
CA MET A 75 8.79 9.95 6.02
C MET A 75 9.08 8.89 4.96
N ALA A 76 8.09 8.64 4.07
CA ALA A 76 8.17 7.62 2.99
C ALA A 76 9.35 7.84 2.03
N GLN A 77 9.78 9.12 1.92
CA GLN A 77 10.93 9.53 1.08
C GLN A 77 12.22 8.75 1.44
N ASP A 78 12.34 8.39 2.72
CA ASP A 78 13.55 7.77 3.29
C ASP A 78 13.40 6.25 3.44
N ASN A 79 12.31 5.68 2.86
CA ASN A 79 12.03 4.23 2.87
C ASN A 79 12.20 3.65 1.46
N LYS A 80 12.39 2.32 1.39
CA LYS A 80 12.60 1.61 0.13
C LYS A 80 11.25 1.34 -0.55
N SER A 81 11.00 2.01 -1.69
CA SER A 81 9.78 1.82 -2.48
C SER A 81 9.83 0.43 -3.15
N LEU A 82 8.90 -0.44 -2.75
CA LEU A 82 8.82 -1.82 -3.27
C LEU A 82 8.03 -1.84 -4.57
N GLY A 83 6.96 -1.04 -4.57
CA GLY A 83 6.09 -0.92 -5.71
C GLY A 83 4.95 0.05 -5.48
N ARG A 84 4.03 0.06 -6.42
CA ARG A 84 2.79 0.81 -6.36
C ARG A 84 1.74 0.11 -7.23
N PHE A 85 0.48 0.42 -6.97
CA PHE A 85 -0.63 -0.05 -7.79
C PHE A 85 -1.72 1.00 -7.77
N ARG A 86 -2.39 1.18 -8.90
CA ARG A 86 -3.47 2.16 -9.03
C ARG A 86 -4.81 1.40 -9.16
N LEU A 87 -5.71 1.73 -8.24
CA LEU A 87 -7.09 1.22 -8.23
C LEU A 87 -7.93 2.12 -9.12
N GLU A 88 -8.49 1.54 -10.18
CA GLU A 88 -9.21 2.27 -11.24
C GLU A 88 -10.70 1.88 -11.25
N GLY A 89 -11.49 2.68 -11.99
CA GLY A 89 -12.94 2.55 -12.02
C GLY A 89 -13.62 3.44 -10.98
N ILE A 90 -12.85 4.37 -10.40
CA ILE A 90 -13.36 5.41 -9.50
C ILE A 90 -14.08 6.47 -10.37
N PRO A 91 -15.33 6.92 -9.99
CA PRO A 91 -16.07 7.98 -10.73
C PRO A 91 -15.20 9.23 -11.03
N PRO A 92 -15.15 9.70 -12.32
CA PRO A 92 -14.32 10.86 -12.71
C PRO A 92 -14.75 12.12 -11.93
N MET A 93 -13.92 12.50 -10.94
CA MET A 93 -14.20 13.53 -9.94
C MET A 93 -15.35 13.03 -9.01
N PRO A 94 -15.00 12.26 -7.93
CA PRO A 94 -15.97 11.74 -6.97
C PRO A 94 -16.11 12.68 -5.76
N ALA A 95 -16.79 13.80 -5.98
CA ALA A 95 -17.17 14.71 -4.89
C ALA A 95 -18.20 13.99 -4.00
N GLY A 96 -17.85 13.76 -2.72
CA GLY A 96 -18.66 12.92 -1.84
C GLY A 96 -18.17 11.47 -1.79
N VAL A 97 -16.92 11.22 -2.29
CA VAL A 97 -16.26 9.89 -2.18
C VAL A 97 -16.21 9.43 -0.71
N PRO A 98 -16.67 8.18 -0.38
CA PRO A 98 -16.66 7.67 1.00
C PRO A 98 -15.22 7.46 1.53
N GLN A 99 -14.60 6.28 1.23
CA GLN A 99 -13.25 5.94 1.71
C GLN A 99 -12.78 4.59 1.10
N ILE A 100 -11.48 4.51 0.76
CA ILE A 100 -10.88 3.33 0.09
C ILE A 100 -10.15 2.44 1.15
N GLU A 101 -10.51 1.15 1.18
CA GLU A 101 -9.93 0.15 2.12
C GLU A 101 -8.67 -0.49 1.52
N VAL A 102 -7.52 -0.33 2.18
CA VAL A 102 -6.26 -0.98 1.79
C VAL A 102 -5.92 -2.07 2.83
N CYS A 103 -5.66 -3.30 2.36
CA CYS A 103 -5.29 -4.42 3.23
C CYS A 103 -3.91 -4.95 2.84
N PHE A 104 -3.05 -5.11 3.86
CA PHE A 104 -1.75 -5.78 3.77
C PHE A 104 -1.91 -7.20 4.31
N ASP A 105 -1.85 -8.19 3.44
CA ASP A 105 -1.89 -9.60 3.82
C ASP A 105 -0.47 -10.16 3.66
N ILE A 106 0.01 -10.86 4.67
CA ILE A 106 1.36 -11.46 4.70
C ILE A 106 1.20 -12.98 4.81
N ASP A 107 1.99 -13.71 4.00
CA ASP A 107 2.01 -15.18 4.02
C ASP A 107 3.01 -15.68 5.09
N ALA A 108 3.05 -17.01 5.31
CA ALA A 108 4.03 -17.67 6.19
C ALA A 108 5.46 -17.47 5.67
N ASN A 109 5.61 -17.45 4.33
CA ASN A 109 6.90 -17.18 3.64
C ASN A 109 7.25 -15.67 3.70
N GLY A 110 6.31 -14.86 4.24
CA GLY A 110 6.50 -13.41 4.38
C GLY A 110 6.17 -12.64 3.12
N ILE A 111 5.43 -13.29 2.20
CA ILE A 111 5.00 -12.69 0.93
C ILE A 111 4.01 -11.56 1.20
N LEU A 112 4.32 -10.35 0.69
CA LEU A 112 3.45 -9.19 0.85
C LEU A 112 2.45 -9.16 -0.30
N HIS A 113 1.18 -9.25 0.03
CA HIS A 113 0.08 -9.06 -0.91
C HIS A 113 -0.74 -7.86 -0.46
N VAL A 114 -0.66 -6.77 -1.20
CA VAL A 114 -1.41 -5.54 -0.91
C VAL A 114 -2.62 -5.46 -1.85
N THR A 115 -3.73 -4.92 -1.35
CA THR A 115 -4.94 -4.68 -2.15
C THR A 115 -5.60 -3.36 -1.71
N ALA A 116 -6.38 -2.77 -2.62
CA ALA A 116 -7.20 -1.58 -2.33
C ALA A 116 -8.56 -1.75 -3.00
N LYS A 117 -9.62 -1.38 -2.29
CA LYS A 117 -11.01 -1.54 -2.72
C LYS A 117 -11.79 -0.27 -2.38
N GLU A 118 -12.36 0.41 -3.40
CA GLU A 118 -13.17 1.62 -3.20
C GLU A 118 -14.54 1.19 -2.65
N ARG A 119 -14.97 1.86 -1.57
CA ARG A 119 -16.15 1.48 -0.78
C ARG A 119 -17.44 1.54 -1.64
N SER A 120 -17.68 2.71 -2.27
CA SER A 120 -18.94 2.98 -2.99
C SER A 120 -19.04 2.17 -4.29
N THR A 121 -17.90 2.03 -5.00
CA THR A 121 -17.86 1.42 -6.34
C THR A 121 -17.72 -0.12 -6.21
N GLY A 122 -17.04 -0.55 -5.13
CA GLY A 122 -16.85 -1.98 -4.82
C GLY A 122 -15.69 -2.60 -5.57
N ARG A 123 -15.13 -1.84 -6.52
CA ARG A 123 -14.01 -2.28 -7.37
C ARG A 123 -12.71 -2.34 -6.56
N GLU A 124 -11.91 -3.36 -6.86
CA GLU A 124 -10.65 -3.64 -6.17
C GLU A 124 -9.52 -3.93 -7.17
N ALA A 125 -8.29 -3.81 -6.67
CA ALA A 125 -7.06 -4.08 -7.41
C ALA A 125 -5.98 -4.51 -6.42
N SER A 126 -5.16 -5.52 -6.76
CA SER A 126 -4.16 -6.05 -5.83
C SER A 126 -2.83 -6.37 -6.54
N ILE A 127 -1.73 -6.22 -5.77
CA ILE A 127 -0.35 -6.50 -6.21
C ILE A 127 0.31 -7.46 -5.21
N THR A 128 1.13 -8.40 -5.69
CA THR A 128 1.85 -9.34 -4.83
C THR A 128 3.37 -9.08 -4.94
N ILE A 129 3.94 -8.54 -3.87
CA ILE A 129 5.37 -8.23 -3.73
C ILE A 129 6.05 -9.40 -2.98
N GLN A 130 6.87 -10.17 -3.71
CA GLN A 130 7.48 -11.42 -3.21
C GLN A 130 8.99 -11.24 -3.00
N ASN A 131 9.41 -9.98 -2.79
CA ASN A 131 10.83 -9.61 -2.65
C ASN A 131 11.08 -8.84 -1.33
N THR A 132 10.11 -8.95 -0.41
CA THR A 132 10.15 -8.28 0.89
C THR A 132 11.10 -8.98 1.87
N THR A 133 10.99 -10.32 1.94
CA THR A 133 11.81 -11.16 2.83
C THR A 133 13.24 -11.35 2.26
N THR A 134 14.17 -11.69 3.17
CA THR A 134 15.62 -11.85 2.90
C THR A 134 15.91 -12.89 1.76
N PRO A 3 -2.74 9.46 9.65
CA PRO A 3 -2.61 9.66 8.18
C PRO A 3 -3.55 8.69 7.44
N GLY A 4 -4.25 9.20 6.40
CA GLY A 4 -5.28 8.44 5.69
C GLY A 4 -5.27 8.65 4.18
N LEU A 5 -5.21 9.93 3.76
CA LEU A 5 -5.14 10.28 2.31
C LEU A 5 -3.82 9.75 1.74
N PHE A 6 -3.84 9.21 0.51
CA PHE A 6 -2.71 8.49 -0.10
C PHE A 6 -1.70 9.43 -0.77
N GLY A 7 -0.42 9.02 -0.76
CA GLY A 7 0.67 9.74 -1.41
C GLY A 7 0.67 9.54 -2.92
N GLY A 8 1.23 8.40 -3.37
CA GLY A 8 1.30 8.07 -4.79
C GLY A 8 2.40 8.85 -5.52
N PHE A 9 3.50 9.11 -4.80
CA PHE A 9 4.70 9.75 -5.33
C PHE A 9 5.55 8.75 -6.13
N GLY A 10 6.12 9.23 -7.24
CA GLY A 10 7.10 8.47 -8.03
C GLY A 10 6.57 7.14 -8.56
N SER A 11 7.29 6.05 -8.24
CA SER A 11 6.95 4.70 -8.69
C SER A 11 7.62 3.65 -7.76
N GLY A 12 7.60 2.38 -8.20
CA GLY A 12 8.22 1.27 -7.47
C GLY A 12 8.69 0.20 -8.44
N GLY A 13 10.01 0.19 -8.71
CA GLY A 13 10.62 -0.75 -9.65
C GLY A 13 10.42 -2.20 -9.24
N SER A 14 9.83 -3.01 -10.14
CA SER A 14 9.51 -4.42 -9.88
C SER A 14 10.80 -5.27 -9.95
N GLY A 15 11.45 -5.42 -8.80
CA GLY A 15 12.61 -6.30 -8.67
C GLY A 15 12.17 -7.73 -8.40
N GLY A 16 11.64 -7.95 -7.19
CA GLY A 16 11.13 -9.26 -6.77
C GLY A 16 12.20 -10.34 -6.64
N SER A 17 13.48 -9.95 -6.79
CA SER A 17 14.62 -10.87 -6.79
C SER A 17 15.15 -11.00 -5.35
N GLY A 18 14.64 -12.00 -4.64
CA GLY A 18 15.03 -12.29 -3.27
C GLY A 18 14.64 -13.70 -2.88
N GLY A 19 14.14 -13.86 -1.66
CA GLY A 19 13.73 -15.16 -1.15
C GLY A 19 12.48 -15.07 -0.30
N SER A 20 12.43 -15.87 0.77
CA SER A 20 11.26 -15.97 1.66
C SER A 20 11.71 -16.18 3.13
N GLY A 21 12.82 -15.53 3.49
CA GLY A 21 13.32 -15.53 4.87
C GLY A 21 12.51 -14.59 5.77
N VAL A 22 13.12 -13.46 6.19
CA VAL A 22 12.42 -12.37 6.91
C VAL A 22 12.79 -11.03 6.27
N THR A 23 11.92 -10.03 6.42
CA THR A 23 12.15 -8.69 5.84
C THR A 23 12.99 -7.81 6.81
N PRO A 24 13.99 -7.04 6.30
CA PRO A 24 14.85 -6.16 7.15
C PRO A 24 14.16 -4.84 7.56
N LEU A 25 13.05 -4.51 6.87
CA LEU A 25 12.33 -3.23 7.03
C LEU A 25 10.81 -3.49 7.13
N SER A 26 10.11 -2.69 7.95
CA SER A 26 8.66 -2.85 8.23
C SER A 26 7.82 -2.39 7.03
N LEU A 27 6.64 -3.00 6.80
CA LEU A 27 5.89 -2.87 5.54
C LEU A 27 4.66 -1.95 5.77
N GLY A 28 4.48 -0.97 4.87
CA GLY A 28 3.38 -0.01 4.97
C GLY A 28 3.09 0.73 3.68
N VAL A 29 2.19 1.73 3.77
CA VAL A 29 1.74 2.54 2.63
C VAL A 29 2.17 3.99 2.83
N GLU A 30 2.36 4.70 1.71
CA GLU A 30 2.68 6.11 1.70
C GLU A 30 1.36 6.90 1.72
N THR A 31 1.30 7.89 2.61
CA THR A 31 0.16 8.78 2.81
C THR A 31 0.59 10.22 2.50
N LYS A 32 -0.39 11.15 2.60
CA LYS A 32 -0.26 12.54 2.11
C LYS A 32 0.92 13.26 2.79
N GLY A 33 1.78 13.88 1.99
CA GLY A 33 3.01 14.52 2.47
C GLY A 33 4.19 13.56 2.56
N GLY A 34 4.03 12.37 1.96
CA GLY A 34 5.10 11.36 1.93
C GLY A 34 5.28 10.65 3.26
N VAL A 35 4.22 10.58 4.07
CA VAL A 35 4.27 9.99 5.41
C VAL A 35 4.20 8.43 5.34
N MET A 36 5.11 7.76 6.06
CA MET A 36 5.17 6.28 6.10
C MET A 36 4.21 5.74 7.19
N THR A 37 3.09 5.14 6.75
CA THR A 37 2.12 4.50 7.65
C THR A 37 2.32 2.97 7.58
N VAL A 38 2.91 2.39 8.65
CA VAL A 38 3.29 0.96 8.69
C VAL A 38 2.13 0.10 9.25
N LEU A 39 1.76 -0.95 8.51
CA LEU A 39 0.70 -1.90 8.92
C LEU A 39 1.31 -3.19 9.49
N ILE A 40 2.35 -3.70 8.83
CA ILE A 40 3.00 -4.98 9.20
C ILE A 40 4.41 -4.69 9.78
N PRO A 41 4.77 -5.25 10.99
CA PRO A 41 6.14 -5.14 11.54
C PRO A 41 7.15 -5.99 10.72
N ARG A 42 8.45 -5.67 10.85
CA ARG A 42 9.52 -6.41 10.14
C ARG A 42 9.81 -7.76 10.83
N ASN A 43 10.88 -8.45 10.34
CA ASN A 43 11.26 -9.79 10.83
C ASN A 43 10.10 -10.78 10.59
N THR A 44 9.44 -10.59 9.44
CA THR A 44 8.22 -11.31 9.06
C THR A 44 8.52 -12.78 8.69
N THR A 45 7.93 -13.73 9.45
CA THR A 45 8.17 -15.19 9.28
C THR A 45 6.86 -15.99 9.47
N ILE A 46 5.78 -15.30 9.83
CA ILE A 46 4.46 -15.90 10.12
C ILE A 46 3.35 -15.13 9.38
N PRO A 47 2.18 -15.80 9.05
CA PRO A 47 1.08 -15.12 8.35
C PRO A 47 0.38 -14.06 9.25
N THR A 48 0.11 -12.90 8.66
CA THR A 48 -0.47 -11.74 9.38
C THR A 48 -1.38 -10.97 8.41
N ARG A 49 -2.50 -10.41 8.91
CA ARG A 49 -3.37 -9.59 8.06
C ARG A 49 -3.81 -8.33 8.82
N LYS A 50 -3.38 -7.16 8.31
CA LYS A 50 -3.72 -5.85 8.87
C LYS A 50 -4.45 -5.04 7.81
N CYS A 51 -5.65 -4.58 8.14
CA CYS A 51 -6.49 -3.79 7.23
C CYS A 51 -6.95 -2.52 7.94
N GLU A 52 -6.87 -1.39 7.22
CA GLU A 52 -7.25 -0.06 7.73
C GLU A 52 -8.13 0.64 6.68
N ILE A 53 -9.19 1.31 7.15
CA ILE A 53 -10.09 2.07 6.29
C ILE A 53 -9.55 3.52 6.16
N PHE A 54 -9.27 3.92 4.94
CA PHE A 54 -8.70 5.25 4.61
C PHE A 54 -9.65 5.97 3.65
N THR A 55 -9.65 7.31 3.65
CA THR A 55 -10.40 8.09 2.65
C THR A 55 -9.54 9.23 2.11
N THR A 56 -9.78 9.57 0.84
CA THR A 56 -9.17 10.71 0.17
C THR A 56 -10.24 11.32 -0.77
N ALA A 57 -10.53 12.61 -0.56
CA ALA A 57 -11.49 13.37 -1.36
C ALA A 57 -10.75 14.54 -2.00
N GLU A 58 -10.13 14.26 -3.16
CA GLU A 58 -9.30 15.23 -3.91
C GLU A 58 -10.00 15.62 -5.20
N HIS A 59 -9.63 16.80 -5.72
CA HIS A 59 -10.24 17.39 -6.90
C HIS A 59 -9.83 16.62 -8.17
N ASN A 60 -10.85 16.25 -8.97
CA ASN A 60 -10.71 15.56 -10.27
C ASN A 60 -10.07 14.15 -10.17
N GLN A 61 -9.95 13.57 -8.94
CA GLN A 61 -9.26 12.27 -8.78
C GLN A 61 -10.06 11.14 -9.49
N THR A 62 -9.42 10.48 -10.45
CA THR A 62 -10.08 9.44 -11.28
C THR A 62 -9.60 8.04 -10.86
N ALA A 63 -8.57 7.99 -10.01
CA ALA A 63 -8.01 6.73 -9.51
C ALA A 63 -7.28 6.97 -8.19
N VAL A 64 -7.07 5.88 -7.42
CA VAL A 64 -6.31 5.94 -6.15
C VAL A 64 -5.05 5.08 -6.30
N GLU A 65 -3.86 5.69 -6.15
CA GLU A 65 -2.58 5.00 -6.37
C GLU A 65 -1.86 4.78 -5.03
N ILE A 66 -1.87 3.52 -4.58
CA ILE A 66 -1.25 3.09 -3.33
C ILE A 66 0.23 2.79 -3.61
N HIS A 67 1.12 3.65 -3.07
CA HIS A 67 2.58 3.50 -3.17
C HIS A 67 3.07 2.76 -1.91
N VAL A 68 3.41 1.48 -2.05
CA VAL A 68 3.83 0.60 -0.95
C VAL A 68 5.35 0.65 -0.79
N LEU A 69 5.83 0.86 0.46
CA LEU A 69 7.26 0.90 0.79
C LEU A 69 7.54 0.06 2.06
N GLN A 70 8.83 -0.23 2.27
CA GLN A 70 9.34 -0.81 3.51
C GLN A 70 10.40 0.11 4.10
N GLY A 71 10.35 0.28 5.43
CA GLY A 71 11.30 1.11 6.14
C GLY A 71 10.94 1.20 7.61
N GLU A 72 11.53 2.19 8.28
CA GLU A 72 11.26 2.49 9.69
C GLU A 72 11.25 4.02 9.94
N ARG A 73 11.82 4.81 9.00
CA ARG A 73 11.85 6.28 9.10
C ARG A 73 10.43 6.88 8.93
N PRO A 74 10.11 8.04 9.62
CA PRO A 74 8.75 8.65 9.59
C PRO A 74 8.25 9.02 8.18
N MET A 75 9.18 9.30 7.26
CA MET A 75 8.85 9.65 5.87
C MET A 75 9.41 8.61 4.89
N ALA A 76 8.68 8.44 3.77
CA ALA A 76 8.94 7.46 2.72
C ALA A 76 10.24 7.76 1.95
N GLN A 77 10.74 9.01 2.06
CA GLN A 77 11.98 9.47 1.37
C GLN A 77 13.21 8.62 1.75
N ASP A 78 13.22 8.09 2.99
CA ASP A 78 14.36 7.27 3.51
C ASP A 78 13.97 5.77 3.54
N ASN A 79 12.87 5.43 2.85
CA ASN A 79 12.29 4.07 2.83
C ASN A 79 12.30 3.54 1.38
N LYS A 80 12.50 2.22 1.24
CA LYS A 80 12.64 1.53 -0.06
C LYS A 80 11.25 1.21 -0.64
N SER A 81 10.95 1.68 -1.87
CA SER A 81 9.66 1.39 -2.52
C SER A 81 9.60 -0.09 -2.94
N LEU A 82 8.59 -0.80 -2.44
CA LEU A 82 8.33 -2.20 -2.75
C LEU A 82 7.55 -2.30 -4.07
N GLY A 83 6.64 -1.35 -4.27
CA GLY A 83 5.83 -1.27 -5.47
C GLY A 83 4.78 -0.20 -5.37
N ARG A 84 3.93 -0.14 -6.38
CA ARG A 84 2.78 0.78 -6.44
C ARG A 84 1.73 0.21 -7.39
N PHE A 85 0.45 0.46 -7.11
CA PHE A 85 -0.66 0.04 -7.99
C PHE A 85 -1.78 1.07 -7.96
N ARG A 86 -2.65 1.00 -8.97
CA ARG A 86 -3.73 1.96 -9.17
C ARG A 86 -5.10 1.24 -9.10
N LEU A 87 -5.98 1.76 -8.26
CA LEU A 87 -7.38 1.35 -8.15
C LEU A 87 -8.18 2.21 -9.15
N GLU A 88 -8.80 1.56 -10.14
CA GLU A 88 -9.52 2.22 -11.25
C GLU A 88 -11.03 1.90 -11.21
N GLY A 89 -11.78 2.61 -12.06
CA GLY A 89 -13.24 2.52 -12.12
C GLY A 89 -13.88 3.74 -11.45
N ILE A 90 -13.03 4.58 -10.84
CA ILE A 90 -13.42 5.81 -10.14
C ILE A 90 -13.60 6.97 -11.14
N PRO A 91 -14.75 7.72 -11.11
CA PRO A 91 -14.93 8.95 -11.91
C PRO A 91 -14.12 10.14 -11.31
N PRO A 92 -13.81 11.22 -12.10
CA PRO A 92 -13.09 12.41 -11.60
C PRO A 92 -13.85 13.09 -10.42
N MET A 93 -13.37 12.80 -9.20
CA MET A 93 -13.90 13.32 -7.93
C MET A 93 -15.40 12.92 -7.75
N PRO A 94 -15.67 11.66 -7.30
CA PRO A 94 -17.06 11.19 -7.07
C PRO A 94 -17.70 11.88 -5.85
N ALA A 95 -18.68 12.75 -6.11
CA ALA A 95 -19.47 13.41 -5.06
C ALA A 95 -20.21 12.35 -4.22
N GLY A 96 -19.91 12.30 -2.91
CA GLY A 96 -20.44 11.27 -2.01
C GLY A 96 -19.47 10.11 -1.79
N VAL A 97 -18.19 10.27 -2.23
CA VAL A 97 -17.14 9.23 -2.05
C VAL A 97 -16.99 8.86 -0.55
N PRO A 98 -17.20 7.54 -0.17
CA PRO A 98 -17.11 7.10 1.23
C PRO A 98 -15.63 6.94 1.63
N GLN A 99 -15.08 5.71 1.53
CA GLN A 99 -13.71 5.40 1.98
C GLN A 99 -13.11 4.29 1.10
N ILE A 100 -11.79 4.38 0.86
CA ILE A 100 -11.00 3.34 0.19
C ILE A 100 -10.43 2.39 1.28
N GLU A 101 -10.78 1.12 1.18
CA GLU A 101 -10.28 0.07 2.09
C GLU A 101 -8.89 -0.38 1.63
N VAL A 102 -7.93 -0.52 2.55
CA VAL A 102 -6.60 -1.08 2.25
C VAL A 102 -6.36 -2.28 3.16
N CYS A 103 -5.76 -3.35 2.60
CA CYS A 103 -5.48 -4.60 3.31
C CYS A 103 -4.06 -5.07 2.96
N PHE A 104 -3.30 -5.39 4.00
CA PHE A 104 -1.98 -6.00 3.93
C PHE A 104 -2.11 -7.44 4.42
N ASP A 105 -1.97 -8.38 3.50
CA ASP A 105 -1.96 -9.81 3.79
C ASP A 105 -0.52 -10.31 3.69
N ILE A 106 -0.13 -11.12 4.65
CA ILE A 106 1.22 -11.65 4.79
C ILE A 106 1.13 -13.16 4.88
N ASP A 107 1.95 -13.84 4.06
CA ASP A 107 2.04 -15.31 4.03
C ASP A 107 2.97 -15.81 5.16
N ALA A 108 3.02 -17.13 5.36
CA ALA A 108 3.99 -17.78 6.26
C ALA A 108 5.43 -17.63 5.74
N ASN A 109 5.57 -17.45 4.42
CA ASN A 109 6.87 -17.17 3.76
C ASN A 109 7.17 -15.65 3.80
N GLY A 110 6.27 -14.86 4.42
CA GLY A 110 6.42 -13.42 4.59
C GLY A 110 6.11 -12.63 3.32
N ILE A 111 5.43 -13.29 2.37
CA ILE A 111 5.08 -12.69 1.06
C ILE A 111 3.92 -11.71 1.25
N LEU A 112 4.13 -10.47 0.78
CA LEU A 112 3.16 -9.37 0.95
C LEU A 112 2.15 -9.38 -0.21
N HIS A 113 0.88 -9.23 0.15
CA HIS A 113 -0.23 -9.08 -0.79
C HIS A 113 -0.98 -7.79 -0.40
N VAL A 114 -0.86 -6.73 -1.21
CA VAL A 114 -1.53 -5.45 -0.94
C VAL A 114 -2.73 -5.30 -1.88
N THR A 115 -3.91 -5.08 -1.31
CA THR A 115 -5.13 -4.81 -2.09
C THR A 115 -5.86 -3.60 -1.49
N ALA A 116 -6.63 -2.92 -2.35
CA ALA A 116 -7.47 -1.80 -1.96
C ALA A 116 -8.81 -1.90 -2.69
N LYS A 117 -9.93 -1.58 -2.00
CA LYS A 117 -11.28 -1.61 -2.60
C LYS A 117 -12.07 -0.33 -2.25
N GLU A 118 -12.45 0.43 -3.31
CA GLU A 118 -13.29 1.63 -3.21
C GLU A 118 -14.76 1.22 -3.12
N ARG A 119 -15.50 1.80 -2.17
CA ARG A 119 -16.94 1.51 -1.97
C ARG A 119 -17.79 2.20 -3.04
N SER A 120 -17.40 3.45 -3.41
CA SER A 120 -18.15 4.30 -4.37
C SER A 120 -18.39 3.59 -5.72
N THR A 121 -17.42 2.77 -6.13
CA THR A 121 -17.41 2.09 -7.42
C THR A 121 -17.58 0.58 -7.25
N GLY A 122 -16.99 0.04 -6.16
CA GLY A 122 -17.03 -1.39 -5.85
C GLY A 122 -15.80 -2.13 -6.32
N ARG A 123 -14.91 -1.42 -7.05
CA ARG A 123 -13.71 -2.02 -7.66
C ARG A 123 -12.62 -2.22 -6.61
N GLU A 124 -11.81 -3.27 -6.84
CA GLU A 124 -10.60 -3.56 -6.07
C GLU A 124 -9.45 -3.90 -7.02
N ALA A 125 -8.23 -3.58 -6.57
CA ALA A 125 -6.98 -3.87 -7.29
C ALA A 125 -5.98 -4.40 -6.28
N SER A 126 -5.08 -5.29 -6.71
CA SER A 126 -4.14 -5.98 -5.81
C SER A 126 -2.77 -6.18 -6.49
N ILE A 127 -1.74 -6.46 -5.66
CA ILE A 127 -0.37 -6.71 -6.10
C ILE A 127 0.32 -7.66 -5.09
N THR A 128 1.00 -8.69 -5.59
CA THR A 128 1.78 -9.60 -4.75
C THR A 128 3.26 -9.16 -4.80
N ILE A 129 3.74 -8.62 -3.67
CA ILE A 129 5.13 -8.21 -3.52
C ILE A 129 5.89 -9.28 -2.71
N GLN A 130 6.76 -10.01 -3.40
CA GLN A 130 7.66 -11.04 -2.81
C GLN A 130 9.09 -10.47 -2.66
N ASN A 131 9.21 -9.15 -2.89
CA ASN A 131 10.47 -8.39 -2.75
C ASN A 131 10.76 -8.04 -1.27
N THR A 132 9.76 -8.27 -0.40
CA THR A 132 9.81 -7.91 1.03
C THR A 132 10.90 -8.71 1.79
N THR A 133 10.75 -10.03 1.80
CA THR A 133 11.62 -10.95 2.54
C THR A 133 12.96 -11.18 1.83
N THR A 134 14.05 -11.20 2.63
CA THR A 134 15.42 -11.44 2.17
C THR A 134 15.52 -12.78 1.39
N PRO A 3 -3.15 12.09 8.13
CA PRO A 3 -4.32 12.52 7.33
C PRO A 3 -5.04 11.32 6.67
N GLY A 4 -4.27 10.33 6.19
CA GLY A 4 -4.84 9.13 5.55
C GLY A 4 -5.02 9.28 4.04
N LEU A 5 -5.35 10.52 3.61
CA LEU A 5 -5.48 10.86 2.17
C LEU A 5 -4.13 10.83 1.45
N PHE A 6 -4.16 10.35 0.19
CA PHE A 6 -2.94 10.04 -0.58
C PHE A 6 -2.65 11.13 -1.62
N GLY A 7 -3.62 11.34 -2.53
CA GLY A 7 -3.42 12.12 -3.75
C GLY A 7 -3.01 11.24 -4.92
N GLY A 8 -2.76 9.95 -4.63
CA GLY A 8 -2.46 8.94 -5.63
C GLY A 8 -1.00 8.93 -6.06
N PHE A 9 -0.12 8.38 -5.22
CA PHE A 9 1.29 8.12 -5.57
C PHE A 9 1.39 6.81 -6.40
N GLY A 10 1.82 6.92 -7.67
CA GLY A 10 1.82 5.76 -8.59
C GLY A 10 3.07 5.69 -9.43
N SER A 11 4.21 6.03 -8.82
CA SER A 11 5.53 5.96 -9.46
C SER A 11 6.55 5.33 -8.50
N GLY A 12 7.66 4.84 -9.06
CA GLY A 12 8.73 4.20 -8.29
C GLY A 12 8.27 2.95 -7.56
N GLY A 13 7.90 1.91 -8.32
CA GLY A 13 7.52 0.62 -7.73
C GLY A 13 6.72 -0.25 -8.69
N SER A 14 6.82 -1.57 -8.52
CA SER A 14 6.10 -2.57 -9.35
C SER A 14 6.05 -3.93 -8.61
N GLY A 15 5.30 -4.89 -9.18
CA GLY A 15 5.21 -6.24 -8.65
C GLY A 15 6.47 -7.07 -8.94
N GLY A 16 6.65 -8.16 -8.19
CA GLY A 16 7.83 -9.01 -8.35
C GLY A 16 7.73 -10.31 -7.57
N SER A 17 8.28 -11.38 -8.15
CA SER A 17 8.33 -12.71 -7.53
C SER A 17 9.80 -13.11 -7.33
N GLY A 18 10.28 -12.98 -6.08
CA GLY A 18 11.65 -13.30 -5.72
C GLY A 18 11.91 -12.98 -4.26
N GLY A 19 11.33 -13.81 -3.37
CA GLY A 19 11.51 -13.63 -1.93
C GLY A 19 11.09 -14.83 -1.10
N SER A 20 11.75 -14.99 0.07
CA SER A 20 11.47 -16.04 1.06
C SER A 20 12.31 -15.77 2.32
N GLY A 21 11.64 -15.71 3.48
CA GLY A 21 12.30 -15.52 4.77
C GLY A 21 11.65 -14.40 5.56
N VAL A 22 12.47 -13.48 6.09
CA VAL A 22 11.96 -12.34 6.87
C VAL A 22 12.34 -11.03 6.17
N THR A 23 11.51 -10.01 6.35
CA THR A 23 11.74 -8.68 5.77
C THR A 23 12.64 -7.84 6.70
N PRO A 24 13.64 -7.07 6.14
CA PRO A 24 14.55 -6.23 6.94
C PRO A 24 13.89 -4.91 7.42
N LEU A 25 12.79 -4.54 6.74
CA LEU A 25 12.08 -3.27 6.94
C LEU A 25 10.56 -3.51 6.95
N SER A 26 9.85 -2.75 7.81
CA SER A 26 8.40 -2.92 8.05
C SER A 26 7.58 -2.36 6.86
N LEU A 27 6.41 -2.96 6.57
CA LEU A 27 5.70 -2.75 5.29
C LEU A 27 4.50 -1.81 5.51
N GLY A 28 4.33 -0.81 4.62
CA GLY A 28 3.29 0.21 4.76
C GLY A 28 2.96 0.94 3.45
N VAL A 29 2.13 2.00 3.56
CA VAL A 29 1.65 2.79 2.39
C VAL A 29 2.16 4.23 2.49
N GLU A 30 2.37 4.90 1.34
CA GLU A 30 2.73 6.33 1.31
C GLU A 30 1.44 7.17 1.21
N THR A 31 1.32 8.11 2.15
CA THR A 31 0.20 9.05 2.29
C THR A 31 0.76 10.47 2.09
N LYS A 32 -0.12 11.49 2.19
CA LYS A 32 0.20 12.90 1.88
C LYS A 32 1.47 13.38 2.63
N GLY A 33 2.27 14.22 1.94
CA GLY A 33 3.52 14.73 2.49
C GLY A 33 4.69 13.76 2.30
N GLY A 34 4.40 12.54 1.77
CA GLY A 34 5.41 11.50 1.62
C GLY A 34 5.63 10.71 2.90
N VAL A 35 4.58 10.64 3.76
CA VAL A 35 4.66 9.92 5.05
C VAL A 35 4.24 8.45 4.84
N MET A 36 5.10 7.48 5.23
CA MET A 36 4.76 6.06 5.15
C MET A 36 4.06 5.61 6.46
N THR A 37 2.78 5.21 6.34
CA THR A 37 2.01 4.62 7.43
C THR A 37 2.17 3.09 7.39
N VAL A 38 2.90 2.55 8.38
CA VAL A 38 3.23 1.13 8.45
C VAL A 38 2.02 0.26 8.91
N LEU A 39 1.73 -0.80 8.13
CA LEU A 39 0.68 -1.78 8.45
C LEU A 39 1.31 -2.99 9.18
N ILE A 40 2.36 -3.56 8.58
CA ILE A 40 2.99 -4.81 9.07
C ILE A 40 4.37 -4.50 9.67
N PRO A 41 4.71 -5.02 10.88
CA PRO A 41 6.09 -4.91 11.43
C PRO A 41 7.07 -5.84 10.70
N ARG A 42 8.37 -5.51 10.78
CA ARG A 42 9.44 -6.29 10.11
C ARG A 42 9.75 -7.59 10.86
N ASN A 43 10.88 -8.25 10.46
CA ASN A 43 11.32 -9.55 11.03
C ASN A 43 10.26 -10.65 10.77
N THR A 44 9.41 -10.40 9.75
CA THR A 44 8.20 -11.19 9.49
C THR A 44 8.52 -12.66 9.14
N THR A 45 8.06 -13.58 9.99
CA THR A 45 8.38 -15.02 9.89
C THR A 45 7.09 -15.87 9.99
N ILE A 46 5.98 -15.20 10.29
CA ILE A 46 4.66 -15.84 10.49
C ILE A 46 3.59 -15.10 9.65
N PRO A 47 2.46 -15.79 9.28
CA PRO A 47 1.38 -15.17 8.51
C PRO A 47 0.66 -14.06 9.32
N THR A 48 0.31 -12.96 8.63
CA THR A 48 -0.31 -11.77 9.24
C THR A 48 -1.30 -11.17 8.24
N ARG A 49 -2.34 -10.52 8.76
CA ARG A 49 -3.28 -9.74 7.95
C ARG A 49 -3.64 -8.46 8.69
N LYS A 50 -3.35 -7.32 8.10
CA LYS A 50 -3.70 -6.00 8.60
C LYS A 50 -4.72 -5.40 7.62
N CYS A 51 -5.82 -4.84 8.13
CA CYS A 51 -6.76 -4.05 7.33
C CYS A 51 -7.10 -2.79 8.12
N GLU A 52 -7.03 -1.64 7.42
CA GLU A 52 -7.35 -0.33 7.97
C GLU A 52 -8.06 0.49 6.89
N ILE A 53 -8.91 1.42 7.35
CA ILE A 53 -9.69 2.27 6.47
C ILE A 53 -8.94 3.60 6.24
N PHE A 54 -8.82 4.00 4.98
CA PHE A 54 -8.13 5.25 4.56
C PHE A 54 -9.08 6.09 3.72
N THR A 55 -9.11 7.40 3.95
CA THR A 55 -10.06 8.32 3.31
C THR A 55 -9.27 9.34 2.46
N THR A 56 -9.64 9.48 1.16
CA THR A 56 -8.93 10.35 0.21
C THR A 56 -9.94 11.02 -0.75
N ALA A 57 -10.81 11.85 -0.15
CA ALA A 57 -11.88 12.59 -0.85
C ALA A 57 -11.29 13.88 -1.47
N GLU A 58 -10.49 13.70 -2.52
CA GLU A 58 -9.75 14.77 -3.20
C GLU A 58 -10.29 14.96 -4.63
N HIS A 59 -9.97 16.11 -5.24
CA HIS A 59 -10.50 16.53 -6.56
C HIS A 59 -9.75 15.85 -7.72
N ASN A 60 -10.48 15.72 -8.85
CA ASN A 60 -9.98 15.19 -10.14
C ASN A 60 -9.48 13.73 -10.06
N GLN A 61 -9.78 12.99 -8.96
CA GLN A 61 -9.31 11.60 -8.80
C GLN A 61 -10.06 10.67 -9.77
N THR A 62 -9.33 10.06 -10.70
CA THR A 62 -9.84 9.09 -11.69
C THR A 62 -9.54 7.66 -11.20
N ALA A 63 -8.53 7.57 -10.35
CA ALA A 63 -8.11 6.35 -9.68
C ALA A 63 -7.35 6.73 -8.40
N VAL A 64 -7.20 5.78 -7.46
CA VAL A 64 -6.38 5.99 -6.24
C VAL A 64 -5.15 5.08 -6.35
N GLU A 65 -3.97 5.67 -6.41
CA GLU A 65 -2.71 4.95 -6.50
C GLU A 65 -2.12 4.78 -5.09
N ILE A 66 -2.13 3.53 -4.60
CA ILE A 66 -1.54 3.14 -3.33
C ILE A 66 -0.08 2.73 -3.57
N HIS A 67 0.87 3.53 -3.06
CA HIS A 67 2.31 3.27 -3.18
C HIS A 67 2.81 2.54 -1.93
N VAL A 68 3.25 1.27 -2.11
CA VAL A 68 3.69 0.41 -1.01
C VAL A 68 5.22 0.49 -0.85
N LEU A 69 5.69 0.73 0.38
CA LEU A 69 7.13 0.81 0.74
C LEU A 69 7.41 -0.04 1.99
N GLN A 70 8.69 -0.29 2.25
CA GLN A 70 9.16 -0.88 3.50
C GLN A 70 10.22 0.04 4.12
N GLY A 71 10.09 0.28 5.43
CA GLY A 71 11.05 1.07 6.18
C GLY A 71 10.76 1.06 7.66
N GLU A 72 11.74 1.48 8.44
CA GLU A 72 11.59 1.75 9.87
C GLU A 72 11.09 3.20 10.06
N ARG A 73 11.43 4.06 9.08
CA ARG A 73 11.16 5.50 9.13
C ARG A 73 9.70 5.82 8.77
N PRO A 74 9.07 6.84 9.45
CA PRO A 74 7.76 7.41 9.03
C PRO A 74 7.89 8.29 7.76
N MET A 75 9.13 8.65 7.40
CA MET A 75 9.45 9.41 6.17
C MET A 75 9.78 8.41 5.04
N ALA A 76 8.93 8.39 4.00
CA ALA A 76 9.00 7.41 2.90
C ALA A 76 10.23 7.63 1.99
N GLN A 77 10.84 8.83 2.05
CA GLN A 77 12.09 9.16 1.32
C GLN A 77 13.26 8.23 1.75
N ASP A 78 13.20 7.76 3.01
CA ASP A 78 14.23 6.88 3.59
C ASP A 78 13.85 5.39 3.48
N ASN A 79 12.73 5.11 2.79
CA ASN A 79 12.15 3.75 2.71
C ASN A 79 12.25 3.18 1.29
N LYS A 80 12.36 1.83 1.21
CA LYS A 80 12.47 1.10 -0.05
C LYS A 80 11.08 0.90 -0.67
N SER A 81 10.86 1.54 -1.82
CA SER A 81 9.64 1.37 -2.60
C SER A 81 9.53 -0.07 -3.14
N LEU A 82 8.53 -0.79 -2.62
CA LEU A 82 8.28 -2.21 -2.92
C LEU A 82 7.45 -2.35 -4.19
N GLY A 83 6.46 -1.47 -4.31
CA GLY A 83 5.53 -1.51 -5.42
C GLY A 83 4.53 -0.37 -5.36
N ARG A 84 3.64 -0.37 -6.33
CA ARG A 84 2.50 0.54 -6.40
C ARG A 84 1.41 -0.12 -7.23
N PHE A 85 0.16 0.20 -6.93
CA PHE A 85 -1.00 -0.28 -7.68
C PHE A 85 -2.11 0.77 -7.62
N ARG A 86 -2.87 0.91 -8.70
CA ARG A 86 -3.96 1.89 -8.77
C ARG A 86 -5.31 1.17 -8.78
N LEU A 87 -6.23 1.69 -7.99
CA LEU A 87 -7.62 1.29 -8.01
C LEU A 87 -8.30 2.18 -9.05
N GLU A 88 -8.60 1.60 -10.22
CA GLU A 88 -9.12 2.32 -11.39
C GLU A 88 -10.59 1.99 -11.62
N GLY A 89 -11.22 2.76 -12.52
CA GLY A 89 -12.66 2.66 -12.77
C GLY A 89 -13.46 3.65 -11.93
N ILE A 90 -12.73 4.52 -11.20
CA ILE A 90 -13.31 5.57 -10.36
C ILE A 90 -13.64 6.82 -11.23
N PRO A 91 -14.85 7.43 -11.10
CA PRO A 91 -15.20 8.70 -11.81
C PRO A 91 -14.25 9.87 -11.45
N PRO A 92 -13.84 10.74 -12.44
CA PRO A 92 -12.93 11.90 -12.20
C PRO A 92 -13.54 12.92 -11.22
N MET A 93 -13.10 12.86 -9.94
CA MET A 93 -13.74 13.56 -8.80
C MET A 93 -15.17 13.00 -8.59
N PRO A 94 -15.31 11.84 -7.88
CA PRO A 94 -16.62 11.23 -7.63
C PRO A 94 -17.30 11.83 -6.39
N ALA A 95 -18.34 12.67 -6.61
CA ALA A 95 -19.11 13.25 -5.51
C ALA A 95 -19.91 12.12 -4.82
N GLY A 96 -19.63 11.91 -3.54
CA GLY A 96 -20.20 10.79 -2.78
C GLY A 96 -19.17 9.71 -2.46
N VAL A 97 -17.88 9.91 -2.87
CA VAL A 97 -16.78 8.99 -2.49
C VAL A 97 -16.59 9.02 -0.96
N PRO A 98 -16.66 7.84 -0.28
CA PRO A 98 -16.58 7.76 1.17
C PRO A 98 -15.11 7.57 1.63
N GLN A 99 -14.60 6.32 1.53
CA GLN A 99 -13.28 5.94 2.00
C GLN A 99 -12.88 4.55 1.44
N ILE A 100 -11.60 4.40 1.05
CA ILE A 100 -11.03 3.17 0.46
C ILE A 100 -10.35 2.33 1.56
N GLU A 101 -10.71 1.04 1.68
CA GLU A 101 -10.14 0.13 2.68
C GLU A 101 -8.91 -0.61 2.11
N VAL A 102 -7.73 -0.42 2.73
CA VAL A 102 -6.47 -1.06 2.29
C VAL A 102 -6.11 -2.21 3.26
N CYS A 103 -5.66 -3.34 2.71
CA CYS A 103 -5.33 -4.55 3.48
C CYS A 103 -3.96 -5.12 3.03
N PHE A 104 -3.09 -5.41 4.01
CA PHE A 104 -1.80 -6.08 3.80
C PHE A 104 -1.92 -7.54 4.26
N ASP A 105 -1.75 -8.46 3.32
CA ASP A 105 -1.72 -9.91 3.59
C ASP A 105 -0.27 -10.38 3.62
N ILE A 106 0.06 -11.24 4.57
CA ILE A 106 1.41 -11.73 4.81
C ILE A 106 1.38 -13.26 4.97
N ASP A 107 2.31 -13.93 4.29
CA ASP A 107 2.56 -15.38 4.44
C ASP A 107 3.60 -15.63 5.53
N ALA A 108 3.72 -16.91 5.91
CA ALA A 108 4.80 -17.40 6.79
C ALA A 108 6.19 -17.22 6.13
N ASN A 109 6.18 -17.17 4.79
CA ASN A 109 7.38 -16.96 3.96
C ASN A 109 7.75 -15.45 3.87
N GLY A 110 6.97 -14.58 4.58
CA GLY A 110 7.20 -13.13 4.60
C GLY A 110 6.71 -12.42 3.35
N ILE A 111 5.86 -13.11 2.56
CA ILE A 111 5.35 -12.62 1.26
C ILE A 111 4.20 -11.64 1.48
N LEU A 112 4.23 -10.50 0.78
CA LEU A 112 3.22 -9.44 0.94
C LEU A 112 2.27 -9.40 -0.26
N HIS A 113 0.96 -9.40 0.02
CA HIS A 113 -0.08 -9.12 -0.98
C HIS A 113 -0.92 -7.94 -0.48
N VAL A 114 -0.81 -6.78 -1.12
CA VAL A 114 -1.57 -5.58 -0.73
C VAL A 114 -2.76 -5.40 -1.68
N THR A 115 -3.92 -5.01 -1.13
CA THR A 115 -5.14 -4.73 -1.90
C THR A 115 -5.83 -3.50 -1.30
N ALA A 116 -6.65 -2.84 -2.12
CA ALA A 116 -7.50 -1.72 -1.71
C ALA A 116 -8.86 -1.86 -2.39
N LYS A 117 -9.95 -1.45 -1.71
CA LYS A 117 -11.32 -1.57 -2.26
C LYS A 117 -12.13 -0.29 -1.95
N GLU A 118 -12.55 0.39 -3.03
CA GLU A 118 -13.37 1.62 -3.00
C GLU A 118 -14.86 1.26 -2.93
N ARG A 119 -15.57 1.94 -2.03
CA ARG A 119 -16.94 1.58 -1.61
C ARG A 119 -18.03 2.05 -2.61
N SER A 120 -18.05 3.36 -2.96
CA SER A 120 -19.11 3.93 -3.85
C SER A 120 -19.00 3.44 -5.31
N THR A 121 -17.76 3.15 -5.75
CA THR A 121 -17.50 2.62 -7.09
C THR A 121 -17.61 1.08 -7.08
N GLY A 122 -17.15 0.46 -5.96
CA GLY A 122 -17.20 -1.00 -5.77
C GLY A 122 -15.93 -1.70 -6.26
N ARG A 123 -15.12 -0.97 -7.05
CA ARG A 123 -13.91 -1.48 -7.70
C ARG A 123 -12.79 -1.71 -6.68
N GLU A 124 -11.84 -2.57 -7.06
CA GLU A 124 -10.74 -3.01 -6.20
C GLU A 124 -9.47 -3.26 -7.04
N ALA A 125 -8.31 -3.31 -6.37
CA ALA A 125 -7.01 -3.55 -7.01
C ALA A 125 -6.07 -4.21 -6.01
N SER A 126 -5.12 -5.03 -6.49
CA SER A 126 -4.18 -5.74 -5.63
C SER A 126 -2.83 -6.01 -6.35
N ILE A 127 -1.82 -6.34 -5.54
CA ILE A 127 -0.44 -6.59 -5.98
C ILE A 127 0.21 -7.59 -5.01
N THR A 128 1.10 -8.47 -5.50
CA THR A 128 1.87 -9.38 -4.64
C THR A 128 3.37 -9.07 -4.80
N ILE A 129 3.98 -8.57 -3.72
CA ILE A 129 5.40 -8.22 -3.66
C ILE A 129 6.13 -9.23 -2.76
N GLN A 130 7.00 -10.04 -3.36
CA GLN A 130 7.82 -11.04 -2.65
C GLN A 130 9.19 -10.46 -2.27
N ASN A 131 9.60 -9.39 -2.99
CA ASN A 131 10.92 -8.73 -2.83
C ASN A 131 11.04 -7.99 -1.46
N THR A 132 9.98 -8.06 -0.65
CA THR A 132 9.93 -7.54 0.73
C THR A 132 11.05 -8.14 1.61
N THR A 133 11.21 -9.47 1.51
CA THR A 133 12.19 -10.21 2.33
C THR A 133 13.64 -9.85 1.95
N THR A 134 14.57 -10.06 2.89
CA THR A 134 15.99 -9.74 2.72
C THR A 134 16.70 -10.76 1.78
N PRO A 3 -8.04 10.20 8.29
CA PRO A 3 -7.37 8.90 8.52
C PRO A 3 -5.94 8.89 7.93
N GLY A 4 -5.88 9.12 6.61
CA GLY A 4 -4.64 9.11 5.84
C GLY A 4 -4.96 9.06 4.35
N LEU A 5 -4.24 9.85 3.55
CA LEU A 5 -4.53 10.02 2.11
C LEU A 5 -3.27 9.85 1.28
N PHE A 6 -3.37 9.17 0.14
CA PHE A 6 -2.26 8.96 -0.78
C PHE A 6 -2.04 10.21 -1.64
N GLY A 7 -3.07 10.58 -2.42
CA GLY A 7 -2.97 11.65 -3.42
C GLY A 7 -2.30 11.18 -4.69
N GLY A 8 -1.03 10.78 -4.55
CA GLY A 8 -0.21 10.24 -5.64
C GLY A 8 1.15 9.80 -5.13
N PHE A 9 1.98 9.24 -6.03
CA PHE A 9 3.35 8.79 -5.72
C PHE A 9 4.24 10.00 -5.38
N GLY A 10 5.04 9.87 -4.30
CA GLY A 10 6.04 10.88 -3.94
C GLY A 10 7.44 10.36 -4.20
N SER A 11 7.88 9.43 -3.33
CA SER A 11 9.22 8.86 -3.38
C SER A 11 9.31 7.73 -4.44
N GLY A 12 10.00 8.00 -5.57
CA GLY A 12 10.25 6.98 -6.60
C GLY A 12 11.33 5.98 -6.20
N GLY A 13 11.45 4.89 -6.96
CA GLY A 13 12.46 3.85 -6.67
C GLY A 13 12.11 2.54 -7.34
N SER A 14 13.01 1.56 -7.24
CA SER A 14 12.82 0.20 -7.79
C SER A 14 12.26 -0.74 -6.71
N GLY A 15 11.68 -1.86 -7.16
CA GLY A 15 11.20 -2.91 -6.26
C GLY A 15 12.36 -3.71 -5.69
N GLY A 16 13.11 -4.39 -6.58
CA GLY A 16 14.29 -5.16 -6.19
C GLY A 16 13.94 -6.49 -5.53
N SER A 17 14.07 -7.60 -6.27
CA SER A 17 13.83 -8.95 -5.75
C SER A 17 14.91 -9.30 -4.71
N GLY A 18 14.60 -9.06 -3.42
CA GLY A 18 15.54 -9.27 -2.32
C GLY A 18 15.91 -10.74 -2.14
N GLY A 19 14.88 -11.54 -1.88
CA GLY A 19 15.03 -12.97 -1.69
C GLY A 19 13.79 -13.57 -1.04
N SER A 20 14.00 -14.30 0.06
CA SER A 20 12.93 -15.04 0.76
C SER A 20 13.40 -15.43 2.16
N GLY A 21 12.50 -15.28 3.14
CA GLY A 21 12.79 -15.57 4.54
C GLY A 21 12.07 -14.60 5.45
N VAL A 22 12.74 -13.50 5.79
CA VAL A 22 12.16 -12.40 6.57
C VAL A 22 12.49 -11.08 5.88
N THR A 23 11.69 -10.05 6.13
CA THR A 23 11.98 -8.70 5.62
C THR A 23 12.83 -7.94 6.67
N PRO A 24 13.85 -7.13 6.24
CA PRO A 24 14.66 -6.32 7.18
C PRO A 24 13.92 -5.07 7.68
N LEU A 25 12.85 -4.68 6.96
CA LEU A 25 12.12 -3.42 7.18
C LEU A 25 10.58 -3.64 7.19
N SER A 26 9.87 -2.91 8.05
CA SER A 26 8.40 -3.02 8.23
C SER A 26 7.62 -2.50 7.01
N LEU A 27 6.43 -3.07 6.75
CA LEU A 27 5.71 -2.87 5.47
C LEU A 27 4.50 -1.94 5.68
N GLY A 28 4.44 -0.88 4.85
CA GLY A 28 3.36 0.13 4.93
C GLY A 28 3.17 0.88 3.62
N VAL A 29 2.42 1.99 3.67
CA VAL A 29 2.10 2.81 2.48
C VAL A 29 2.62 4.24 2.66
N GLU A 30 3.00 4.91 1.56
CA GLU A 30 3.28 6.36 1.58
C GLU A 30 1.96 7.13 1.47
N THR A 31 1.88 8.21 2.23
CA THR A 31 0.76 9.12 2.24
C THR A 31 1.27 10.56 2.04
N LYS A 32 0.39 11.44 1.52
CA LYS A 32 0.69 12.85 1.22
C LYS A 32 1.25 13.57 2.47
N GLY A 33 2.43 14.17 2.28
CA GLY A 33 3.25 14.70 3.38
C GLY A 33 4.58 13.98 3.46
N GLY A 34 4.74 12.90 2.65
CA GLY A 34 5.98 12.14 2.60
C GLY A 34 6.16 11.22 3.80
N VAL A 35 5.04 10.80 4.41
CA VAL A 35 5.05 9.94 5.62
C VAL A 35 4.61 8.52 5.26
N MET A 36 5.33 7.50 5.77
CA MET A 36 4.97 6.10 5.55
C MET A 36 4.18 5.57 6.78
N THR A 37 2.91 5.17 6.54
CA THR A 37 2.02 4.58 7.55
C THR A 37 2.14 3.05 7.49
N VAL A 38 2.79 2.46 8.51
CA VAL A 38 3.07 1.01 8.58
C VAL A 38 1.86 0.20 9.10
N LEU A 39 1.57 -0.94 8.44
CA LEU A 39 0.51 -1.88 8.87
C LEU A 39 1.15 -3.17 9.44
N ILE A 40 2.22 -3.66 8.80
CA ILE A 40 2.86 -4.93 9.15
C ILE A 40 4.26 -4.68 9.76
N PRO A 41 4.61 -5.34 10.91
CA PRO A 41 5.97 -5.26 11.48
C PRO A 41 7.00 -6.07 10.66
N ARG A 42 8.28 -5.69 10.78
CA ARG A 42 9.40 -6.37 10.09
C ARG A 42 9.72 -7.73 10.72
N ASN A 43 10.84 -8.35 10.26
CA ASN A 43 11.31 -9.66 10.71
C ASN A 43 10.23 -10.73 10.48
N THR A 44 9.44 -10.50 9.40
CA THR A 44 8.24 -11.28 9.10
C THR A 44 8.56 -12.76 8.80
N THR A 45 8.07 -13.65 9.66
CA THR A 45 8.37 -15.09 9.63
C THR A 45 7.09 -15.92 9.78
N ILE A 46 5.97 -15.25 10.08
CA ILE A 46 4.66 -15.88 10.34
C ILE A 46 3.55 -15.19 9.53
N PRO A 47 2.42 -15.90 9.20
CA PRO A 47 1.31 -15.27 8.46
C PRO A 47 0.60 -14.19 9.31
N THR A 48 0.27 -13.07 8.68
CA THR A 48 -0.28 -11.88 9.35
C THR A 48 -1.34 -11.24 8.44
N ARG A 49 -2.40 -10.67 9.03
CA ARG A 49 -3.45 -10.00 8.28
C ARG A 49 -3.86 -8.72 9.03
N LYS A 50 -3.71 -7.58 8.35
CA LYS A 50 -4.04 -6.26 8.90
C LYS A 50 -4.61 -5.38 7.80
N CYS A 51 -5.75 -4.74 8.07
CA CYS A 51 -6.46 -3.91 7.09
C CYS A 51 -6.74 -2.54 7.70
N GLU A 52 -6.57 -1.49 6.90
CA GLU A 52 -6.77 -0.11 7.35
C GLU A 52 -7.57 0.67 6.30
N ILE A 53 -8.49 1.51 6.79
CA ILE A 53 -9.34 2.34 5.94
C ILE A 53 -8.66 3.74 5.76
N PHE A 54 -8.52 4.16 4.50
CA PHE A 54 -7.88 5.45 4.13
C PHE A 54 -8.85 6.30 3.29
N THR A 55 -8.72 7.62 3.42
CA THR A 55 -9.45 8.58 2.57
C THR A 55 -8.48 9.10 1.50
N THR A 56 -8.99 9.60 0.36
CA THR A 56 -8.23 10.38 -0.65
C THR A 56 -9.22 10.85 -1.73
N ALA A 57 -10.43 11.14 -1.25
CA ALA A 57 -11.55 11.66 -2.05
C ALA A 57 -11.32 13.15 -2.32
N GLU A 58 -10.48 13.43 -3.33
CA GLU A 58 -10.06 14.79 -3.72
C GLU A 58 -10.60 15.11 -5.14
N HIS A 59 -10.59 16.40 -5.52
CA HIS A 59 -11.01 16.84 -6.87
C HIS A 59 -9.97 16.40 -7.92
N ASN A 60 -10.44 16.20 -9.16
CA ASN A 60 -9.62 15.74 -10.32
C ASN A 60 -9.14 14.27 -10.17
N GLN A 61 -9.59 13.59 -9.09
CA GLN A 61 -9.25 12.20 -8.82
C GLN A 61 -10.27 11.28 -9.54
N THR A 62 -9.74 10.36 -10.34
CA THR A 62 -10.53 9.35 -11.06
C THR A 62 -10.01 7.94 -10.73
N ALA A 63 -8.87 7.90 -10.02
CA ALA A 63 -8.21 6.67 -9.61
C ALA A 63 -7.32 6.93 -8.40
N VAL A 64 -7.21 5.93 -7.53
CA VAL A 64 -6.42 6.00 -6.29
C VAL A 64 -5.26 5.01 -6.39
N GLU A 65 -4.01 5.48 -6.26
CA GLU A 65 -2.84 4.59 -6.23
C GLU A 65 -2.41 4.35 -4.78
N ILE A 66 -2.13 3.08 -4.48
CA ILE A 66 -1.63 2.65 -3.18
C ILE A 66 -0.16 2.30 -3.38
N HIS A 67 0.70 3.21 -2.91
CA HIS A 67 2.15 3.10 -3.01
C HIS A 67 2.71 2.48 -1.74
N VAL A 68 3.17 1.23 -1.85
CA VAL A 68 3.67 0.42 -0.73
C VAL A 68 5.22 0.49 -0.65
N LEU A 69 5.77 0.72 0.56
CA LEU A 69 7.22 0.79 0.82
C LEU A 69 7.55 -0.02 2.10
N GLN A 70 8.84 -0.31 2.32
CA GLN A 70 9.33 -0.94 3.56
C GLN A 70 10.37 -0.03 4.21
N GLY A 71 10.29 0.11 5.54
CA GLY A 71 11.22 0.94 6.30
C GLY A 71 10.95 0.81 7.78
N GLU A 72 11.27 1.88 8.51
CA GLU A 72 11.09 1.95 9.98
C GLU A 72 10.84 3.40 10.43
N ARG A 73 11.47 4.35 9.72
CA ARG A 73 11.33 5.78 10.00
C ARG A 73 9.99 6.31 9.42
N PRO A 74 9.29 7.27 10.13
CA PRO A 74 8.06 7.92 9.62
C PRO A 74 8.27 8.63 8.26
N MET A 75 9.49 9.13 8.00
CA MET A 75 9.84 9.78 6.73
C MET A 75 10.08 8.73 5.63
N ALA A 76 9.32 8.84 4.52
CA ALA A 76 9.35 7.91 3.37
C ALA A 76 10.72 7.92 2.64
N GLN A 77 11.53 8.97 2.87
CA GLN A 77 12.91 9.09 2.33
C GLN A 77 13.84 7.97 2.88
N ASP A 78 13.47 7.41 4.04
CA ASP A 78 14.22 6.29 4.67
C ASP A 78 13.54 4.94 4.37
N ASN A 79 12.48 4.96 3.53
CA ASN A 79 11.74 3.74 3.13
C ASN A 79 12.03 3.41 1.67
N LYS A 80 12.31 2.12 1.39
CA LYS A 80 12.60 1.61 0.06
C LYS A 80 11.28 1.08 -0.56
N SER A 81 10.93 1.60 -1.76
CA SER A 81 9.69 1.27 -2.46
C SER A 81 9.58 -0.24 -2.81
N LEU A 82 8.44 -0.82 -2.46
CA LEU A 82 8.10 -2.21 -2.80
C LEU A 82 7.34 -2.25 -4.13
N GLY A 83 6.44 -1.27 -4.29
CA GLY A 83 5.70 -1.09 -5.53
C GLY A 83 4.55 -0.12 -5.34
N ARG A 84 3.71 0.02 -6.37
CA ARG A 84 2.45 0.77 -6.30
C ARG A 84 1.46 0.14 -7.28
N PHE A 85 0.17 0.17 -6.92
CA PHE A 85 -0.91 -0.30 -7.80
C PHE A 85 -2.07 0.69 -7.71
N ARG A 86 -2.65 1.03 -8.86
CA ARG A 86 -3.70 2.05 -8.93
C ARG A 86 -5.06 1.42 -9.23
N LEU A 87 -6.01 1.69 -8.34
CA LEU A 87 -7.40 1.27 -8.46
C LEU A 87 -8.18 2.31 -9.27
N GLU A 88 -8.61 1.90 -10.46
CA GLU A 88 -9.34 2.74 -11.42
C GLU A 88 -10.82 2.32 -11.50
N GLY A 89 -11.65 3.15 -12.15
CA GLY A 89 -13.11 2.93 -12.22
C GLY A 89 -13.89 3.90 -11.34
N ILE A 90 -13.16 4.76 -10.61
CA ILE A 90 -13.75 5.83 -9.81
C ILE A 90 -14.13 6.99 -10.77
N PRO A 91 -15.39 7.54 -10.72
CA PRO A 91 -15.82 8.70 -11.55
C PRO A 91 -14.84 9.92 -11.42
N PRO A 92 -14.40 10.54 -12.57
CA PRO A 92 -13.55 11.76 -12.55
C PRO A 92 -14.24 12.91 -11.77
N MET A 93 -13.61 13.34 -10.65
CA MET A 93 -14.18 14.35 -9.72
C MET A 93 -15.47 13.78 -9.06
N PRO A 94 -15.34 12.74 -8.17
CA PRO A 94 -16.49 12.01 -7.61
C PRO A 94 -17.10 12.70 -6.38
N ALA A 95 -18.41 12.47 -6.17
CA ALA A 95 -19.16 12.99 -5.01
C ALA A 95 -19.96 11.85 -4.38
N GLY A 96 -20.01 11.84 -3.04
CA GLY A 96 -20.56 10.70 -2.28
C GLY A 96 -19.50 9.65 -1.96
N VAL A 97 -18.32 9.76 -2.62
CA VAL A 97 -17.17 8.85 -2.43
C VAL A 97 -16.61 8.99 -0.98
N PRO A 98 -16.55 7.88 -0.18
CA PRO A 98 -16.04 7.93 1.18
C PRO A 98 -14.53 7.63 1.27
N GLN A 99 -14.18 6.32 1.35
CA GLN A 99 -12.85 5.86 1.76
C GLN A 99 -12.53 4.50 1.11
N ILE A 100 -11.26 4.33 0.71
CA ILE A 100 -10.76 3.11 0.08
C ILE A 100 -10.17 2.18 1.17
N GLU A 101 -10.63 0.91 1.18
CA GLU A 101 -10.17 -0.12 2.11
C GLU A 101 -8.87 -0.76 1.59
N VAL A 102 -7.74 -0.46 2.24
CA VAL A 102 -6.43 -1.01 1.87
C VAL A 102 -6.03 -2.08 2.89
N CYS A 103 -5.83 -3.32 2.44
CA CYS A 103 -5.52 -4.46 3.33
C CYS A 103 -4.15 -5.04 3.00
N PHE A 104 -3.33 -5.21 4.04
CA PHE A 104 -2.02 -5.86 3.98
C PHE A 104 -2.13 -7.28 4.50
N ASP A 105 -2.01 -8.25 3.59
CA ASP A 105 -1.99 -9.68 3.86
C ASP A 105 -0.56 -10.21 3.75
N ILE A 106 -0.18 -11.11 4.65
CA ILE A 106 1.19 -11.62 4.77
C ILE A 106 1.16 -13.17 4.88
N ASP A 107 2.05 -13.82 4.10
CA ASP A 107 2.28 -15.27 4.18
C ASP A 107 3.32 -15.57 5.28
N ALA A 108 3.45 -16.86 5.63
CA ALA A 108 4.49 -17.34 6.54
C ALA A 108 5.90 -17.04 6.01
N ASN A 109 6.03 -17.11 4.67
CA ASN A 109 7.31 -16.85 3.98
C ASN A 109 7.62 -15.34 3.92
N GLY A 110 6.67 -14.51 4.39
CA GLY A 110 6.82 -13.06 4.45
C GLY A 110 6.37 -12.35 3.19
N ILE A 111 5.61 -13.08 2.34
CA ILE A 111 5.13 -12.56 1.05
C ILE A 111 3.99 -11.57 1.29
N LEU A 112 4.18 -10.32 0.85
CA LEU A 112 3.22 -9.24 1.09
C LEU A 112 2.22 -9.16 -0.07
N HIS A 113 1.01 -9.59 0.21
CA HIS A 113 -0.13 -9.48 -0.69
C HIS A 113 -0.97 -8.25 -0.26
N VAL A 114 -0.92 -7.17 -1.04
CA VAL A 114 -1.68 -5.93 -0.72
C VAL A 114 -2.90 -5.84 -1.65
N THR A 115 -3.99 -5.28 -1.15
CA THR A 115 -5.21 -5.05 -1.94
C THR A 115 -5.85 -3.73 -1.51
N ALA A 116 -6.62 -3.12 -2.41
CA ALA A 116 -7.38 -1.90 -2.15
C ALA A 116 -8.74 -1.99 -2.84
N LYS A 117 -9.79 -1.55 -2.15
CA LYS A 117 -11.18 -1.68 -2.62
C LYS A 117 -11.98 -0.41 -2.28
N GLU A 118 -12.49 0.29 -3.30
CA GLU A 118 -13.47 1.38 -3.10
C GLU A 118 -14.87 0.76 -3.21
N ARG A 119 -15.63 0.90 -2.13
CA ARG A 119 -16.89 0.19 -1.89
C ARG A 119 -18.06 0.85 -2.64
N SER A 120 -17.97 2.17 -2.88
CA SER A 120 -19.00 2.93 -3.61
C SER A 120 -18.97 2.65 -5.11
N THR A 121 -17.78 2.35 -5.63
CA THR A 121 -17.59 1.99 -7.04
C THR A 121 -17.73 0.47 -7.20
N GLY A 122 -17.34 -0.27 -6.14
CA GLY A 122 -17.37 -1.72 -6.15
C GLY A 122 -16.09 -2.32 -6.71
N ARG A 123 -15.13 -1.46 -7.06
CA ARG A 123 -13.85 -1.87 -7.66
C ARG A 123 -12.81 -2.22 -6.59
N GLU A 124 -11.98 -3.24 -6.90
CA GLU A 124 -10.86 -3.69 -6.07
C GLU A 124 -9.64 -4.04 -6.96
N ALA A 125 -8.46 -4.14 -6.34
CA ALA A 125 -7.22 -4.52 -7.05
C ALA A 125 -6.21 -5.07 -6.04
N SER A 126 -5.41 -6.07 -6.44
CA SER A 126 -4.46 -6.73 -5.53
C SER A 126 -3.12 -7.05 -6.24
N ILE A 127 -2.02 -7.04 -5.47
CA ILE A 127 -0.65 -7.26 -5.97
C ILE A 127 0.12 -8.17 -5.00
N THR A 128 0.94 -9.07 -5.57
CA THR A 128 1.85 -9.92 -4.81
C THR A 128 3.26 -9.29 -4.87
N ILE A 129 3.76 -8.88 -3.71
CA ILE A 129 5.08 -8.25 -3.55
C ILE A 129 6.00 -9.23 -2.79
N GLN A 130 7.01 -9.75 -3.49
CA GLN A 130 8.06 -10.62 -2.92
C GLN A 130 9.39 -9.83 -2.78
N ASN A 131 9.33 -8.52 -3.11
CA ASN A 131 10.46 -7.59 -2.99
C ASN A 131 10.66 -7.11 -1.53
N THR A 132 9.89 -7.70 -0.60
CA THR A 132 9.93 -7.41 0.82
C THR A 132 11.04 -8.21 1.51
N THR A 133 10.99 -9.53 1.33
CA THR A 133 11.84 -10.46 2.07
C THR A 133 13.27 -10.48 1.53
N THR A 134 14.23 -10.45 2.46
CA THR A 134 15.65 -10.61 2.18
C THR A 134 16.01 -12.14 2.18
N PRO A 3 -7.52 9.95 9.43
CA PRO A 3 -8.39 9.53 8.31
C PRO A 3 -7.62 8.60 7.35
N GLY A 4 -6.35 8.97 7.07
CA GLY A 4 -5.49 8.21 6.16
C GLY A 4 -5.83 8.47 4.70
N LEU A 5 -4.91 9.10 3.97
CA LEU A 5 -5.13 9.53 2.57
C LEU A 5 -3.90 9.17 1.73
N PHE A 6 -4.10 8.56 0.55
CA PHE A 6 -2.99 8.03 -0.29
C PHE A 6 -2.15 9.16 -0.88
N GLY A 7 -0.82 8.96 -0.90
CA GLY A 7 0.08 9.85 -1.63
C GLY A 7 -0.03 9.62 -3.14
N GLY A 8 0.60 8.53 -3.61
CA GLY A 8 0.51 8.10 -5.00
C GLY A 8 1.73 8.47 -5.83
N PHE A 9 2.13 9.74 -5.72
CA PHE A 9 3.23 10.32 -6.51
C PHE A 9 4.60 9.88 -5.95
N GLY A 10 5.37 9.16 -6.77
CA GLY A 10 6.67 8.64 -6.39
C GLY A 10 6.99 7.37 -7.15
N SER A 11 8.27 6.96 -7.12
CA SER A 11 8.76 5.74 -7.80
C SER A 11 8.08 4.48 -7.22
N GLY A 12 7.37 3.72 -8.08
CA GLY A 12 6.72 2.49 -7.67
C GLY A 12 6.53 1.52 -8.82
N GLY A 13 7.39 1.64 -9.84
CA GLY A 13 7.38 0.75 -10.98
C GLY A 13 8.23 -0.48 -10.73
N SER A 14 7.66 -1.46 -10.02
CA SER A 14 8.36 -2.69 -9.62
C SER A 14 7.45 -3.91 -9.83
N GLY A 15 8.01 -4.97 -10.40
CA GLY A 15 7.32 -6.24 -10.56
C GLY A 15 7.23 -6.98 -9.23
N GLY A 16 6.09 -7.64 -8.98
CA GLY A 16 5.88 -8.43 -7.76
C GLY A 16 6.59 -9.79 -7.84
N SER A 17 7.92 -9.73 -7.81
CA SER A 17 8.80 -10.91 -7.92
C SER A 17 9.60 -11.07 -6.61
N GLY A 18 10.59 -11.98 -6.61
CA GLY A 18 11.48 -12.19 -5.44
C GLY A 18 11.37 -13.60 -4.91
N GLY A 19 11.55 -13.77 -3.59
CA GLY A 19 11.53 -15.09 -2.95
C GLY A 19 10.94 -15.08 -1.55
N SER A 20 11.24 -16.12 -0.77
CA SER A 20 10.69 -16.33 0.58
C SER A 20 11.80 -16.11 1.64
N GLY A 21 11.39 -15.60 2.82
CA GLY A 21 12.31 -15.33 3.92
C GLY A 21 11.66 -14.43 4.95
N VAL A 22 12.39 -13.37 5.38
CA VAL A 22 11.85 -12.33 6.28
C VAL A 22 12.22 -10.96 5.71
N THR A 23 11.37 -9.95 5.93
CA THR A 23 11.66 -8.58 5.50
C THR A 23 12.58 -7.89 6.52
N PRO A 24 13.57 -7.06 6.08
CA PRO A 24 14.50 -6.36 7.00
C PRO A 24 13.85 -5.11 7.64
N LEU A 25 12.80 -4.60 6.96
CA LEU A 25 12.17 -3.30 7.26
C LEU A 25 10.64 -3.47 7.31
N SER A 26 9.97 -2.65 8.12
CA SER A 26 8.52 -2.76 8.38
C SER A 26 7.70 -2.27 7.18
N LEU A 27 6.58 -2.94 6.87
CA LEU A 27 5.87 -2.80 5.58
C LEU A 27 4.60 -1.94 5.78
N GLY A 28 4.42 -0.96 4.89
CA GLY A 28 3.28 -0.03 4.97
C GLY A 28 3.01 0.70 3.66
N VAL A 29 2.16 1.73 3.73
CA VAL A 29 1.76 2.56 2.57
C VAL A 29 2.19 4.01 2.77
N GLU A 30 2.13 4.77 1.68
CA GLU A 30 2.40 6.21 1.67
C GLU A 30 1.10 6.97 1.86
N THR A 31 1.20 8.07 2.60
CA THR A 31 0.11 9.03 2.80
C THR A 31 0.54 10.38 2.22
N LYS A 32 -0.46 11.16 1.73
CA LYS A 32 -0.24 12.45 1.05
C LYS A 32 0.54 13.40 2.00
N GLY A 33 1.70 13.87 1.54
CA GLY A 33 2.63 14.62 2.39
C GLY A 33 4.03 14.01 2.40
N GLY A 34 4.11 12.69 2.11
CA GLY A 34 5.40 11.97 2.08
C GLY A 34 5.70 11.24 3.39
N VAL A 35 4.65 10.87 4.13
CA VAL A 35 4.77 10.12 5.40
C VAL A 35 4.38 8.65 5.15
N MET A 36 5.06 7.68 5.81
CA MET A 36 4.71 6.24 5.68
C MET A 36 3.92 5.76 6.92
N THR A 37 2.79 5.08 6.68
CA THR A 37 2.00 4.40 7.72
C THR A 37 2.23 2.88 7.61
N VAL A 38 2.97 2.33 8.59
CA VAL A 38 3.25 0.89 8.70
C VAL A 38 1.98 0.11 9.15
N LEU A 39 1.68 -1.02 8.47
CA LEU A 39 0.63 -1.97 8.90
C LEU A 39 1.28 -3.27 9.44
N ILE A 40 2.35 -3.72 8.76
CA ILE A 40 3.03 -4.99 9.08
C ILE A 40 4.41 -4.68 9.71
N PRO A 41 4.79 -5.34 10.85
CA PRO A 41 6.15 -5.22 11.41
C PRO A 41 7.19 -5.99 10.57
N ARG A 42 8.48 -5.70 10.77
CA ARG A 42 9.58 -6.39 10.06
C ARG A 42 9.76 -7.84 10.59
N ASN A 43 10.87 -8.51 10.15
CA ASN A 43 11.25 -9.87 10.60
C ASN A 43 10.14 -10.91 10.31
N THR A 44 9.36 -10.63 9.26
CA THR A 44 8.09 -11.30 8.95
C THR A 44 8.29 -12.73 8.40
N THR A 45 7.78 -13.74 9.12
CA THR A 45 7.93 -15.18 8.75
C THR A 45 6.66 -15.98 9.12
N ILE A 46 5.62 -15.26 9.56
CA ILE A 46 4.34 -15.87 9.99
C ILE A 46 3.17 -15.18 9.27
N PRO A 47 2.03 -15.90 8.98
CA PRO A 47 0.88 -15.31 8.28
C PRO A 47 0.23 -14.19 9.12
N THR A 48 -0.12 -13.07 8.45
CA THR A 48 -0.61 -11.85 9.12
C THR A 48 -1.64 -11.16 8.22
N ARG A 49 -2.70 -10.60 8.79
CA ARG A 49 -3.70 -9.84 8.02
C ARG A 49 -4.12 -8.59 8.79
N LYS A 50 -3.80 -7.44 8.21
CA LYS A 50 -4.16 -6.12 8.71
C LYS A 50 -5.16 -5.48 7.74
N CYS A 51 -6.07 -4.68 8.28
CA CYS A 51 -7.01 -3.87 7.49
C CYS A 51 -7.07 -2.47 8.10
N GLU A 52 -6.99 -1.46 7.25
CA GLU A 52 -7.05 -0.04 7.63
C GLU A 52 -7.94 0.69 6.64
N ILE A 53 -8.87 1.48 7.17
CA ILE A 53 -9.85 2.22 6.37
C ILE A 53 -9.28 3.63 6.06
N PHE A 54 -8.97 3.88 4.78
CA PHE A 54 -8.39 5.16 4.31
C PHE A 54 -9.47 5.97 3.58
N THR A 55 -9.46 7.30 3.72
CA THR A 55 -10.33 8.19 2.92
C THR A 55 -9.52 9.30 2.24
N THR A 56 -9.87 9.60 0.99
CA THR A 56 -9.34 10.75 0.27
C THR A 56 -10.39 11.21 -0.76
N ALA A 57 -10.67 12.51 -0.73
CA ALA A 57 -11.55 13.19 -1.69
C ALA A 57 -10.79 14.43 -2.15
N GLU A 58 -10.26 14.38 -3.38
CA GLU A 58 -9.37 15.40 -3.93
C GLU A 58 -9.79 15.77 -5.36
N HIS A 59 -9.27 16.92 -5.86
CA HIS A 59 -9.59 17.42 -7.21
C HIS A 59 -8.98 16.51 -8.29
N ASN A 60 -9.71 16.38 -9.41
CA ASN A 60 -9.32 15.57 -10.60
C ASN A 60 -9.15 14.08 -10.26
N GLN A 61 -9.73 13.65 -9.11
CA GLN A 61 -9.62 12.26 -8.63
C GLN A 61 -10.51 11.34 -9.48
N THR A 62 -9.85 10.34 -10.07
CA THR A 62 -10.51 9.28 -10.85
C THR A 62 -9.87 7.91 -10.55
N ALA A 63 -8.67 7.93 -9.92
CA ALA A 63 -7.94 6.72 -9.54
C ALA A 63 -6.98 7.03 -8.38
N VAL A 64 -6.72 6.03 -7.53
CA VAL A 64 -5.82 6.18 -6.36
C VAL A 64 -4.64 5.19 -6.47
N GLU A 65 -3.39 5.71 -6.42
CA GLU A 65 -2.18 4.88 -6.41
C GLU A 65 -1.78 4.60 -4.96
N ILE A 66 -1.96 3.34 -4.55
CA ILE A 66 -1.54 2.86 -3.26
C ILE A 66 -0.06 2.52 -3.38
N HIS A 67 0.78 3.45 -2.86
CA HIS A 67 2.23 3.38 -2.96
C HIS A 67 2.79 2.68 -1.71
N VAL A 68 3.28 1.46 -1.90
CA VAL A 68 3.77 0.59 -0.83
C VAL A 68 5.28 0.79 -0.63
N LEU A 69 5.68 1.08 0.63
CA LEU A 69 7.09 1.24 1.02
C LEU A 69 7.38 0.41 2.28
N GLN A 70 8.69 0.20 2.56
CA GLN A 70 9.16 -0.41 3.82
C GLN A 70 10.25 0.48 4.44
N GLY A 71 10.32 0.47 5.77
CA GLY A 71 11.35 1.19 6.48
C GLY A 71 11.09 1.26 7.97
N GLU A 72 12.12 1.71 8.70
CA GLU A 72 12.02 2.13 10.11
C GLU A 72 11.69 3.63 10.16
N ARG A 73 12.12 4.34 9.10
CA ARG A 73 12.05 5.80 8.99
C ARG A 73 10.59 6.27 8.83
N PRO A 74 10.21 7.45 9.43
CA PRO A 74 8.79 7.93 9.44
C PRO A 74 8.34 8.55 8.10
N MET A 75 9.32 8.83 7.21
CA MET A 75 9.12 9.61 5.97
C MET A 75 9.57 8.78 4.75
N ALA A 76 8.77 8.89 3.66
CA ALA A 76 8.92 8.09 2.43
C ALA A 76 10.30 8.29 1.74
N GLN A 77 10.88 9.49 1.89
CA GLN A 77 12.19 9.86 1.29
C GLN A 77 13.33 8.94 1.79
N ASP A 78 13.18 8.46 3.03
CA ASP A 78 14.18 7.61 3.70
C ASP A 78 13.69 6.15 3.79
N ASN A 79 12.66 5.81 3.01
CA ASN A 79 12.12 4.43 2.92
C ASN A 79 12.42 3.84 1.54
N LYS A 80 12.37 2.50 1.46
CA LYS A 80 12.42 1.78 0.20
C LYS A 80 11.02 1.82 -0.42
N SER A 81 10.90 2.41 -1.61
CA SER A 81 9.69 2.26 -2.40
C SER A 81 9.67 0.81 -2.94
N LEU A 82 8.73 0.00 -2.43
CA LEU A 82 8.63 -1.44 -2.77
C LEU A 82 7.89 -1.58 -4.11
N GLY A 83 6.86 -0.75 -4.26
CA GLY A 83 6.07 -0.67 -5.48
C GLY A 83 4.87 0.21 -5.28
N ARG A 84 3.99 0.25 -6.28
CA ARG A 84 2.67 0.86 -6.17
C ARG A 84 1.72 0.20 -7.16
N PHE A 85 0.43 0.28 -6.88
CA PHE A 85 -0.62 -0.15 -7.82
C PHE A 85 -1.74 0.89 -7.79
N ARG A 86 -2.45 1.01 -8.91
CA ARG A 86 -3.52 2.00 -9.08
C ARG A 86 -4.87 1.29 -9.09
N LEU A 87 -5.78 1.75 -8.22
CA LEU A 87 -7.17 1.32 -8.19
C LEU A 87 -7.95 2.29 -9.10
N GLU A 88 -8.58 1.73 -10.14
CA GLU A 88 -9.36 2.48 -11.14
C GLU A 88 -10.84 2.13 -11.00
N GLY A 89 -11.68 2.92 -11.71
CA GLY A 89 -13.15 2.77 -11.66
C GLY A 89 -13.82 3.81 -10.80
N ILE A 90 -13.01 4.58 -10.04
CA ILE A 90 -13.48 5.73 -9.26
C ILE A 90 -13.95 6.83 -10.25
N PRO A 91 -15.25 7.31 -10.16
CA PRO A 91 -15.75 8.39 -11.05
C PRO A 91 -14.88 9.68 -10.95
N PRO A 92 -14.54 10.34 -12.11
CA PRO A 92 -13.86 11.66 -12.11
C PRO A 92 -14.62 12.71 -11.27
N MET A 93 -13.95 13.24 -10.22
CA MET A 93 -14.58 14.04 -9.15
C MET A 93 -15.74 13.24 -8.51
N PRO A 94 -15.39 12.18 -7.70
CA PRO A 94 -16.38 11.18 -7.22
C PRO A 94 -17.35 11.78 -6.19
N ALA A 95 -18.58 12.07 -6.67
CA ALA A 95 -19.63 12.67 -5.84
C ALA A 95 -20.19 11.63 -4.85
N GLY A 96 -20.06 11.91 -3.54
CA GLY A 96 -20.51 10.98 -2.51
C GLY A 96 -19.47 9.91 -2.14
N VAL A 97 -18.19 10.10 -2.57
CA VAL A 97 -17.10 9.11 -2.28
C VAL A 97 -16.94 8.88 -0.76
N PRO A 98 -16.99 7.59 -0.28
CA PRO A 98 -16.78 7.27 1.13
C PRO A 98 -15.26 7.04 1.41
N GLN A 99 -14.88 5.78 1.71
CA GLN A 99 -13.53 5.43 2.17
C GLN A 99 -13.01 4.22 1.36
N ILE A 100 -11.75 4.29 0.90
CA ILE A 100 -11.06 3.18 0.22
C ILE A 100 -10.28 2.35 1.29
N GLU A 101 -10.67 1.09 1.46
CA GLU A 101 -10.09 0.20 2.50
C GLU A 101 -8.91 -0.59 1.92
N VAL A 102 -7.76 -0.60 2.63
CA VAL A 102 -6.56 -1.37 2.24
C VAL A 102 -6.29 -2.50 3.25
N CYS A 103 -5.93 -3.69 2.75
CA CYS A 103 -5.54 -4.83 3.57
C CYS A 103 -4.12 -5.28 3.21
N PHE A 104 -3.29 -5.50 4.23
CA PHE A 104 -1.96 -6.10 4.10
C PHE A 104 -2.06 -7.56 4.59
N ASP A 105 -1.99 -8.50 3.65
CA ASP A 105 -2.02 -9.94 3.92
C ASP A 105 -0.63 -10.54 3.70
N ILE A 106 -0.23 -11.44 4.59
CA ILE A 106 1.11 -12.00 4.68
C ILE A 106 1.01 -13.52 4.76
N ASP A 107 1.87 -14.22 4.00
CA ASP A 107 2.01 -15.69 4.09
C ASP A 107 3.01 -16.08 5.20
N ALA A 108 3.06 -17.39 5.55
CA ALA A 108 4.12 -17.97 6.42
C ALA A 108 5.50 -17.86 5.73
N ASN A 109 5.48 -17.76 4.39
CA ASN A 109 6.67 -17.53 3.56
C ASN A 109 7.17 -16.05 3.64
N GLY A 110 6.42 -15.20 4.38
CA GLY A 110 6.77 -13.79 4.56
C GLY A 110 6.40 -12.91 3.37
N ILE A 111 5.57 -13.46 2.47
CA ILE A 111 5.20 -12.81 1.21
C ILE A 111 4.10 -11.77 1.46
N LEU A 112 4.25 -10.57 0.88
CA LEU A 112 3.30 -9.47 1.06
C LEU A 112 2.26 -9.46 -0.08
N HIS A 113 1.00 -9.24 0.31
CA HIS A 113 -0.12 -9.00 -0.60
C HIS A 113 -0.77 -7.68 -0.17
N VAL A 114 -0.66 -6.62 -0.97
CA VAL A 114 -1.34 -5.35 -0.68
C VAL A 114 -2.51 -5.19 -1.63
N THR A 115 -3.72 -5.06 -1.07
CA THR A 115 -4.94 -4.84 -1.84
C THR A 115 -5.66 -3.61 -1.30
N ALA A 116 -6.30 -2.86 -2.21
CA ALA A 116 -7.21 -1.77 -1.86
C ALA A 116 -8.54 -2.00 -2.55
N LYS A 117 -9.63 -1.50 -1.94
CA LYS A 117 -10.98 -1.62 -2.49
C LYS A 117 -11.74 -0.31 -2.29
N GLU A 118 -12.18 0.31 -3.41
CA GLU A 118 -13.11 1.45 -3.39
C GLU A 118 -14.50 0.90 -3.06
N ARG A 119 -15.04 1.33 -1.93
CA ARG A 119 -16.30 0.82 -1.37
C ARG A 119 -17.53 1.43 -2.07
N SER A 120 -17.33 2.58 -2.76
CA SER A 120 -18.38 3.24 -3.56
C SER A 120 -18.80 2.34 -4.75
N THR A 121 -17.80 1.93 -5.54
CA THR A 121 -18.01 1.18 -6.79
C THR A 121 -17.95 -0.34 -6.55
N GLY A 122 -17.29 -0.75 -5.45
CA GLY A 122 -17.07 -2.16 -5.13
C GLY A 122 -15.82 -2.72 -5.79
N ARG A 123 -15.12 -1.87 -6.55
CA ARG A 123 -13.94 -2.25 -7.32
C ARG A 123 -12.69 -2.30 -6.45
N GLU A 124 -11.76 -3.17 -6.85
CA GLU A 124 -10.55 -3.48 -6.09
C GLU A 124 -9.37 -3.77 -7.01
N ALA A 125 -8.17 -3.74 -6.44
CA ALA A 125 -6.91 -4.07 -7.11
C ALA A 125 -5.95 -4.64 -6.06
N SER A 126 -5.16 -5.66 -6.44
CA SER A 126 -4.25 -6.35 -5.50
C SER A 126 -2.94 -6.71 -6.17
N ILE A 127 -1.84 -6.60 -5.40
CA ILE A 127 -0.48 -6.94 -5.84
C ILE A 127 0.15 -7.88 -4.80
N THR A 128 0.99 -8.81 -5.27
CA THR A 128 1.74 -9.72 -4.42
C THR A 128 3.25 -9.46 -4.65
N ILE A 129 3.93 -8.93 -3.62
CA ILE A 129 5.38 -8.63 -3.65
C ILE A 129 6.13 -9.62 -2.72
N GLN A 130 6.96 -10.48 -3.32
CA GLN A 130 7.83 -11.42 -2.58
C GLN A 130 9.17 -10.71 -2.23
N ASN A 131 9.47 -9.64 -3.00
CA ASN A 131 10.74 -8.87 -2.92
C ASN A 131 10.89 -8.14 -1.58
N THR A 132 9.81 -8.10 -0.77
CA THR A 132 9.83 -7.58 0.61
C THR A 132 10.88 -8.32 1.47
N THR A 133 10.97 -9.64 1.26
CA THR A 133 11.91 -10.51 1.98
C THR A 133 13.37 -10.25 1.52
N THR A 134 14.30 -10.34 2.48
CA THR A 134 15.74 -10.16 2.25
C THR A 134 16.43 -11.55 2.14
N PRO A 3 -3.41 10.79 8.81
CA PRO A 3 -3.83 11.11 7.43
C PRO A 3 -4.09 9.82 6.62
N GLY A 4 -5.20 9.81 5.86
CA GLY A 4 -5.58 8.66 5.04
C GLY A 4 -5.53 8.92 3.54
N LEU A 5 -5.18 10.16 3.16
CA LEU A 5 -5.14 10.56 1.75
C LEU A 5 -3.79 10.12 1.17
N PHE A 6 -3.82 9.20 0.17
CA PHE A 6 -2.61 8.64 -0.44
C PHE A 6 -1.88 9.65 -1.32
N GLY A 7 -0.54 9.58 -1.29
CA GLY A 7 0.33 10.29 -2.23
C GLY A 7 0.37 9.56 -3.55
N GLY A 8 1.16 8.47 -3.62
CA GLY A 8 1.14 7.54 -4.75
C GLY A 8 2.26 7.76 -5.76
N PHE A 9 2.90 8.93 -5.69
CA PHE A 9 4.02 9.30 -6.58
C PHE A 9 5.28 8.46 -6.21
N GLY A 10 6.13 8.20 -7.21
CA GLY A 10 7.44 7.56 -6.98
C GLY A 10 7.62 6.29 -7.79
N SER A 11 8.81 5.67 -7.62
CA SER A 11 9.20 4.45 -8.34
C SER A 11 8.31 3.26 -7.92
N GLY A 12 7.67 2.64 -8.92
CA GLY A 12 6.85 1.45 -8.73
C GLY A 12 7.46 0.25 -9.40
N GLY A 13 8.55 -0.26 -8.79
CA GLY A 13 9.29 -1.42 -9.32
C GLY A 13 8.67 -2.75 -8.90
N SER A 14 9.53 -3.76 -8.68
CA SER A 14 9.11 -5.14 -8.35
C SER A 14 10.28 -5.90 -7.70
N GLY A 15 10.11 -7.23 -7.53
CA GLY A 15 11.16 -8.12 -7.04
C GLY A 15 11.06 -9.50 -7.67
N GLY A 16 12.01 -10.37 -7.36
CA GLY A 16 12.05 -11.75 -7.88
C GLY A 16 10.98 -12.64 -7.23
N SER A 17 10.05 -13.16 -8.04
CA SER A 17 9.03 -14.10 -7.58
C SER A 17 9.68 -15.46 -7.26
N GLY A 18 9.94 -15.66 -5.96
CA GLY A 18 10.70 -16.81 -5.47
C GLY A 18 11.34 -16.51 -4.12
N GLY A 19 11.45 -15.20 -3.79
CA GLY A 19 12.03 -14.74 -2.53
C GLY A 19 11.17 -15.11 -1.33
N SER A 20 11.75 -15.86 -0.39
CA SER A 20 11.06 -16.35 0.82
C SER A 20 11.97 -16.19 2.05
N GLY A 21 11.40 -15.72 3.16
CA GLY A 21 12.13 -15.55 4.42
C GLY A 21 11.50 -14.47 5.29
N VAL A 22 12.34 -13.59 5.87
CA VAL A 22 11.86 -12.44 6.67
C VAL A 22 12.28 -11.14 5.99
N THR A 23 11.46 -10.11 6.18
CA THR A 23 11.70 -8.77 5.61
C THR A 23 12.57 -7.95 6.61
N PRO A 24 13.54 -7.13 6.10
CA PRO A 24 14.44 -6.32 6.95
C PRO A 24 13.77 -5.05 7.48
N LEU A 25 12.66 -4.65 6.81
CA LEU A 25 11.94 -3.39 7.09
C LEU A 25 10.42 -3.64 7.07
N SER A 26 9.72 -2.92 7.96
CA SER A 26 8.27 -3.00 8.11
C SER A 26 7.54 -2.43 6.87
N LEU A 27 6.37 -2.97 6.53
CA LEU A 27 5.70 -2.74 5.24
C LEU A 27 4.50 -1.81 5.44
N GLY A 28 4.39 -0.77 4.57
CA GLY A 28 3.30 0.19 4.66
C GLY A 28 3.09 0.96 3.36
N VAL A 29 2.19 1.96 3.42
CA VAL A 29 1.75 2.76 2.25
C VAL A 29 2.17 4.22 2.39
N GLU A 30 2.16 4.94 1.28
CA GLU A 30 2.50 6.36 1.22
C GLU A 30 1.22 7.20 1.19
N THR A 31 1.19 8.21 2.05
CA THR A 31 0.15 9.23 2.13
C THR A 31 0.78 10.60 1.81
N LYS A 32 -0.05 11.67 1.78
CA LYS A 32 0.35 13.03 1.30
C LYS A 32 1.63 13.54 2.01
N GLY A 33 2.49 14.22 1.24
CA GLY A 33 3.75 14.77 1.77
C GLY A 33 4.87 13.75 1.83
N GLY A 34 4.56 12.46 1.55
CA GLY A 34 5.53 11.39 1.69
C GLY A 34 5.53 10.78 3.09
N VAL A 35 4.38 10.84 3.78
CA VAL A 35 4.23 10.23 5.13
C VAL A 35 3.95 8.71 5.00
N MET A 36 4.61 7.91 5.83
CA MET A 36 4.46 6.44 5.85
C MET A 36 3.39 6.02 6.89
N THR A 37 2.50 5.10 6.48
CA THR A 37 1.58 4.43 7.39
C THR A 37 1.91 2.92 7.37
N VAL A 38 2.53 2.43 8.46
CA VAL A 38 2.96 1.02 8.57
C VAL A 38 1.77 0.12 8.95
N LEU A 39 1.62 -1.00 8.24
CA LEU A 39 0.58 -2.01 8.53
C LEU A 39 1.21 -3.26 9.12
N ILE A 40 2.28 -3.76 8.48
CA ILE A 40 2.92 -5.03 8.86
C ILE A 40 4.29 -4.73 9.49
N PRO A 41 4.58 -5.28 10.71
CA PRO A 41 5.93 -5.20 11.31
C PRO A 41 6.92 -6.16 10.59
N ARG A 42 8.21 -5.83 10.66
CA ARG A 42 9.27 -6.63 10.01
C ARG A 42 9.61 -7.90 10.81
N ASN A 43 10.64 -8.62 10.33
CA ASN A 43 11.05 -9.93 10.85
C ASN A 43 9.90 -10.94 10.66
N THR A 44 9.13 -10.71 9.59
CA THR A 44 7.91 -11.46 9.25
C THR A 44 8.25 -12.93 8.91
N THR A 45 7.75 -13.85 9.72
CA THR A 45 8.06 -15.30 9.59
C THR A 45 6.79 -16.17 9.66
N ILE A 46 5.66 -15.52 9.97
CA ILE A 46 4.35 -16.19 10.12
C ILE A 46 3.27 -15.43 9.32
N PRO A 47 2.15 -16.11 8.91
CA PRO A 47 1.05 -15.43 8.18
C PRO A 47 0.34 -14.38 9.05
N THR A 48 0.01 -13.23 8.45
CA THR A 48 -0.59 -12.07 9.15
C THR A 48 -1.55 -11.36 8.20
N ARG A 49 -2.62 -10.75 8.72
CA ARG A 49 -3.51 -9.90 7.92
C ARG A 49 -3.95 -8.68 8.75
N LYS A 50 -3.66 -7.48 8.22
CA LYS A 50 -4.09 -6.20 8.80
C LYS A 50 -5.03 -5.50 7.81
N CYS A 51 -5.92 -4.68 8.35
CA CYS A 51 -6.86 -3.86 7.55
C CYS A 51 -6.94 -2.47 8.16
N GLU A 52 -6.93 -1.44 7.31
CA GLU A 52 -6.84 -0.05 7.74
C GLU A 52 -7.75 0.79 6.84
N ILE A 53 -8.57 1.66 7.44
CA ILE A 53 -9.49 2.50 6.69
C ILE A 53 -8.79 3.84 6.35
N PHE A 54 -8.77 4.17 5.06
CA PHE A 54 -8.18 5.41 4.54
C PHE A 54 -9.26 6.16 3.74
N THR A 55 -9.17 7.48 3.67
CA THR A 55 -10.03 8.29 2.79
C THR A 55 -9.19 9.38 2.10
N THR A 56 -9.41 9.59 0.80
CA THR A 56 -8.65 10.56 0.01
C THR A 56 -9.60 11.40 -0.86
N ALA A 57 -9.22 12.68 -1.05
CA ALA A 57 -9.93 13.62 -1.90
C ALA A 57 -8.90 14.39 -2.73
N GLU A 58 -8.69 13.93 -3.95
CA GLU A 58 -7.72 14.49 -4.90
C GLU A 58 -8.46 15.17 -6.05
N HIS A 59 -7.81 16.14 -6.69
CA HIS A 59 -8.41 16.94 -7.78
C HIS A 59 -8.48 16.10 -9.07
N ASN A 60 -9.71 16.05 -9.67
CA ASN A 60 -10.03 15.31 -10.91
C ASN A 60 -9.81 13.79 -10.75
N GLN A 61 -9.84 13.28 -9.49
CA GLN A 61 -9.50 11.87 -9.20
C GLN A 61 -10.53 10.91 -9.84
N THR A 62 -10.02 10.01 -10.68
CA THR A 62 -10.80 8.91 -11.28
C THR A 62 -10.23 7.55 -10.81
N ALA A 63 -9.08 7.63 -10.16
CA ALA A 63 -8.37 6.49 -9.63
C ALA A 63 -7.46 6.94 -8.48
N VAL A 64 -7.13 6.03 -7.56
CA VAL A 64 -6.27 6.32 -6.41
C VAL A 64 -4.97 5.50 -6.55
N GLU A 65 -3.82 6.19 -6.57
CA GLU A 65 -2.49 5.53 -6.64
C GLU A 65 -1.93 5.37 -5.23
N ILE A 66 -1.62 4.13 -4.88
CA ILE A 66 -1.08 3.75 -3.58
C ILE A 66 0.35 3.22 -3.76
N HIS A 67 1.31 3.98 -3.25
CA HIS A 67 2.75 3.68 -3.33
C HIS A 67 3.17 2.93 -2.06
N VAL A 68 3.51 1.64 -2.20
CA VAL A 68 3.92 0.77 -1.09
C VAL A 68 5.45 0.78 -0.95
N LEU A 69 5.93 1.11 0.27
CA LEU A 69 7.37 1.11 0.60
C LEU A 69 7.60 0.28 1.87
N GLN A 70 8.86 -0.08 2.13
CA GLN A 70 9.29 -0.71 3.37
C GLN A 70 10.31 0.20 4.07
N GLY A 71 10.19 0.29 5.40
CA GLY A 71 11.08 1.09 6.21
C GLY A 71 10.78 0.92 7.68
N GLU A 72 11.14 1.93 8.46
CA GLU A 72 10.81 2.01 9.90
C GLU A 72 10.52 3.47 10.30
N ARG A 73 11.06 4.42 9.52
CA ARG A 73 10.82 5.86 9.73
C ARG A 73 9.41 6.25 9.25
N PRO A 74 8.73 7.23 9.95
CA PRO A 74 7.43 7.82 9.49
C PRO A 74 7.58 8.63 8.17
N MET A 75 8.84 8.87 7.77
CA MET A 75 9.18 9.56 6.53
C MET A 75 9.46 8.52 5.44
N ALA A 76 8.61 8.46 4.39
CA ALA A 76 8.75 7.55 3.24
C ALA A 76 10.00 7.87 2.39
N GLN A 77 10.55 9.10 2.56
CA GLN A 77 11.81 9.52 1.91
C GLN A 77 13.00 8.62 2.35
N ASP A 78 12.91 8.08 3.58
CA ASP A 78 13.96 7.21 4.17
C ASP A 78 13.59 5.72 3.99
N ASN A 79 12.45 5.46 3.32
CA ASN A 79 11.92 4.11 3.14
C ASN A 79 12.12 3.69 1.68
N LYS A 80 12.55 2.44 1.49
CA LYS A 80 12.89 1.88 0.18
C LYS A 80 11.58 1.40 -0.49
N SER A 81 11.30 1.92 -1.70
CA SER A 81 10.06 1.65 -2.43
C SER A 81 9.99 0.19 -2.94
N LEU A 82 8.89 -0.50 -2.63
CA LEU A 82 8.62 -1.87 -3.07
C LEU A 82 7.91 -1.87 -4.43
N GLY A 83 6.97 -0.94 -4.58
CA GLY A 83 6.18 -0.81 -5.80
C GLY A 83 5.01 0.13 -5.60
N ARG A 84 4.12 0.20 -6.59
CA ARG A 84 2.86 0.97 -6.47
C ARG A 84 1.80 0.40 -7.42
N PHE A 85 0.55 0.47 -6.99
CA PHE A 85 -0.62 0.02 -7.76
C PHE A 85 -1.68 1.13 -7.76
N ARG A 86 -2.69 0.99 -8.60
CA ARG A 86 -3.74 2.01 -8.74
C ARG A 86 -5.13 1.35 -8.75
N LEU A 87 -6.01 1.82 -7.84
CA LEU A 87 -7.40 1.38 -7.75
C LEU A 87 -8.25 2.27 -8.67
N GLU A 88 -8.77 1.67 -9.74
CA GLU A 88 -9.45 2.39 -10.83
C GLU A 88 -10.95 2.01 -10.87
N GLY A 89 -11.74 2.78 -11.64
CA GLY A 89 -13.19 2.57 -11.76
C GLY A 89 -14.01 3.57 -10.98
N ILE A 90 -13.31 4.46 -10.24
CA ILE A 90 -13.92 5.55 -9.47
C ILE A 90 -14.31 6.69 -10.45
N PRO A 91 -15.58 7.24 -10.37
CA PRO A 91 -16.01 8.36 -11.26
C PRO A 91 -15.12 9.63 -11.08
N PRO A 92 -14.64 10.28 -12.20
CA PRO A 92 -13.78 11.49 -12.15
C PRO A 92 -14.42 12.64 -11.33
N MET A 93 -13.72 13.05 -10.26
CA MET A 93 -14.20 14.02 -9.26
C MET A 93 -15.52 13.54 -8.62
N PRO A 94 -15.46 12.50 -7.73
CA PRO A 94 -16.64 11.97 -7.03
C PRO A 94 -17.01 12.84 -5.82
N ALA A 95 -17.99 13.73 -6.02
CA ALA A 95 -18.55 14.54 -4.92
C ALA A 95 -19.37 13.60 -4.02
N GLY A 96 -18.93 13.46 -2.75
CA GLY A 96 -19.45 12.41 -1.85
C GLY A 96 -18.49 11.23 -1.73
N VAL A 97 -17.22 11.42 -2.19
CA VAL A 97 -16.17 10.37 -2.18
C VAL A 97 -16.04 9.67 -0.81
N PRO A 98 -16.21 8.31 -0.75
CA PRO A 98 -16.15 7.54 0.51
C PRO A 98 -14.70 7.20 0.93
N GLN A 99 -14.59 6.19 1.79
CA GLN A 99 -13.32 5.72 2.34
C GLN A 99 -12.86 4.44 1.61
N ILE A 100 -11.57 4.43 1.22
CA ILE A 100 -10.91 3.30 0.55
C ILE A 100 -10.25 2.41 1.64
N GLU A 101 -10.72 1.17 1.71
CA GLU A 101 -10.29 0.19 2.72
C GLU A 101 -9.12 -0.67 2.19
N VAL A 102 -7.92 -0.47 2.76
CA VAL A 102 -6.70 -1.19 2.34
C VAL A 102 -6.39 -2.33 3.32
N CYS A 103 -6.14 -3.53 2.79
CA CYS A 103 -5.77 -4.72 3.58
C CYS A 103 -4.39 -5.22 3.14
N PHE A 104 -3.51 -5.46 4.13
CA PHE A 104 -2.19 -6.08 3.94
C PHE A 104 -2.28 -7.54 4.39
N ASP A 105 -2.19 -8.45 3.42
CA ASP A 105 -2.17 -9.90 3.63
C ASP A 105 -0.72 -10.40 3.54
N ILE A 106 -0.33 -11.28 4.45
CA ILE A 106 1.06 -11.76 4.62
C ILE A 106 1.07 -13.28 4.71
N ASP A 107 2.01 -13.90 3.99
CA ASP A 107 2.24 -15.36 4.00
C ASP A 107 3.23 -15.75 5.12
N ALA A 108 3.34 -17.06 5.37
CA ALA A 108 4.35 -17.63 6.29
C ALA A 108 5.79 -17.34 5.81
N ASN A 109 5.98 -17.30 4.49
CA ASN A 109 7.27 -16.97 3.85
C ASN A 109 7.48 -15.45 3.77
N GLY A 110 6.57 -14.66 4.41
CA GLY A 110 6.73 -13.21 4.53
C GLY A 110 6.35 -12.47 3.26
N ILE A 111 5.63 -13.16 2.36
CA ILE A 111 5.19 -12.60 1.07
C ILE A 111 4.12 -11.53 1.33
N LEU A 112 4.32 -10.34 0.74
CA LEU A 112 3.40 -9.22 0.91
C LEU A 112 2.35 -9.24 -0.22
N HIS A 113 1.11 -9.08 0.18
CA HIS A 113 -0.04 -8.88 -0.71
C HIS A 113 -0.77 -7.62 -0.24
N VAL A 114 -0.69 -6.52 -1.01
CA VAL A 114 -1.41 -5.27 -0.70
C VAL A 114 -2.61 -5.16 -1.63
N THR A 115 -3.79 -4.87 -1.07
CA THR A 115 -5.01 -4.62 -1.83
C THR A 115 -5.76 -3.42 -1.25
N ALA A 116 -6.50 -2.73 -2.10
CA ALA A 116 -7.31 -1.57 -1.74
C ALA A 116 -8.67 -1.71 -2.40
N LYS A 117 -9.74 -1.55 -1.63
CA LYS A 117 -11.11 -1.77 -2.09
C LYS A 117 -11.98 -0.57 -1.77
N GLU A 118 -12.53 0.06 -2.83
CA GLU A 118 -13.57 1.07 -2.69
C GLU A 118 -14.92 0.34 -2.70
N ARG A 119 -15.67 0.46 -1.59
CA ARG A 119 -16.93 -0.27 -1.38
C ARG A 119 -18.09 0.35 -2.19
N SER A 120 -17.92 1.64 -2.58
CA SER A 120 -18.89 2.36 -3.43
C SER A 120 -18.98 1.69 -4.81
N THR A 121 -17.82 1.43 -5.42
CA THR A 121 -17.71 0.79 -6.74
C THR A 121 -17.64 -0.74 -6.60
N GLY A 122 -17.26 -1.23 -5.40
CA GLY A 122 -17.09 -2.66 -5.12
C GLY A 122 -15.76 -3.18 -5.64
N ARG A 123 -14.98 -2.29 -6.26
CA ARG A 123 -13.75 -2.61 -6.98
C ARG A 123 -12.56 -2.65 -6.03
N GLU A 124 -11.64 -3.58 -6.28
CA GLU A 124 -10.38 -3.72 -5.54
C GLU A 124 -9.22 -3.98 -6.51
N ALA A 125 -8.03 -3.53 -6.11
CA ALA A 125 -6.79 -3.70 -6.88
C ALA A 125 -5.72 -4.24 -5.93
N SER A 126 -4.94 -5.22 -6.39
CA SER A 126 -3.99 -5.94 -5.52
C SER A 126 -2.65 -6.16 -6.22
N ILE A 127 -1.60 -6.34 -5.40
CA ILE A 127 -0.22 -6.51 -5.86
C ILE A 127 0.51 -7.49 -4.91
N THR A 128 1.18 -8.50 -5.49
CA THR A 128 2.01 -9.45 -4.73
C THR A 128 3.46 -8.99 -4.80
N ILE A 129 3.96 -8.51 -3.66
CA ILE A 129 5.34 -8.02 -3.53
C ILE A 129 6.17 -9.07 -2.77
N GLN A 130 7.09 -9.72 -3.51
CA GLN A 130 8.08 -10.67 -2.95
C GLN A 130 9.47 -10.01 -2.88
N ASN A 131 9.46 -8.69 -3.13
CA ASN A 131 10.62 -7.80 -3.03
C ASN A 131 10.97 -7.55 -1.54
N THR A 132 10.02 -7.87 -0.65
CA THR A 132 10.12 -7.61 0.80
C THR A 132 11.19 -8.46 1.49
N THR A 133 11.13 -9.78 1.25
CA THR A 133 11.88 -10.78 2.02
C THR A 133 13.37 -10.84 1.60
N THR A 134 14.24 -10.80 2.62
CA THR A 134 15.67 -10.97 2.50
C THR A 134 16.02 -12.44 2.16
N PRO A 3 -1.51 11.04 8.68
CA PRO A 3 -2.06 11.50 7.38
C PRO A 3 -3.10 10.48 6.86
N GLY A 4 -4.22 11.01 6.32
CA GLY A 4 -5.37 10.20 5.89
C GLY A 4 -5.27 9.71 4.45
N LEU A 5 -4.75 10.58 3.55
CA LEU A 5 -4.63 10.27 2.11
C LEU A 5 -3.44 9.36 1.84
N PHE A 6 -3.33 8.89 0.58
CA PHE A 6 -2.20 8.07 0.11
C PHE A 6 -1.06 8.97 -0.37
N GLY A 7 0.11 8.35 -0.61
CA GLY A 7 1.30 9.06 -1.03
C GLY A 7 1.14 9.79 -2.34
N GLY A 8 0.69 9.04 -3.36
CA GLY A 8 0.48 9.59 -4.69
C GLY A 8 0.51 8.54 -5.78
N PHE A 9 1.14 8.91 -6.91
CA PHE A 9 1.11 8.17 -8.20
C PHE A 9 1.33 6.63 -8.08
N GLY A 10 0.54 5.89 -8.90
CA GLY A 10 0.60 4.44 -8.98
C GLY A 10 0.73 3.96 -10.42
N SER A 11 1.12 2.70 -10.59
CA SER A 11 1.37 2.09 -11.91
C SER A 11 0.56 0.77 -12.00
N GLY A 12 1.13 -0.28 -12.63
CA GLY A 12 0.49 -1.59 -12.69
C GLY A 12 0.53 -2.34 -11.35
N GLY A 13 -0.23 -3.43 -11.26
CA GLY A 13 -0.41 -4.20 -10.02
C GLY A 13 -0.03 -5.66 -10.18
N SER A 14 1.17 -5.89 -10.72
CA SER A 14 1.73 -7.25 -10.89
C SER A 14 2.49 -7.67 -9.61
N GLY A 15 3.69 -7.09 -9.40
CA GLY A 15 4.49 -7.35 -8.20
C GLY A 15 5.95 -7.60 -8.52
N GLY A 16 6.63 -8.39 -7.64
CA GLY A 16 8.07 -8.69 -7.78
C GLY A 16 8.35 -9.98 -8.56
N SER A 17 9.57 -10.52 -8.39
CA SER A 17 10.01 -11.76 -9.07
C SER A 17 10.02 -12.95 -8.06
N GLY A 18 10.87 -12.87 -7.02
CA GLY A 18 11.03 -13.99 -6.08
C GLY A 18 11.94 -13.68 -4.90
N GLY A 19 11.57 -14.19 -3.71
CA GLY A 19 12.34 -14.05 -2.47
C GLY A 19 11.53 -14.54 -1.29
N SER A 20 12.18 -15.18 -0.30
CA SER A 20 11.50 -15.78 0.88
C SER A 20 12.38 -15.70 2.14
N GLY A 21 11.72 -15.68 3.32
CA GLY A 21 12.40 -15.61 4.62
C GLY A 21 11.70 -14.60 5.51
N VAL A 22 12.48 -13.72 6.17
CA VAL A 22 11.94 -12.63 7.01
C VAL A 22 12.34 -11.30 6.37
N THR A 23 11.56 -10.25 6.58
CA THR A 23 11.87 -8.93 6.03
C THR A 23 12.73 -8.13 7.05
N PRO A 24 13.76 -7.36 6.58
CA PRO A 24 14.56 -6.47 7.46
C PRO A 24 13.76 -5.23 7.89
N LEU A 25 12.80 -4.83 7.03
CA LEU A 25 12.07 -3.55 7.16
C LEU A 25 10.55 -3.81 7.12
N SER A 26 9.83 -3.18 8.06
CA SER A 26 8.38 -3.29 8.24
C SER A 26 7.62 -2.83 6.97
N LEU A 27 6.42 -3.39 6.70
CA LEU A 27 5.72 -3.17 5.41
C LEU A 27 4.56 -2.17 5.64
N GLY A 28 4.49 -1.14 4.79
CA GLY A 28 3.48 -0.09 4.91
C GLY A 28 3.25 0.66 3.61
N VAL A 29 2.43 1.71 3.68
CA VAL A 29 2.11 2.58 2.53
C VAL A 29 2.57 4.01 2.85
N GLU A 30 2.92 4.77 1.81
CA GLU A 30 3.13 6.21 1.92
C GLU A 30 1.75 6.89 2.01
N THR A 31 1.71 7.96 2.79
CA THR A 31 0.53 8.78 3.03
C THR A 31 0.89 10.24 2.74
N LYS A 32 -0.12 11.03 2.30
CA LYS A 32 0.08 12.41 1.80
C LYS A 32 0.72 13.28 2.90
N GLY A 33 1.87 13.86 2.54
CA GLY A 33 2.75 14.54 3.50
C GLY A 33 4.17 14.05 3.38
N GLY A 34 4.36 12.94 2.62
CA GLY A 34 5.69 12.31 2.46
C GLY A 34 6.05 11.44 3.66
N VAL A 35 5.01 10.95 4.35
CA VAL A 35 5.14 10.16 5.58
C VAL A 35 4.85 8.67 5.29
N MET A 36 5.70 7.76 5.77
CA MET A 36 5.48 6.31 5.65
C MET A 36 4.64 5.81 6.85
N THR A 37 3.47 5.23 6.55
CA THR A 37 2.57 4.62 7.53
C THR A 37 2.70 3.08 7.47
N VAL A 38 3.32 2.51 8.52
CA VAL A 38 3.56 1.06 8.63
C VAL A 38 2.28 0.32 9.06
N LEU A 39 1.90 -0.74 8.32
CA LEU A 39 0.70 -1.56 8.62
C LEU A 39 1.10 -2.93 9.21
N ILE A 40 2.21 -3.48 8.70
CA ILE A 40 2.77 -4.78 9.12
C ILE A 40 4.18 -4.56 9.70
N PRO A 41 4.53 -5.13 10.90
CA PRO A 41 5.89 -5.03 11.48
C PRO A 41 6.91 -5.94 10.74
N ARG A 42 8.20 -5.65 10.95
CA ARG A 42 9.33 -6.38 10.32
C ARG A 42 9.56 -7.77 10.96
N ASN A 43 10.65 -8.45 10.53
CA ASN A 43 11.03 -9.79 10.99
C ASN A 43 9.93 -10.83 10.70
N THR A 44 9.18 -10.58 9.61
CA THR A 44 8.01 -11.37 9.24
C THR A 44 8.34 -12.86 9.01
N THR A 45 7.78 -13.73 9.84
CA THR A 45 8.09 -15.17 9.88
C THR A 45 6.81 -16.02 9.79
N ILE A 46 5.66 -15.40 10.07
CA ILE A 46 4.34 -16.07 10.11
C ILE A 46 3.32 -15.26 9.29
N PRO A 47 2.21 -15.91 8.79
CA PRO A 47 1.15 -15.18 8.06
C PRO A 47 0.44 -14.15 8.97
N THR A 48 0.17 -12.98 8.41
CA THR A 48 -0.31 -11.80 9.15
C THR A 48 -1.30 -11.04 8.28
N ARG A 49 -2.33 -10.41 8.87
CA ARG A 49 -3.27 -9.58 8.10
C ARG A 49 -3.66 -8.32 8.89
N LYS A 50 -3.80 -7.22 8.15
CA LYS A 50 -4.17 -5.89 8.65
C LYS A 50 -5.22 -5.30 7.70
N CYS A 51 -6.23 -4.61 8.25
CA CYS A 51 -7.22 -3.86 7.46
C CYS A 51 -7.31 -2.44 8.06
N GLU A 52 -7.29 -1.44 7.16
CA GLU A 52 -7.25 -0.01 7.50
C GLU A 52 -8.17 0.77 6.56
N ILE A 53 -8.65 1.92 7.02
CA ILE A 53 -9.52 2.82 6.24
C ILE A 53 -8.78 4.16 6.05
N PHE A 54 -8.72 4.68 4.81
CA PHE A 54 -7.97 5.89 4.45
C PHE A 54 -8.89 6.89 3.73
N THR A 55 -8.68 8.19 3.99
CA THR A 55 -9.53 9.28 3.47
C THR A 55 -8.84 9.99 2.31
N THR A 56 -9.52 10.16 1.16
CA THR A 56 -8.98 10.95 0.04
C THR A 56 -10.11 11.48 -0.86
N ALA A 57 -10.06 12.80 -1.12
CA ALA A 57 -11.00 13.50 -1.99
C ALA A 57 -10.26 14.64 -2.70
N GLU A 58 -9.63 14.28 -3.84
CA GLU A 58 -8.76 15.18 -4.64
C GLU A 58 -9.43 15.52 -5.98
N HIS A 59 -8.91 16.57 -6.65
CA HIS A 59 -9.52 17.13 -7.86
C HIS A 59 -9.61 16.06 -8.98
N ASN A 60 -10.82 15.90 -9.51
CA ASN A 60 -11.12 15.04 -10.68
C ASN A 60 -10.73 13.54 -10.47
N GLN A 61 -10.56 13.09 -9.20
CA GLN A 61 -10.06 11.72 -8.91
C GLN A 61 -10.99 10.62 -9.50
N THR A 62 -10.40 9.79 -10.35
CA THR A 62 -11.09 8.71 -11.07
C THR A 62 -10.41 7.35 -10.79
N ALA A 63 -9.39 7.40 -9.93
CA ALA A 63 -8.62 6.23 -9.50
C ALA A 63 -7.97 6.49 -8.13
N VAL A 64 -7.60 5.41 -7.42
CA VAL A 64 -6.86 5.47 -6.15
C VAL A 64 -5.46 4.87 -6.38
N GLU A 65 -4.43 5.66 -6.10
CA GLU A 65 -3.02 5.31 -6.36
C GLU A 65 -2.30 5.07 -5.02
N ILE A 66 -1.92 3.81 -4.76
CA ILE A 66 -1.29 3.40 -3.50
C ILE A 66 0.20 3.16 -3.74
N HIS A 67 1.05 3.96 -3.06
CA HIS A 67 2.51 3.79 -3.08
C HIS A 67 2.92 2.97 -1.84
N VAL A 68 3.45 1.76 -2.08
CA VAL A 68 3.84 0.80 -1.03
C VAL A 68 5.37 0.80 -0.84
N LEU A 69 5.82 0.88 0.43
CA LEU A 69 7.25 0.88 0.83
C LEU A 69 7.46 -0.09 2.00
N GLN A 70 8.74 -0.42 2.27
CA GLN A 70 9.15 -1.11 3.49
C GLN A 70 10.17 -0.22 4.23
N GLY A 71 9.96 -0.08 5.54
CA GLY A 71 10.87 0.63 6.41
C GLY A 71 10.26 0.81 7.79
N GLU A 72 10.89 1.66 8.57
CA GLU A 72 10.50 1.96 9.96
C GLU A 72 10.63 3.47 10.22
N ARG A 73 11.08 4.21 9.18
CA ARG A 73 11.38 5.63 9.25
C ARG A 73 10.11 6.48 9.03
N PRO A 74 9.98 7.67 9.71
CA PRO A 74 8.79 8.55 9.57
C PRO A 74 8.66 9.16 8.15
N MET A 75 9.79 9.59 7.54
CA MET A 75 9.79 10.17 6.17
C MET A 75 9.98 9.04 5.15
N ALA A 76 9.10 9.01 4.12
CA ALA A 76 9.06 7.95 3.08
C ALA A 76 10.36 7.89 2.23
N GLN A 77 11.10 9.02 2.18
CA GLN A 77 12.41 9.13 1.49
C GLN A 77 13.45 8.15 2.06
N ASP A 78 13.29 7.86 3.37
CA ASP A 78 14.23 6.99 4.13
C ASP A 78 13.72 5.53 4.16
N ASN A 79 12.65 5.24 3.41
CA ASN A 79 12.07 3.88 3.32
C ASN A 79 12.17 3.39 1.85
N LYS A 80 12.34 2.07 1.66
CA LYS A 80 12.53 1.46 0.34
C LYS A 80 11.19 1.25 -0.36
N SER A 81 10.96 1.98 -1.47
CA SER A 81 9.76 1.81 -2.31
C SER A 81 9.71 0.38 -2.92
N LEU A 82 8.68 -0.39 -2.52
CA LEU A 82 8.46 -1.78 -2.99
C LEU A 82 7.70 -1.78 -4.32
N GLY A 83 6.78 -0.82 -4.46
CA GLY A 83 5.98 -0.68 -5.68
C GLY A 83 4.88 0.33 -5.49
N ARG A 84 4.07 0.51 -6.55
CA ARG A 84 2.88 1.37 -6.53
C ARG A 84 1.89 0.90 -7.61
N PHE A 85 0.60 0.85 -7.26
CA PHE A 85 -0.47 0.40 -8.20
C PHE A 85 -1.62 1.40 -8.18
N ARG A 86 -2.29 1.52 -9.31
CA ARG A 86 -3.41 2.44 -9.51
C ARG A 86 -4.67 1.64 -9.82
N LEU A 87 -5.73 1.88 -9.04
CA LEU A 87 -7.00 1.18 -9.13
C LEU A 87 -8.00 2.10 -9.81
N GLU A 88 -8.38 1.77 -11.05
CA GLU A 88 -9.27 2.59 -11.89
C GLU A 88 -10.66 1.95 -11.95
N GLY A 89 -11.66 2.74 -12.37
CA GLY A 89 -13.05 2.31 -12.47
C GLY A 89 -13.99 3.19 -11.66
N ILE A 90 -13.41 4.13 -10.91
CA ILE A 90 -14.16 5.12 -10.11
C ILE A 90 -14.71 6.21 -11.06
N PRO A 91 -16.00 6.67 -10.87
CA PRO A 91 -16.54 7.86 -11.60
C PRO A 91 -15.61 9.09 -11.46
N PRO A 92 -15.24 9.77 -12.61
CA PRO A 92 -14.30 10.93 -12.58
C PRO A 92 -14.82 12.10 -11.71
N MET A 93 -14.23 12.24 -10.51
CA MET A 93 -14.72 13.11 -9.42
C MET A 93 -16.13 12.63 -8.98
N PRO A 94 -16.23 11.65 -8.04
CA PRO A 94 -17.50 11.21 -7.47
C PRO A 94 -17.89 12.08 -6.25
N ALA A 95 -18.95 12.87 -6.40
CA ALA A 95 -19.50 13.67 -5.31
C ALA A 95 -20.15 12.74 -4.28
N GLY A 96 -19.63 12.77 -3.04
CA GLY A 96 -20.08 11.86 -1.99
C GLY A 96 -19.18 10.65 -1.78
N VAL A 97 -17.94 10.68 -2.37
CA VAL A 97 -16.96 9.57 -2.23
C VAL A 97 -16.54 9.36 -0.75
N PRO A 98 -16.81 8.14 -0.15
CA PRO A 98 -16.34 7.78 1.20
C PRO A 98 -14.86 7.34 1.21
N GLN A 99 -14.41 6.91 2.40
CA GLN A 99 -13.04 6.42 2.64
C GLN A 99 -12.80 5.06 1.95
N ILE A 100 -11.59 4.89 1.41
CA ILE A 100 -11.16 3.69 0.67
C ILE A 100 -10.46 2.70 1.62
N GLU A 101 -10.91 1.42 1.59
CA GLU A 101 -10.45 0.34 2.47
C GLU A 101 -9.22 -0.38 1.87
N VAL A 102 -8.07 -0.32 2.55
CA VAL A 102 -6.83 -1.00 2.11
C VAL A 102 -6.45 -2.07 3.14
N CYS A 103 -6.18 -3.29 2.64
CA CYS A 103 -5.80 -4.45 3.47
C CYS A 103 -4.41 -4.96 3.06
N PHE A 104 -3.57 -5.22 4.07
CA PHE A 104 -2.24 -5.84 3.92
C PHE A 104 -2.31 -7.29 4.39
N ASP A 105 -2.19 -8.22 3.45
CA ASP A 105 -2.12 -9.66 3.72
C ASP A 105 -0.67 -10.12 3.56
N ILE A 106 -0.24 -10.99 4.46
CA ILE A 106 1.16 -11.44 4.57
C ILE A 106 1.19 -12.96 4.62
N ASP A 107 2.12 -13.55 3.86
CA ASP A 107 2.35 -15.00 3.81
C ASP A 107 3.32 -15.42 4.92
N ALA A 108 3.41 -16.74 5.15
CA ALA A 108 4.42 -17.35 6.04
C ALA A 108 5.84 -17.08 5.55
N ASN A 109 6.04 -17.07 4.21
CA ASN A 109 7.36 -16.78 3.59
C ASN A 109 7.72 -15.28 3.65
N GLY A 110 6.81 -14.46 4.23
CA GLY A 110 7.06 -13.03 4.44
C GLY A 110 6.71 -12.21 3.22
N ILE A 111 5.94 -12.81 2.31
CA ILE A 111 5.52 -12.17 1.06
C ILE A 111 4.44 -11.14 1.34
N LEU A 112 4.55 -9.96 0.72
CA LEU A 112 3.57 -8.88 0.90
C LEU A 112 2.50 -8.96 -0.19
N HIS A 113 1.24 -8.89 0.22
CA HIS A 113 0.09 -8.78 -0.68
C HIS A 113 -0.70 -7.52 -0.28
N VAL A 114 -0.67 -6.50 -1.13
CA VAL A 114 -1.40 -5.24 -0.89
C VAL A 114 -2.66 -5.25 -1.74
N THR A 115 -3.80 -4.80 -1.18
CA THR A 115 -5.04 -4.62 -1.94
C THR A 115 -5.78 -3.37 -1.48
N ALA A 116 -6.38 -2.65 -2.44
CA ALA A 116 -7.25 -1.50 -2.17
C ALA A 116 -8.67 -1.87 -2.62
N LYS A 117 -9.67 -1.30 -1.94
CA LYS A 117 -11.08 -1.49 -2.25
C LYS A 117 -11.85 -0.17 -2.04
N GLU A 118 -12.60 0.28 -3.06
CA GLU A 118 -13.50 1.44 -2.91
C GLU A 118 -14.87 0.90 -2.50
N ARG A 119 -15.39 1.38 -1.38
CA ARG A 119 -16.76 1.08 -0.95
C ARG A 119 -17.77 1.84 -1.84
N SER A 120 -17.30 2.94 -2.47
CA SER A 120 -18.08 3.77 -3.40
C SER A 120 -18.39 3.01 -4.70
N THR A 121 -17.34 2.43 -5.31
CA THR A 121 -17.40 1.79 -6.62
C THR A 121 -17.78 0.29 -6.48
N GLY A 122 -17.31 -0.30 -5.37
CA GLY A 122 -17.46 -1.74 -5.12
C GLY A 122 -16.28 -2.54 -5.62
N ARG A 123 -15.37 -1.86 -6.34
CA ARG A 123 -14.19 -2.46 -6.95
C ARG A 123 -13.07 -2.68 -5.92
N GLU A 124 -12.20 -3.64 -6.26
CA GLU A 124 -10.96 -3.89 -5.57
C GLU A 124 -9.92 -4.44 -6.54
N ALA A 125 -8.63 -4.21 -6.23
CA ALA A 125 -7.50 -4.75 -6.99
C ALA A 125 -6.32 -4.96 -6.06
N SER A 126 -5.52 -5.98 -6.36
CA SER A 126 -4.48 -6.48 -5.47
C SER A 126 -3.17 -6.71 -6.23
N ILE A 127 -2.07 -6.71 -5.49
CA ILE A 127 -0.71 -6.88 -6.01
C ILE A 127 0.07 -7.73 -4.99
N THR A 128 0.76 -8.76 -5.47
CA THR A 128 1.63 -9.58 -4.62
C THR A 128 3.07 -9.16 -4.88
N ILE A 129 3.68 -8.52 -3.89
CA ILE A 129 5.07 -8.06 -3.95
C ILE A 129 5.95 -9.08 -3.20
N GLN A 130 6.77 -9.81 -3.96
CA GLN A 130 7.88 -10.63 -3.40
C GLN A 130 9.15 -9.76 -3.38
N ASN A 131 10.30 -10.37 -3.00
CA ASN A 131 11.61 -9.67 -2.84
C ASN A 131 11.60 -8.72 -1.62
N THR A 132 10.52 -8.75 -0.82
CA THR A 132 10.36 -7.92 0.39
C THR A 132 11.27 -8.40 1.53
N THR A 133 11.55 -9.71 1.52
CA THR A 133 12.33 -10.39 2.54
C THR A 133 13.84 -10.35 2.22
N THR A 134 14.66 -10.45 3.28
CA THR A 134 16.11 -10.65 3.16
C THR A 134 16.40 -12.11 2.73
N PRO A 3 -4.31 9.46 10.04
CA PRO A 3 -4.99 9.63 8.72
C PRO A 3 -4.37 8.69 7.67
N GLY A 4 -5.08 8.55 6.52
CA GLY A 4 -4.66 7.62 5.47
C GLY A 4 -4.94 8.15 4.06
N LEU A 5 -4.64 9.44 3.86
CA LEU A 5 -4.71 10.08 2.54
C LEU A 5 -3.53 9.60 1.66
N PHE A 6 -3.83 9.07 0.45
CA PHE A 6 -2.84 8.36 -0.39
C PHE A 6 -1.80 9.29 -1.04
N GLY A 7 -0.56 8.80 -1.08
CA GLY A 7 0.54 9.44 -1.81
C GLY A 7 1.30 8.40 -2.62
N GLY A 8 2.15 8.88 -3.54
CA GLY A 8 2.93 7.99 -4.39
C GLY A 8 3.96 8.71 -5.25
N PHE A 9 4.91 9.44 -4.60
CA PHE A 9 6.06 9.99 -5.32
C PHE A 9 7.08 8.83 -5.53
N GLY A 10 7.56 8.68 -6.77
CA GLY A 10 8.44 7.58 -7.13
C GLY A 10 8.91 7.66 -8.57
N SER A 11 10.00 8.42 -8.80
CA SER A 11 10.65 8.52 -10.11
C SER A 11 11.38 7.19 -10.44
N GLY A 12 11.75 6.44 -9.39
CA GLY A 12 12.44 5.14 -9.51
C GLY A 12 11.49 3.99 -9.80
N GLY A 13 11.49 3.50 -11.05
CA GLY A 13 10.68 2.35 -11.47
C GLY A 13 11.44 1.03 -11.33
N SER A 14 12.78 1.12 -11.43
CA SER A 14 13.69 -0.04 -11.29
C SER A 14 13.74 -0.51 -9.82
N GLY A 15 13.80 -1.84 -9.62
CA GLY A 15 13.89 -2.43 -8.28
C GLY A 15 13.11 -3.74 -8.20
N GLY A 16 13.23 -4.41 -7.05
CA GLY A 16 12.52 -5.66 -6.79
C GLY A 16 13.47 -6.82 -6.52
N SER A 17 13.81 -7.04 -5.24
CA SER A 17 14.73 -8.10 -4.82
C SER A 17 14.23 -8.77 -3.53
N GLY A 18 14.53 -10.07 -3.40
CA GLY A 18 14.12 -10.87 -2.24
C GLY A 18 14.90 -12.17 -2.14
N GLY A 19 15.17 -12.63 -0.91
CA GLY A 19 15.85 -13.90 -0.64
C GLY A 19 14.93 -14.88 0.08
N SER A 20 15.21 -15.12 1.38
CA SER A 20 14.50 -16.12 2.19
C SER A 20 14.81 -15.91 3.68
N GLY A 21 13.76 -15.67 4.48
CA GLY A 21 13.89 -15.52 5.93
C GLY A 21 12.82 -14.61 6.49
N VAL A 22 13.22 -13.37 6.82
CA VAL A 22 12.31 -12.32 7.33
C VAL A 22 12.52 -11.04 6.53
N THR A 23 11.56 -10.12 6.61
CA THR A 23 11.70 -8.79 6.00
C THR A 23 12.55 -7.88 6.93
N PRO A 24 13.57 -7.14 6.38
CA PRO A 24 14.47 -6.27 7.17
C PRO A 24 13.82 -4.95 7.60
N LEU A 25 12.71 -4.60 6.93
CA LEU A 25 12.02 -3.32 7.09
C LEU A 25 10.48 -3.54 7.12
N SER A 26 9.77 -2.75 7.96
CA SER A 26 8.31 -2.91 8.20
C SER A 26 7.48 -2.40 7.01
N LEU A 27 6.31 -3.01 6.76
CA LEU A 27 5.59 -2.86 5.47
C LEU A 27 4.37 -1.93 5.64
N GLY A 28 4.27 -0.89 4.78
CA GLY A 28 3.20 0.09 4.83
C GLY A 28 3.01 0.81 3.50
N VAL A 29 2.21 1.88 3.50
CA VAL A 29 1.91 2.71 2.31
C VAL A 29 2.44 4.13 2.51
N GLU A 30 2.50 4.91 1.42
CA GLU A 30 2.83 6.33 1.48
C GLU A 30 1.53 7.13 1.68
N THR A 31 1.64 8.21 2.43
CA THR A 31 0.62 9.24 2.59
C THR A 31 1.19 10.54 2.02
N LYS A 32 0.34 11.31 1.31
CA LYS A 32 0.78 12.51 0.58
C LYS A 32 1.27 13.57 1.60
N GLY A 33 2.52 14.02 1.40
CA GLY A 33 3.27 14.79 2.41
C GLY A 33 4.65 14.18 2.66
N GLY A 34 4.86 12.96 2.11
CA GLY A 34 6.16 12.28 2.13
C GLY A 34 6.38 11.42 3.38
N VAL A 35 5.27 11.01 4.02
CA VAL A 35 5.27 10.18 5.26
C VAL A 35 4.81 8.76 4.91
N MET A 36 5.28 7.73 5.65
CA MET A 36 4.79 6.33 5.49
C MET A 36 3.88 5.94 6.70
N THR A 37 2.73 5.31 6.39
CA THR A 37 1.85 4.67 7.38
C THR A 37 2.06 3.14 7.32
N VAL A 38 2.70 2.58 8.36
CA VAL A 38 3.04 1.15 8.43
C VAL A 38 1.84 0.31 8.96
N LEU A 39 1.50 -0.78 8.24
CA LEU A 39 0.43 -1.72 8.66
C LEU A 39 1.05 -2.95 9.35
N ILE A 40 2.09 -3.52 8.73
CA ILE A 40 2.73 -4.76 9.21
C ILE A 40 4.12 -4.45 9.80
N PRO A 41 4.44 -4.92 11.04
CA PRO A 41 5.82 -4.85 11.59
C PRO A 41 6.77 -5.83 10.86
N ARG A 42 8.08 -5.54 10.88
CA ARG A 42 9.10 -6.38 10.23
C ARG A 42 9.43 -7.65 11.04
N ASN A 43 10.57 -8.31 10.69
CA ASN A 43 11.00 -9.58 11.30
C ASN A 43 9.97 -10.68 11.01
N THR A 44 9.28 -10.53 9.86
CA THR A 44 8.09 -11.29 9.50
C THR A 44 8.44 -12.65 8.86
N THR A 45 7.99 -13.74 9.50
CA THR A 45 8.21 -15.13 9.04
C THR A 45 6.95 -15.99 9.30
N ILE A 46 5.86 -15.33 9.72
CA ILE A 46 4.55 -15.97 9.99
C ILE A 46 3.42 -15.21 9.26
N PRO A 47 2.29 -15.90 8.87
CA PRO A 47 1.20 -15.24 8.12
C PRO A 47 0.35 -14.32 9.02
N THR A 48 0.01 -13.12 8.49
CA THR A 48 -0.75 -12.08 9.25
C THR A 48 -1.61 -11.27 8.27
N ARG A 49 -2.92 -11.14 8.56
CA ARG A 49 -3.82 -10.31 7.76
C ARG A 49 -4.24 -9.09 8.60
N LYS A 50 -3.80 -7.92 8.14
CA LYS A 50 -4.15 -6.62 8.71
C LYS A 50 -4.85 -5.81 7.62
N CYS A 51 -6.02 -5.28 7.95
CA CYS A 51 -6.80 -4.42 7.07
C CYS A 51 -7.20 -3.17 7.84
N GLU A 52 -7.01 -2.01 7.20
CA GLU A 52 -7.38 -0.69 7.76
C GLU A 52 -8.15 0.09 6.69
N ILE A 53 -9.06 0.94 7.15
CA ILE A 53 -9.79 1.86 6.28
C ILE A 53 -8.95 3.15 6.15
N PHE A 54 -8.70 3.57 4.90
CA PHE A 54 -7.89 4.77 4.60
C PHE A 54 -8.80 5.82 3.94
N THR A 55 -8.90 7.02 4.56
CA THR A 55 -9.72 8.12 4.04
C THR A 55 -8.80 9.15 3.38
N THR A 56 -9.12 9.52 2.13
CA THR A 56 -8.38 10.53 1.39
C THR A 56 -9.34 11.66 0.95
N ALA A 57 -10.49 11.27 0.36
CA ALA A 57 -11.52 12.18 -0.18
C ALA A 57 -10.90 13.28 -1.08
N GLU A 58 -10.69 12.98 -2.36
CA GLU A 58 -10.00 13.89 -3.30
C GLU A 58 -10.99 14.45 -4.33
N HIS A 59 -10.66 15.66 -4.81
CA HIS A 59 -11.39 16.34 -5.90
C HIS A 59 -10.81 15.87 -7.25
N ASN A 60 -11.66 15.91 -8.30
CA ASN A 60 -11.31 15.42 -9.66
C ASN A 60 -10.96 13.91 -9.62
N GLN A 61 -11.50 13.21 -8.61
CA GLN A 61 -11.16 11.80 -8.31
C GLN A 61 -11.62 10.87 -9.44
N THR A 62 -10.68 10.13 -10.02
CA THR A 62 -10.94 9.16 -11.10
C THR A 62 -10.21 7.85 -10.78
N ALA A 63 -9.04 7.96 -10.11
CA ALA A 63 -8.22 6.81 -9.75
C ALA A 63 -7.32 7.14 -8.55
N VAL A 64 -7.06 6.15 -7.68
CA VAL A 64 -6.24 6.34 -6.44
C VAL A 64 -4.94 5.54 -6.56
N GLU A 65 -3.79 6.18 -6.25
CA GLU A 65 -2.46 5.56 -6.35
C GLU A 65 -2.00 5.13 -4.96
N ILE A 66 -1.72 3.82 -4.82
CA ILE A 66 -1.29 3.19 -3.57
C ILE A 66 0.17 2.77 -3.72
N HIS A 67 1.07 3.56 -3.12
CA HIS A 67 2.53 3.29 -3.16
C HIS A 67 2.96 2.59 -1.87
N VAL A 68 3.30 1.31 -1.98
CA VAL A 68 3.74 0.47 -0.86
C VAL A 68 5.28 0.55 -0.72
N LEU A 69 5.75 0.80 0.52
CA LEU A 69 7.19 0.83 0.87
C LEU A 69 7.44 -0.03 2.12
N GLN A 70 8.72 -0.35 2.38
CA GLN A 70 9.18 -1.00 3.60
C GLN A 70 10.22 -0.08 4.25
N GLY A 71 10.12 0.12 5.55
CA GLY A 71 11.05 0.95 6.29
C GLY A 71 10.69 1.08 7.75
N GLU A 72 11.32 2.05 8.39
CA GLU A 72 11.12 2.36 9.82
C GLU A 72 11.09 3.88 10.03
N ARG A 73 11.52 4.67 9.00
CA ARG A 73 11.62 6.13 9.09
C ARG A 73 10.23 6.77 8.93
N PRO A 74 9.90 7.85 9.72
CA PRO A 74 8.64 8.63 9.55
C PRO A 74 8.39 9.04 8.08
N MET A 75 9.45 9.51 7.40
CA MET A 75 9.39 9.90 5.98
C MET A 75 9.61 8.67 5.07
N ALA A 76 8.69 8.48 4.10
CA ALA A 76 8.73 7.41 3.07
C ALA A 76 9.98 7.53 2.16
N GLN A 77 10.53 8.76 2.09
CA GLN A 77 11.70 9.11 1.25
C GLN A 77 12.96 8.27 1.57
N ASP A 78 13.12 7.85 2.84
CA ASP A 78 14.33 7.12 3.30
C ASP A 78 14.08 5.59 3.30
N ASN A 79 12.87 5.19 2.88
CA ASN A 79 12.39 3.79 2.95
C ASN A 79 12.33 3.20 1.52
N LYS A 80 12.46 1.86 1.43
CA LYS A 80 12.57 1.13 0.16
C LYS A 80 11.19 0.93 -0.48
N SER A 81 10.97 1.55 -1.65
CA SER A 81 9.74 1.39 -2.44
C SER A 81 9.61 -0.08 -2.91
N LEU A 82 8.58 -0.75 -2.40
CA LEU A 82 8.29 -2.17 -2.70
C LEU A 82 7.52 -2.30 -4.01
N GLY A 83 6.55 -1.39 -4.19
CA GLY A 83 5.71 -1.38 -5.38
C GLY A 83 4.65 -0.32 -5.31
N ARG A 84 3.87 -0.21 -6.39
CA ARG A 84 2.75 0.73 -6.47
C ARG A 84 1.72 0.22 -7.50
N PHE A 85 0.45 0.56 -7.26
CA PHE A 85 -0.67 0.16 -8.14
C PHE A 85 -1.80 1.19 -8.01
N ARG A 86 -2.46 1.49 -9.13
CA ARG A 86 -3.53 2.49 -9.18
C ARG A 86 -4.88 1.79 -9.41
N LEU A 87 -5.85 2.08 -8.53
CA LEU A 87 -7.22 1.55 -8.63
C LEU A 87 -8.02 2.51 -9.52
N GLU A 88 -8.41 2.01 -10.70
CA GLU A 88 -9.17 2.75 -11.72
C GLU A 88 -10.58 2.18 -11.84
N GLY A 89 -11.51 3.02 -12.35
CA GLY A 89 -12.93 2.66 -12.46
C GLY A 89 -13.81 3.48 -11.53
N ILE A 90 -13.19 4.40 -10.75
CA ILE A 90 -13.91 5.36 -9.88
C ILE A 90 -14.65 6.38 -10.78
N PRO A 91 -15.99 6.65 -10.55
CA PRO A 91 -16.80 7.60 -11.38
C PRO A 91 -16.11 8.98 -11.58
N PRO A 92 -16.35 9.69 -12.74
CA PRO A 92 -15.61 10.91 -13.11
C PRO A 92 -15.91 12.08 -12.14
N MET A 93 -15.00 12.26 -11.15
CA MET A 93 -15.07 13.34 -10.13
C MET A 93 -16.35 13.20 -9.26
N PRO A 94 -16.39 12.22 -8.30
CA PRO A 94 -17.51 12.05 -7.38
C PRO A 94 -17.30 12.86 -6.08
N ALA A 95 -17.88 14.06 -6.03
CA ALA A 95 -17.86 14.88 -4.81
C ALA A 95 -18.65 14.14 -3.72
N GLY A 96 -17.97 13.79 -2.63
CA GLY A 96 -18.54 12.91 -1.59
C GLY A 96 -17.90 11.53 -1.58
N VAL A 97 -16.81 11.34 -2.38
CA VAL A 97 -15.99 10.11 -2.33
C VAL A 97 -15.34 10.00 -0.93
N PRO A 98 -15.64 8.92 -0.13
CA PRO A 98 -15.21 8.83 1.27
C PRO A 98 -13.83 8.15 1.46
N GLN A 99 -13.82 6.80 1.49
CA GLN A 99 -12.74 6.00 2.07
C GLN A 99 -12.42 4.80 1.15
N ILE A 100 -11.13 4.55 0.90
CA ILE A 100 -10.63 3.35 0.20
C ILE A 100 -9.97 2.42 1.26
N GLU A 101 -10.47 1.18 1.36
CA GLU A 101 -9.99 0.19 2.35
C GLU A 101 -8.77 -0.58 1.80
N VAL A 102 -7.62 -0.46 2.50
CA VAL A 102 -6.36 -1.13 2.08
C VAL A 102 -6.05 -2.26 3.06
N CYS A 103 -5.79 -3.46 2.53
CA CYS A 103 -5.45 -4.64 3.34
C CYS A 103 -4.04 -5.11 2.97
N PHE A 104 -3.21 -5.29 4.00
CA PHE A 104 -1.89 -5.91 3.92
C PHE A 104 -1.98 -7.33 4.47
N ASP A 105 -1.91 -8.30 3.56
CA ASP A 105 -1.90 -9.73 3.87
C ASP A 105 -0.45 -10.23 3.79
N ILE A 106 -0.08 -11.09 4.73
CA ILE A 106 1.27 -11.66 4.85
C ILE A 106 1.15 -13.19 4.84
N ASP A 107 2.06 -13.84 4.11
CA ASP A 107 2.15 -15.31 4.05
C ASP A 107 3.17 -15.80 5.10
N ALA A 108 3.23 -17.12 5.29
CA ALA A 108 4.24 -17.78 6.15
C ALA A 108 5.66 -17.59 5.61
N ASN A 109 5.79 -17.53 4.27
CA ASN A 109 7.07 -17.24 3.58
C ASN A 109 7.40 -15.73 3.62
N GLY A 110 6.53 -14.94 4.29
CA GLY A 110 6.76 -13.50 4.52
C GLY A 110 6.35 -12.65 3.32
N ILE A 111 5.67 -13.27 2.35
CA ILE A 111 5.23 -12.62 1.10
C ILE A 111 4.12 -11.59 1.41
N LEU A 112 4.27 -10.36 0.87
CA LEU A 112 3.31 -9.28 1.11
C LEU A 112 2.32 -9.19 -0.05
N HIS A 113 1.07 -9.53 0.20
CA HIS A 113 -0.04 -9.35 -0.73
C HIS A 113 -0.83 -8.10 -0.30
N VAL A 114 -0.73 -7.01 -1.09
CA VAL A 114 -1.45 -5.75 -0.81
C VAL A 114 -2.68 -5.64 -1.73
N THR A 115 -3.76 -5.05 -1.22
CA THR A 115 -4.94 -4.68 -2.00
C THR A 115 -5.52 -3.36 -1.47
N ALA A 116 -6.29 -2.67 -2.31
CA ALA A 116 -7.06 -1.48 -1.95
C ALA A 116 -8.44 -1.60 -2.60
N LYS A 117 -9.50 -1.07 -1.94
CA LYS A 117 -10.88 -1.20 -2.43
C LYS A 117 -11.66 0.11 -2.31
N GLU A 118 -12.07 0.68 -3.46
CA GLU A 118 -12.94 1.86 -3.52
C GLU A 118 -14.39 1.41 -3.26
N ARG A 119 -15.06 2.10 -2.31
CA ARG A 119 -16.45 1.80 -1.92
C ARG A 119 -17.45 2.40 -2.94
N SER A 120 -17.09 3.53 -3.57
CA SER A 120 -17.96 4.25 -4.53
C SER A 120 -18.35 3.36 -5.73
N THR A 121 -17.37 2.60 -6.23
CA THR A 121 -17.56 1.67 -7.35
C THR A 121 -17.79 0.22 -6.85
N GLY A 122 -17.12 -0.12 -5.73
CA GLY A 122 -17.07 -1.51 -5.23
C GLY A 122 -15.86 -2.28 -5.78
N ARG A 123 -15.03 -1.57 -6.57
CA ARG A 123 -13.82 -2.13 -7.21
C ARG A 123 -12.65 -2.27 -6.23
N GLU A 124 -11.77 -3.23 -6.54
CA GLU A 124 -10.56 -3.51 -5.76
C GLU A 124 -9.42 -3.97 -6.68
N ALA A 125 -8.19 -3.57 -6.33
CA ALA A 125 -6.96 -3.87 -7.11
C ALA A 125 -5.91 -4.39 -6.13
N SER A 126 -5.08 -5.35 -6.57
CA SER A 126 -4.12 -6.04 -5.69
C SER A 126 -2.81 -6.36 -6.41
N ILE A 127 -1.74 -6.51 -5.62
CA ILE A 127 -0.37 -6.82 -6.10
C ILE A 127 0.28 -7.80 -5.10
N THR A 128 1.09 -8.74 -5.63
CA THR A 128 1.90 -9.64 -4.81
C THR A 128 3.36 -9.17 -4.84
N ILE A 129 3.82 -8.64 -3.71
CA ILE A 129 5.17 -8.13 -3.51
C ILE A 129 6.00 -9.19 -2.76
N GLN A 130 6.98 -9.77 -3.48
CA GLN A 130 7.92 -10.76 -2.93
C GLN A 130 9.27 -10.07 -2.60
N ASN A 131 9.25 -8.72 -2.62
CA ASN A 131 10.43 -7.86 -2.44
C ASN A 131 10.68 -7.53 -0.96
N THR A 132 10.00 -8.28 -0.07
CA THR A 132 9.96 -8.00 1.37
C THR A 132 11.05 -8.79 2.12
N THR A 133 11.02 -10.12 2.04
CA THR A 133 11.98 -10.99 2.75
C THR A 133 13.41 -10.83 2.18
N THR A 134 14.38 -10.57 3.05
CA THR A 134 15.80 -10.45 2.69
C THR A 134 16.45 -11.87 2.51
N PRO A 3 -7.73 9.09 8.92
CA PRO A 3 -6.80 9.78 7.99
C PRO A 3 -5.99 8.76 7.16
N GLY A 4 -5.95 8.94 5.82
CA GLY A 4 -5.19 8.07 4.94
C GLY A 4 -5.28 8.49 3.50
N LEU A 5 -5.06 9.79 3.26
CA LEU A 5 -5.02 10.35 1.89
C LEU A 5 -3.74 9.88 1.17
N PHE A 6 -3.86 9.48 -0.12
CA PHE A 6 -2.74 8.91 -0.90
C PHE A 6 -2.14 9.95 -1.86
N GLY A 7 -0.80 9.90 -2.02
CA GLY A 7 -0.09 10.85 -2.89
C GLY A 7 0.23 10.26 -4.25
N GLY A 8 0.63 8.98 -4.27
CA GLY A 8 0.97 8.26 -5.51
C GLY A 8 2.31 8.68 -6.10
N PHE A 9 3.23 9.10 -5.22
CA PHE A 9 4.58 9.54 -5.60
C PHE A 9 5.48 8.33 -5.90
N GLY A 10 6.47 8.54 -6.77
CA GLY A 10 7.50 7.55 -7.05
C GLY A 10 7.19 6.61 -8.20
N SER A 11 8.25 5.96 -8.72
CA SER A 11 8.18 5.09 -9.92
C SER A 11 7.88 3.62 -9.54
N GLY A 12 7.94 2.73 -10.55
CA GLY A 12 7.77 1.30 -10.37
C GLY A 12 6.35 0.81 -10.61
N GLY A 13 6.12 -0.48 -10.37
CA GLY A 13 4.82 -1.10 -10.52
C GLY A 13 4.73 -2.37 -9.71
N SER A 14 4.94 -3.52 -10.37
CA SER A 14 4.86 -4.84 -9.74
C SER A 14 6.16 -5.17 -8.98
N GLY A 15 6.03 -5.71 -7.75
CA GLY A 15 7.17 -6.06 -6.90
C GLY A 15 7.40 -7.56 -6.83
N GLY A 16 7.19 -8.24 -7.98
CA GLY A 16 7.31 -9.70 -8.07
C GLY A 16 8.72 -10.17 -8.40
N SER A 17 9.69 -9.80 -7.54
CA SER A 17 11.10 -10.21 -7.66
C SER A 17 11.83 -9.91 -6.35
N GLY A 18 12.10 -10.96 -5.55
CA GLY A 18 12.80 -10.81 -4.28
C GLY A 18 13.21 -12.13 -3.67
N GLY A 19 13.90 -12.04 -2.51
CA GLY A 19 14.31 -13.24 -1.76
C GLY A 19 13.19 -13.78 -0.88
N SER A 20 13.53 -14.74 -0.01
CA SER A 20 12.59 -15.32 0.96
C SER A 20 13.33 -15.57 2.29
N GLY A 21 12.71 -15.13 3.39
CA GLY A 21 13.32 -15.18 4.71
C GLY A 21 12.54 -14.30 5.66
N VAL A 22 13.11 -13.13 6.02
CA VAL A 22 12.40 -12.10 6.79
C VAL A 22 12.65 -10.74 6.13
N THR A 23 11.76 -9.78 6.40
CA THR A 23 11.87 -8.43 5.86
C THR A 23 12.75 -7.56 6.77
N PRO A 24 13.72 -6.75 6.21
CA PRO A 24 14.60 -5.87 7.01
C PRO A 24 13.83 -4.67 7.58
N LEU A 25 12.71 -4.33 6.92
CA LEU A 25 11.93 -3.11 7.19
C LEU A 25 10.42 -3.43 7.30
N SER A 26 9.72 -2.69 8.17
CA SER A 26 8.28 -2.87 8.43
C SER A 26 7.45 -2.42 7.21
N LEU A 27 6.28 -3.04 7.00
CA LEU A 27 5.53 -2.90 5.72
C LEU A 27 4.34 -1.97 5.91
N GLY A 28 4.21 -0.95 5.04
CA GLY A 28 3.13 0.04 5.12
C GLY A 28 2.77 0.67 3.78
N VAL A 29 1.87 1.68 3.83
CA VAL A 29 1.37 2.40 2.63
C VAL A 29 1.81 3.86 2.68
N GLU A 30 1.89 4.50 1.50
CA GLU A 30 2.21 5.93 1.42
C GLU A 30 0.95 6.77 1.67
N THR A 31 1.15 7.87 2.40
CA THR A 31 0.17 8.93 2.55
C THR A 31 0.75 10.22 1.94
N LYS A 32 -0.13 11.05 1.37
CA LYS A 32 0.23 12.26 0.63
C LYS A 32 1.07 13.22 1.50
N GLY A 33 2.25 13.60 0.98
CA GLY A 33 3.26 14.35 1.73
C GLY A 33 4.56 13.56 1.86
N GLY A 34 4.47 12.23 1.60
CA GLY A 34 5.66 11.36 1.60
C GLY A 34 5.89 10.68 2.94
N VAL A 35 4.83 10.45 3.73
CA VAL A 35 4.91 9.75 5.03
C VAL A 35 4.29 8.36 4.89
N MET A 36 4.94 7.30 5.43
CA MET A 36 4.41 5.92 5.35
C MET A 36 3.67 5.55 6.66
N THR A 37 2.46 4.99 6.50
CA THR A 37 1.68 4.39 7.60
C THR A 37 1.98 2.89 7.67
N VAL A 38 2.72 2.46 8.71
CA VAL A 38 3.09 1.05 8.92
C VAL A 38 1.85 0.21 9.32
N LEU A 39 1.64 -0.93 8.64
CA LEU A 39 0.56 -1.88 8.95
C LEU A 39 1.14 -3.15 9.59
N ILE A 40 2.20 -3.70 8.98
CA ILE A 40 2.82 -4.95 9.43
C ILE A 40 4.21 -4.64 10.06
N PRO A 41 4.56 -5.24 11.24
CA PRO A 41 5.92 -5.13 11.83
C PRO A 41 6.97 -5.91 11.00
N ARG A 42 8.25 -5.54 11.15
CA ARG A 42 9.36 -6.18 10.40
C ARG A 42 9.80 -7.50 11.05
N ASN A 43 10.90 -8.09 10.51
CA ASN A 43 11.44 -9.41 10.94
C ASN A 43 10.38 -10.51 10.67
N THR A 44 9.56 -10.26 9.64
CA THR A 44 8.39 -11.07 9.30
C THR A 44 8.77 -12.50 8.89
N THR A 45 8.30 -13.47 9.68
CA THR A 45 8.57 -14.91 9.46
C THR A 45 7.27 -15.72 9.63
N ILE A 46 6.18 -15.04 10.00
CA ILE A 46 4.87 -15.66 10.30
C ILE A 46 3.74 -14.95 9.52
N PRO A 47 2.59 -15.65 9.24
CA PRO A 47 1.46 -15.03 8.51
C PRO A 47 0.76 -13.96 9.39
N THR A 48 0.43 -12.83 8.77
CA THR A 48 -0.10 -11.63 9.48
C THR A 48 -1.13 -10.94 8.58
N ARG A 49 -2.17 -10.34 9.15
CA ARG A 49 -3.15 -9.58 8.35
C ARG A 49 -3.58 -8.32 9.11
N LYS A 50 -3.25 -7.16 8.54
CA LYS A 50 -3.69 -5.84 9.04
C LYS A 50 -4.39 -5.11 7.91
N CYS A 51 -5.63 -4.68 8.17
CA CYS A 51 -6.43 -3.95 7.17
C CYS A 51 -6.98 -2.69 7.82
N GLU A 52 -6.83 -1.56 7.13
CA GLU A 52 -7.18 -0.24 7.64
C GLU A 52 -7.95 0.54 6.59
N ILE A 53 -8.96 1.27 7.07
CA ILE A 53 -9.86 2.05 6.23
C ILE A 53 -9.32 3.49 6.06
N PHE A 54 -8.88 3.82 4.84
CA PHE A 54 -8.16 5.09 4.53
C PHE A 54 -9.04 6.02 3.66
N THR A 55 -9.18 7.29 4.09
CA THR A 55 -9.94 8.31 3.31
C THR A 55 -8.99 9.28 2.59
N THR A 56 -9.23 9.45 1.28
CA THR A 56 -8.40 10.30 0.42
C THR A 56 -9.27 11.30 -0.34
N ALA A 57 -9.62 12.39 0.35
CA ALA A 57 -10.38 13.51 -0.22
C ALA A 57 -9.45 14.35 -1.10
N GLU A 58 -9.37 13.98 -2.38
CA GLU A 58 -8.52 14.64 -3.38
C GLU A 58 -9.38 15.33 -4.45
N HIS A 59 -8.80 16.40 -5.02
CA HIS A 59 -9.42 17.18 -6.09
C HIS A 59 -9.06 16.54 -7.45
N ASN A 60 -10.07 16.43 -8.36
CA ASN A 60 -9.91 15.88 -9.73
C ASN A 60 -9.48 14.39 -9.75
N GLN A 61 -9.69 13.65 -8.62
CA GLN A 61 -9.27 12.24 -8.52
C GLN A 61 -10.24 11.33 -9.32
N THR A 62 -9.69 10.63 -10.31
CA THR A 62 -10.44 9.65 -11.13
C THR A 62 -9.87 8.24 -10.88
N ALA A 63 -8.81 8.17 -10.08
CA ALA A 63 -8.12 6.93 -9.73
C ALA A 63 -7.39 7.11 -8.40
N VAL A 64 -7.30 6.02 -7.63
CA VAL A 64 -6.52 5.97 -6.39
C VAL A 64 -5.35 4.98 -6.57
N GLU A 65 -4.13 5.48 -6.39
CA GLU A 65 -2.90 4.68 -6.59
C GLU A 65 -2.13 4.54 -5.28
N ILE A 66 -2.18 3.33 -4.71
CA ILE A 66 -1.58 3.01 -3.42
C ILE A 66 -0.11 2.64 -3.68
N HIS A 67 0.79 3.47 -3.17
CA HIS A 67 2.23 3.26 -3.27
C HIS A 67 2.70 2.52 -2.00
N VAL A 68 3.02 1.24 -2.18
CA VAL A 68 3.44 0.34 -1.09
C VAL A 68 4.96 0.48 -0.83
N LEU A 69 5.35 0.66 0.45
CA LEU A 69 6.77 0.76 0.85
C LEU A 69 7.02 -0.08 2.11
N GLN A 70 8.31 -0.30 2.42
CA GLN A 70 8.76 -0.86 3.68
C GLN A 70 9.83 0.06 4.28
N GLY A 71 9.73 0.34 5.57
CA GLY A 71 10.70 1.17 6.26
C GLY A 71 10.55 1.09 7.77
N GLU A 72 11.67 1.30 8.46
CA GLU A 72 11.70 1.50 9.91
C GLU A 72 11.38 2.97 10.23
N ARG A 73 11.80 3.86 9.30
CA ARG A 73 11.62 5.31 9.40
C ARG A 73 10.18 5.71 8.98
N PRO A 74 9.62 6.83 9.53
CA PRO A 74 8.24 7.29 9.21
C PRO A 74 8.11 7.95 7.81
N MET A 75 9.25 8.30 7.16
CA MET A 75 9.25 9.00 5.86
C MET A 75 9.58 8.03 4.71
N ALA A 76 8.78 8.12 3.63
CA ALA A 76 8.96 7.34 2.37
C ALA A 76 10.34 7.57 1.74
N GLN A 77 10.94 8.76 1.99
CA GLN A 77 12.31 9.13 1.55
C GLN A 77 13.36 8.11 2.04
N ASP A 78 13.09 7.53 3.22
CA ASP A 78 13.99 6.59 3.88
C ASP A 78 13.42 5.16 3.85
N ASN A 79 12.39 4.92 3.03
CA ASN A 79 11.75 3.60 2.89
C ASN A 79 12.01 3.01 1.49
N LYS A 80 12.13 1.68 1.43
CA LYS A 80 12.27 0.94 0.17
C LYS A 80 10.88 0.79 -0.45
N SER A 81 10.67 1.40 -1.62
CA SER A 81 9.44 1.22 -2.40
C SER A 81 9.32 -0.26 -2.80
N LEU A 82 8.25 -0.89 -2.32
CA LEU A 82 7.93 -2.30 -2.58
C LEU A 82 7.23 -2.42 -3.94
N GLY A 83 6.36 -1.44 -4.19
CA GLY A 83 5.63 -1.35 -5.44
C GLY A 83 4.56 -0.29 -5.36
N ARG A 84 3.74 -0.23 -6.41
CA ARG A 84 2.57 0.64 -6.48
C ARG A 84 1.58 0.05 -7.46
N PHE A 85 0.28 0.27 -7.19
CA PHE A 85 -0.80 -0.16 -8.07
C PHE A 85 -1.92 0.87 -8.04
N ARG A 86 -2.59 1.04 -9.19
CA ARG A 86 -3.68 2.02 -9.33
C ARG A 86 -5.01 1.29 -9.50
N LEU A 87 -5.95 1.58 -8.58
CA LEU A 87 -7.35 1.23 -8.74
C LEU A 87 -8.06 2.42 -9.42
N GLU A 88 -8.46 2.21 -10.68
CA GLU A 88 -9.13 3.23 -11.49
C GLU A 88 -10.57 2.78 -11.77
N GLY A 89 -11.36 3.67 -12.37
CA GLY A 89 -12.79 3.43 -12.61
C GLY A 89 -13.65 4.34 -11.76
N ILE A 90 -12.98 5.06 -10.83
CA ILE A 90 -13.61 6.07 -9.98
C ILE A 90 -13.93 7.30 -10.85
N PRO A 91 -15.18 7.84 -10.81
CA PRO A 91 -15.56 9.10 -11.55
C PRO A 91 -14.63 10.30 -11.25
N PRO A 92 -14.47 11.27 -12.22
CA PRO A 92 -13.65 12.49 -12.02
C PRO A 92 -14.16 13.34 -10.81
N MET A 93 -13.47 13.16 -9.65
CA MET A 93 -13.81 13.72 -8.32
C MET A 93 -15.34 13.58 -8.00
N PRO A 94 -15.81 12.37 -7.57
CA PRO A 94 -17.24 12.12 -7.31
C PRO A 94 -17.65 12.63 -5.92
N ALA A 95 -18.51 13.66 -5.89
CA ALA A 95 -19.03 14.20 -4.63
C ALA A 95 -19.89 13.14 -3.93
N GLY A 96 -19.47 12.77 -2.71
CA GLY A 96 -20.08 11.66 -1.98
C GLY A 96 -19.22 10.41 -1.97
N VAL A 97 -17.96 10.52 -2.49
CA VAL A 97 -16.99 9.41 -2.44
C VAL A 97 -16.64 9.09 -0.96
N PRO A 98 -16.88 7.83 -0.47
CA PRO A 98 -16.58 7.46 0.91
C PRO A 98 -15.07 7.41 1.21
N GLN A 99 -14.45 6.21 1.05
CA GLN A 99 -13.05 5.97 1.48
C GLN A 99 -12.60 4.54 1.08
N ILE A 100 -11.31 4.40 0.74
CA ILE A 100 -10.72 3.16 0.17
C ILE A 100 -10.08 2.32 1.29
N GLU A 101 -10.49 1.05 1.43
CA GLU A 101 -9.93 0.13 2.42
C GLU A 101 -8.71 -0.61 1.83
N VAL A 102 -7.52 -0.41 2.43
CA VAL A 102 -6.30 -1.13 2.01
C VAL A 102 -6.00 -2.23 3.04
N CYS A 103 -5.69 -3.43 2.55
CA CYS A 103 -5.44 -4.60 3.36
C CYS A 103 -4.05 -5.16 3.04
N PHE A 104 -3.28 -5.41 4.09
CA PHE A 104 -1.96 -6.03 4.02
C PHE A 104 -2.05 -7.46 4.54
N ASP A 105 -1.89 -8.40 3.62
CA ASP A 105 -1.91 -9.83 3.92
C ASP A 105 -0.50 -10.40 3.73
N ILE A 106 0.06 -10.91 4.80
CA ILE A 106 1.40 -11.48 4.86
C ILE A 106 1.30 -13.01 4.97
N ASP A 107 2.13 -13.69 4.17
CA ASP A 107 2.24 -15.15 4.19
C ASP A 107 3.25 -15.57 5.27
N ALA A 108 3.34 -16.87 5.55
CA ALA A 108 4.36 -17.44 6.45
C ALA A 108 5.77 -17.23 5.89
N ASN A 109 5.89 -17.23 4.54
CA ASN A 109 7.15 -16.94 3.82
C ASN A 109 7.45 -15.42 3.82
N GLY A 110 6.49 -14.60 4.32
CA GLY A 110 6.65 -13.15 4.43
C GLY A 110 6.20 -12.40 3.19
N ILE A 111 5.53 -13.10 2.27
CA ILE A 111 5.05 -12.53 1.00
C ILE A 111 3.86 -11.59 1.25
N LEU A 112 3.96 -10.35 0.76
CA LEU A 112 2.95 -9.31 1.01
C LEU A 112 1.97 -9.18 -0.17
N HIS A 113 0.74 -9.58 0.05
CA HIS A 113 -0.38 -9.34 -0.85
C HIS A 113 -1.11 -8.08 -0.37
N VAL A 114 -1.00 -7.00 -1.15
CA VAL A 114 -1.69 -5.73 -0.86
C VAL A 114 -2.93 -5.65 -1.73
N THR A 115 -4.06 -5.21 -1.17
CA THR A 115 -5.28 -5.00 -1.95
C THR A 115 -6.01 -3.75 -1.45
N ALA A 116 -6.52 -2.95 -2.37
CA ALA A 116 -7.29 -1.73 -2.07
C ALA A 116 -8.65 -1.81 -2.75
N LYS A 117 -9.71 -1.48 -2.00
CA LYS A 117 -11.10 -1.58 -2.47
C LYS A 117 -11.83 -0.25 -2.24
N GLU A 118 -12.26 0.36 -3.34
CA GLU A 118 -13.06 1.60 -3.34
C GLU A 118 -14.51 1.28 -2.97
N ARG A 119 -15.05 2.04 -2.02
CA ARG A 119 -16.44 1.89 -1.55
C ARG A 119 -17.44 2.60 -2.48
N SER A 120 -16.95 3.59 -3.25
CA SER A 120 -17.76 4.35 -4.22
C SER A 120 -18.16 3.48 -5.41
N THR A 121 -17.23 2.63 -5.86
CA THR A 121 -17.40 1.80 -7.07
C THR A 121 -17.65 0.33 -6.70
N GLY A 122 -17.11 -0.10 -5.54
CA GLY A 122 -17.17 -1.50 -5.10
C GLY A 122 -16.08 -2.36 -5.73
N ARG A 123 -15.19 -1.70 -6.49
CA ARG A 123 -14.08 -2.34 -7.20
C ARG A 123 -12.87 -2.49 -6.28
N GLU A 124 -12.01 -3.45 -6.62
CA GLU A 124 -10.77 -3.74 -5.89
C GLU A 124 -9.62 -4.06 -6.84
N ALA A 125 -8.39 -3.99 -6.31
CA ALA A 125 -7.16 -4.25 -7.06
C ALA A 125 -6.11 -4.80 -6.08
N SER A 126 -5.30 -5.79 -6.51
CA SER A 126 -4.30 -6.43 -5.61
C SER A 126 -2.97 -6.72 -6.32
N ILE A 127 -1.88 -6.69 -5.53
CA ILE A 127 -0.50 -6.85 -6.02
C ILE A 127 0.26 -7.82 -5.08
N THR A 128 1.19 -8.61 -5.65
CA THR A 128 2.01 -9.56 -4.87
C THR A 128 3.46 -9.04 -4.80
N ILE A 129 3.87 -8.62 -3.60
CA ILE A 129 5.20 -8.10 -3.34
C ILE A 129 6.06 -9.23 -2.72
N GLN A 130 7.04 -9.69 -3.50
CA GLN A 130 7.98 -10.75 -3.11
C GLN A 130 9.31 -10.14 -2.63
N ASN A 131 9.52 -8.83 -2.92
CA ASN A 131 10.76 -8.10 -2.55
C ASN A 131 10.69 -7.50 -1.13
N THR A 132 9.69 -7.94 -0.34
CA THR A 132 9.60 -7.64 1.09
C THR A 132 10.75 -8.32 1.84
N THR A 133 10.74 -9.65 1.79
CA THR A 133 11.74 -10.49 2.45
C THR A 133 13.06 -10.44 1.69
N THR A 134 14.14 -10.06 2.41
CA THR A 134 15.47 -9.82 1.81
C THR A 134 16.03 -11.10 1.13
N PRO A 3 -7.15 11.10 8.31
CA PRO A 3 -6.81 11.48 6.92
C PRO A 3 -5.87 10.44 6.30
N GLY A 4 -6.25 9.90 5.12
CA GLY A 4 -5.46 8.89 4.43
C GLY A 4 -5.46 9.08 2.93
N LEU A 5 -5.53 10.36 2.51
CA LEU A 5 -5.50 10.77 1.10
C LEU A 5 -4.16 10.39 0.46
N PHE A 6 -4.22 9.73 -0.70
CA PHE A 6 -3.03 9.36 -1.48
C PHE A 6 -2.75 10.43 -2.53
N GLY A 7 -3.74 10.63 -3.43
CA GLY A 7 -3.59 11.49 -4.61
C GLY A 7 -3.40 10.68 -5.87
N GLY A 8 -2.86 9.46 -5.71
CA GLY A 8 -2.63 8.54 -6.82
C GLY A 8 -1.16 8.52 -7.23
N PHE A 9 -0.33 7.85 -6.40
CA PHE A 9 1.13 7.76 -6.63
C PHE A 9 1.45 6.72 -7.71
N GLY A 10 2.01 7.18 -8.83
CA GLY A 10 2.44 6.31 -9.94
C GLY A 10 3.94 6.14 -10.02
N SER A 11 4.66 6.68 -9.01
CA SER A 11 6.12 6.62 -8.94
C SER A 11 6.58 5.16 -8.68
N GLY A 12 7.09 4.52 -9.75
CA GLY A 12 7.60 3.15 -9.69
C GLY A 12 6.65 2.16 -10.36
N GLY A 13 6.71 0.90 -9.90
CA GLY A 13 5.88 -0.18 -10.44
C GLY A 13 5.91 -1.40 -9.53
N SER A 14 6.69 -2.43 -9.92
CA SER A 14 6.92 -3.66 -9.12
C SER A 14 7.88 -4.58 -9.91
N GLY A 15 8.74 -5.31 -9.19
CA GLY A 15 9.75 -6.16 -9.82
C GLY A 15 10.48 -7.02 -8.79
N GLY A 16 10.52 -8.34 -9.04
CA GLY A 16 11.13 -9.30 -8.11
C GLY A 16 11.40 -10.63 -8.79
N SER A 17 11.75 -11.65 -7.98
CA SER A 17 12.09 -13.01 -8.48
C SER A 17 11.42 -14.11 -7.62
N GLY A 18 11.45 -13.94 -6.28
CA GLY A 18 10.73 -14.83 -5.37
C GLY A 18 11.51 -15.11 -4.08
N GLY A 19 12.01 -14.04 -3.45
CA GLY A 19 12.75 -14.13 -2.17
C GLY A 19 11.86 -14.58 -1.01
N SER A 20 12.45 -15.29 -0.04
CA SER A 20 11.72 -15.84 1.13
C SER A 20 12.60 -15.77 2.40
N GLY A 21 11.97 -15.51 3.55
CA GLY A 21 12.65 -15.37 4.83
C GLY A 21 11.99 -14.30 5.67
N VAL A 22 12.74 -13.27 6.08
CA VAL A 22 12.20 -12.12 6.81
C VAL A 22 12.45 -10.84 6.03
N THR A 23 11.59 -9.84 6.23
CA THR A 23 11.81 -8.49 5.69
C THR A 23 12.64 -7.69 6.71
N PRO A 24 13.63 -6.86 6.26
CA PRO A 24 14.46 -6.06 7.17
C PRO A 24 13.74 -4.77 7.62
N LEU A 25 12.63 -4.45 6.91
CA LEU A 25 11.91 -3.18 7.04
C LEU A 25 10.39 -3.42 7.08
N SER A 26 9.70 -2.71 7.98
CA SER A 26 8.25 -2.83 8.23
C SER A 26 7.42 -2.35 7.02
N LEU A 27 6.23 -2.95 6.83
CA LEU A 27 5.46 -2.79 5.58
C LEU A 27 4.29 -1.81 5.81
N GLY A 28 4.18 -0.81 4.93
CA GLY A 28 3.15 0.21 5.01
C GLY A 28 2.90 0.91 3.68
N VAL A 29 2.07 1.95 3.70
CA VAL A 29 1.68 2.71 2.49
C VAL A 29 2.21 4.13 2.58
N GLU A 30 2.22 4.83 1.44
CA GLU A 30 2.56 6.24 1.38
C GLU A 30 1.25 7.04 1.32
N THR A 31 1.20 8.11 2.10
CA THR A 31 0.09 9.06 2.08
C THR A 31 0.65 10.42 1.62
N LYS A 32 -0.26 11.32 1.23
CA LYS A 32 0.03 12.64 0.67
C LYS A 32 0.93 13.43 1.66
N GLY A 33 2.11 13.87 1.19
CA GLY A 33 3.06 14.64 2.03
C GLY A 33 4.37 13.90 2.32
N GLY A 34 4.45 12.62 1.92
CA GLY A 34 5.69 11.83 2.07
C GLY A 34 5.80 11.12 3.40
N VAL A 35 4.66 10.91 4.07
CA VAL A 35 4.58 10.17 5.35
C VAL A 35 4.08 8.74 5.06
N MET A 36 4.64 7.74 5.77
CA MET A 36 4.26 6.33 5.62
C MET A 36 3.39 5.88 6.82
N THR A 37 2.31 5.13 6.51
CA THR A 37 1.47 4.50 7.53
C THR A 37 1.80 2.99 7.56
N VAL A 38 2.51 2.55 8.61
CA VAL A 38 2.95 1.16 8.77
C VAL A 38 1.81 0.29 9.32
N LEU A 39 1.47 -0.81 8.61
CA LEU A 39 0.42 -1.77 9.00
C LEU A 39 1.03 -3.04 9.60
N ILE A 40 2.08 -3.55 8.93
CA ILE A 40 2.78 -4.78 9.35
C ILE A 40 4.18 -4.42 9.88
N PRO A 41 4.62 -4.97 11.06
CA PRO A 41 6.01 -4.80 11.53
C PRO A 41 6.99 -5.69 10.72
N ARG A 42 8.29 -5.38 10.82
CA ARG A 42 9.35 -6.15 10.14
C ARG A 42 9.67 -7.46 10.88
N ASN A 43 10.79 -8.11 10.45
CA ASN A 43 11.25 -9.41 10.99
C ASN A 43 10.24 -10.52 10.63
N THR A 44 9.50 -10.27 9.55
CA THR A 44 8.33 -11.06 9.15
C THR A 44 8.68 -12.49 8.72
N THR A 45 8.19 -13.49 9.48
CA THR A 45 8.48 -14.92 9.23
C THR A 45 7.20 -15.78 9.38
N ILE A 46 6.10 -15.13 9.78
CA ILE A 46 4.79 -15.75 10.01
C ILE A 46 3.71 -15.03 9.17
N PRO A 47 2.55 -15.69 8.85
CA PRO A 47 1.47 -15.01 8.13
C PRO A 47 0.70 -14.05 9.06
N THR A 48 0.40 -12.85 8.56
CA THR A 48 -0.37 -11.84 9.32
C THR A 48 -1.17 -10.97 8.36
N ARG A 49 -2.37 -10.54 8.77
CA ARG A 49 -3.22 -9.67 7.96
C ARG A 49 -3.70 -8.50 8.81
N LYS A 50 -3.46 -7.29 8.30
CA LYS A 50 -3.91 -6.04 8.88
C LYS A 50 -4.66 -5.24 7.81
N CYS A 51 -5.72 -4.55 8.22
CA CYS A 51 -6.55 -3.74 7.33
C CYS A 51 -6.71 -2.35 7.95
N GLU A 52 -6.67 -1.31 7.12
CA GLU A 52 -6.77 0.08 7.56
C GLU A 52 -7.56 0.88 6.53
N ILE A 53 -8.41 1.78 7.03
CA ILE A 53 -9.33 2.58 6.21
C ILE A 53 -8.72 3.99 6.01
N PHE A 54 -8.68 4.46 4.75
CA PHE A 54 -8.00 5.71 4.37
C PHE A 54 -8.98 6.62 3.59
N THR A 55 -9.11 7.90 3.98
CA THR A 55 -10.05 8.84 3.33
C THR A 55 -9.28 9.78 2.39
N THR A 56 -9.75 9.87 1.14
CA THR A 56 -9.08 10.63 0.09
C THR A 56 -9.88 11.92 -0.23
N ALA A 57 -9.46 13.04 0.40
CA ALA A 57 -9.99 14.38 0.13
C ALA A 57 -9.19 15.01 -1.04
N GLU A 58 -9.14 14.28 -2.16
CA GLU A 58 -8.36 14.66 -3.36
C GLU A 58 -9.33 14.97 -4.50
N HIS A 59 -9.00 16.01 -5.28
CA HIS A 59 -9.81 16.49 -6.41
C HIS A 59 -9.44 15.73 -7.70
N ASN A 60 -10.43 15.60 -8.60
CA ASN A 60 -10.25 15.07 -9.97
C ASN A 60 -9.76 13.61 -9.96
N GLN A 61 -10.15 12.88 -8.89
CA GLN A 61 -9.81 11.46 -8.74
C GLN A 61 -10.56 10.62 -9.81
N THR A 62 -9.77 9.90 -10.61
CA THR A 62 -10.25 8.89 -11.58
C THR A 62 -9.78 7.49 -11.10
N ALA A 63 -8.80 7.51 -10.19
CA ALA A 63 -8.14 6.32 -9.66
C ALA A 63 -7.52 6.62 -8.29
N VAL A 64 -7.34 5.57 -7.48
CA VAL A 64 -6.49 5.60 -6.27
C VAL A 64 -5.29 4.66 -6.51
N GLU A 65 -4.07 5.20 -6.40
CA GLU A 65 -2.84 4.43 -6.57
C GLU A 65 -2.11 4.36 -5.22
N ILE A 66 -2.14 3.17 -4.62
CA ILE A 66 -1.56 2.91 -3.31
C ILE A 66 -0.08 2.57 -3.52
N HIS A 67 0.81 3.43 -2.99
CA HIS A 67 2.26 3.25 -3.08
C HIS A 67 2.74 2.52 -1.83
N VAL A 68 3.14 1.26 -2.00
CA VAL A 68 3.60 0.37 -0.93
C VAL A 68 5.13 0.50 -0.77
N LEU A 69 5.58 0.76 0.47
CA LEU A 69 7.01 0.83 0.81
C LEU A 69 7.27 -0.06 2.03
N GLN A 70 8.55 -0.31 2.29
CA GLN A 70 9.01 -0.91 3.53
C GLN A 70 10.11 -0.03 4.11
N GLY A 71 10.03 0.22 5.43
CA GLY A 71 10.99 1.06 6.11
C GLY A 71 10.84 0.96 7.61
N GLU A 72 11.27 2.01 8.29
CA GLU A 72 11.27 2.09 9.76
C GLU A 72 10.98 3.52 10.23
N ARG A 73 11.39 4.50 9.39
CA ARG A 73 11.22 5.93 9.67
C ARG A 73 9.80 6.36 9.27
N PRO A 74 9.09 7.22 10.09
CA PRO A 74 7.72 7.73 9.78
C PRO A 74 7.63 8.45 8.41
N MET A 75 8.78 8.89 7.87
CA MET A 75 8.88 9.49 6.53
C MET A 75 9.30 8.44 5.50
N ALA A 76 8.56 8.40 4.36
CA ALA A 76 8.82 7.52 3.20
C ALA A 76 10.21 7.81 2.56
N GLN A 77 10.77 9.00 2.88
CA GLN A 77 12.08 9.50 2.37
C GLN A 77 13.23 8.53 2.67
N ASP A 78 13.13 7.83 3.80
CA ASP A 78 14.19 6.92 4.29
C ASP A 78 13.76 5.45 4.18
N ASN A 79 12.67 5.21 3.43
CA ASN A 79 12.06 3.87 3.28
C ASN A 79 12.23 3.39 1.84
N LYS A 80 12.51 2.10 1.67
CA LYS A 80 12.73 1.48 0.36
C LYS A 80 11.37 1.16 -0.26
N SER A 81 11.06 1.80 -1.40
CA SER A 81 9.78 1.63 -2.11
C SER A 81 9.66 0.21 -2.71
N LEU A 82 8.59 -0.52 -2.35
CA LEU A 82 8.32 -1.89 -2.85
C LEU A 82 7.57 -1.86 -4.18
N GLY A 83 6.64 -0.92 -4.31
CA GLY A 83 5.88 -0.75 -5.54
C GLY A 83 4.68 0.15 -5.36
N ARG A 84 3.83 0.19 -6.39
CA ARG A 84 2.51 0.82 -6.34
C ARG A 84 1.54 0.04 -7.24
N PHE A 85 0.24 0.11 -6.93
CA PHE A 85 -0.81 -0.47 -7.79
C PHE A 85 -2.00 0.49 -7.82
N ARG A 86 -2.69 0.51 -8.96
CA ARG A 86 -3.79 1.44 -9.23
C ARG A 86 -5.12 0.69 -9.27
N LEU A 87 -6.05 1.13 -8.43
CA LEU A 87 -7.47 0.79 -8.54
C LEU A 87 -8.11 1.97 -9.30
N GLU A 88 -8.52 1.72 -10.54
CA GLU A 88 -9.13 2.72 -11.43
C GLU A 88 -10.60 2.38 -11.69
N GLY A 89 -11.31 3.30 -12.34
CA GLY A 89 -12.74 3.14 -12.63
C GLY A 89 -13.60 4.04 -11.77
N ILE A 90 -12.94 4.96 -11.03
CA ILE A 90 -13.59 5.93 -10.14
C ILE A 90 -14.13 7.10 -11.01
N PRO A 91 -15.41 7.56 -10.78
CA PRO A 91 -15.97 8.75 -11.47
C PRO A 91 -15.05 10.00 -11.34
N PRO A 92 -14.53 10.57 -12.49
CA PRO A 92 -13.65 11.77 -12.50
C PRO A 92 -14.17 12.92 -11.60
N MET A 93 -13.44 13.15 -10.49
CA MET A 93 -13.84 14.10 -9.41
C MET A 93 -15.14 13.59 -8.74
N PRO A 94 -15.05 12.51 -7.89
CA PRO A 94 -16.23 11.86 -7.31
C PRO A 94 -16.81 12.68 -6.14
N ALA A 95 -17.90 13.44 -6.43
CA ALA A 95 -18.60 14.23 -5.42
C ALA A 95 -19.30 13.26 -4.45
N GLY A 96 -18.89 13.29 -3.16
CA GLY A 96 -19.33 12.30 -2.17
C GLY A 96 -18.31 11.20 -1.96
N VAL A 97 -17.05 11.43 -2.41
CA VAL A 97 -15.93 10.44 -2.34
C VAL A 97 -15.76 9.83 -0.92
N PRO A 98 -15.80 8.47 -0.79
CA PRO A 98 -15.68 7.77 0.50
C PRO A 98 -14.23 7.34 0.82
N GLN A 99 -14.12 6.39 1.76
CA GLN A 99 -12.83 5.87 2.25
C GLN A 99 -12.47 4.55 1.53
N ILE A 100 -11.21 4.43 1.11
CA ILE A 100 -10.67 3.21 0.47
C ILE A 100 -10.03 2.31 1.55
N GLU A 101 -10.43 1.02 1.55
CA GLU A 101 -9.93 0.01 2.47
C GLU A 101 -8.65 -0.62 1.90
N VAL A 102 -7.49 -0.29 2.48
CA VAL A 102 -6.20 -0.88 2.10
C VAL A 102 -5.79 -1.92 3.16
N CYS A 103 -5.59 -3.16 2.71
CA CYS A 103 -5.26 -4.29 3.57
C CYS A 103 -3.91 -4.87 3.14
N PHE A 104 -3.05 -5.08 4.14
CA PHE A 104 -1.76 -5.75 3.98
C PHE A 104 -1.89 -7.17 4.52
N ASP A 105 -1.87 -8.12 3.59
CA ASP A 105 -1.82 -9.55 3.89
C ASP A 105 -0.38 -10.03 3.71
N ILE A 106 0.07 -10.88 4.61
CA ILE A 106 1.45 -11.39 4.66
C ILE A 106 1.40 -12.90 4.77
N ASP A 107 2.27 -13.57 3.99
CA ASP A 107 2.40 -15.03 3.97
C ASP A 107 3.45 -15.46 5.02
N ALA A 108 3.49 -16.76 5.31
CA ALA A 108 4.48 -17.38 6.22
C ALA A 108 5.90 -17.32 5.64
N ASN A 109 5.99 -17.18 4.31
CA ASN A 109 7.27 -17.09 3.59
C ASN A 109 7.79 -15.62 3.55
N GLY A 110 7.00 -14.69 4.13
CA GLY A 110 7.38 -13.27 4.19
C GLY A 110 6.99 -12.50 2.93
N ILE A 111 6.04 -13.10 2.17
CA ILE A 111 5.56 -12.55 0.89
C ILE A 111 4.44 -11.54 1.17
N LEU A 112 4.54 -10.34 0.57
CA LEU A 112 3.56 -9.26 0.82
C LEU A 112 2.48 -9.25 -0.26
N HIS A 113 1.26 -9.57 0.13
CA HIS A 113 0.07 -9.48 -0.71
C HIS A 113 -0.78 -8.28 -0.25
N VAL A 114 -0.82 -7.19 -1.03
CA VAL A 114 -1.62 -6.00 -0.70
C VAL A 114 -2.88 -5.97 -1.58
N THR A 115 -3.99 -5.47 -1.04
CA THR A 115 -5.23 -5.26 -1.78
C THR A 115 -5.90 -3.97 -1.29
N ALA A 116 -6.48 -3.20 -2.21
CA ALA A 116 -7.27 -2.00 -1.90
C ALA A 116 -8.70 -2.19 -2.41
N LYS A 117 -9.66 -1.51 -1.77
CA LYS A 117 -11.08 -1.60 -2.12
C LYS A 117 -11.70 -0.19 -2.12
N GLU A 118 -12.15 0.26 -3.30
CA GLU A 118 -12.86 1.53 -3.48
C GLU A 118 -14.34 1.30 -3.19
N ARG A 119 -14.93 2.14 -2.33
CA ARG A 119 -16.32 2.00 -1.90
C ARG A 119 -17.30 2.62 -2.91
N SER A 120 -16.89 3.73 -3.58
CA SER A 120 -17.76 4.47 -4.53
C SER A 120 -18.20 3.58 -5.70
N THR A 121 -17.24 2.79 -6.21
CA THR A 121 -17.46 1.86 -7.31
C THR A 121 -17.80 0.45 -6.78
N GLY A 122 -17.25 0.12 -5.59
CA GLY A 122 -17.36 -1.23 -5.00
C GLY A 122 -16.19 -2.13 -5.40
N ARG A 123 -15.35 -1.62 -6.32
CA ARG A 123 -14.28 -2.36 -6.99
C ARG A 123 -13.09 -2.59 -6.04
N GLU A 124 -12.34 -3.66 -6.31
CA GLU A 124 -11.18 -4.04 -5.49
C GLU A 124 -10.08 -4.68 -6.37
N ALA A 125 -8.82 -4.42 -6.00
CA ALA A 125 -7.64 -4.82 -6.80
C ALA A 125 -6.49 -5.20 -5.85
N SER A 126 -5.71 -6.23 -6.22
CA SER A 126 -4.62 -6.77 -5.39
C SER A 126 -3.30 -6.89 -6.19
N ILE A 127 -2.20 -7.09 -5.45
CA ILE A 127 -0.85 -7.28 -6.00
C ILE A 127 -0.03 -8.13 -5.00
N THR A 128 0.90 -8.96 -5.50
CA THR A 128 1.78 -9.78 -4.65
C THR A 128 3.26 -9.47 -4.94
N ILE A 129 3.91 -8.87 -3.95
CA ILE A 129 5.33 -8.50 -3.95
C ILE A 129 6.12 -9.64 -3.30
N GLN A 130 6.93 -10.33 -4.12
CA GLN A 130 7.69 -11.54 -3.70
C GLN A 130 9.18 -11.21 -3.50
N ASN A 131 9.46 -9.92 -3.29
CA ASN A 131 10.84 -9.39 -3.08
C ASN A 131 10.86 -8.52 -1.81
N THR A 132 9.89 -8.78 -0.93
CA THR A 132 9.69 -8.04 0.32
C THR A 132 10.82 -8.38 1.33
N THR A 133 11.25 -9.64 1.31
CA THR A 133 12.28 -10.16 2.21
C THR A 133 13.69 -9.66 1.82
N THR A 134 14.62 -9.75 2.80
CA THR A 134 16.01 -9.31 2.64
C THR A 134 16.77 -10.24 1.65
N PRO A 3 -7.29 12.78 6.74
CA PRO A 3 -5.86 12.81 7.14
C PRO A 3 -5.02 11.95 6.18
N GLY A 4 -5.27 10.62 6.20
CA GLY A 4 -4.49 9.65 5.43
C GLY A 4 -4.92 9.54 3.98
N LEU A 5 -4.45 10.49 3.16
CA LEU A 5 -4.52 10.40 1.69
C LEU A 5 -3.17 9.90 1.16
N PHE A 6 -3.20 9.11 0.08
CA PHE A 6 -2.01 8.43 -0.46
C PHE A 6 -1.03 9.44 -1.13
N GLY A 7 0.24 9.00 -1.26
CA GLY A 7 1.33 9.85 -1.75
C GLY A 7 1.14 10.36 -3.16
N GLY A 8 0.46 9.57 -3.99
CA GLY A 8 0.23 9.90 -5.39
C GLY A 8 1.05 8.99 -6.29
N PHE A 9 1.87 9.58 -7.17
CA PHE A 9 2.65 8.85 -8.19
C PHE A 9 3.59 7.84 -7.51
N GLY A 10 3.35 6.55 -7.79
CA GLY A 10 4.10 5.46 -7.19
C GLY A 10 5.48 5.29 -7.81
N SER A 11 6.49 5.88 -7.16
CA SER A 11 7.90 5.74 -7.56
C SER A 11 8.39 4.29 -7.34
N GLY A 12 8.43 3.50 -8.43
CA GLY A 12 8.78 2.07 -8.37
C GLY A 12 7.54 1.22 -8.59
N GLY A 13 7.53 0.45 -9.71
CA GLY A 13 6.36 -0.29 -10.17
C GLY A 13 6.01 -1.50 -9.31
N SER A 14 6.98 -2.44 -9.18
CA SER A 14 6.82 -3.69 -8.41
C SER A 14 8.17 -4.43 -8.26
N GLY A 15 8.16 -5.52 -7.48
CA GLY A 15 9.31 -6.40 -7.30
C GLY A 15 8.86 -7.81 -6.93
N GLY A 16 8.21 -8.47 -7.90
CA GLY A 16 7.70 -9.84 -7.72
C GLY A 16 8.72 -10.89 -8.16
N SER A 17 9.71 -11.15 -7.30
CA SER A 17 10.81 -12.11 -7.59
C SER A 17 11.00 -13.09 -6.41
N GLY A 18 11.94 -14.05 -6.54
CA GLY A 18 12.14 -15.13 -5.56
C GLY A 18 12.69 -14.65 -4.20
N GLY A 19 11.79 -14.15 -3.35
CA GLY A 19 12.11 -13.72 -1.99
C GLY A 19 11.41 -14.57 -0.95
N SER A 20 12.07 -14.79 0.20
CA SER A 20 11.55 -15.67 1.27
C SER A 20 12.19 -15.30 2.62
N GLY A 21 11.76 -15.96 3.70
CA GLY A 21 12.28 -15.72 5.04
C GLY A 21 11.54 -14.59 5.72
N VAL A 22 12.27 -13.54 6.13
CA VAL A 22 11.68 -12.38 6.83
C VAL A 22 11.90 -11.10 6.06
N THR A 23 11.05 -10.11 6.33
CA THR A 23 11.22 -8.74 5.85
C THR A 23 12.17 -7.97 6.82
N PRO A 24 13.21 -7.25 6.31
CA PRO A 24 14.15 -6.49 7.16
C PRO A 24 13.60 -5.13 7.64
N LEU A 25 12.54 -4.64 6.95
CA LEU A 25 11.95 -3.31 7.21
C LEU A 25 10.42 -3.43 7.24
N SER A 26 9.78 -2.70 8.17
CA SER A 26 8.33 -2.76 8.42
C SER A 26 7.53 -2.21 7.21
N LEU A 27 6.33 -2.74 6.96
CA LEU A 27 5.61 -2.55 5.68
C LEU A 27 4.45 -1.56 5.86
N GLY A 28 4.41 -0.53 5.00
CA GLY A 28 3.39 0.52 5.07
C GLY A 28 3.15 1.19 3.72
N VAL A 29 2.31 2.24 3.72
CA VAL A 29 1.94 2.99 2.50
C VAL A 29 2.43 4.45 2.64
N GLU A 30 2.94 5.00 1.53
CA GLU A 30 3.25 6.42 1.43
C GLU A 30 1.94 7.23 1.42
N THR A 31 1.91 8.22 2.28
CA THR A 31 0.83 9.20 2.38
C THR A 31 1.44 10.59 2.06
N LYS A 32 0.67 11.41 1.32
CA LYS A 32 1.15 12.68 0.75
C LYS A 32 1.61 13.64 1.87
N GLY A 33 2.82 14.19 1.69
CA GLY A 33 3.56 14.89 2.75
C GLY A 33 4.93 14.24 2.92
N GLY A 34 5.02 12.95 2.55
CA GLY A 34 6.27 12.19 2.59
C GLY A 34 6.42 11.34 3.84
N VAL A 35 5.27 10.99 4.46
CA VAL A 35 5.22 10.12 5.65
C VAL A 35 4.73 8.72 5.22
N MET A 36 5.17 7.66 5.91
CA MET A 36 4.67 6.28 5.69
C MET A 36 3.75 5.88 6.88
N THR A 37 2.61 5.25 6.56
CA THR A 37 1.70 4.66 7.55
C THR A 37 1.93 3.14 7.56
N VAL A 38 2.59 2.64 8.61
CA VAL A 38 2.99 1.21 8.71
C VAL A 38 1.84 0.33 9.21
N LEU A 39 1.50 -0.74 8.44
CA LEU A 39 0.48 -1.74 8.82
C LEU A 39 1.13 -2.97 9.48
N ILE A 40 2.19 -3.49 8.85
CA ILE A 40 2.85 -4.74 9.31
C ILE A 40 4.23 -4.42 9.90
N PRO A 41 4.61 -4.99 11.09
CA PRO A 41 5.99 -4.91 11.61
C PRO A 41 6.98 -5.74 10.76
N ARG A 42 8.29 -5.51 10.95
CA ARG A 42 9.34 -6.31 10.30
C ARG A 42 9.62 -7.61 11.07
N ASN A 43 10.61 -8.37 10.57
CA ASN A 43 10.99 -9.72 11.04
C ASN A 43 9.87 -10.74 10.79
N THR A 44 8.92 -10.40 9.89
CA THR A 44 7.74 -11.23 9.61
C THR A 44 8.07 -12.34 8.59
N THR A 45 7.88 -13.59 9.03
CA THR A 45 8.05 -14.81 8.23
C THR A 45 6.73 -15.58 8.17
N ILE A 46 5.80 -15.25 9.08
CA ILE A 46 4.54 -15.98 9.30
C ILE A 46 3.35 -15.21 8.68
N PRO A 47 2.20 -15.89 8.33
CA PRO A 47 1.06 -15.22 7.69
C PRO A 47 0.38 -14.22 8.64
N THR A 48 0.07 -13.04 8.11
CA THR A 48 -0.51 -11.91 8.88
C THR A 48 -1.52 -11.18 7.98
N ARG A 49 -2.52 -10.54 8.59
CA ARG A 49 -3.41 -9.62 7.85
C ARG A 49 -3.75 -8.41 8.73
N LYS A 50 -3.69 -7.22 8.13
CA LYS A 50 -4.08 -5.96 8.77
C LYS A 50 -4.75 -5.09 7.72
N CYS A 51 -5.81 -4.36 8.09
CA CYS A 51 -6.52 -3.47 7.17
C CYS A 51 -6.70 -2.09 7.82
N GLU A 52 -6.40 -1.02 7.05
CA GLU A 52 -6.54 0.38 7.53
C GLU A 52 -7.41 1.16 6.54
N ILE A 53 -8.28 2.00 7.08
CA ILE A 53 -9.28 2.75 6.31
C ILE A 53 -8.73 4.18 6.02
N PHE A 54 -8.38 4.43 4.74
CA PHE A 54 -7.78 5.72 4.29
C PHE A 54 -8.82 6.55 3.51
N THR A 55 -8.69 7.89 3.56
CA THR A 55 -9.57 8.81 2.80
C THR A 55 -8.73 9.73 1.88
N THR A 56 -9.14 9.82 0.61
CA THR A 56 -8.50 10.66 -0.40
C THR A 56 -9.57 11.17 -1.38
N ALA A 57 -9.75 12.49 -1.42
CA ALA A 57 -10.70 13.17 -2.31
C ALA A 57 -9.97 14.32 -3.00
N GLU A 58 -9.53 14.07 -4.24
CA GLU A 58 -8.71 15.01 -5.04
C GLU A 58 -9.53 15.52 -6.23
N HIS A 59 -9.15 16.69 -6.79
CA HIS A 59 -9.86 17.30 -7.93
C HIS A 59 -9.72 16.41 -9.18
N ASN A 60 -10.88 16.07 -9.79
CA ASN A 60 -10.96 15.19 -10.99
C ASN A 60 -10.24 13.84 -10.72
N GLN A 61 -10.40 13.32 -9.46
CA GLN A 61 -9.78 12.06 -9.07
C GLN A 61 -10.47 10.92 -9.84
N THR A 62 -9.68 10.21 -10.64
CA THR A 62 -10.14 9.17 -11.57
C THR A 62 -9.92 7.79 -10.92
N ALA A 63 -8.71 7.62 -10.42
CA ALA A 63 -8.23 6.35 -9.88
C ALA A 63 -7.20 6.66 -8.80
N VAL A 64 -7.11 5.78 -7.80
CA VAL A 64 -6.29 6.00 -6.61
C VAL A 64 -5.11 5.02 -6.64
N GLU A 65 -3.87 5.55 -6.69
CA GLU A 65 -2.66 4.71 -6.76
C GLU A 65 -1.94 4.72 -5.40
N ILE A 66 -1.78 3.50 -4.87
CA ILE A 66 -1.26 3.23 -3.55
C ILE A 66 0.18 2.76 -3.68
N HIS A 67 1.09 3.54 -3.09
CA HIS A 67 2.53 3.30 -3.17
C HIS A 67 2.98 2.63 -1.87
N VAL A 68 3.35 1.34 -1.96
CA VAL A 68 3.76 0.53 -0.80
C VAL A 68 5.31 0.50 -0.72
N LEU A 69 5.82 0.78 0.49
CA LEU A 69 7.25 0.80 0.81
C LEU A 69 7.50 0.00 2.10
N GLN A 70 8.77 -0.34 2.36
CA GLN A 70 9.19 -0.91 3.64
C GLN A 70 10.23 0.01 4.29
N GLY A 71 10.00 0.33 5.56
CA GLY A 71 10.94 1.07 6.36
C GLY A 71 10.52 1.20 7.81
N GLU A 72 11.53 1.30 8.69
CA GLU A 72 11.34 1.60 10.12
C GLU A 72 11.08 3.12 10.30
N ARG A 73 11.71 3.93 9.42
CA ARG A 73 11.66 5.41 9.47
C ARG A 73 10.25 5.93 9.16
N PRO A 74 9.74 6.96 9.92
CA PRO A 74 8.38 7.52 9.70
C PRO A 74 8.26 8.30 8.37
N MET A 75 9.41 8.68 7.78
CA MET A 75 9.47 9.34 6.46
C MET A 75 9.63 8.31 5.34
N ALA A 76 8.70 8.33 4.37
CA ALA A 76 8.66 7.41 3.22
C ALA A 76 9.89 7.54 2.30
N GLN A 77 10.53 8.75 2.29
CA GLN A 77 11.78 8.99 1.52
C GLN A 77 12.92 8.08 2.01
N ASP A 78 12.89 7.74 3.31
CA ASP A 78 13.88 6.87 3.96
C ASP A 78 13.42 5.40 3.97
N ASN A 79 12.38 5.09 3.18
CA ASN A 79 11.85 3.72 3.01
C ASN A 79 12.20 3.21 1.61
N LYS A 80 12.38 1.87 1.49
CA LYS A 80 12.59 1.19 0.20
C LYS A 80 11.26 1.00 -0.51
N SER A 81 11.09 1.67 -1.66
CA SER A 81 9.92 1.52 -2.51
C SER A 81 9.79 0.07 -3.01
N LEU A 82 8.73 -0.63 -2.55
CA LEU A 82 8.48 -2.04 -2.89
C LEU A 82 7.71 -2.15 -4.21
N GLY A 83 6.70 -1.28 -4.34
CA GLY A 83 5.87 -1.26 -5.53
C GLY A 83 4.66 -0.37 -5.34
N ARG A 84 3.76 -0.42 -6.33
CA ARG A 84 2.51 0.36 -6.32
C ARG A 84 1.46 -0.34 -7.18
N PHE A 85 0.19 -0.08 -6.86
CA PHE A 85 -0.95 -0.59 -7.65
C PHE A 85 -2.05 0.49 -7.65
N ARG A 86 -2.75 0.63 -8.78
CA ARG A 86 -3.77 1.68 -8.92
C ARG A 86 -5.17 1.03 -8.97
N LEU A 87 -6.04 1.50 -8.07
CA LEU A 87 -7.44 1.12 -7.98
C LEU A 87 -8.27 2.02 -8.91
N GLU A 88 -8.79 1.42 -9.98
CA GLU A 88 -9.52 2.12 -11.04
C GLU A 88 -11.01 1.73 -11.01
N GLY A 89 -11.84 2.46 -11.79
CA GLY A 89 -13.29 2.24 -11.82
C GLY A 89 -14.06 3.22 -10.95
N ILE A 90 -13.31 4.15 -10.31
CA ILE A 90 -13.87 5.29 -9.56
C ILE A 90 -14.25 6.40 -10.59
N PRO A 91 -15.46 7.04 -10.48
CA PRO A 91 -15.85 8.18 -11.37
C PRO A 91 -14.88 9.39 -11.21
N PRO A 92 -14.27 9.90 -12.34
CA PRO A 92 -13.48 11.17 -12.34
C PRO A 92 -14.22 12.31 -11.64
N MET A 93 -13.65 12.77 -10.49
CA MET A 93 -14.32 13.66 -9.52
C MET A 93 -15.52 12.91 -8.91
N PRO A 94 -15.27 12.04 -7.88
CA PRO A 94 -16.34 11.28 -7.20
C PRO A 94 -16.96 12.07 -6.02
N ALA A 95 -18.03 12.84 -6.31
CA ALA A 95 -18.78 13.57 -5.28
C ALA A 95 -19.54 12.58 -4.38
N GLY A 96 -19.22 12.58 -3.07
CA GLY A 96 -19.80 11.61 -2.13
C GLY A 96 -18.98 10.33 -1.97
N VAL A 97 -17.71 10.36 -2.47
CA VAL A 97 -16.79 9.21 -2.39
C VAL A 97 -16.55 8.77 -0.92
N PRO A 98 -16.79 7.47 -0.57
CA PRO A 98 -16.40 6.89 0.72
C PRO A 98 -14.88 6.69 0.82
N GLN A 99 -14.45 6.13 1.95
CA GLN A 99 -13.04 5.91 2.26
C GLN A 99 -12.59 4.56 1.66
N ILE A 100 -11.37 4.54 1.10
CA ILE A 100 -10.77 3.36 0.46
C ILE A 100 -9.96 2.59 1.54
N GLU A 101 -10.42 1.38 1.88
CA GLU A 101 -9.73 0.51 2.84
C GLU A 101 -8.67 -0.34 2.12
N VAL A 102 -7.45 -0.34 2.65
CA VAL A 102 -6.33 -1.16 2.15
C VAL A 102 -6.09 -2.31 3.13
N CYS A 103 -5.60 -3.45 2.62
CA CYS A 103 -5.25 -4.61 3.43
C CYS A 103 -3.83 -5.05 3.05
N PHE A 104 -2.98 -5.22 4.06
CA PHE A 104 -1.64 -5.81 3.95
C PHE A 104 -1.73 -7.26 4.44
N ASP A 105 -1.60 -8.20 3.50
CA ASP A 105 -1.71 -9.63 3.80
C ASP A 105 -0.35 -10.29 3.54
N ILE A 106 0.27 -10.78 4.61
CA ILE A 106 1.57 -11.47 4.59
C ILE A 106 1.34 -12.98 4.52
N ASP A 107 2.17 -13.67 3.72
CA ASP A 107 2.13 -15.14 3.56
C ASP A 107 3.05 -15.81 4.60
N ALA A 108 3.02 -17.15 4.64
CA ALA A 108 3.99 -17.97 5.41
C ALA A 108 5.41 -17.91 4.79
N ASN A 109 5.56 -17.32 3.59
CA ASN A 109 6.86 -17.03 2.98
C ASN A 109 7.29 -15.57 3.21
N GLY A 110 6.47 -14.80 3.97
CA GLY A 110 6.76 -13.40 4.28
C GLY A 110 6.36 -12.45 3.16
N ILE A 111 5.64 -13.00 2.15
CA ILE A 111 5.26 -12.28 0.92
C ILE A 111 4.10 -11.31 1.21
N LEU A 112 4.29 -10.04 0.80
CA LEU A 112 3.33 -8.97 1.07
C LEU A 112 2.36 -8.81 -0.12
N HIS A 113 1.12 -9.21 0.08
CA HIS A 113 0.02 -9.02 -0.88
C HIS A 113 -0.86 -7.86 -0.39
N VAL A 114 -0.83 -6.72 -1.10
CA VAL A 114 -1.62 -5.54 -0.70
C VAL A 114 -2.81 -5.37 -1.66
N THR A 115 -4.02 -5.24 -1.09
CA THR A 115 -5.26 -5.05 -1.87
C THR A 115 -6.14 -3.98 -1.23
N ALA A 116 -6.66 -3.07 -2.06
CA ALA A 116 -7.59 -2.03 -1.63
C ALA A 116 -8.94 -2.21 -2.33
N LYS A 117 -10.04 -1.80 -1.67
CA LYS A 117 -11.38 -1.86 -2.26
C LYS A 117 -12.17 -0.58 -1.94
N GLU A 118 -12.72 0.04 -3.00
CA GLU A 118 -13.66 1.17 -2.91
C GLU A 118 -15.08 0.62 -2.63
N ARG A 119 -15.76 1.22 -1.64
CA ARG A 119 -17.12 0.82 -1.24
C ARG A 119 -18.17 1.20 -2.31
N SER A 120 -18.13 2.47 -2.78
CA SER A 120 -19.14 3.03 -3.71
C SER A 120 -19.25 2.22 -5.02
N THR A 121 -18.10 1.97 -5.62
CA THR A 121 -18.00 1.34 -6.94
C THR A 121 -17.93 -0.19 -6.82
N GLY A 122 -17.42 -0.68 -5.67
CA GLY A 122 -17.23 -2.11 -5.42
C GLY A 122 -15.96 -2.65 -6.08
N ARG A 123 -15.14 -1.73 -6.64
CA ARG A 123 -13.90 -2.08 -7.34
C ARG A 123 -12.80 -2.43 -6.35
N GLU A 124 -11.96 -3.41 -6.73
CA GLU A 124 -10.85 -3.92 -5.92
C GLU A 124 -9.61 -4.12 -6.81
N ALA A 125 -8.43 -3.80 -6.27
CA ALA A 125 -7.13 -3.91 -6.95
C ALA A 125 -6.14 -4.52 -5.98
N SER A 126 -5.21 -5.36 -6.49
CA SER A 126 -4.29 -6.13 -5.64
C SER A 126 -2.93 -6.36 -6.33
N ILE A 127 -1.85 -6.35 -5.52
CA ILE A 127 -0.46 -6.54 -5.99
C ILE A 127 0.24 -7.58 -5.08
N THR A 128 1.05 -8.45 -5.70
CA THR A 128 1.94 -9.35 -4.97
C THR A 128 3.37 -8.77 -4.97
N ILE A 129 3.79 -8.34 -3.78
CA ILE A 129 5.12 -7.78 -3.50
C ILE A 129 5.97 -8.86 -2.81
N GLN A 130 7.06 -9.25 -3.47
CA GLN A 130 7.92 -10.38 -3.02
C GLN A 130 9.31 -9.87 -2.60
N ASN A 131 9.64 -8.61 -3.00
CA ASN A 131 10.90 -7.93 -2.60
C ASN A 131 10.79 -7.31 -1.18
N THR A 132 9.61 -7.50 -0.54
CA THR A 132 9.38 -7.19 0.87
C THR A 132 10.44 -7.86 1.79
N THR A 133 10.81 -9.11 1.46
CA THR A 133 11.75 -9.91 2.25
C THR A 133 13.22 -9.50 1.96
N THR A 134 14.13 -9.98 2.82
CA THR A 134 15.58 -9.66 2.81
C THR A 134 16.22 -9.90 1.41
N PRO A 3 -8.26 9.96 8.49
CA PRO A 3 -6.97 10.50 7.98
C PRO A 3 -6.40 9.58 6.87
N GLY A 4 -5.16 9.88 6.44
CA GLY A 4 -4.39 9.02 5.55
C GLY A 4 -4.82 9.07 4.09
N LEU A 5 -4.73 10.26 3.48
CA LEU A 5 -5.03 10.45 2.04
C LEU A 5 -3.85 9.94 1.20
N PHE A 6 -4.10 9.48 -0.04
CA PHE A 6 -3.07 8.96 -0.95
C PHE A 6 -2.79 9.93 -2.09
N GLY A 7 -1.50 10.18 -2.37
CA GLY A 7 -1.07 10.85 -3.60
C GLY A 7 -0.58 9.80 -4.61
N GLY A 8 0.11 8.77 -4.07
CA GLY A 8 0.47 7.56 -4.80
C GLY A 8 1.44 7.78 -5.94
N PHE A 9 2.62 8.36 -5.64
CA PHE A 9 3.67 8.60 -6.64
C PHE A 9 4.36 7.28 -7.00
N GLY A 10 4.32 6.93 -8.30
CA GLY A 10 4.88 5.68 -8.82
C GLY A 10 6.39 5.75 -9.00
N SER A 11 7.11 5.85 -7.87
CA SER A 11 8.58 5.95 -7.84
C SER A 11 9.19 4.64 -7.30
N GLY A 12 10.52 4.54 -7.38
CA GLY A 12 11.26 3.37 -6.89
C GLY A 12 11.37 2.26 -7.92
N GLY A 13 12.21 1.26 -7.60
CA GLY A 13 12.49 0.14 -8.51
C GLY A 13 11.48 -1.00 -8.37
N SER A 14 11.99 -2.23 -8.47
CA SER A 14 11.18 -3.45 -8.34
C SER A 14 12.08 -4.57 -7.78
N GLY A 15 11.55 -5.35 -6.82
CA GLY A 15 12.29 -6.44 -6.19
C GLY A 15 12.53 -7.61 -7.14
N GLY A 16 13.82 -8.02 -7.27
CA GLY A 16 14.23 -9.08 -8.21
C GLY A 16 13.70 -10.47 -7.82
N SER A 17 14.59 -11.40 -7.42
CA SER A 17 14.20 -12.75 -7.03
C SER A 17 15.35 -13.43 -6.27
N GLY A 18 15.39 -13.18 -4.94
CA GLY A 18 16.40 -13.78 -4.05
C GLY A 18 15.83 -14.99 -3.31
N GLY A 19 14.57 -14.88 -2.86
CA GLY A 19 13.88 -15.97 -2.16
C GLY A 19 12.84 -15.46 -1.18
N SER A 20 12.87 -16.00 0.05
CA SER A 20 11.89 -15.67 1.11
C SER A 20 12.53 -15.85 2.50
N GLY A 21 11.78 -15.47 3.56
CA GLY A 21 12.22 -15.60 4.95
C GLY A 21 11.51 -14.58 5.85
N VAL A 22 12.27 -13.57 6.35
CA VAL A 22 11.70 -12.45 7.13
C VAL A 22 12.04 -11.14 6.43
N THR A 23 11.20 -10.12 6.61
CA THR A 23 11.43 -8.79 6.01
C THR A 23 12.40 -7.98 6.91
N PRO A 24 13.38 -7.23 6.31
CA PRO A 24 14.34 -6.40 7.08
C PRO A 24 13.72 -5.06 7.53
N LEU A 25 12.60 -4.69 6.88
CA LEU A 25 11.94 -3.38 7.03
C LEU A 25 10.41 -3.57 7.03
N SER A 26 9.71 -2.83 7.92
CA SER A 26 8.25 -2.92 8.11
C SER A 26 7.50 -2.48 6.84
N LEU A 27 6.31 -3.04 6.59
CA LEU A 27 5.62 -2.87 5.30
C LEU A 27 4.47 -1.86 5.48
N GLY A 28 4.41 -0.86 4.58
CA GLY A 28 3.43 0.23 4.68
C GLY A 28 3.12 0.90 3.34
N VAL A 29 2.26 1.93 3.38
CA VAL A 29 1.77 2.66 2.18
C VAL A 29 2.21 4.14 2.24
N GLU A 30 2.13 4.82 1.08
CA GLU A 30 2.39 6.28 0.99
C GLU A 30 1.11 7.03 1.33
N THR A 31 1.24 8.09 2.14
CA THR A 31 0.11 8.92 2.62
C THR A 31 0.51 10.41 2.62
N LYS A 32 -0.52 11.27 2.70
CA LYS A 32 -0.43 12.73 2.48
C LYS A 32 0.50 13.40 3.51
N GLY A 33 1.37 14.30 3.03
CA GLY A 33 2.35 15.01 3.87
C GLY A 33 3.74 14.37 3.84
N GLY A 34 3.96 13.44 2.88
CA GLY A 34 5.23 12.76 2.68
C GLY A 34 5.46 11.62 3.67
N VAL A 35 4.36 11.08 4.20
CA VAL A 35 4.38 10.09 5.29
C VAL A 35 4.24 8.66 4.74
N MET A 36 4.98 7.69 5.34
CA MET A 36 4.77 6.25 5.08
C MET A 36 4.09 5.62 6.31
N THR A 37 2.85 5.10 6.12
CA THR A 37 2.05 4.49 7.19
C THR A 37 2.25 2.97 7.24
N VAL A 38 2.94 2.49 8.29
CA VAL A 38 3.21 1.06 8.51
C VAL A 38 1.90 0.30 8.85
N LEU A 39 1.62 -0.79 8.10
CA LEU A 39 0.52 -1.72 8.43
C LEU A 39 1.10 -2.95 9.17
N ILE A 40 2.19 -3.51 8.63
CA ILE A 40 2.81 -4.74 9.16
C ILE A 40 4.20 -4.40 9.76
N PRO A 41 4.51 -4.83 11.02
CA PRO A 41 5.87 -4.67 11.61
C PRO A 41 6.89 -5.62 10.95
N ARG A 42 8.20 -5.31 11.05
CA ARG A 42 9.26 -6.07 10.35
C ARG A 42 9.64 -7.35 11.10
N ASN A 43 10.66 -8.06 10.57
CA ASN A 43 11.14 -9.37 11.07
C ASN A 43 10.03 -10.43 10.92
N THR A 44 9.18 -10.24 9.91
CA THR A 44 7.95 -11.02 9.71
C THR A 44 8.25 -12.45 9.23
N THR A 45 7.84 -13.45 10.05
CA THR A 45 8.15 -14.87 9.80
C THR A 45 6.88 -15.73 9.79
N ILE A 46 5.77 -15.16 10.29
CA ILE A 46 4.47 -15.83 10.37
C ILE A 46 3.43 -15.04 9.54
N PRO A 47 2.32 -15.71 9.06
CA PRO A 47 1.28 -15.02 8.26
C PRO A 47 0.59 -13.91 9.09
N THR A 48 0.38 -12.75 8.47
CA THR A 48 -0.12 -11.54 9.16
C THR A 48 -1.05 -10.75 8.23
N ARG A 49 -2.30 -10.59 8.65
CA ARG A 49 -3.32 -9.92 7.83
C ARG A 49 -3.82 -8.69 8.59
N LYS A 50 -3.56 -7.51 8.00
CA LYS A 50 -3.95 -6.21 8.55
C LYS A 50 -4.87 -5.50 7.55
N CYS A 51 -5.93 -4.88 8.04
CA CYS A 51 -6.83 -4.08 7.20
C CYS A 51 -7.05 -2.72 7.85
N GLU A 52 -6.92 -1.66 7.03
CA GLU A 52 -7.06 -0.26 7.46
C GLU A 52 -8.10 0.42 6.56
N ILE A 53 -8.86 1.36 7.13
CA ILE A 53 -9.79 2.19 6.36
C ILE A 53 -9.22 3.62 6.29
N PHE A 54 -8.98 4.10 5.06
CA PHE A 54 -8.40 5.44 4.81
C PHE A 54 -9.32 6.28 3.93
N THR A 55 -9.34 7.58 4.19
CA THR A 55 -10.08 8.55 3.38
C THR A 55 -9.09 9.33 2.50
N THR A 56 -9.48 9.58 1.24
CA THR A 56 -8.69 10.43 0.33
C THR A 56 -9.62 11.18 -0.65
N ALA A 57 -9.50 12.50 -0.63
CA ALA A 57 -10.21 13.42 -1.52
C ALA A 57 -9.21 14.46 -2.01
N GLU A 58 -8.61 14.17 -3.17
CA GLU A 58 -7.55 15.01 -3.77
C GLU A 58 -8.08 15.65 -5.07
N HIS A 59 -7.38 16.71 -5.51
CA HIS A 59 -7.71 17.43 -6.76
C HIS A 59 -7.36 16.57 -7.97
N ASN A 60 -8.24 16.58 -8.98
CA ASN A 60 -8.11 15.83 -10.27
C ASN A 60 -8.14 14.28 -10.04
N GLN A 61 -8.53 13.84 -8.81
CA GLN A 61 -8.55 12.41 -8.45
C GLN A 61 -9.75 11.73 -9.12
N THR A 62 -9.48 10.70 -9.91
CA THR A 62 -10.50 9.83 -10.55
C THR A 62 -10.12 8.35 -10.33
N ALA A 63 -8.99 8.14 -9.65
CA ALA A 63 -8.48 6.83 -9.26
C ALA A 63 -7.57 7.05 -8.05
N VAL A 64 -7.37 6.00 -7.25
CA VAL A 64 -6.44 6.06 -6.11
C VAL A 64 -5.27 5.13 -6.40
N GLU A 65 -4.07 5.71 -6.47
CA GLU A 65 -2.82 4.98 -6.62
C GLU A 65 -2.16 4.86 -5.25
N ILE A 66 -1.71 3.65 -4.93
CA ILE A 66 -1.05 3.35 -3.66
C ILE A 66 0.39 2.95 -3.95
N HIS A 67 1.31 3.74 -3.42
CA HIS A 67 2.75 3.48 -3.47
C HIS A 67 3.15 2.76 -2.17
N VAL A 68 3.41 1.46 -2.29
CA VAL A 68 3.81 0.59 -1.17
C VAL A 68 5.34 0.63 -1.00
N LEU A 69 5.80 0.94 0.23
CA LEU A 69 7.24 1.00 0.59
C LEU A 69 7.47 0.12 1.83
N GLN A 70 8.75 -0.18 2.11
CA GLN A 70 9.15 -0.86 3.36
C GLN A 70 10.24 -0.02 4.05
N GLY A 71 10.06 0.12 5.36
CA GLY A 71 10.99 0.81 6.22
C GLY A 71 10.38 0.99 7.59
N GLU A 72 10.93 1.91 8.37
CA GLU A 72 10.37 2.28 9.67
C GLU A 72 10.31 3.81 9.80
N ARG A 73 10.84 4.52 8.79
CA ARG A 73 10.96 5.97 8.79
C ARG A 73 9.60 6.63 8.45
N PRO A 74 9.14 7.63 9.28
CA PRO A 74 7.84 8.33 9.06
C PRO A 74 7.78 9.09 7.71
N MET A 75 8.95 9.48 7.16
CA MET A 75 9.05 10.10 5.82
C MET A 75 9.30 9.01 4.77
N ALA A 76 8.36 8.86 3.80
CA ALA A 76 8.40 7.83 2.74
C ALA A 76 9.71 7.87 1.91
N GLN A 77 10.34 9.06 1.85
CA GLN A 77 11.59 9.30 1.09
C GLN A 77 12.75 8.39 1.51
N ASP A 78 12.76 7.99 2.79
CA ASP A 78 13.85 7.18 3.38
C ASP A 78 13.53 5.68 3.37
N ASN A 79 12.38 5.29 2.79
CA ASN A 79 11.90 3.88 2.79
C ASN A 79 12.01 3.30 1.36
N LYS A 80 12.33 2.00 1.28
CA LYS A 80 12.60 1.30 0.00
C LYS A 80 11.25 0.92 -0.65
N SER A 81 10.95 1.52 -1.80
CA SER A 81 9.72 1.28 -2.57
C SER A 81 9.64 -0.20 -3.03
N LEU A 82 8.59 -0.89 -2.57
CA LEU A 82 8.32 -2.30 -2.89
C LEU A 82 7.57 -2.40 -4.23
N GLY A 83 6.62 -1.49 -4.42
CA GLY A 83 5.75 -1.52 -5.56
C GLY A 83 4.70 -0.45 -5.46
N ARG A 84 3.86 -0.38 -6.50
CA ARG A 84 2.72 0.54 -6.55
C ARG A 84 1.68 -0.01 -7.53
N PHE A 85 0.42 0.37 -7.32
CA PHE A 85 -0.70 -0.05 -8.20
C PHE A 85 -1.80 1.01 -8.19
N ARG A 86 -2.72 0.92 -9.15
CA ARG A 86 -3.83 1.88 -9.29
C ARG A 86 -5.18 1.14 -9.22
N LEU A 87 -6.03 1.61 -8.30
CA LEU A 87 -7.44 1.22 -8.20
C LEU A 87 -8.27 2.29 -8.93
N GLU A 88 -8.85 1.91 -10.07
CA GLU A 88 -9.51 2.86 -10.99
C GLU A 88 -11.02 2.63 -11.06
N GLY A 89 -11.72 3.56 -11.74
CA GLY A 89 -13.16 3.48 -11.92
C GLY A 89 -13.94 4.36 -10.97
N ILE A 90 -13.21 5.18 -10.20
CA ILE A 90 -13.78 6.15 -9.27
C ILE A 90 -14.23 7.39 -10.09
N PRO A 91 -15.45 7.96 -9.82
CA PRO A 91 -15.92 9.21 -10.51
C PRO A 91 -14.88 10.37 -10.46
N PRO A 92 -14.64 11.10 -11.61
CA PRO A 92 -13.71 12.27 -11.67
C PRO A 92 -14.09 13.35 -10.64
N MET A 93 -13.16 13.66 -9.73
CA MET A 93 -13.42 14.42 -8.50
C MET A 93 -14.53 13.72 -7.68
N PRO A 94 -14.14 12.72 -6.83
CA PRO A 94 -15.06 11.65 -6.32
C PRO A 94 -16.20 12.18 -5.43
N ALA A 95 -17.33 12.48 -6.08
CA ALA A 95 -18.59 12.79 -5.39
C ALA A 95 -19.33 11.48 -5.11
N GLY A 96 -19.79 11.31 -3.86
CA GLY A 96 -20.48 10.08 -3.44
C GLY A 96 -19.51 8.99 -2.96
N VAL A 97 -18.23 9.35 -2.79
CA VAL A 97 -17.19 8.42 -2.28
C VAL A 97 -17.37 8.17 -0.76
N PRO A 98 -17.34 6.90 -0.29
CA PRO A 98 -17.13 6.61 1.13
C PRO A 98 -15.62 6.75 1.50
N GLN A 99 -14.88 5.62 1.56
CA GLN A 99 -13.46 5.56 1.99
C GLN A 99 -12.83 4.28 1.40
N ILE A 100 -11.53 4.36 1.06
CA ILE A 100 -10.79 3.27 0.39
C ILE A 100 -10.17 2.36 1.48
N GLU A 101 -10.62 1.09 1.50
CA GLU A 101 -10.17 0.08 2.47
C GLU A 101 -8.99 -0.73 1.91
N VAL A 102 -7.82 -0.55 2.52
CA VAL A 102 -6.59 -1.26 2.10
C VAL A 102 -6.33 -2.45 3.05
N CYS A 103 -5.70 -3.51 2.53
CA CYS A 103 -5.32 -4.69 3.34
C CYS A 103 -3.93 -5.19 2.93
N PHE A 104 -3.07 -5.41 3.94
CA PHE A 104 -1.77 -6.06 3.79
C PHE A 104 -1.85 -7.50 4.32
N ASP A 105 -1.79 -8.46 3.40
CA ASP A 105 -1.76 -9.89 3.71
C ASP A 105 -0.31 -10.38 3.59
N ILE A 106 0.16 -11.07 4.62
CA ILE A 106 1.52 -11.61 4.70
C ILE A 106 1.44 -13.14 4.79
N ASP A 107 2.34 -13.80 4.07
CA ASP A 107 2.48 -15.26 4.09
C ASP A 107 3.47 -15.68 5.19
N ALA A 108 3.53 -16.98 5.48
CA ALA A 108 4.51 -17.58 6.39
C ALA A 108 5.97 -17.45 5.86
N ASN A 109 6.09 -17.32 4.52
CA ASN A 109 7.40 -17.06 3.85
C ASN A 109 7.73 -15.56 3.84
N GLY A 110 6.84 -14.72 4.42
CA GLY A 110 7.09 -13.28 4.59
C GLY A 110 6.78 -12.47 3.34
N ILE A 111 6.11 -13.11 2.37
CA ILE A 111 5.70 -12.47 1.10
C ILE A 111 4.57 -11.48 1.38
N LEU A 112 4.57 -10.32 0.70
CA LEU A 112 3.53 -9.29 0.87
C LEU A 112 2.51 -9.36 -0.28
N HIS A 113 1.25 -9.27 0.08
CA HIS A 113 0.13 -9.11 -0.84
C HIS A 113 -0.66 -7.87 -0.43
N VAL A 114 -0.64 -6.83 -1.26
CA VAL A 114 -1.40 -5.59 -0.99
C VAL A 114 -2.69 -5.61 -1.82
N THR A 115 -3.78 -5.07 -1.26
CA THR A 115 -5.04 -4.84 -1.99
C THR A 115 -5.68 -3.53 -1.49
N ALA A 116 -6.55 -2.96 -2.34
CA ALA A 116 -7.35 -1.75 -2.04
C ALA A 116 -8.76 -1.96 -2.58
N LYS A 117 -9.78 -1.49 -1.84
CA LYS A 117 -11.18 -1.70 -2.22
C LYS A 117 -11.98 -0.39 -2.10
N GLU A 118 -12.49 0.08 -3.24
CA GLU A 118 -13.39 1.23 -3.31
C GLU A 118 -14.83 0.73 -3.41
N ARG A 119 -15.66 1.15 -2.46
CA ARG A 119 -17.08 0.77 -2.38
C ARG A 119 -17.96 1.66 -3.28
N SER A 120 -17.49 2.90 -3.59
CA SER A 120 -18.15 3.83 -4.55
C SER A 120 -18.23 3.18 -5.94
N THR A 121 -17.13 2.53 -6.33
CA THR A 121 -17.02 1.84 -7.62
C THR A 121 -17.48 0.37 -7.47
N GLY A 122 -17.12 -0.23 -6.33
CA GLY A 122 -17.35 -1.66 -6.08
C GLY A 122 -16.13 -2.51 -6.43
N ARG A 123 -15.04 -1.86 -6.88
CA ARG A 123 -13.80 -2.54 -7.31
C ARG A 123 -12.85 -2.80 -6.14
N GLU A 124 -12.00 -3.82 -6.35
CA GLU A 124 -10.84 -4.12 -5.53
C GLU A 124 -9.70 -4.58 -6.45
N ALA A 125 -8.49 -4.06 -6.21
CA ALA A 125 -7.30 -4.33 -7.03
C ALA A 125 -6.17 -4.73 -6.12
N SER A 126 -5.40 -5.75 -6.51
CA SER A 126 -4.41 -6.37 -5.63
C SER A 126 -3.15 -6.78 -6.39
N ILE A 127 -2.00 -6.63 -5.72
CA ILE A 127 -0.68 -6.96 -6.23
C ILE A 127 0.07 -7.80 -5.17
N THR A 128 0.68 -8.91 -5.60
CA THR A 128 1.53 -9.72 -4.71
C THR A 128 2.98 -9.28 -4.93
N ILE A 129 3.57 -8.64 -3.92
CA ILE A 129 4.96 -8.21 -3.96
C ILE A 129 5.82 -9.26 -3.22
N GLN A 130 6.62 -9.99 -4.01
CA GLN A 130 7.55 -10.99 -3.50
C GLN A 130 8.91 -10.31 -3.23
N ASN A 131 9.75 -11.03 -2.47
CA ASN A 131 11.14 -10.61 -2.16
C ASN A 131 11.18 -9.32 -1.31
N THR A 132 10.06 -9.06 -0.58
CA THR A 132 9.99 -8.04 0.48
C THR A 132 10.91 -8.41 1.64
N THR A 133 11.17 -9.72 1.72
CA THR A 133 12.08 -10.35 2.66
C THR A 133 13.57 -10.03 2.34
N THR A 134 14.43 -10.21 3.36
CA THR A 134 15.89 -10.11 3.23
C THR A 134 16.47 -11.43 2.65
N PRO A 3 -6.18 11.25 8.79
CA PRO A 3 -5.07 10.64 8.00
C PRO A 3 -5.63 9.65 6.96
N GLY A 4 -4.72 8.94 6.26
CA GLY A 4 -5.11 7.87 5.33
C GLY A 4 -5.19 8.29 3.87
N LEU A 5 -4.87 9.57 3.58
CA LEU A 5 -4.86 10.10 2.20
C LEU A 5 -3.53 9.75 1.53
N PHE A 6 -3.56 8.93 0.45
CA PHE A 6 -2.34 8.52 -0.26
C PHE A 6 -1.70 9.68 -1.04
N GLY A 7 -2.35 10.08 -2.15
CA GLY A 7 -1.74 10.97 -3.13
C GLY A 7 -1.02 10.19 -4.22
N GLY A 8 -0.03 9.36 -3.81
CA GLY A 8 0.73 8.51 -4.72
C GLY A 8 2.02 9.16 -5.17
N PHE A 9 2.66 9.89 -4.24
CA PHE A 9 3.98 10.53 -4.45
C PHE A 9 5.07 9.42 -4.44
N GLY A 10 6.04 9.55 -5.35
CA GLY A 10 7.07 8.53 -5.55
C GLY A 10 6.65 7.59 -6.68
N SER A 11 6.72 8.08 -7.92
CA SER A 11 6.35 7.33 -9.12
C SER A 11 7.51 6.34 -9.48
N GLY A 12 7.60 5.26 -8.70
CA GLY A 12 8.67 4.28 -8.83
C GLY A 12 8.43 3.03 -7.97
N GLY A 13 9.16 1.95 -8.31
CA GLY A 13 9.05 0.66 -7.64
C GLY A 13 10.23 -0.25 -8.00
N SER A 14 11.44 0.35 -8.00
CA SER A 14 12.68 -0.31 -8.47
C SER A 14 13.13 -1.43 -7.51
N GLY A 15 12.85 -1.24 -6.20
CA GLY A 15 13.01 -2.28 -5.19
C GLY A 15 14.44 -2.79 -4.97
N GLY A 16 14.57 -4.11 -4.75
CA GLY A 16 15.84 -4.77 -4.44
C GLY A 16 15.85 -6.21 -4.91
N SER A 17 16.43 -7.12 -4.10
CA SER A 17 16.54 -8.56 -4.45
C SER A 17 16.38 -9.41 -3.18
N GLY A 18 15.23 -10.11 -3.06
CA GLY A 18 14.91 -10.89 -1.85
C GLY A 18 15.64 -12.22 -1.79
N GLY A 19 16.64 -12.32 -0.88
CA GLY A 19 17.43 -13.55 -0.70
C GLY A 19 17.29 -14.16 0.69
N SER A 20 16.14 -13.90 1.34
CA SER A 20 15.86 -14.39 2.71
C SER A 20 14.37 -14.74 2.83
N GLY A 21 13.91 -15.07 4.05
CA GLY A 21 12.50 -15.31 4.35
C GLY A 21 11.87 -14.23 5.21
N VAL A 22 12.64 -13.14 5.50
CA VAL A 22 12.14 -12.01 6.32
C VAL A 22 12.48 -10.67 5.67
N THR A 23 11.65 -9.67 5.94
CA THR A 23 11.88 -8.29 5.51
C THR A 23 12.81 -7.57 6.52
N PRO A 24 13.70 -6.65 6.06
CA PRO A 24 14.53 -5.83 6.97
C PRO A 24 13.72 -4.64 7.57
N LEU A 25 12.66 -4.23 6.87
CA LEU A 25 11.94 -2.97 7.12
C LEU A 25 10.41 -3.20 7.20
N SER A 26 9.73 -2.39 8.04
CA SER A 26 8.29 -2.51 8.30
C SER A 26 7.45 -2.09 7.07
N LEU A 27 6.30 -2.75 6.85
CA LEU A 27 5.58 -2.69 5.56
C LEU A 27 4.34 -1.78 5.69
N GLY A 28 4.21 -0.83 4.77
CA GLY A 28 3.16 0.18 4.80
C GLY A 28 2.97 0.87 3.46
N VAL A 29 2.21 1.98 3.48
CA VAL A 29 1.86 2.76 2.26
C VAL A 29 2.46 4.18 2.33
N GLU A 30 2.42 4.86 1.18
CA GLU A 30 2.76 6.28 1.07
C GLU A 30 1.46 7.07 1.28
N THR A 31 1.57 8.19 2.01
CA THR A 31 0.47 9.09 2.34
C THR A 31 0.99 10.54 2.27
N LYS A 32 0.08 11.53 2.29
CA LYS A 32 0.35 12.94 1.87
C LYS A 32 1.58 13.55 2.57
N GLY A 33 2.49 14.10 1.75
CA GLY A 33 3.75 14.67 2.24
C GLY A 33 4.89 13.66 2.30
N GLY A 34 4.68 12.47 1.70
CA GLY A 34 5.68 11.42 1.69
C GLY A 34 5.75 10.64 3.00
N VAL A 35 4.64 10.61 3.76
CA VAL A 35 4.55 9.89 5.04
C VAL A 35 4.33 8.38 4.79
N MET A 36 4.91 7.51 5.64
CA MET A 36 4.76 6.05 5.56
C MET A 36 3.82 5.59 6.69
N THR A 37 2.65 5.05 6.33
CA THR A 37 1.69 4.49 7.30
C THR A 37 1.87 2.95 7.33
N VAL A 38 2.48 2.46 8.42
CA VAL A 38 2.84 1.03 8.59
C VAL A 38 1.65 0.19 9.12
N LEU A 39 1.38 -0.96 8.46
CA LEU A 39 0.37 -1.94 8.92
C LEU A 39 1.07 -3.19 9.49
N ILE A 40 2.13 -3.65 8.80
CA ILE A 40 2.85 -4.89 9.19
C ILE A 40 4.24 -4.52 9.78
N PRO A 41 4.64 -5.12 10.93
CA PRO A 41 6.02 -4.95 11.49
C PRO A 41 7.10 -5.65 10.64
N ARG A 42 8.38 -5.27 10.85
CA ARG A 42 9.53 -5.84 10.11
C ARG A 42 9.91 -7.26 10.62
N ASN A 43 11.00 -7.84 10.04
CA ASN A 43 11.52 -9.19 10.38
C ASN A 43 10.43 -10.27 10.19
N THR A 44 9.54 -10.02 9.22
CA THR A 44 8.35 -10.83 8.95
C THR A 44 8.70 -12.29 8.55
N THR A 45 8.26 -13.25 9.39
CA THR A 45 8.59 -14.69 9.21
C THR A 45 7.37 -15.57 9.59
N ILE A 46 6.26 -14.91 9.95
CA ILE A 46 5.00 -15.57 10.35
C ILE A 46 3.82 -14.90 9.59
N PRO A 47 2.67 -15.62 9.37
CA PRO A 47 1.52 -15.02 8.66
C PRO A 47 0.76 -14.00 9.53
N THR A 48 0.38 -12.87 8.94
CA THR A 48 -0.43 -11.83 9.61
C THR A 48 -1.28 -11.09 8.55
N ARG A 49 -2.53 -10.73 8.90
CA ARG A 49 -3.40 -10.02 7.97
C ARG A 49 -4.03 -8.81 8.69
N LYS A 50 -3.70 -7.63 8.17
CA LYS A 50 -4.16 -6.34 8.69
C LYS A 50 -5.11 -5.72 7.68
N CYS A 51 -6.12 -5.00 8.19
CA CYS A 51 -7.02 -4.19 7.39
C CYS A 51 -7.13 -2.81 8.05
N GLU A 52 -7.06 -1.77 7.23
CA GLU A 52 -7.16 -0.38 7.68
C GLU A 52 -7.95 0.40 6.64
N ILE A 53 -8.82 1.27 7.12
CA ILE A 53 -9.75 2.03 6.31
C ILE A 53 -9.13 3.42 6.00
N PHE A 54 -8.72 3.62 4.74
CA PHE A 54 -8.04 4.85 4.27
C PHE A 54 -9.03 5.69 3.46
N THR A 55 -8.86 7.01 3.43
CA THR A 55 -9.72 7.92 2.64
C THR A 55 -8.83 8.93 1.90
N THR A 56 -9.13 9.17 0.60
CA THR A 56 -8.40 10.15 -0.22
C THR A 56 -9.31 10.70 -1.34
N ALA A 57 -10.01 11.80 -1.00
CA ALA A 57 -10.93 12.49 -1.90
C ALA A 57 -10.42 13.91 -2.15
N GLU A 58 -9.63 14.04 -3.23
CA GLU A 58 -9.09 15.33 -3.71
C GLU A 58 -9.76 15.67 -5.04
N HIS A 59 -9.70 16.95 -5.47
CA HIS A 59 -10.34 17.42 -6.72
C HIS A 59 -9.65 16.81 -7.96
N ASN A 60 -10.45 16.57 -9.03
CA ASN A 60 -10.01 15.92 -10.29
C ASN A 60 -9.67 14.42 -10.03
N GLN A 61 -10.33 13.83 -9.01
CA GLN A 61 -10.13 12.42 -8.60
C GLN A 61 -10.69 11.44 -9.67
N THR A 62 -9.84 10.53 -10.16
CA THR A 62 -10.19 9.54 -11.21
C THR A 62 -9.70 8.12 -10.81
N ALA A 63 -8.60 8.08 -10.04
CA ALA A 63 -7.92 6.84 -9.67
C ALA A 63 -7.11 7.04 -8.38
N VAL A 64 -7.01 5.99 -7.55
CA VAL A 64 -6.22 6.01 -6.30
C VAL A 64 -5.02 5.05 -6.46
N GLU A 65 -3.78 5.57 -6.31
CA GLU A 65 -2.56 4.75 -6.42
C GLU A 65 -2.01 4.48 -5.02
N ILE A 66 -2.09 3.22 -4.60
CA ILE A 66 -1.58 2.74 -3.34
C ILE A 66 -0.09 2.37 -3.57
N HIS A 67 0.80 3.27 -3.14
CA HIS A 67 2.25 3.12 -3.30
C HIS A 67 2.82 2.49 -2.02
N VAL A 68 3.19 1.21 -2.12
CA VAL A 68 3.62 0.39 -0.97
C VAL A 68 5.16 0.43 -0.83
N LEU A 69 5.64 0.76 0.38
CA LEU A 69 7.07 0.79 0.73
C LEU A 69 7.30 0.01 2.03
N GLN A 70 8.57 -0.34 2.25
CA GLN A 70 9.07 -0.87 3.51
C GLN A 70 10.06 0.15 4.09
N GLY A 71 9.94 0.44 5.38
CA GLY A 71 10.81 1.37 6.06
C GLY A 71 10.60 1.37 7.56
N GLU A 72 11.71 1.44 8.29
CA GLU A 72 11.73 1.71 9.75
C GLU A 72 11.49 3.21 9.99
N ARG A 73 11.75 4.03 8.95
CA ARG A 73 11.64 5.49 8.99
C ARG A 73 10.19 5.95 8.71
N PRO A 74 9.72 7.09 9.35
CA PRO A 74 8.38 7.67 9.08
C PRO A 74 8.26 8.28 7.67
N MET A 75 9.41 8.70 7.09
CA MET A 75 9.44 9.37 5.78
C MET A 75 9.81 8.36 4.68
N ALA A 76 8.94 8.28 3.64
CA ALA A 76 9.14 7.45 2.42
C ALA A 76 10.42 7.83 1.65
N GLN A 77 10.94 9.04 1.92
CA GLN A 77 12.24 9.54 1.42
C GLN A 77 13.40 8.59 1.76
N ASP A 78 13.27 7.93 2.91
CA ASP A 78 14.30 7.04 3.48
C ASP A 78 13.87 5.57 3.39
N ASN A 79 12.73 5.31 2.71
CA ASN A 79 12.11 3.97 2.68
C ASN A 79 12.23 3.35 1.29
N LYS A 80 12.36 2.01 1.27
CA LYS A 80 12.54 1.21 0.07
C LYS A 80 11.19 0.96 -0.62
N SER A 81 11.11 1.28 -1.93
CA SER A 81 9.91 1.00 -2.75
C SER A 81 9.73 -0.52 -2.91
N LEU A 82 8.56 -1.02 -2.53
CA LEU A 82 8.18 -2.42 -2.75
C LEU A 82 7.43 -2.56 -4.08
N GLY A 83 6.55 -1.57 -4.31
CA GLY A 83 5.74 -1.50 -5.52
C GLY A 83 4.67 -0.45 -5.38
N ARG A 84 3.82 -0.36 -6.41
CA ARG A 84 2.65 0.53 -6.41
C ARG A 84 1.62 -0.01 -7.41
N PHE A 85 0.34 0.03 -7.02
CA PHE A 85 -0.76 -0.38 -7.89
C PHE A 85 -1.87 0.69 -7.82
N ARG A 86 -2.46 1.01 -8.98
CA ARG A 86 -3.46 2.05 -9.11
C ARG A 86 -4.83 1.41 -9.41
N LEU A 87 -5.80 1.70 -8.54
CA LEU A 87 -7.19 1.28 -8.69
C LEU A 87 -7.92 2.39 -9.48
N GLU A 88 -8.42 2.05 -10.68
CA GLU A 88 -9.09 3.00 -11.59
C GLU A 88 -10.58 2.65 -11.74
N GLY A 89 -11.35 3.60 -12.30
CA GLY A 89 -12.79 3.47 -12.47
C GLY A 89 -13.56 4.33 -11.47
N ILE A 90 -12.81 5.05 -10.62
CA ILE A 90 -13.36 6.04 -9.67
C ILE A 90 -13.86 7.26 -10.50
N PRO A 91 -15.19 7.65 -10.41
CA PRO A 91 -15.77 8.77 -11.21
C PRO A 91 -14.96 10.09 -11.13
N PRO A 92 -14.81 10.84 -12.28
CA PRO A 92 -14.14 12.17 -12.30
C PRO A 92 -14.87 13.16 -11.34
N MET A 93 -14.26 13.37 -10.15
CA MET A 93 -14.90 14.03 -8.99
C MET A 93 -16.12 13.20 -8.53
N PRO A 94 -15.88 12.13 -7.71
CA PRO A 94 -16.95 11.22 -7.24
C PRO A 94 -17.71 11.80 -6.02
N ALA A 95 -18.90 12.37 -6.29
CA ALA A 95 -19.74 12.95 -5.23
C ALA A 95 -20.29 11.84 -4.32
N GLY A 96 -19.93 11.89 -3.03
CA GLY A 96 -20.38 10.92 -2.02
C GLY A 96 -19.41 9.76 -1.79
N VAL A 97 -18.17 9.89 -2.33
CA VAL A 97 -17.12 8.86 -2.14
C VAL A 97 -16.78 8.71 -0.63
N PRO A 98 -16.90 7.48 -0.04
CA PRO A 98 -16.61 7.27 1.39
C PRO A 98 -15.08 7.09 1.66
N GLN A 99 -14.60 5.83 1.71
CA GLN A 99 -13.21 5.49 2.06
C GLN A 99 -12.78 4.25 1.24
N ILE A 100 -11.50 4.20 0.86
CA ILE A 100 -10.87 3.05 0.18
C ILE A 100 -10.30 2.11 1.28
N GLU A 101 -10.88 0.91 1.39
CA GLU A 101 -10.48 -0.09 2.40
C GLU A 101 -9.29 -0.90 1.87
N VAL A 102 -8.11 -0.70 2.49
CA VAL A 102 -6.86 -1.39 2.08
C VAL A 102 -6.47 -2.43 3.13
N CYS A 103 -5.92 -3.56 2.68
CA CYS A 103 -5.55 -4.69 3.53
C CYS A 103 -4.14 -5.17 3.14
N PHE A 104 -3.30 -5.37 4.15
CA PHE A 104 -1.95 -5.95 4.00
C PHE A 104 -1.98 -7.39 4.53
N ASP A 105 -1.92 -8.35 3.61
CA ASP A 105 -1.89 -9.79 3.93
C ASP A 105 -0.44 -10.30 3.83
N ILE A 106 -0.04 -11.14 4.78
CA ILE A 106 1.33 -11.68 4.88
C ILE A 106 1.28 -13.20 5.07
N ASP A 107 2.08 -13.91 4.25
CA ASP A 107 2.27 -15.37 4.34
C ASP A 107 3.31 -15.71 5.44
N ALA A 108 3.45 -17.01 5.73
CA ALA A 108 4.49 -17.54 6.64
C ALA A 108 5.91 -17.33 6.07
N ASN A 109 6.03 -17.33 4.73
CA ASN A 109 7.29 -17.03 4.01
C ASN A 109 7.59 -15.52 4.00
N GLY A 110 6.65 -14.72 4.54
CA GLY A 110 6.81 -13.26 4.64
C GLY A 110 6.37 -12.55 3.37
N ILE A 111 5.63 -13.28 2.51
CA ILE A 111 5.17 -12.77 1.19
C ILE A 111 3.99 -11.81 1.38
N LEU A 112 4.15 -10.56 0.91
CA LEU A 112 3.13 -9.52 1.05
C LEU A 112 2.15 -9.57 -0.14
N HIS A 113 0.87 -9.49 0.18
CA HIS A 113 -0.23 -9.36 -0.79
C HIS A 113 -1.05 -8.12 -0.36
N VAL A 114 -0.98 -7.02 -1.12
CA VAL A 114 -1.73 -5.79 -0.78
C VAL A 114 -2.93 -5.65 -1.71
N THR A 115 -4.12 -5.42 -1.14
CA THR A 115 -5.35 -5.20 -1.91
C THR A 115 -6.11 -3.99 -1.35
N ALA A 116 -6.57 -3.13 -2.26
CA ALA A 116 -7.39 -1.96 -1.94
C ALA A 116 -8.73 -2.10 -2.63
N LYS A 117 -9.80 -1.59 -2.01
CA LYS A 117 -11.15 -1.63 -2.57
C LYS A 117 -11.86 -0.30 -2.33
N GLU A 118 -12.22 0.38 -3.43
CA GLU A 118 -13.05 1.58 -3.43
C GLU A 118 -14.52 1.17 -3.23
N ARG A 119 -15.14 1.72 -2.18
CA ARG A 119 -16.51 1.35 -1.76
C ARG A 119 -17.60 2.06 -2.60
N SER A 120 -17.28 3.23 -3.21
CA SER A 120 -18.25 3.99 -4.03
C SER A 120 -18.55 3.24 -5.33
N THR A 121 -17.50 2.68 -5.94
CA THR A 121 -17.61 1.93 -7.21
C THR A 121 -17.86 0.44 -6.94
N GLY A 122 -17.25 -0.07 -5.85
CA GLY A 122 -17.24 -1.51 -5.57
C GLY A 122 -16.03 -2.21 -6.18
N ARG A 123 -15.16 -1.43 -6.83
CA ARG A 123 -13.97 -1.95 -7.54
C ARG A 123 -12.82 -2.19 -6.57
N GLU A 124 -12.00 -3.19 -6.88
CA GLU A 124 -10.83 -3.57 -6.09
C GLU A 124 -9.62 -3.82 -7.00
N ALA A 125 -8.44 -3.89 -6.39
CA ALA A 125 -7.18 -4.19 -7.06
C ALA A 125 -6.25 -4.86 -6.05
N SER A 126 -5.50 -5.89 -6.48
CA SER A 126 -4.62 -6.66 -5.59
C SER A 126 -3.26 -6.91 -6.28
N ILE A 127 -2.21 -7.07 -5.45
CA ILE A 127 -0.82 -7.24 -5.93
C ILE A 127 -0.07 -8.16 -4.94
N THR A 128 0.84 -8.98 -5.45
CA THR A 128 1.74 -9.80 -4.62
C THR A 128 3.16 -9.24 -4.73
N ILE A 129 3.70 -8.78 -3.60
CA ILE A 129 5.08 -8.33 -3.48
C ILE A 129 5.88 -9.38 -2.66
N GLN A 130 6.78 -10.10 -3.35
CA GLN A 130 7.71 -11.08 -2.74
C GLN A 130 9.05 -10.40 -2.40
N ASN A 131 9.15 -9.10 -2.74
CA ASN A 131 10.34 -8.25 -2.53
C ASN A 131 10.40 -7.75 -1.06
N THR A 132 9.45 -8.23 -0.23
CA THR A 132 9.41 -7.99 1.22
C THR A 132 10.29 -9.03 1.96
N THR A 133 11.48 -9.28 1.39
CA THR A 133 12.52 -10.12 1.97
C THR A 133 13.88 -9.45 1.66
N THR A 134 14.80 -9.52 2.62
CA THR A 134 16.12 -8.87 2.51
C THR A 134 17.04 -9.62 1.53
N PRO A 3 -8.85 8.03 8.99
CA PRO A 3 -7.86 9.04 8.50
C PRO A 3 -7.02 8.45 7.35
N GLY A 4 -5.95 9.15 6.95
CA GLY A 4 -5.01 8.67 5.93
C GLY A 4 -5.50 8.95 4.51
N LEU A 5 -4.82 9.90 3.83
CA LEU A 5 -5.16 10.34 2.47
C LEU A 5 -3.92 10.12 1.58
N PHE A 6 -4.10 9.43 0.45
CA PHE A 6 -2.98 9.01 -0.41
C PHE A 6 -2.40 10.16 -1.24
N GLY A 7 -1.12 10.02 -1.57
CA GLY A 7 -0.41 10.91 -2.48
C GLY A 7 0.81 10.22 -3.05
N GLY A 8 0.64 8.92 -3.34
CA GLY A 8 1.67 8.11 -3.99
C GLY A 8 1.88 8.54 -5.44
N PHE A 9 2.79 9.50 -5.64
CA PHE A 9 3.02 10.14 -6.95
C PHE A 9 3.57 9.14 -7.98
N GLY A 10 3.10 9.27 -9.23
CA GLY A 10 3.54 8.46 -10.35
C GLY A 10 2.42 8.10 -11.30
N SER A 11 2.72 7.19 -12.24
CA SER A 11 1.78 6.72 -13.26
C SER A 11 2.32 5.40 -13.84
N GLY A 12 1.77 4.27 -13.35
CA GLY A 12 2.20 2.94 -13.80
C GLY A 12 2.33 1.94 -12.66
N GLY A 13 1.98 0.67 -12.93
CA GLY A 13 2.13 -0.41 -11.97
C GLY A 13 3.60 -0.84 -11.80
N SER A 14 4.04 -0.93 -10.54
CA SER A 14 5.41 -1.33 -10.16
C SER A 14 5.32 -2.44 -9.08
N GLY A 15 6.40 -3.21 -8.89
CA GLY A 15 6.43 -4.28 -7.89
C GLY A 15 7.64 -5.18 -8.07
N GLY A 16 7.95 -6.00 -7.05
CA GLY A 16 9.13 -6.89 -7.09
C GLY A 16 8.81 -8.34 -6.73
N SER A 17 9.12 -9.26 -7.66
CA SER A 17 8.94 -10.71 -7.48
C SER A 17 10.26 -11.37 -7.02
N GLY A 18 10.16 -12.62 -6.51
CA GLY A 18 11.31 -13.35 -5.96
C GLY A 18 11.63 -12.91 -4.55
N GLY A 19 11.21 -13.72 -3.55
CA GLY A 19 11.44 -13.42 -2.14
C GLY A 19 11.13 -14.60 -1.24
N SER A 20 11.86 -14.69 -0.12
CA SER A 20 11.75 -15.83 0.82
C SER A 20 12.47 -15.49 2.15
N GLY A 21 11.78 -15.73 3.28
CA GLY A 21 12.37 -15.55 4.63
C GLY A 21 11.60 -14.54 5.47
N VAL A 22 12.31 -13.52 6.02
CA VAL A 22 11.69 -12.42 6.81
C VAL A 22 12.00 -11.09 6.14
N THR A 23 11.21 -10.06 6.46
CA THR A 23 11.48 -8.69 6.00
C THR A 23 12.43 -7.98 7.00
N PRO A 24 13.39 -7.12 6.51
CA PRO A 24 14.27 -6.32 7.40
C PRO A 24 13.58 -5.01 7.88
N LEU A 25 12.54 -4.58 7.15
CA LEU A 25 11.90 -3.26 7.32
C LEU A 25 10.36 -3.42 7.46
N SER A 26 9.72 -2.48 8.18
CA SER A 26 8.27 -2.50 8.41
C SER A 26 7.50 -2.08 7.13
N LEU A 27 6.30 -2.63 6.92
CA LEU A 27 5.58 -2.54 5.63
C LEU A 27 4.39 -1.57 5.76
N GLY A 28 4.28 -0.60 4.83
CA GLY A 28 3.23 0.43 4.87
C GLY A 28 2.94 1.11 3.52
N VAL A 29 2.08 2.16 3.56
CA VAL A 29 1.59 2.88 2.36
C VAL A 29 2.11 4.33 2.38
N GLU A 30 2.35 4.90 1.19
CA GLU A 30 2.71 6.32 1.05
C GLU A 30 1.43 7.16 0.98
N THR A 31 1.39 8.18 1.82
CA THR A 31 0.29 9.13 1.91
C THR A 31 0.83 10.53 1.52
N LYS A 32 -0.09 11.45 1.19
CA LYS A 32 0.26 12.78 0.68
C LYS A 32 1.07 13.57 1.72
N GLY A 33 2.21 14.12 1.29
CA GLY A 33 3.19 14.74 2.18
C GLY A 33 4.48 13.93 2.25
N GLY A 34 4.42 12.65 1.82
CA GLY A 34 5.60 11.78 1.73
C GLY A 34 5.86 10.95 2.99
N VAL A 35 4.79 10.68 3.75
CA VAL A 35 4.87 9.86 4.97
C VAL A 35 4.39 8.42 4.68
N MET A 36 5.15 7.43 5.14
CA MET A 36 4.78 6.00 4.99
C MET A 36 4.15 5.51 6.30
N THR A 37 2.84 5.18 6.25
CA THR A 37 2.05 4.71 7.38
C THR A 37 2.09 3.17 7.42
N VAL A 38 2.76 2.62 8.43
CA VAL A 38 3.00 1.18 8.61
C VAL A 38 1.68 0.42 8.94
N LEU A 39 1.42 -0.71 8.25
CA LEU A 39 0.32 -1.65 8.59
C LEU A 39 0.90 -2.93 9.24
N ILE A 40 2.10 -3.38 8.77
CA ILE A 40 2.74 -4.64 9.24
C ILE A 40 4.12 -4.35 9.86
N PRO A 41 4.48 -4.93 11.05
CA PRO A 41 5.85 -4.81 11.64
C PRO A 41 6.91 -5.62 10.84
N ARG A 42 8.21 -5.31 11.09
CA ARG A 42 9.34 -6.02 10.44
C ARG A 42 9.55 -7.42 11.04
N ASN A 43 10.58 -8.14 10.50
CA ASN A 43 10.98 -9.49 10.97
C ASN A 43 9.83 -10.50 10.82
N THR A 44 9.08 -10.30 9.74
CA THR A 44 7.85 -11.05 9.42
C THR A 44 8.15 -12.53 9.04
N THR A 45 7.62 -13.47 9.83
CA THR A 45 7.91 -14.92 9.68
C THR A 45 6.62 -15.77 9.75
N ILE A 46 5.53 -15.18 10.26
CA ILE A 46 4.20 -15.87 10.40
C ILE A 46 3.12 -15.12 9.58
N PRO A 47 2.00 -15.82 9.15
CA PRO A 47 0.95 -15.18 8.31
C PRO A 47 0.09 -14.18 9.12
N THR A 48 -0.19 -13.01 8.51
CA THR A 48 -0.94 -11.92 9.15
C THR A 48 -1.74 -11.14 8.10
N ARG A 49 -3.08 -11.08 8.24
CA ARG A 49 -3.90 -10.26 7.32
C ARG A 49 -4.39 -9.04 8.12
N LYS A 50 -3.93 -7.87 7.68
CA LYS A 50 -4.21 -6.58 8.32
C LYS A 50 -4.86 -5.66 7.29
N CYS A 51 -5.85 -4.88 7.72
CA CYS A 51 -6.52 -3.90 6.86
C CYS A 51 -6.80 -2.62 7.65
N GLU A 52 -6.60 -1.49 6.99
CA GLU A 52 -6.91 -0.16 7.53
C GLU A 52 -7.82 0.57 6.54
N ILE A 53 -8.84 1.25 7.06
CA ILE A 53 -9.76 2.06 6.24
C ILE A 53 -9.13 3.47 6.10
N PHE A 54 -8.96 3.91 4.84
CA PHE A 54 -8.37 5.22 4.51
C PHE A 54 -9.41 6.09 3.82
N THR A 55 -9.29 7.42 3.96
CA THR A 55 -10.23 8.38 3.34
C THR A 55 -9.44 9.45 2.57
N THR A 56 -9.82 9.67 1.30
CA THR A 56 -9.19 10.67 0.45
C THR A 56 -10.26 11.32 -0.47
N ALA A 57 -10.76 12.49 -0.04
CA ALA A 57 -11.65 13.34 -0.85
C ALA A 57 -10.84 14.56 -1.30
N GLU A 58 -10.16 14.40 -2.43
CA GLU A 58 -9.21 15.38 -2.97
C GLU A 58 -9.71 15.98 -4.29
N HIS A 59 -9.09 17.11 -4.69
CA HIS A 59 -9.38 17.78 -5.97
C HIS A 59 -8.77 17.00 -7.15
N ASN A 60 -9.57 16.90 -8.24
CA ASN A 60 -9.16 16.35 -9.56
C ASN A 60 -8.92 14.83 -9.54
N GLN A 61 -9.24 14.14 -8.42
CA GLN A 61 -8.96 12.69 -8.29
C GLN A 61 -9.88 11.88 -9.23
N THR A 62 -9.23 11.12 -10.11
CA THR A 62 -9.89 10.25 -11.10
C THR A 62 -9.80 8.79 -10.64
N ALA A 63 -8.74 8.48 -9.91
CA ALA A 63 -8.44 7.14 -9.40
C ALA A 63 -7.58 7.26 -8.13
N VAL A 64 -7.52 6.18 -7.34
CA VAL A 64 -6.77 6.14 -6.07
C VAL A 64 -5.60 5.15 -6.24
N GLU A 65 -4.35 5.64 -6.10
CA GLU A 65 -3.14 4.83 -6.30
C GLU A 65 -2.29 4.75 -5.02
N ILE A 66 -1.90 3.52 -4.67
CA ILE A 66 -1.16 3.20 -3.45
C ILE A 66 0.29 2.85 -3.81
N HIS A 67 1.22 3.64 -3.26
CA HIS A 67 2.66 3.40 -3.37
C HIS A 67 3.13 2.65 -2.10
N VAL A 68 3.39 1.35 -2.24
CA VAL A 68 3.80 0.47 -1.13
C VAL A 68 5.33 0.57 -0.91
N LEU A 69 5.76 0.79 0.36
CA LEU A 69 7.19 0.83 0.74
C LEU A 69 7.41 0.04 2.03
N GLN A 70 8.67 -0.39 2.24
CA GLN A 70 9.13 -0.94 3.52
C GLN A 70 10.22 0.00 4.08
N GLY A 71 10.07 0.33 5.36
CA GLY A 71 11.05 1.16 6.05
C GLY A 71 10.73 1.32 7.51
N GLU A 72 11.72 1.78 8.25
CA GLU A 72 11.60 2.10 9.69
C GLU A 72 11.36 3.59 9.89
N ARG A 73 11.72 4.41 8.87
CA ARG A 73 11.62 5.88 8.95
C ARG A 73 10.20 6.36 8.58
N PRO A 74 9.65 7.41 9.27
CA PRO A 74 8.35 8.04 8.92
C PRO A 74 8.33 8.61 7.49
N MET A 75 9.49 9.13 7.04
CA MET A 75 9.66 9.65 5.67
C MET A 75 9.80 8.47 4.69
N ALA A 76 8.87 8.40 3.73
CA ALA A 76 8.88 7.41 2.64
C ALA A 76 10.13 7.56 1.73
N GLN A 77 10.72 8.77 1.74
CA GLN A 77 11.94 9.10 1.00
C GLN A 77 13.15 8.22 1.42
N ASP A 78 13.16 7.81 2.71
CA ASP A 78 14.28 7.02 3.28
C ASP A 78 13.92 5.52 3.26
N ASN A 79 12.78 5.17 2.65
CA ASN A 79 12.23 3.80 2.65
C ASN A 79 12.36 3.17 1.26
N LYS A 80 12.40 1.83 1.25
CA LYS A 80 12.54 1.01 0.05
C LYS A 80 11.18 0.85 -0.65
N SER A 81 11.10 1.31 -1.91
CA SER A 81 9.89 1.15 -2.72
C SER A 81 9.67 -0.34 -3.07
N LEU A 82 8.57 -0.90 -2.55
CA LEU A 82 8.18 -2.29 -2.78
C LEU A 82 7.38 -2.43 -4.07
N GLY A 83 6.44 -1.49 -4.26
CA GLY A 83 5.56 -1.52 -5.41
C GLY A 83 4.65 -0.32 -5.49
N ARG A 84 3.90 -0.26 -6.59
CA ARG A 84 2.84 0.73 -6.83
C ARG A 84 1.70 0.03 -7.58
N PHE A 85 0.47 0.46 -7.34
CA PHE A 85 -0.70 0.00 -8.13
C PHE A 85 -1.82 1.04 -8.02
N ARG A 86 -2.55 1.23 -9.12
CA ARG A 86 -3.65 2.19 -9.20
C ARG A 86 -4.98 1.46 -9.33
N LEU A 87 -5.90 1.78 -8.41
CA LEU A 87 -7.30 1.34 -8.46
C LEU A 87 -8.11 2.41 -9.19
N GLU A 88 -8.67 2.01 -10.35
CA GLU A 88 -9.59 2.84 -11.14
C GLU A 88 -11.02 2.31 -10.98
N GLY A 89 -12.01 3.09 -11.45
CA GLY A 89 -13.44 2.78 -11.24
C GLY A 89 -14.10 3.79 -10.32
N ILE A 90 -13.28 4.70 -9.75
CA ILE A 90 -13.75 5.84 -8.95
C ILE A 90 -14.08 7.01 -9.92
N PRO A 91 -15.28 7.68 -9.81
CA PRO A 91 -15.63 8.89 -10.63
C PRO A 91 -14.60 10.06 -10.47
N PRO A 92 -14.44 10.94 -11.52
CA PRO A 92 -13.62 12.18 -11.42
C PRO A 92 -14.19 13.19 -10.39
N MET A 93 -13.30 13.67 -9.48
CA MET A 93 -13.63 14.52 -8.30
C MET A 93 -15.01 14.17 -7.66
N PRO A 94 -15.17 12.92 -7.11
CA PRO A 94 -16.50 12.39 -6.70
C PRO A 94 -16.96 12.97 -5.34
N ALA A 95 -17.83 13.98 -5.39
CA ALA A 95 -18.45 14.55 -4.19
C ALA A 95 -19.43 13.52 -3.59
N GLY A 96 -19.16 13.10 -2.33
CA GLY A 96 -19.94 12.05 -1.67
C GLY A 96 -19.29 10.67 -1.74
N VAL A 97 -18.02 10.59 -2.18
CA VAL A 97 -17.24 9.32 -2.18
C VAL A 97 -17.02 8.85 -0.72
N PRO A 98 -17.26 7.53 -0.38
CA PRO A 98 -17.04 7.03 0.99
C PRO A 98 -15.53 6.87 1.33
N GLN A 99 -15.02 5.62 1.42
CA GLN A 99 -13.69 5.34 2.01
C GLN A 99 -13.05 4.11 1.34
N ILE A 100 -11.76 4.26 0.96
CA ILE A 100 -10.98 3.21 0.27
C ILE A 100 -10.20 2.39 1.33
N GLU A 101 -10.57 1.11 1.46
CA GLU A 101 -9.92 0.17 2.39
C GLU A 101 -8.70 -0.49 1.74
N VAL A 102 -7.52 -0.37 2.37
CA VAL A 102 -6.29 -1.05 1.92
C VAL A 102 -5.92 -2.14 2.92
N CYS A 103 -5.58 -3.32 2.40
CA CYS A 103 -5.20 -4.48 3.21
C CYS A 103 -3.77 -4.91 2.85
N PHE A 104 -2.96 -5.09 3.89
CA PHE A 104 -1.65 -5.73 3.80
C PHE A 104 -1.78 -7.15 4.34
N ASP A 105 -1.74 -8.13 3.43
CA ASP A 105 -1.81 -9.55 3.74
C ASP A 105 -0.39 -10.11 3.75
N ILE A 106 -0.11 -11.00 4.69
CA ILE A 106 1.23 -11.57 4.91
C ILE A 106 1.13 -13.10 4.93
N ASP A 107 2.10 -13.73 4.25
CA ASP A 107 2.25 -15.19 4.21
C ASP A 107 3.22 -15.64 5.32
N ALA A 108 3.26 -16.95 5.56
CA ALA A 108 4.22 -17.59 6.48
C ALA A 108 5.66 -17.59 5.89
N ASN A 109 5.74 -17.44 4.56
CA ASN A 109 7.03 -17.28 3.83
C ASN A 109 7.44 -15.79 3.78
N GLY A 110 6.65 -14.92 4.46
CA GLY A 110 6.97 -13.49 4.57
C GLY A 110 6.49 -12.67 3.37
N ILE A 111 5.64 -13.28 2.53
CA ILE A 111 5.20 -12.68 1.26
C ILE A 111 4.03 -11.72 1.50
N LEU A 112 4.24 -10.44 1.16
CA LEU A 112 3.27 -9.37 1.38
C LEU A 112 2.36 -9.23 0.14
N HIS A 113 1.08 -9.59 0.26
CA HIS A 113 0.09 -9.34 -0.81
C HIS A 113 -0.74 -8.10 -0.45
N VAL A 114 -0.57 -7.01 -1.20
CA VAL A 114 -1.29 -5.74 -0.93
C VAL A 114 -2.46 -5.60 -1.91
N THR A 115 -3.60 -5.13 -1.41
CA THR A 115 -4.79 -4.84 -2.23
C THR A 115 -5.51 -3.61 -1.67
N ALA A 116 -6.03 -2.75 -2.55
CA ALA A 116 -6.86 -1.60 -2.19
C ALA A 116 -8.21 -1.73 -2.86
N LYS A 117 -9.28 -1.38 -2.15
CA LYS A 117 -10.66 -1.58 -2.61
C LYS A 117 -11.52 -0.35 -2.31
N GLU A 118 -12.25 0.11 -3.33
CA GLU A 118 -13.35 1.06 -3.17
C GLU A 118 -14.62 0.22 -2.96
N ARG A 119 -15.22 0.37 -1.78
CA ARG A 119 -16.33 -0.48 -1.33
C ARG A 119 -17.64 -0.15 -2.08
N SER A 120 -17.83 1.15 -2.43
CA SER A 120 -19.05 1.62 -3.11
C SER A 120 -19.15 1.08 -4.55
N THR A 121 -17.98 0.96 -5.20
CA THR A 121 -17.86 0.40 -6.55
C THR A 121 -17.69 -1.13 -6.48
N GLY A 122 -17.06 -1.58 -5.38
CA GLY A 122 -16.78 -3.00 -5.13
C GLY A 122 -15.45 -3.44 -5.73
N ARG A 123 -14.85 -2.53 -6.53
CA ARG A 123 -13.68 -2.82 -7.35
C ARG A 123 -12.40 -2.74 -6.49
N GLU A 124 -11.46 -3.65 -6.76
CA GLU A 124 -10.17 -3.71 -6.06
C GLU A 124 -9.03 -3.87 -7.07
N ALA A 125 -7.83 -3.55 -6.61
CA ALA A 125 -6.59 -3.74 -7.34
C ALA A 125 -5.60 -4.37 -6.37
N SER A 126 -4.83 -5.36 -6.81
CA SER A 126 -4.00 -6.18 -5.91
C SER A 126 -2.64 -6.53 -6.54
N ILE A 127 -1.68 -6.91 -5.68
CA ILE A 127 -0.28 -7.14 -6.07
C ILE A 127 0.42 -8.07 -5.06
N THR A 128 1.36 -8.88 -5.57
CA THR A 128 2.22 -9.73 -4.74
C THR A 128 3.62 -9.10 -4.62
N ILE A 129 3.94 -8.67 -3.41
CA ILE A 129 5.23 -8.09 -3.01
C ILE A 129 6.09 -9.19 -2.36
N GLN A 130 7.21 -9.54 -3.01
CA GLN A 130 8.14 -10.58 -2.54
C GLN A 130 9.50 -9.96 -2.20
N ASN A 131 9.78 -8.79 -2.82
CA ASN A 131 11.00 -7.98 -2.54
C ASN A 131 11.02 -7.36 -1.12
N THR A 132 9.92 -7.58 -0.36
CA THR A 132 9.84 -7.27 1.07
C THR A 132 10.91 -8.05 1.88
N THR A 133 11.06 -9.36 1.60
CA THR A 133 11.95 -10.25 2.36
C THR A 133 13.43 -10.02 2.00
N THR A 134 14.30 -9.98 3.02
CA THR A 134 15.76 -9.78 2.88
C THR A 134 16.43 -10.97 2.12
N PRO A 3 -5.69 6.89 7.93
CA PRO A 3 -5.33 8.29 8.27
C PRO A 3 -4.68 8.98 7.06
N GLY A 4 -5.35 10.03 6.54
CA GLY A 4 -4.83 10.83 5.43
C GLY A 4 -5.07 10.22 4.06
N LEU A 5 -4.70 10.98 3.03
CA LEU A 5 -4.77 10.56 1.63
C LEU A 5 -3.44 9.86 1.28
N PHE A 6 -3.40 9.13 0.16
CA PHE A 6 -2.14 8.52 -0.33
C PHE A 6 -1.34 9.53 -1.15
N GLY A 7 0.00 9.46 -1.05
CA GLY A 7 0.88 10.16 -1.98
C GLY A 7 0.78 9.53 -3.36
N GLY A 8 1.10 8.22 -3.42
CA GLY A 8 0.84 7.40 -4.60
C GLY A 8 1.91 7.45 -5.67
N PHE A 9 2.67 8.56 -5.71
CA PHE A 9 3.66 8.82 -6.77
C PHE A 9 4.83 7.81 -6.69
N GLY A 10 4.98 7.01 -7.76
CA GLY A 10 6.02 5.98 -7.85
C GLY A 10 6.91 6.20 -9.04
N SER A 11 7.74 7.25 -8.97
CA SER A 11 8.77 7.56 -9.97
C SER A 11 9.98 6.60 -9.87
N GLY A 12 9.98 5.78 -8.81
CA GLY A 12 10.97 4.72 -8.61
C GLY A 12 10.37 3.57 -7.80
N GLY A 13 11.12 2.47 -7.70
CA GLY A 13 10.68 1.28 -6.95
C GLY A 13 10.96 -0.02 -7.69
N SER A 14 10.75 0.01 -9.02
CA SER A 14 10.87 -1.15 -9.89
C SER A 14 12.33 -1.69 -9.91
N GLY A 15 12.57 -2.70 -9.07
CA GLY A 15 13.87 -3.34 -8.93
C GLY A 15 13.71 -4.72 -8.31
N GLY A 16 13.72 -5.76 -9.18
CA GLY A 16 13.59 -7.14 -8.73
C GLY A 16 14.78 -7.61 -7.89
N SER A 17 14.67 -7.44 -6.56
CA SER A 17 15.75 -7.74 -5.61
C SER A 17 15.15 -8.17 -4.25
N GLY A 18 16.00 -8.25 -3.20
CA GLY A 18 15.58 -8.74 -1.89
C GLY A 18 15.89 -10.22 -1.73
N GLY A 19 14.85 -11.05 -1.62
CA GLY A 19 15.01 -12.50 -1.51
C GLY A 19 13.75 -13.19 -0.99
N SER A 20 13.93 -14.12 -0.03
CA SER A 20 12.83 -14.95 0.51
C SER A 20 13.22 -15.44 1.93
N GLY A 21 12.43 -15.00 2.93
CA GLY A 21 12.72 -15.29 4.34
C GLY A 21 11.95 -14.31 5.22
N VAL A 22 12.65 -13.30 5.77
CA VAL A 22 12.01 -12.24 6.57
C VAL A 22 12.43 -10.88 6.00
N THR A 23 11.56 -9.87 6.11
CA THR A 23 11.84 -8.53 5.57
C THR A 23 12.68 -7.72 6.59
N PRO A 24 13.75 -6.99 6.13
CA PRO A 24 14.62 -6.19 7.02
C PRO A 24 14.02 -4.80 7.36
N LEU A 25 12.96 -4.40 6.63
CA LEU A 25 12.24 -3.12 6.84
C LEU A 25 10.70 -3.39 6.89
N SER A 26 9.98 -2.62 7.73
CA SER A 26 8.53 -2.79 7.98
C SER A 26 7.68 -2.25 6.81
N LEU A 27 6.50 -2.86 6.57
CA LEU A 27 5.74 -2.65 5.32
C LEU A 27 4.54 -1.72 5.57
N GLY A 28 4.39 -0.70 4.71
CA GLY A 28 3.33 0.29 4.84
C GLY A 28 3.06 1.05 3.55
N VAL A 29 2.24 2.11 3.63
CA VAL A 29 1.79 2.90 2.46
C VAL A 29 2.31 4.34 2.55
N GLU A 30 2.45 4.98 1.39
CA GLU A 30 2.81 6.39 1.28
C GLU A 30 1.55 7.24 1.45
N THR A 31 1.52 8.04 2.51
CA THR A 31 0.43 8.99 2.79
C THR A 31 0.98 10.43 2.79
N LYS A 32 0.06 11.41 2.77
CA LYS A 32 0.39 12.85 2.59
C LYS A 32 1.15 13.42 3.80
N GLY A 33 1.98 14.43 3.53
CA GLY A 33 2.87 15.01 4.54
C GLY A 33 4.24 14.33 4.56
N GLY A 34 4.46 13.44 3.56
CA GLY A 34 5.70 12.68 3.44
C GLY A 34 5.82 11.51 4.42
N VAL A 35 4.70 11.18 5.07
CA VAL A 35 4.63 10.17 6.14
C VAL A 35 4.22 8.81 5.55
N MET A 36 4.68 7.72 6.18
CA MET A 36 4.25 6.35 5.85
C MET A 36 3.31 5.83 6.96
N THR A 37 2.21 5.17 6.58
CA THR A 37 1.36 4.44 7.54
C THR A 37 1.76 2.95 7.49
N VAL A 38 2.45 2.47 8.55
CA VAL A 38 2.90 1.06 8.62
C VAL A 38 1.70 0.13 8.92
N LEU A 39 1.56 -0.91 8.09
CA LEU A 39 0.52 -1.94 8.27
C LEU A 39 1.14 -3.16 8.98
N ILE A 40 2.27 -3.64 8.47
CA ILE A 40 2.92 -4.89 8.94
C ILE A 40 4.30 -4.55 9.54
N PRO A 41 4.63 -5.06 10.77
CA PRO A 41 5.99 -4.94 11.34
C PRO A 41 6.99 -5.86 10.62
N ARG A 42 8.29 -5.49 10.63
CA ARG A 42 9.35 -6.28 9.98
C ARG A 42 9.70 -7.55 10.76
N ASN A 43 10.72 -8.27 10.26
CA ASN A 43 11.14 -9.58 10.78
C ASN A 43 9.99 -10.60 10.60
N THR A 44 9.24 -10.40 9.50
CA THR A 44 8.02 -11.17 9.18
C THR A 44 8.32 -12.67 8.96
N THR A 45 7.77 -13.51 9.82
CA THR A 45 8.08 -14.97 9.87
C THR A 45 6.78 -15.81 9.91
N ILE A 46 5.66 -15.15 10.22
CA ILE A 46 4.33 -15.79 10.39
C ILE A 46 3.26 -15.09 9.51
N PRO A 47 2.15 -15.79 9.11
CA PRO A 47 1.08 -15.16 8.32
C PRO A 47 0.29 -14.14 9.16
N THR A 48 -0.03 -12.99 8.54
CA THR A 48 -0.69 -11.85 9.18
C THR A 48 -1.63 -11.18 8.17
N ARG A 49 -2.71 -10.57 8.64
CA ARG A 49 -3.60 -9.77 7.80
C ARG A 49 -4.01 -8.50 8.54
N LYS A 50 -3.62 -7.37 7.97
CA LYS A 50 -3.99 -6.02 8.44
C LYS A 50 -4.88 -5.35 7.40
N CYS A 51 -5.73 -4.43 7.88
CA CYS A 51 -6.53 -3.54 7.04
C CYS A 51 -6.69 -2.20 7.77
N GLU A 52 -6.50 -1.10 7.04
CA GLU A 52 -6.76 0.26 7.51
C GLU A 52 -7.63 0.99 6.48
N ILE A 53 -8.45 1.92 6.98
CA ILE A 53 -9.45 2.62 6.17
C ILE A 53 -9.00 4.10 5.97
N PHE A 54 -8.77 4.49 4.69
CA PHE A 54 -8.23 5.82 4.31
C PHE A 54 -9.20 6.57 3.40
N THR A 55 -9.20 7.91 3.44
CA THR A 55 -9.96 8.76 2.47
C THR A 55 -8.98 9.51 1.56
N THR A 56 -9.28 9.52 0.25
CA THR A 56 -8.55 10.30 -0.75
C THR A 56 -9.49 10.70 -1.90
N ALA A 57 -10.06 11.90 -1.77
CA ALA A 57 -10.92 12.51 -2.79
C ALA A 57 -10.21 13.77 -3.32
N GLU A 58 -9.55 13.62 -4.47
CA GLU A 58 -8.75 14.69 -5.09
C GLU A 58 -9.33 15.06 -6.46
N HIS A 59 -8.95 16.23 -6.97
CA HIS A 59 -9.50 16.79 -8.22
C HIS A 59 -8.96 16.02 -9.45
N ASN A 60 -9.90 15.63 -10.35
CA ASN A 60 -9.60 15.16 -11.73
C ASN A 60 -8.95 13.76 -11.80
N GLN A 61 -8.68 13.10 -10.65
CA GLN A 61 -8.14 11.72 -10.63
C GLN A 61 -9.28 10.69 -10.76
N THR A 62 -9.17 9.81 -11.77
CA THR A 62 -10.14 8.73 -12.02
C THR A 62 -9.70 7.42 -11.30
N ALA A 63 -8.65 7.56 -10.46
CA ALA A 63 -8.02 6.43 -9.79
C ALA A 63 -7.28 6.87 -8.53
N VAL A 64 -7.08 5.90 -7.63
CA VAL A 64 -6.27 6.04 -6.42
C VAL A 64 -5.06 5.11 -6.56
N GLU A 65 -3.84 5.64 -6.47
CA GLU A 65 -2.62 4.81 -6.54
C GLU A 65 -2.03 4.68 -5.14
N ILE A 66 -1.90 3.43 -4.67
CA ILE A 66 -1.35 3.10 -3.36
C ILE A 66 0.11 2.69 -3.55
N HIS A 67 1.02 3.53 -3.05
CA HIS A 67 2.46 3.31 -3.13
C HIS A 67 2.93 2.60 -1.86
N VAL A 68 3.32 1.32 -2.01
CA VAL A 68 3.79 0.46 -0.92
C VAL A 68 5.33 0.54 -0.79
N LEU A 69 5.82 0.90 0.40
CA LEU A 69 7.26 0.96 0.72
C LEU A 69 7.53 0.10 1.96
N GLN A 70 8.82 -0.19 2.17
CA GLN A 70 9.31 -0.81 3.40
C GLN A 70 10.33 0.14 4.03
N GLY A 71 10.22 0.34 5.35
CA GLY A 71 11.13 1.19 6.07
C GLY A 71 10.83 1.22 7.56
N GLU A 72 11.86 1.50 8.35
CA GLU A 72 11.76 1.70 9.81
C GLU A 72 11.46 3.18 10.14
N ARG A 73 11.62 4.07 9.13
CA ARG A 73 11.46 5.52 9.29
C ARG A 73 9.98 5.95 9.19
N PRO A 74 9.54 7.00 9.96
CA PRO A 74 8.14 7.52 9.92
C PRO A 74 7.84 8.25 8.58
N MET A 75 8.91 8.63 7.86
CA MET A 75 8.83 9.33 6.58
C MET A 75 9.07 8.33 5.43
N ALA A 76 8.12 8.30 4.46
CA ALA A 76 8.17 7.41 3.28
C ALA A 76 9.39 7.73 2.37
N GLN A 77 9.85 8.99 2.41
CA GLN A 77 11.01 9.47 1.60
C GLN A 77 12.32 8.72 1.99
N ASP A 78 12.39 8.30 3.27
CA ASP A 78 13.56 7.61 3.84
C ASP A 78 13.35 6.08 3.85
N ASN A 79 12.33 5.62 3.11
CA ASN A 79 11.96 4.19 3.03
C ASN A 79 12.17 3.66 1.62
N LYS A 80 12.49 2.36 1.51
CA LYS A 80 12.77 1.69 0.24
C LYS A 80 11.44 1.29 -0.44
N SER A 81 11.17 1.88 -1.61
CA SER A 81 9.96 1.60 -2.41
C SER A 81 9.91 0.12 -2.88
N LEU A 82 8.85 -0.59 -2.48
CA LEU A 82 8.61 -2.00 -2.88
C LEU A 82 7.87 -2.05 -4.22
N GLY A 83 6.89 -1.15 -4.37
CA GLY A 83 6.03 -1.15 -5.52
C GLY A 83 4.86 -0.23 -5.31
N ARG A 84 4.00 -0.13 -6.32
CA ARG A 84 2.79 0.69 -6.28
C ARG A 84 1.79 0.13 -7.29
N PHE A 85 0.54 0.05 -6.85
CA PHE A 85 -0.56 -0.45 -7.68
C PHE A 85 -1.69 0.58 -7.64
N ARG A 86 -2.49 0.63 -8.69
CA ARG A 86 -3.52 1.67 -8.83
C ARG A 86 -4.90 1.03 -8.98
N LEU A 87 -5.81 1.43 -8.08
CA LEU A 87 -7.22 1.07 -8.12
C LEU A 87 -7.97 2.11 -8.97
N GLU A 88 -8.53 1.65 -10.10
CA GLU A 88 -9.24 2.50 -11.08
C GLU A 88 -10.63 1.92 -11.35
N GLY A 89 -11.47 2.74 -12.01
CA GLY A 89 -12.92 2.49 -12.13
C GLY A 89 -13.70 3.44 -11.26
N ILE A 90 -12.97 4.14 -10.38
CA ILE A 90 -13.46 5.30 -9.62
C ILE A 90 -13.72 6.47 -10.61
N PRO A 91 -14.89 7.18 -10.51
CA PRO A 91 -15.14 8.42 -11.31
C PRO A 91 -14.12 9.56 -10.98
N PRO A 92 -13.70 10.38 -12.01
CA PRO A 92 -12.77 11.54 -11.80
C PRO A 92 -13.28 12.54 -10.74
N MET A 93 -12.59 12.55 -9.58
CA MET A 93 -13.08 13.16 -8.31
C MET A 93 -14.45 12.52 -7.95
N PRO A 94 -14.45 11.35 -7.26
CA PRO A 94 -15.69 10.57 -6.99
C PRO A 94 -16.71 11.35 -6.13
N ALA A 95 -17.93 11.50 -6.65
CA ALA A 95 -19.05 12.12 -5.93
C ALA A 95 -19.63 11.10 -4.93
N GLY A 96 -19.63 11.46 -3.63
CA GLY A 96 -20.20 10.61 -2.59
C GLY A 96 -19.22 9.57 -2.06
N VAL A 97 -17.94 9.73 -2.41
CA VAL A 97 -16.84 8.88 -1.89
C VAL A 97 -16.79 8.87 -0.34
N PRO A 98 -16.81 7.66 0.30
CA PRO A 98 -16.52 7.50 1.71
C PRO A 98 -15.00 7.31 1.93
N GLN A 99 -14.52 6.04 1.85
CA GLN A 99 -13.12 5.69 2.13
C GLN A 99 -12.69 4.48 1.26
N ILE A 100 -11.41 4.50 0.86
CA ILE A 100 -10.74 3.37 0.19
C ILE A 100 -10.05 2.50 1.26
N GLU A 101 -10.44 1.23 1.31
CA GLU A 101 -9.98 0.22 2.30
C GLU A 101 -8.74 -0.53 1.77
N VAL A 102 -7.58 -0.33 2.40
CA VAL A 102 -6.31 -0.99 1.98
C VAL A 102 -5.92 -2.06 3.00
N CYS A 103 -5.69 -3.28 2.51
CA CYS A 103 -5.35 -4.44 3.34
C CYS A 103 -3.99 -5.00 2.92
N PHE A 104 -3.11 -5.24 3.91
CA PHE A 104 -1.82 -5.92 3.70
C PHE A 104 -1.96 -7.35 4.23
N ASP A 105 -1.96 -8.32 3.33
CA ASP A 105 -1.99 -9.75 3.66
C ASP A 105 -0.57 -10.32 3.54
N ILE A 106 -0.22 -11.17 4.48
CA ILE A 106 1.14 -11.70 4.68
C ILE A 106 1.07 -13.22 4.85
N ASP A 107 1.90 -13.95 4.11
CA ASP A 107 2.07 -15.40 4.29
C ASP A 107 3.19 -15.69 5.31
N ALA A 108 3.38 -16.99 5.63
CA ALA A 108 4.45 -17.46 6.56
C ALA A 108 5.85 -17.22 5.97
N ASN A 109 5.93 -17.22 4.62
CA ASN A 109 7.16 -16.90 3.85
C ASN A 109 7.42 -15.37 3.83
N GLY A 110 6.46 -14.58 4.36
CA GLY A 110 6.54 -13.12 4.37
C GLY A 110 6.16 -12.50 3.04
N ILE A 111 5.39 -13.25 2.23
CA ILE A 111 4.93 -12.79 0.91
C ILE A 111 3.79 -11.79 1.10
N LEU A 112 3.95 -10.59 0.53
CA LEU A 112 3.04 -9.45 0.78
C LEU A 112 2.04 -9.31 -0.37
N HIS A 113 0.78 -9.62 -0.11
CA HIS A 113 -0.32 -9.37 -1.03
C HIS A 113 -1.10 -8.15 -0.52
N VAL A 114 -0.97 -7.00 -1.21
CA VAL A 114 -1.71 -5.78 -0.84
C VAL A 114 -2.91 -5.63 -1.77
N THR A 115 -4.04 -5.13 -1.25
CA THR A 115 -5.22 -4.78 -2.05
C THR A 115 -5.78 -3.44 -1.53
N ALA A 116 -6.54 -2.77 -2.40
CA ALA A 116 -7.29 -1.55 -2.07
C ALA A 116 -8.67 -1.69 -2.69
N LYS A 117 -9.71 -1.32 -1.93
CA LYS A 117 -11.10 -1.50 -2.35
C LYS A 117 -11.92 -0.26 -1.99
N GLU A 118 -12.45 0.43 -3.03
CA GLU A 118 -13.32 1.58 -2.85
C GLU A 118 -14.72 1.07 -2.47
N ARG A 119 -15.27 1.67 -1.41
CA ARG A 119 -16.55 1.25 -0.84
C ARG A 119 -17.75 1.83 -1.64
N SER A 120 -17.54 3.00 -2.30
CA SER A 120 -18.56 3.65 -3.15
C SER A 120 -18.82 2.83 -4.43
N THR A 121 -17.74 2.41 -5.10
CA THR A 121 -17.80 1.75 -6.41
C THR A 121 -17.87 0.21 -6.25
N GLY A 122 -17.20 -0.31 -5.20
CA GLY A 122 -17.11 -1.75 -4.96
C GLY A 122 -15.92 -2.39 -5.67
N ARG A 123 -15.13 -1.56 -6.38
CA ARG A 123 -13.96 -2.02 -7.16
C ARG A 123 -12.79 -2.32 -6.21
N GLU A 124 -12.02 -3.38 -6.56
CA GLU A 124 -10.83 -3.81 -5.80
C GLU A 124 -9.68 -4.18 -6.77
N ALA A 125 -8.47 -3.77 -6.40
CA ALA A 125 -7.23 -4.03 -7.15
C ALA A 125 -6.17 -4.52 -6.17
N SER A 126 -5.33 -5.48 -6.58
CA SER A 126 -4.32 -6.07 -5.71
C SER A 126 -3.01 -6.35 -6.44
N ILE A 127 -1.93 -6.54 -5.65
CA ILE A 127 -0.58 -6.80 -6.13
C ILE A 127 0.12 -7.75 -5.14
N THR A 128 0.92 -8.70 -5.65
CA THR A 128 1.73 -9.58 -4.81
C THR A 128 3.22 -9.23 -4.96
N ILE A 129 3.80 -8.70 -3.89
CA ILE A 129 5.22 -8.36 -3.78
C ILE A 129 5.95 -9.51 -3.05
N GLN A 130 6.81 -10.21 -3.80
CA GLN A 130 7.69 -11.27 -3.24
C GLN A 130 9.11 -10.71 -2.98
N ASN A 131 9.34 -9.45 -3.41
CA ASN A 131 10.60 -8.71 -3.18
C ASN A 131 10.61 -8.07 -1.77
N THR A 132 9.54 -8.32 -1.01
CA THR A 132 9.34 -7.82 0.36
C THR A 132 10.44 -8.33 1.30
N THR A 133 10.61 -9.65 1.32
CA THR A 133 11.56 -10.32 2.20
C THR A 133 12.98 -10.31 1.62
N THR A 134 13.98 -10.45 2.50
CA THR A 134 15.38 -10.66 2.10
C THR A 134 15.72 -12.17 2.17
N PRO A 3 -3.88 9.05 10.88
CA PRO A 3 -4.47 10.04 9.93
C PRO A 3 -3.65 10.04 8.62
N GLY A 4 -4.22 9.44 7.55
CA GLY A 4 -3.50 9.25 6.29
C GLY A 4 -4.42 9.10 5.08
N LEU A 5 -4.09 9.85 4.02
CA LEU A 5 -4.74 9.75 2.71
C LEU A 5 -3.98 8.69 1.88
N PHE A 6 -3.95 8.88 0.55
CA PHE A 6 -3.04 8.15 -0.35
C PHE A 6 -2.07 9.16 -0.95
N GLY A 7 -0.82 8.74 -1.14
CA GLY A 7 0.21 9.56 -1.78
C GLY A 7 -0.18 9.97 -3.20
N GLY A 8 -0.82 9.04 -3.92
CA GLY A 8 -1.20 9.26 -5.31
C GLY A 8 -0.10 8.81 -6.25
N PHE A 9 0.02 9.49 -7.41
CA PHE A 9 0.98 9.15 -8.47
C PHE A 9 2.42 9.11 -7.93
N GLY A 10 3.06 7.92 -8.02
CA GLY A 10 4.40 7.68 -7.45
C GLY A 10 5.18 6.64 -8.22
N SER A 11 6.51 6.59 -7.98
CA SER A 11 7.43 5.66 -8.67
C SER A 11 7.68 4.38 -7.82
N GLY A 12 8.68 3.56 -8.21
CA GLY A 12 9.02 2.32 -7.50
C GLY A 12 8.13 1.16 -7.92
N GLY A 13 8.72 0.08 -8.45
CA GLY A 13 7.94 -1.06 -8.94
C GLY A 13 8.78 -2.34 -8.99
N SER A 14 9.29 -2.74 -7.81
CA SER A 14 10.12 -3.94 -7.67
C SER A 14 9.24 -5.22 -7.69
N GLY A 15 9.02 -5.75 -8.92
CA GLY A 15 8.24 -6.97 -9.14
C GLY A 15 9.14 -8.10 -9.65
N GLY A 16 9.77 -8.83 -8.73
CA GLY A 16 10.61 -10.00 -9.04
C GLY A 16 10.37 -11.15 -8.06
N SER A 17 11.00 -12.30 -8.34
CA SER A 17 10.94 -13.47 -7.45
C SER A 17 11.85 -13.24 -6.23
N GLY A 18 11.23 -12.91 -5.08
CA GLY A 18 11.95 -12.67 -3.83
C GLY A 18 12.29 -13.96 -3.08
N GLY A 19 12.78 -13.79 -1.84
CA GLY A 19 13.11 -14.92 -0.97
C GLY A 19 11.90 -15.45 -0.21
N SER A 20 12.18 -16.31 0.77
CA SER A 20 11.15 -16.99 1.58
C SER A 20 11.47 -16.87 3.09
N GLY A 21 12.31 -15.87 3.44
CA GLY A 21 12.77 -15.69 4.81
C GLY A 21 11.94 -14.67 5.58
N VAL A 22 12.57 -13.54 5.95
CA VAL A 22 11.91 -12.43 6.68
C VAL A 22 12.18 -11.12 5.95
N THR A 23 11.33 -10.12 6.21
CA THR A 23 11.54 -8.75 5.69
C THR A 23 12.52 -7.99 6.62
N PRO A 24 13.43 -7.13 6.07
CA PRO A 24 14.34 -6.30 6.90
C PRO A 24 13.62 -5.08 7.50
N LEU A 25 12.50 -4.67 6.88
CA LEU A 25 11.83 -3.37 7.15
C LEU A 25 10.30 -3.54 7.22
N SER A 26 9.65 -2.67 8.03
CA SER A 26 8.19 -2.72 8.28
C SER A 26 7.40 -2.14 7.09
N LEU A 27 6.28 -2.80 6.73
CA LEU A 27 5.62 -2.62 5.44
C LEU A 27 4.34 -1.77 5.62
N GLY A 28 4.21 -0.75 4.77
CA GLY A 28 3.09 0.17 4.80
C GLY A 28 2.93 0.91 3.47
N VAL A 29 2.12 1.98 3.48
CA VAL A 29 1.88 2.82 2.27
C VAL A 29 2.36 4.25 2.54
N GLU A 30 2.76 4.96 1.47
CA GLU A 30 3.11 6.38 1.53
C GLU A 30 1.85 7.22 1.30
N THR A 31 1.67 8.20 2.18
CA THR A 31 0.52 9.11 2.20
C THR A 31 1.05 10.55 1.98
N LYS A 32 0.19 11.43 1.45
CA LYS A 32 0.53 12.85 1.18
C LYS A 32 1.10 13.55 2.44
N GLY A 33 2.22 14.25 2.26
CA GLY A 33 3.00 14.81 3.37
C GLY A 33 4.28 14.02 3.62
N GLY A 34 4.48 12.95 2.82
CA GLY A 34 5.72 12.16 2.83
C GLY A 34 5.79 11.15 3.96
N VAL A 35 4.72 11.05 4.76
CA VAL A 35 4.63 10.12 5.91
C VAL A 35 4.13 8.74 5.44
N MET A 36 4.65 7.66 6.02
CA MET A 36 4.20 6.29 5.71
C MET A 36 3.31 5.75 6.85
N THR A 37 2.17 5.15 6.50
CA THR A 37 1.31 4.43 7.44
C THR A 37 1.67 2.93 7.37
N VAL A 38 2.34 2.44 8.43
CA VAL A 38 2.74 1.02 8.54
C VAL A 38 1.53 0.14 8.95
N LEU A 39 1.36 -0.99 8.24
CA LEU A 39 0.35 -2.02 8.58
C LEU A 39 1.04 -3.26 9.17
N ILE A 40 2.15 -3.69 8.54
CA ILE A 40 2.87 -4.93 8.92
C ILE A 40 4.22 -4.55 9.57
N PRO A 41 4.58 -5.14 10.75
CA PRO A 41 5.93 -4.96 11.36
C PRO A 41 7.03 -5.73 10.58
N ARG A 42 8.31 -5.38 10.82
CA ARG A 42 9.47 -6.06 10.19
C ARG A 42 9.71 -7.46 10.80
N ASN A 43 10.79 -8.15 10.35
CA ASN A 43 11.18 -9.49 10.86
C ASN A 43 10.07 -10.54 10.61
N THR A 44 9.23 -10.26 9.61
CA THR A 44 8.03 -11.04 9.28
C THR A 44 8.39 -12.49 8.88
N THR A 45 7.93 -13.46 9.69
CA THR A 45 8.30 -14.88 9.54
C THR A 45 7.05 -15.78 9.63
N ILE A 46 5.88 -15.16 9.87
CA ILE A 46 4.59 -15.86 10.03
C ILE A 46 3.50 -15.14 9.19
N PRO A 47 2.38 -15.85 8.77
CA PRO A 47 1.30 -15.22 7.99
C PRO A 47 0.54 -14.17 8.84
N THR A 48 0.24 -13.03 8.22
CA THR A 48 -0.35 -11.85 8.92
C THR A 48 -1.34 -11.15 7.98
N ARG A 49 -2.44 -10.62 8.53
CA ARG A 49 -3.42 -9.86 7.74
C ARG A 49 -3.88 -8.65 8.56
N LYS A 50 -3.56 -7.47 8.04
CA LYS A 50 -3.83 -6.19 8.69
C LYS A 50 -4.48 -5.27 7.66
N CYS A 51 -5.58 -4.62 8.02
CA CYS A 51 -6.30 -3.70 7.12
C CYS A 51 -6.52 -2.37 7.82
N GLU A 52 -6.21 -1.28 7.10
CA GLU A 52 -6.28 0.09 7.60
C GLU A 52 -7.19 0.90 6.67
N ILE A 53 -8.08 1.70 7.27
CA ILE A 53 -9.03 2.53 6.54
C ILE A 53 -8.39 3.91 6.24
N PHE A 54 -8.47 4.36 4.99
CA PHE A 54 -7.91 5.67 4.56
C PHE A 54 -9.03 6.51 3.93
N THR A 55 -9.13 7.78 4.33
CA THR A 55 -10.12 8.73 3.77
C THR A 55 -9.37 9.84 3.03
N THR A 56 -9.95 10.30 1.90
CA THR A 56 -9.37 11.37 1.08
C THR A 56 -10.42 11.97 0.14
N ALA A 57 -10.18 13.22 -0.29
CA ALA A 57 -11.00 13.92 -1.30
C ALA A 57 -10.05 14.67 -2.23
N GLU A 58 -9.71 14.04 -3.36
CA GLU A 58 -8.71 14.56 -4.32
C GLU A 58 -9.41 14.97 -5.62
N HIS A 59 -8.96 16.11 -6.21
CA HIS A 59 -9.56 16.62 -7.45
C HIS A 59 -9.04 15.79 -8.65
N ASN A 60 -9.95 15.50 -9.59
CA ASN A 60 -9.67 14.79 -10.85
C ASN A 60 -9.33 13.29 -10.65
N GLN A 61 -9.55 12.73 -9.43
CA GLN A 61 -9.22 11.31 -9.15
C GLN A 61 -10.23 10.38 -9.88
N THR A 62 -9.68 9.53 -10.76
CA THR A 62 -10.44 8.47 -11.45
C THR A 62 -9.83 7.09 -11.11
N ALA A 63 -8.65 7.15 -10.48
CA ALA A 63 -7.97 5.99 -9.89
C ALA A 63 -7.24 6.47 -8.63
N VAL A 64 -7.00 5.53 -7.72
CA VAL A 64 -6.31 5.78 -6.45
C VAL A 64 -5.00 4.98 -6.47
N GLU A 65 -3.83 5.65 -6.40
CA GLU A 65 -2.54 4.96 -6.46
C GLU A 65 -2.02 4.68 -5.03
N ILE A 66 -2.07 3.40 -4.66
CA ILE A 66 -1.54 2.87 -3.42
C ILE A 66 -0.04 2.59 -3.63
N HIS A 67 0.80 3.47 -3.08
CA HIS A 67 2.26 3.41 -3.19
C HIS A 67 2.81 2.66 -1.96
N VAL A 68 3.28 1.42 -2.16
CA VAL A 68 3.70 0.51 -1.07
C VAL A 68 5.23 0.56 -0.87
N LEU A 69 5.64 0.79 0.39
CA LEU A 69 7.07 0.83 0.79
C LEU A 69 7.25 -0.01 2.07
N GLN A 70 8.52 -0.30 2.38
CA GLN A 70 8.93 -0.86 3.68
C GLN A 70 10.03 0.04 4.26
N GLY A 71 10.09 0.17 5.59
CA GLY A 71 11.05 1.05 6.22
C GLY A 71 11.06 0.99 7.73
N GLU A 72 11.71 2.01 8.32
CA GLU A 72 11.92 2.12 9.78
C GLU A 72 11.42 3.50 10.26
N ARG A 73 11.67 4.53 9.43
CA ARG A 73 11.34 5.92 9.77
C ARG A 73 9.88 6.23 9.45
N PRO A 74 9.21 7.15 10.24
CA PRO A 74 7.79 7.53 10.01
C PRO A 74 7.56 8.22 8.65
N MET A 75 8.64 8.66 7.98
CA MET A 75 8.57 9.25 6.63
C MET A 75 9.28 8.35 5.60
N ALA A 76 8.65 8.24 4.42
CA ALA A 76 9.01 7.33 3.32
C ALA A 76 10.40 7.59 2.71
N GLN A 77 10.98 8.79 2.97
CA GLN A 77 12.27 9.22 2.37
C GLN A 77 13.45 8.29 2.73
N ASP A 78 13.40 7.68 3.93
CA ASP A 78 14.45 6.75 4.42
C ASP A 78 14.00 5.30 4.30
N ASN A 79 12.90 5.08 3.54
CA ASN A 79 12.23 3.78 3.39
C ASN A 79 12.31 3.32 1.92
N LYS A 80 12.44 2.01 1.72
CA LYS A 80 12.60 1.37 0.39
C LYS A 80 11.23 1.21 -0.30
N SER A 81 11.07 1.82 -1.49
CA SER A 81 9.87 1.65 -2.32
C SER A 81 9.77 0.20 -2.83
N LEU A 82 8.71 -0.52 -2.41
CA LEU A 82 8.48 -1.91 -2.82
C LEU A 82 7.76 -1.97 -4.17
N GLY A 83 6.80 -1.05 -4.35
CA GLY A 83 6.03 -0.97 -5.56
C GLY A 83 4.94 0.08 -5.47
N ARG A 84 4.16 0.20 -6.56
CA ARG A 84 2.95 1.02 -6.63
C ARG A 84 1.95 0.32 -7.56
N PHE A 85 0.68 0.39 -7.17
CA PHE A 85 -0.44 -0.07 -8.01
C PHE A 85 -1.61 0.89 -7.77
N ARG A 86 -2.64 0.80 -8.59
CA ARG A 86 -3.79 1.69 -8.48
C ARG A 86 -5.10 0.90 -8.55
N LEU A 87 -6.08 1.41 -7.83
CA LEU A 87 -7.45 0.97 -7.85
C LEU A 87 -8.21 1.80 -8.88
N GLU A 88 -8.68 1.13 -9.95
CA GLU A 88 -9.30 1.78 -11.13
C GLU A 88 -10.83 1.58 -11.10
N GLY A 89 -11.52 2.37 -11.94
CA GLY A 89 -12.98 2.34 -12.05
C GLY A 89 -13.66 3.25 -11.05
N ILE A 90 -12.90 4.19 -10.46
CA ILE A 90 -13.44 5.25 -9.59
C ILE A 90 -13.99 6.37 -10.52
N PRO A 91 -15.27 6.84 -10.31
CA PRO A 91 -15.87 7.96 -11.08
C PRO A 91 -14.92 9.20 -11.19
N PRO A 92 -14.82 9.84 -12.41
CA PRO A 92 -13.89 10.98 -12.63
C PRO A 92 -14.24 12.18 -11.72
N MET A 93 -13.45 12.32 -10.64
CA MET A 93 -13.60 13.34 -9.58
C MET A 93 -14.98 13.19 -8.87
N PRO A 94 -15.10 12.24 -7.90
CA PRO A 94 -16.35 12.01 -7.16
C PRO A 94 -16.49 12.94 -5.93
N ALA A 95 -17.33 13.99 -6.06
CA ALA A 95 -17.78 14.77 -4.91
C ALA A 95 -18.74 13.90 -4.09
N GLY A 96 -18.36 13.61 -2.84
CA GLY A 96 -19.05 12.60 -2.02
C GLY A 96 -18.26 11.30 -1.88
N VAL A 97 -16.96 11.32 -2.29
CA VAL A 97 -16.05 10.14 -2.18
C VAL A 97 -15.87 9.74 -0.68
N PRO A 98 -16.07 8.42 -0.33
CA PRO A 98 -15.97 7.92 1.05
C PRO A 98 -14.53 7.47 1.42
N GLN A 99 -14.43 6.48 2.33
CA GLN A 99 -13.18 5.94 2.85
C GLN A 99 -12.81 4.64 2.10
N ILE A 100 -11.63 4.63 1.43
CA ILE A 100 -11.08 3.45 0.74
C ILE A 100 -10.13 2.71 1.70
N GLU A 101 -10.35 1.39 1.92
CA GLU A 101 -9.55 0.59 2.85
C GLU A 101 -8.46 -0.19 2.09
N VAL A 102 -7.19 -0.06 2.54
CA VAL A 102 -6.07 -0.86 2.02
C VAL A 102 -5.81 -2.03 2.98
N CYS A 103 -5.43 -3.18 2.42
CA CYS A 103 -5.21 -4.41 3.16
C CYS A 103 -3.82 -4.96 2.80
N PHE A 104 -3.04 -5.30 3.83
CA PHE A 104 -1.75 -5.95 3.69
C PHE A 104 -1.87 -7.39 4.19
N ASP A 105 -1.81 -8.33 3.24
CA ASP A 105 -1.82 -9.77 3.51
C ASP A 105 -0.38 -10.29 3.41
N ILE A 106 -0.01 -11.17 4.32
CA ILE A 106 1.35 -11.68 4.48
C ILE A 106 1.31 -13.21 4.55
N ASP A 107 2.28 -13.84 3.86
CA ASP A 107 2.48 -15.29 3.86
C ASP A 107 3.45 -15.67 5.01
N ALA A 108 3.58 -16.97 5.27
CA ALA A 108 4.58 -17.52 6.22
C ALA A 108 6.01 -17.23 5.74
N ASN A 109 6.20 -17.26 4.41
CA ASN A 109 7.48 -16.96 3.74
C ASN A 109 7.73 -15.43 3.64
N GLY A 110 6.84 -14.62 4.25
CA GLY A 110 7.03 -13.16 4.36
C GLY A 110 6.57 -12.42 3.11
N ILE A 111 5.92 -13.14 2.18
CA ILE A 111 5.45 -12.59 0.90
C ILE A 111 4.25 -11.64 1.13
N LEU A 112 4.26 -10.48 0.48
CA LEU A 112 3.22 -9.46 0.64
C LEU A 112 2.24 -9.48 -0.54
N HIS A 113 0.95 -9.44 -0.22
CA HIS A 113 -0.13 -9.22 -1.19
C HIS A 113 -0.96 -8.01 -0.69
N VAL A 114 -0.89 -6.87 -1.40
CA VAL A 114 -1.65 -5.65 -1.03
C VAL A 114 -2.88 -5.53 -1.93
N THR A 115 -4.04 -5.19 -1.32
CA THR A 115 -5.28 -4.95 -2.05
C THR A 115 -6.07 -3.80 -1.39
N ALA A 116 -6.59 -2.88 -2.22
CA ALA A 116 -7.41 -1.74 -1.76
C ALA A 116 -8.80 -1.81 -2.38
N LYS A 117 -9.84 -1.45 -1.62
CA LYS A 117 -11.25 -1.55 -2.04
C LYS A 117 -11.97 -0.21 -1.86
N GLU A 118 -12.54 0.31 -2.97
CA GLU A 118 -13.40 1.51 -2.99
C GLU A 118 -14.78 1.12 -2.45
N ARG A 119 -15.24 1.86 -1.45
CA ARG A 119 -16.48 1.58 -0.71
C ARG A 119 -17.72 1.97 -1.55
N SER A 120 -17.60 3.07 -2.32
CA SER A 120 -18.72 3.66 -3.10
C SER A 120 -19.01 2.85 -4.38
N THR A 121 -17.95 2.44 -5.08
CA THR A 121 -18.04 1.74 -6.39
C THR A 121 -18.14 0.21 -6.18
N GLY A 122 -17.41 -0.29 -5.17
CA GLY A 122 -17.37 -1.73 -4.84
C GLY A 122 -16.18 -2.46 -5.44
N ARG A 123 -15.46 -1.79 -6.35
CA ARG A 123 -14.26 -2.35 -7.00
C ARG A 123 -13.08 -2.45 -6.02
N GLU A 124 -12.16 -3.37 -6.33
CA GLU A 124 -10.91 -3.60 -5.60
C GLU A 124 -9.78 -3.94 -6.59
N ALA A 125 -8.53 -3.68 -6.17
CA ALA A 125 -7.32 -3.94 -6.98
C ALA A 125 -6.24 -4.54 -6.08
N SER A 126 -5.39 -5.42 -6.63
CA SER A 126 -4.42 -6.17 -5.82
C SER A 126 -3.07 -6.34 -6.57
N ILE A 127 -2.03 -6.64 -5.78
CA ILE A 127 -0.65 -6.87 -6.25
C ILE A 127 0.05 -7.82 -5.26
N THR A 128 1.05 -8.56 -5.72
CA THR A 128 1.87 -9.42 -4.86
C THR A 128 3.34 -8.97 -4.96
N ILE A 129 3.86 -8.40 -3.87
CA ILE A 129 5.27 -7.99 -3.78
C ILE A 129 6.04 -9.06 -2.97
N GLN A 130 6.85 -9.84 -3.69
CA GLN A 130 7.70 -10.91 -3.14
C GLN A 130 9.08 -10.35 -2.72
N ASN A 131 9.37 -9.12 -3.18
CA ASN A 131 10.65 -8.41 -3.00
C ASN A 131 10.74 -7.75 -1.59
N THR A 132 9.91 -8.23 -0.66
CA THR A 132 9.81 -7.74 0.71
C THR A 132 10.87 -8.38 1.61
N THR A 133 11.16 -9.67 1.39
CA THR A 133 12.16 -10.43 2.14
C THR A 133 13.60 -9.88 1.87
N THR A 134 14.50 -10.12 2.85
CA THR A 134 15.88 -9.61 2.88
C THR A 134 16.65 -9.87 1.55
N PRO A 3 -6.55 12.82 7.54
CA PRO A 3 -5.53 12.21 6.64
C PRO A 3 -6.05 10.86 6.10
N GLY A 4 -5.19 10.18 5.30
CA GLY A 4 -5.55 8.88 4.72
C GLY A 4 -5.40 8.89 3.21
N LEU A 5 -5.60 10.07 2.60
CA LEU A 5 -5.39 10.29 1.16
C LEU A 5 -3.98 9.86 0.75
N PHE A 6 -3.92 9.00 -0.28
CA PHE A 6 -2.71 8.24 -0.63
C PHE A 6 -1.75 9.02 -1.52
N GLY A 7 -0.52 8.50 -1.58
CA GLY A 7 0.48 8.95 -2.52
C GLY A 7 0.94 7.79 -3.36
N GLY A 8 0.95 7.97 -4.69
CA GLY A 8 1.44 6.95 -5.62
C GLY A 8 2.62 7.48 -6.42
N PHE A 9 2.55 8.77 -6.78
CA PHE A 9 3.64 9.46 -7.46
C PHE A 9 4.80 9.70 -6.51
N GLY A 10 5.95 9.12 -6.87
CA GLY A 10 7.18 9.30 -6.13
C GLY A 10 8.33 8.70 -6.90
N SER A 11 9.49 9.37 -6.87
CA SER A 11 10.72 8.89 -7.50
C SER A 11 11.26 7.68 -6.71
N GLY A 12 10.65 6.51 -6.96
CA GLY A 12 10.96 5.30 -6.22
C GLY A 12 10.22 4.09 -6.76
N GLY A 13 10.99 3.09 -7.18
CA GLY A 13 10.47 1.80 -7.61
C GLY A 13 11.57 0.74 -7.55
N SER A 14 11.44 -0.22 -6.63
CA SER A 14 12.42 -1.30 -6.43
C SER A 14 11.68 -2.62 -6.21
N GLY A 15 11.61 -3.44 -7.27
CA GLY A 15 10.91 -4.71 -7.23
C GLY A 15 11.60 -5.74 -8.10
N GLY A 16 10.91 -6.17 -9.17
CA GLY A 16 11.45 -7.17 -10.10
C GLY A 16 11.43 -8.59 -9.56
N SER A 17 10.54 -8.83 -8.56
CA SER A 17 10.31 -10.16 -7.93
C SER A 17 11.54 -10.64 -7.11
N GLY A 18 11.43 -11.83 -6.50
CA GLY A 18 12.51 -12.40 -5.68
C GLY A 18 12.47 -11.94 -4.22
N GLY A 19 12.88 -12.82 -3.32
CA GLY A 19 12.89 -12.53 -1.88
C GLY A 19 12.09 -13.56 -1.09
N SER A 20 12.73 -14.17 -0.09
CA SER A 20 12.10 -15.18 0.79
C SER A 20 12.79 -15.18 2.16
N GLY A 21 12.02 -15.47 3.23
CA GLY A 21 12.54 -15.52 4.60
C GLY A 21 11.77 -14.58 5.51
N VAL A 22 12.47 -13.59 6.09
CA VAL A 22 11.85 -12.49 6.85
C VAL A 22 12.14 -11.17 6.14
N THR A 23 11.32 -10.16 6.44
CA THR A 23 11.50 -8.82 5.86
C THR A 23 12.47 -7.99 6.74
N PRO A 24 13.46 -7.30 6.12
CA PRO A 24 14.42 -6.44 6.86
C PRO A 24 13.81 -5.09 7.30
N LEU A 25 12.67 -4.70 6.71
CA LEU A 25 11.99 -3.41 6.99
C LEU A 25 10.45 -3.57 7.03
N SER A 26 9.81 -2.79 7.93
CA SER A 26 8.35 -2.88 8.19
C SER A 26 7.52 -2.37 6.99
N LEU A 27 6.33 -2.94 6.78
CA LEU A 27 5.59 -2.77 5.51
C LEU A 27 4.42 -1.80 5.71
N GLY A 28 4.36 -0.78 4.83
CA GLY A 28 3.33 0.26 4.91
C GLY A 28 3.07 0.96 3.61
N VAL A 29 2.21 2.00 3.66
CA VAL A 29 1.78 2.78 2.48
C VAL A 29 2.27 4.22 2.58
N GLU A 30 2.31 4.89 1.44
CA GLU A 30 2.61 6.33 1.36
C GLU A 30 1.31 7.13 1.37
N THR A 31 1.25 8.13 2.24
CA THR A 31 0.13 9.08 2.29
C THR A 31 0.67 10.51 2.11
N LYS A 32 -0.22 11.44 1.69
CA LYS A 32 0.14 12.83 1.42
C LYS A 32 0.65 13.52 2.70
N GLY A 33 1.83 14.15 2.58
CA GLY A 33 2.60 14.66 3.72
C GLY A 33 3.96 13.98 3.80
N GLY A 34 4.19 12.99 2.91
CA GLY A 34 5.44 12.24 2.84
C GLY A 34 5.61 11.25 3.98
N VAL A 35 4.52 10.99 4.72
CA VAL A 35 4.53 10.14 5.91
C VAL A 35 4.14 8.70 5.53
N MET A 36 4.91 7.73 6.05
CA MET A 36 4.61 6.30 5.89
C MET A 36 3.62 5.84 6.97
N THR A 37 2.62 5.03 6.61
CA THR A 37 1.72 4.38 7.59
C THR A 37 1.94 2.86 7.53
N VAL A 38 2.60 2.30 8.56
CA VAL A 38 2.97 0.88 8.60
C VAL A 38 1.83 0.03 9.18
N LEU A 39 1.48 -1.06 8.45
CA LEU A 39 0.46 -2.03 8.87
C LEU A 39 1.11 -3.31 9.41
N ILE A 40 2.27 -3.70 8.85
CA ILE A 40 2.96 -4.95 9.25
C ILE A 40 4.34 -4.62 9.87
N PRO A 41 4.63 -5.10 11.12
CA PRO A 41 5.98 -4.97 11.71
C PRO A 41 6.99 -5.89 10.99
N ARG A 42 8.28 -5.50 10.97
CA ARG A 42 9.33 -6.29 10.28
C ARG A 42 9.75 -7.53 11.08
N ASN A 43 10.79 -8.23 10.55
CA ASN A 43 11.25 -9.54 11.06
C ASN A 43 10.17 -10.62 10.82
N THR A 44 9.29 -10.34 9.84
CA THR A 44 8.07 -11.10 9.59
C THR A 44 8.35 -12.53 9.09
N THR A 45 7.90 -13.52 9.87
CA THR A 45 8.13 -14.94 9.57
C THR A 45 6.82 -15.74 9.61
N ILE A 46 5.75 -15.12 10.14
CA ILE A 46 4.43 -15.75 10.34
C ILE A 46 3.33 -15.02 9.57
N PRO A 47 2.21 -15.72 9.19
CA PRO A 47 1.13 -15.09 8.38
C PRO A 47 0.37 -14.02 9.19
N THR A 48 0.11 -12.87 8.55
CA THR A 48 -0.56 -11.73 9.19
C THR A 48 -1.40 -10.96 8.16
N ARG A 49 -2.71 -10.89 8.37
CA ARG A 49 -3.61 -10.08 7.55
C ARG A 49 -4.08 -8.89 8.38
N LYS A 50 -3.65 -7.71 7.99
CA LYS A 50 -3.96 -6.46 8.70
C LYS A 50 -4.70 -5.54 7.76
N CYS A 51 -5.71 -4.86 8.27
CA CYS A 51 -6.53 -3.94 7.47
C CYS A 51 -6.63 -2.58 8.17
N GLU A 52 -6.68 -1.52 7.37
CA GLU A 52 -6.90 -0.15 7.85
C GLU A 52 -7.71 0.62 6.82
N ILE A 53 -8.68 1.41 7.29
CA ILE A 53 -9.50 2.25 6.43
C ILE A 53 -8.81 3.62 6.26
N PHE A 54 -8.74 4.10 5.03
CA PHE A 54 -8.17 5.43 4.71
C PHE A 54 -9.16 6.20 3.85
N THR A 55 -9.19 7.53 3.94
CA THR A 55 -10.09 8.38 3.11
C THR A 55 -9.29 9.31 2.20
N THR A 56 -9.63 9.34 0.90
CA THR A 56 -9.06 10.33 -0.02
C THR A 56 -9.94 11.59 -0.03
N ALA A 57 -11.28 11.38 -0.23
CA ALA A 57 -12.34 12.42 -0.19
C ALA A 57 -11.90 13.75 -0.85
N GLU A 58 -11.18 13.64 -1.99
CA GLU A 58 -10.51 14.78 -2.63
C GLU A 58 -11.16 15.10 -3.98
N HIS A 59 -11.02 16.37 -4.42
CA HIS A 59 -11.45 16.83 -5.74
C HIS A 59 -10.53 16.26 -6.84
N ASN A 60 -11.11 16.07 -8.05
CA ASN A 60 -10.38 15.59 -9.25
C ASN A 60 -9.84 14.14 -9.06
N GLN A 61 -10.56 13.36 -8.24
CA GLN A 61 -10.32 11.91 -8.11
C GLN A 61 -10.90 11.17 -9.32
N THR A 62 -10.38 9.98 -9.58
CA THR A 62 -10.80 9.11 -10.70
C THR A 62 -10.10 7.76 -10.54
N ALA A 63 -8.90 7.81 -9.96
CA ALA A 63 -8.09 6.65 -9.66
C ALA A 63 -7.28 6.92 -8.40
N VAL A 64 -7.06 5.89 -7.60
CA VAL A 64 -6.35 5.96 -6.33
C VAL A 64 -5.04 5.17 -6.46
N GLU A 65 -3.90 5.84 -6.26
CA GLU A 65 -2.57 5.23 -6.42
C GLU A 65 -1.91 5.07 -5.05
N ILE A 66 -1.53 3.84 -4.73
CA ILE A 66 -0.92 3.46 -3.47
C ILE A 66 0.53 3.05 -3.72
N HIS A 67 1.46 3.83 -3.16
CA HIS A 67 2.90 3.55 -3.22
C HIS A 67 3.27 2.76 -1.96
N VAL A 68 3.53 1.47 -2.14
CA VAL A 68 3.90 0.56 -1.04
C VAL A 68 5.42 0.58 -0.85
N LEU A 69 5.85 0.79 0.41
CA LEU A 69 7.29 0.84 0.78
C LEU A 69 7.52 -0.01 2.03
N GLN A 70 8.79 -0.34 2.31
CA GLN A 70 9.20 -0.93 3.57
C GLN A 70 10.27 -0.04 4.21
N GLY A 71 10.12 0.22 5.51
CA GLY A 71 11.08 1.00 6.27
C GLY A 71 10.67 1.18 7.72
N GLU A 72 11.61 1.69 8.51
CA GLU A 72 11.39 2.07 9.92
C GLU A 72 11.42 3.61 10.03
N ARG A 73 11.83 4.27 8.94
CA ARG A 73 11.96 5.74 8.86
C ARG A 73 10.59 6.39 8.70
N PRO A 74 10.36 7.60 9.32
CA PRO A 74 9.01 8.23 9.40
C PRO A 74 8.54 8.76 8.03
N MET A 75 9.50 9.11 7.16
CA MET A 75 9.23 9.59 5.81
C MET A 75 9.38 8.42 4.82
N ALA A 76 8.42 8.31 3.88
CA ALA A 76 8.39 7.26 2.86
C ALA A 76 9.61 7.35 1.92
N GLN A 77 10.08 8.57 1.65
CA GLN A 77 11.24 8.82 0.76
C GLN A 77 12.55 8.23 1.34
N ASP A 78 12.56 7.97 2.67
CA ASP A 78 13.72 7.38 3.38
C ASP A 78 13.61 5.83 3.43
N ASN A 79 12.49 5.31 2.89
CA ASN A 79 12.15 3.86 2.93
C ASN A 79 12.26 3.26 1.52
N LYS A 80 12.46 1.93 1.43
CA LYS A 80 12.61 1.25 0.15
C LYS A 80 11.23 1.02 -0.48
N SER A 81 10.98 1.73 -1.59
CA SER A 81 9.77 1.57 -2.39
C SER A 81 9.73 0.18 -3.03
N LEU A 82 8.76 -0.64 -2.63
CA LEU A 82 8.60 -2.01 -3.12
C LEU A 82 7.80 -2.02 -4.43
N GLY A 83 6.78 -1.16 -4.47
CA GLY A 83 5.93 -1.02 -5.65
C GLY A 83 4.93 0.11 -5.51
N ARG A 84 4.12 0.27 -6.55
CA ARG A 84 3.00 1.20 -6.58
C ARG A 84 1.98 0.69 -7.59
N PHE A 85 0.70 0.73 -7.20
CA PHE A 85 -0.42 0.24 -8.04
C PHE A 85 -1.59 1.22 -7.96
N ARG A 86 -2.46 1.16 -8.97
CA ARG A 86 -3.58 2.10 -9.11
C ARG A 86 -4.92 1.35 -9.27
N LEU A 87 -5.87 1.67 -8.38
CA LEU A 87 -7.25 1.19 -8.46
C LEU A 87 -8.08 2.30 -9.12
N GLU A 88 -8.62 2.01 -10.30
CA GLU A 88 -9.40 2.96 -11.10
C GLU A 88 -10.76 2.37 -11.45
N GLY A 89 -11.65 3.23 -11.95
CA GLY A 89 -13.06 2.91 -12.13
C GLY A 89 -13.97 3.95 -11.48
N ILE A 90 -13.33 4.84 -10.70
CA ILE A 90 -14.00 5.97 -10.04
C ILE A 90 -14.21 7.09 -11.10
N PRO A 91 -15.43 7.70 -11.19
CA PRO A 91 -15.69 8.84 -12.12
C PRO A 91 -14.71 10.03 -11.94
N PRO A 92 -14.20 10.64 -13.05
CA PRO A 92 -13.38 11.88 -13.00
C PRO A 92 -14.15 13.03 -12.33
N MET A 93 -13.56 13.59 -11.25
CA MET A 93 -14.17 14.64 -10.41
C MET A 93 -15.52 14.14 -9.81
N PRO A 94 -15.47 13.19 -8.84
CA PRO A 94 -16.68 12.58 -8.25
C PRO A 94 -17.17 13.34 -7.00
N ALA A 95 -18.41 13.06 -6.61
CA ALA A 95 -19.03 13.57 -5.39
C ALA A 95 -19.57 12.39 -4.59
N GLY A 96 -19.09 12.25 -3.36
CA GLY A 96 -19.54 11.18 -2.48
C GLY A 96 -18.52 10.07 -2.29
N VAL A 97 -17.36 10.19 -2.97
CA VAL A 97 -16.24 9.24 -2.78
C VAL A 97 -15.80 9.23 -1.30
N PRO A 98 -15.96 8.08 -0.56
CA PRO A 98 -15.73 8.04 0.87
C PRO A 98 -14.29 7.60 1.20
N GLN A 99 -14.08 6.28 1.36
CA GLN A 99 -12.87 5.71 1.96
C GLN A 99 -12.47 4.43 1.23
N ILE A 100 -11.16 4.25 1.01
CA ILE A 100 -10.58 3.04 0.41
C ILE A 100 -9.96 2.19 1.55
N GLU A 101 -10.42 0.94 1.68
CA GLU A 101 -9.88 -0.01 2.67
C GLU A 101 -8.67 -0.73 2.09
N VAL A 102 -7.50 -0.59 2.74
CA VAL A 102 -6.26 -1.26 2.33
C VAL A 102 -5.90 -2.35 3.35
N CYS A 103 -5.57 -3.54 2.85
CA CYS A 103 -5.17 -4.67 3.68
C CYS A 103 -3.80 -5.19 3.23
N PHE A 104 -2.90 -5.36 4.20
CA PHE A 104 -1.59 -5.99 4.00
C PHE A 104 -1.69 -7.43 4.54
N ASP A 105 -1.70 -8.40 3.63
CA ASP A 105 -1.72 -9.83 3.96
C ASP A 105 -0.30 -10.39 3.81
N ILE A 106 0.09 -11.23 4.76
CA ILE A 106 1.42 -11.82 4.84
C ILE A 106 1.27 -13.33 4.92
N ASP A 107 2.12 -14.06 4.19
CA ASP A 107 2.19 -15.54 4.26
C ASP A 107 3.10 -15.98 5.41
N ALA A 108 3.16 -17.30 5.64
CA ALA A 108 4.18 -17.91 6.54
C ALA A 108 5.58 -17.83 5.91
N ASN A 109 5.61 -17.56 4.59
CA ASN A 109 6.83 -17.29 3.83
C ASN A 109 7.26 -15.81 3.97
N GLY A 110 6.38 -14.99 4.59
CA GLY A 110 6.63 -13.57 4.86
C GLY A 110 6.28 -12.68 3.67
N ILE A 111 5.72 -13.30 2.61
CA ILE A 111 5.42 -12.61 1.35
C ILE A 111 4.20 -11.70 1.50
N LEU A 112 4.30 -10.49 0.92
CA LEU A 112 3.32 -9.42 1.08
C LEU A 112 2.30 -9.44 -0.05
N HIS A 113 1.04 -9.25 0.30
CA HIS A 113 -0.06 -9.05 -0.63
C HIS A 113 -0.75 -7.75 -0.25
N VAL A 114 -0.62 -6.70 -1.07
CA VAL A 114 -1.30 -5.42 -0.80
C VAL A 114 -2.54 -5.33 -1.66
N THR A 115 -3.70 -5.31 -1.03
CA THR A 115 -4.97 -5.14 -1.70
C THR A 115 -5.65 -3.87 -1.18
N ALA A 116 -6.47 -3.28 -2.05
CA ALA A 116 -7.27 -2.10 -1.74
C ALA A 116 -8.65 -2.29 -2.34
N LYS A 117 -9.68 -1.71 -1.71
CA LYS A 117 -11.04 -1.72 -2.25
C LYS A 117 -11.69 -0.36 -2.05
N GLU A 118 -12.10 0.29 -3.16
CA GLU A 118 -12.86 1.54 -3.12
C GLU A 118 -14.31 1.22 -2.74
N ARG A 119 -14.84 1.92 -1.72
CA ARG A 119 -16.22 1.71 -1.24
C ARG A 119 -17.21 2.34 -2.25
N SER A 120 -16.79 3.45 -2.90
CA SER A 120 -17.62 4.22 -3.85
C SER A 120 -18.04 3.35 -5.05
N THR A 121 -17.03 2.75 -5.71
CA THR A 121 -17.22 1.99 -6.95
C THR A 121 -17.49 0.49 -6.65
N GLY A 122 -16.89 -0.02 -5.54
CA GLY A 122 -16.99 -1.44 -5.19
C GLY A 122 -15.91 -2.29 -5.83
N ARG A 123 -14.99 -1.62 -6.56
CA ARG A 123 -13.84 -2.29 -7.21
C ARG A 123 -12.72 -2.58 -6.19
N GLU A 124 -12.03 -3.69 -6.44
CA GLU A 124 -10.94 -4.19 -5.60
C GLU A 124 -9.79 -4.70 -6.47
N ALA A 125 -8.56 -4.53 -5.98
CA ALA A 125 -7.33 -4.88 -6.71
C ALA A 125 -6.23 -5.26 -5.72
N SER A 126 -5.37 -6.21 -6.08
CA SER A 126 -4.27 -6.69 -5.21
C SER A 126 -2.97 -6.85 -5.99
N ILE A 127 -1.83 -6.80 -5.29
CA ILE A 127 -0.50 -7.04 -5.86
C ILE A 127 0.33 -7.83 -4.84
N THR A 128 1.00 -8.89 -5.30
CA THR A 128 1.85 -9.71 -4.43
C THR A 128 3.32 -9.28 -4.60
N ILE A 129 3.89 -8.71 -3.53
CA ILE A 129 5.29 -8.29 -3.49
C ILE A 129 6.13 -9.35 -2.76
N GLN A 130 7.12 -9.91 -3.47
CA GLN A 130 8.10 -10.87 -2.91
C GLN A 130 9.27 -10.10 -2.29
N ASN A 131 9.50 -8.89 -2.82
CA ASN A 131 10.63 -8.01 -2.43
C ASN A 131 10.46 -7.42 -1.01
N THR A 132 9.35 -7.76 -0.35
CA THR A 132 9.17 -7.54 1.09
C THR A 132 10.30 -8.25 1.88
N THR A 133 10.46 -9.54 1.61
CA THR A 133 11.41 -10.37 2.32
C THR A 133 12.81 -10.29 1.69
N THR A 134 13.81 -10.78 2.44
CA THR A 134 15.23 -10.82 2.04
C THR A 134 15.43 -11.60 0.71
N PRO A 3 -3.97 9.05 9.90
CA PRO A 3 -4.53 9.93 8.85
C PRO A 3 -5.63 9.21 8.06
N GLY A 4 -5.26 8.03 7.52
CA GLY A 4 -6.11 7.27 6.62
C GLY A 4 -6.28 7.99 5.30
N LEU A 5 -5.24 7.97 4.45
CA LEU A 5 -5.26 8.52 3.07
C LEU A 5 -4.03 8.04 2.28
N PHE A 6 -3.96 8.39 0.98
CA PHE A 6 -2.88 7.93 0.06
C PHE A 6 -1.89 9.06 -0.22
N GLY A 7 -0.71 8.68 -0.76
CA GLY A 7 0.35 9.62 -1.13
C GLY A 7 0.05 10.34 -2.43
N GLY A 8 0.73 9.93 -3.50
CA GLY A 8 0.51 10.50 -4.82
C GLY A 8 1.46 9.94 -5.84
N PHE A 9 2.72 10.42 -5.78
CA PHE A 9 3.81 9.99 -6.68
C PHE A 9 4.21 8.54 -6.33
N GLY A 10 4.02 7.63 -7.29
CA GLY A 10 4.24 6.20 -7.09
C GLY A 10 5.62 5.76 -7.54
N SER A 11 6.64 6.09 -6.75
CA SER A 11 8.00 5.55 -6.93
C SER A 11 7.97 4.03 -6.71
N GLY A 12 7.87 3.26 -7.80
CA GLY A 12 7.70 1.81 -7.73
C GLY A 12 8.50 1.10 -8.80
N GLY A 13 9.71 1.62 -9.10
CA GLY A 13 10.65 0.96 -10.01
C GLY A 13 11.42 -0.15 -9.30
N SER A 14 10.67 -1.11 -8.74
CA SER A 14 11.19 -2.15 -7.86
C SER A 14 11.29 -3.48 -8.63
N GLY A 15 12.51 -3.82 -9.04
CA GLY A 15 12.80 -5.09 -9.73
C GLY A 15 13.08 -6.20 -8.74
N GLY A 16 12.65 -7.42 -9.10
CA GLY A 16 12.87 -8.60 -8.27
C GLY A 16 11.93 -9.73 -8.64
N SER A 17 10.67 -9.61 -8.18
CA SER A 17 9.58 -10.56 -8.45
C SER A 17 9.86 -11.95 -7.81
N GLY A 18 10.59 -11.93 -6.68
CA GLY A 18 10.91 -13.15 -5.93
C GLY A 18 11.58 -12.81 -4.60
N GLY A 19 11.72 -13.83 -3.73
CA GLY A 19 12.39 -13.69 -2.43
C GLY A 19 11.49 -14.07 -1.28
N SER A 20 11.94 -15.03 -0.45
CA SER A 20 11.19 -15.51 0.72
C SER A 20 12.14 -15.65 1.93
N GLY A 21 11.65 -15.27 3.11
CA GLY A 21 12.44 -15.29 4.34
C GLY A 21 11.86 -14.30 5.34
N VAL A 22 12.69 -13.39 5.87
CA VAL A 22 12.24 -12.29 6.73
C VAL A 22 12.58 -10.95 6.08
N THR A 23 11.74 -9.95 6.33
CA THR A 23 11.91 -8.59 5.77
C THR A 23 12.78 -7.75 6.74
N PRO A 24 13.71 -6.90 6.22
CA PRO A 24 14.64 -6.10 7.05
C PRO A 24 14.00 -4.81 7.62
N LEU A 25 12.90 -4.36 6.98
CA LEU A 25 12.21 -3.10 7.30
C LEU A 25 10.69 -3.33 7.37
N SER A 26 10.00 -2.50 8.16
CA SER A 26 8.55 -2.61 8.39
C SER A 26 7.76 -2.15 7.14
N LEU A 27 6.61 -2.76 6.89
CA LEU A 27 5.90 -2.64 5.59
C LEU A 27 4.69 -1.72 5.77
N GLY A 28 4.49 -0.78 4.84
CA GLY A 28 3.41 0.21 4.93
C GLY A 28 3.13 0.92 3.61
N VAL A 29 2.32 1.99 3.68
CA VAL A 29 1.90 2.78 2.51
C VAL A 29 2.44 4.21 2.64
N GLU A 30 2.40 4.94 1.52
CA GLU A 30 2.70 6.36 1.46
C GLU A 30 1.40 7.14 1.67
N THR A 31 1.48 8.18 2.48
CA THR A 31 0.40 9.14 2.76
C THR A 31 0.88 10.54 2.35
N LYS A 32 -0.05 11.32 1.78
CA LYS A 32 0.22 12.66 1.25
C LYS A 32 0.83 13.57 2.33
N GLY A 33 1.97 14.17 2.02
CA GLY A 33 2.80 14.93 2.98
C GLY A 33 4.20 14.35 3.09
N GLY A 34 4.43 13.20 2.41
CA GLY A 34 5.72 12.53 2.38
C GLY A 34 5.89 11.53 3.51
N VAL A 35 4.85 11.37 4.35
CA VAL A 35 4.88 10.46 5.50
C VAL A 35 4.46 9.04 5.06
N MET A 36 5.00 8.01 5.74
CA MET A 36 4.59 6.61 5.54
C MET A 36 3.76 6.16 6.76
N THR A 37 2.65 5.45 6.51
CA THR A 37 1.88 4.76 7.56
C THR A 37 2.23 3.27 7.53
N VAL A 38 2.83 2.74 8.62
CA VAL A 38 3.22 1.32 8.70
C VAL A 38 2.00 0.46 9.09
N LEU A 39 1.79 -0.65 8.36
CA LEU A 39 0.70 -1.60 8.63
C LEU A 39 1.26 -2.90 9.23
N ILE A 40 2.35 -3.44 8.63
CA ILE A 40 2.95 -4.71 9.06
C ILE A 40 4.34 -4.47 9.72
N PRO A 41 4.64 -5.12 10.89
CA PRO A 41 6.01 -5.11 11.48
C PRO A 41 7.04 -5.90 10.63
N ARG A 42 8.34 -5.64 10.87
CA ARG A 42 9.43 -6.31 10.13
C ARG A 42 9.73 -7.71 10.72
N ASN A 43 10.84 -8.35 10.25
CA ASN A 43 11.29 -9.69 10.72
C ASN A 43 10.21 -10.75 10.45
N THR A 44 9.39 -10.50 9.40
CA THR A 44 8.21 -11.31 9.08
C THR A 44 8.56 -12.78 8.75
N THR A 45 8.04 -13.71 9.57
CA THR A 45 8.32 -15.15 9.47
C THR A 45 7.02 -15.98 9.47
N ILE A 46 5.90 -15.35 9.88
CA ILE A 46 4.58 -16.00 10.02
C ILE A 46 3.47 -15.24 9.25
N PRO A 47 2.34 -15.92 8.84
CA PRO A 47 1.24 -15.24 8.11
C PRO A 47 0.45 -14.25 9.00
N THR A 48 0.08 -13.09 8.45
CA THR A 48 -0.59 -12.01 9.21
C THR A 48 -1.59 -11.28 8.30
N ARG A 49 -2.83 -11.12 8.78
CA ARG A 49 -3.87 -10.38 8.05
C ARG A 49 -4.15 -9.03 8.71
N LYS A 50 -3.86 -7.97 7.97
CA LYS A 50 -4.10 -6.58 8.37
C LYS A 50 -5.16 -5.98 7.44
N CYS A 51 -6.06 -5.18 8.03
CA CYS A 51 -7.05 -4.40 7.28
C CYS A 51 -7.25 -3.03 7.97
N GLU A 52 -7.26 -1.95 7.17
CA GLU A 52 -7.48 -0.57 7.64
C GLU A 52 -8.32 0.18 6.62
N ILE A 53 -9.24 1.04 7.08
CA ILE A 53 -10.06 1.87 6.20
C ILE A 53 -9.42 3.27 6.04
N PHE A 54 -9.19 3.67 4.78
CA PHE A 54 -8.61 4.98 4.42
C PHE A 54 -9.72 5.85 3.84
N THR A 55 -9.59 7.17 3.97
CA THR A 55 -10.55 8.15 3.44
C THR A 55 -9.80 9.26 2.69
N THR A 56 -10.30 9.65 1.51
CA THR A 56 -9.72 10.74 0.74
C THR A 56 -10.73 11.24 -0.30
N ALA A 57 -10.56 12.51 -0.68
CA ALA A 57 -11.39 13.18 -1.67
C ALA A 57 -10.52 14.23 -2.37
N GLU A 58 -10.00 13.89 -3.56
CA GLU A 58 -9.09 14.75 -4.33
C GLU A 58 -9.79 15.25 -5.60
N HIS A 59 -9.42 16.48 -6.01
CA HIS A 59 -9.90 17.07 -7.27
C HIS A 59 -9.18 16.39 -8.45
N ASN A 60 -9.95 16.13 -9.52
CA ASN A 60 -9.51 15.43 -10.76
C ASN A 60 -9.20 13.93 -10.52
N GLN A 61 -9.44 13.41 -9.29
CA GLN A 61 -9.15 12.00 -8.95
C GLN A 61 -10.16 11.07 -9.62
N THR A 62 -9.66 10.11 -10.38
CA THR A 62 -10.47 9.06 -11.05
C THR A 62 -9.95 7.67 -10.64
N ALA A 63 -8.86 7.66 -9.87
CA ALA A 63 -8.19 6.44 -9.42
C ALA A 63 -7.40 6.72 -8.13
N VAL A 64 -7.28 5.70 -7.27
CA VAL A 64 -6.52 5.79 -5.99
C VAL A 64 -5.30 4.86 -6.07
N GLU A 65 -4.08 5.42 -5.83
CA GLU A 65 -2.82 4.67 -5.97
C GLU A 65 -2.18 4.41 -4.60
N ILE A 66 -2.01 3.13 -4.30
CA ILE A 66 -1.43 2.62 -3.08
C ILE A 66 0.07 2.40 -3.35
N HIS A 67 0.89 3.34 -2.89
CA HIS A 67 2.35 3.29 -3.03
C HIS A 67 2.94 2.65 -1.76
N VAL A 68 3.38 1.39 -1.89
CA VAL A 68 3.85 0.58 -0.75
C VAL A 68 5.40 0.68 -0.62
N LEU A 69 5.88 0.99 0.62
CA LEU A 69 7.32 1.06 0.94
C LEU A 69 7.58 0.36 2.28
N GLN A 70 8.85 -0.01 2.51
CA GLN A 70 9.31 -0.56 3.79
C GLN A 70 10.37 0.35 4.41
N GLY A 71 10.23 0.62 5.72
CA GLY A 71 11.18 1.42 6.47
C GLY A 71 10.66 1.78 7.85
N GLU A 72 11.57 2.25 8.71
CA GLU A 72 11.25 2.70 10.09
C GLU A 72 11.08 4.23 10.15
N ARG A 73 11.58 4.93 9.11
CA ARG A 73 11.57 6.40 9.06
C ARG A 73 10.16 6.93 8.73
N PRO A 74 9.63 7.94 9.51
CA PRO A 74 8.35 8.63 9.21
C PRO A 74 8.21 9.13 7.75
N MET A 75 9.33 9.44 7.07
CA MET A 75 9.33 9.90 5.67
C MET A 75 9.67 8.75 4.72
N ALA A 76 8.86 8.62 3.65
CA ALA A 76 8.95 7.55 2.63
C ALA A 76 10.25 7.64 1.78
N GLN A 77 10.83 8.86 1.74
CA GLN A 77 12.08 9.15 0.98
C GLN A 77 13.28 8.35 1.53
N ASP A 78 13.24 8.06 2.84
CA ASP A 78 14.30 7.29 3.54
C ASP A 78 13.95 5.79 3.60
N ASN A 79 12.87 5.39 2.90
CA ASN A 79 12.35 4.02 2.92
C ASN A 79 12.47 3.39 1.53
N LYS A 80 12.63 2.06 1.51
CA LYS A 80 12.80 1.27 0.29
C LYS A 80 11.42 1.05 -0.38
N SER A 81 11.29 1.54 -1.62
CA SER A 81 10.07 1.35 -2.43
C SER A 81 9.87 -0.15 -2.75
N LEU A 82 8.76 -0.72 -2.27
CA LEU A 82 8.39 -2.13 -2.52
C LEU A 82 7.65 -2.25 -3.85
N GLY A 83 6.77 -1.27 -4.08
CA GLY A 83 6.01 -1.18 -5.31
C GLY A 83 4.91 -0.16 -5.19
N ARG A 84 4.04 -0.15 -6.19
CA ARG A 84 2.82 0.65 -6.21
C ARG A 84 1.80 -0.03 -7.15
N PHE A 85 0.52 0.14 -6.85
CA PHE A 85 -0.57 -0.29 -7.73
C PHE A 85 -1.72 0.68 -7.57
N ARG A 86 -2.47 0.91 -8.64
CA ARG A 86 -3.55 1.89 -8.67
C ARG A 86 -4.86 1.17 -8.97
N LEU A 87 -5.85 1.33 -8.08
CA LEU A 87 -7.20 0.83 -8.30
C LEU A 87 -7.97 1.93 -9.03
N GLU A 88 -8.42 1.61 -10.24
CA GLU A 88 -9.08 2.57 -11.14
C GLU A 88 -10.55 2.20 -11.30
N GLY A 89 -11.33 3.11 -11.89
CA GLY A 89 -12.77 2.94 -12.08
C GLY A 89 -13.59 3.81 -11.15
N ILE A 90 -12.91 4.66 -10.35
CA ILE A 90 -13.57 5.65 -9.49
C ILE A 90 -14.07 6.79 -10.40
N PRO A 91 -15.32 7.34 -10.18
CA PRO A 91 -15.80 8.56 -10.88
C PRO A 91 -14.77 9.72 -10.81
N PRO A 92 -14.40 10.38 -11.97
CA PRO A 92 -13.48 11.54 -11.97
C PRO A 92 -14.00 12.70 -11.08
N MET A 93 -13.07 13.32 -10.30
CA MET A 93 -13.38 14.36 -9.26
C MET A 93 -14.63 13.99 -8.42
N PRO A 94 -14.56 12.90 -7.59
CA PRO A 94 -15.74 12.29 -6.96
C PRO A 94 -16.12 13.00 -5.64
N ALA A 95 -16.82 14.14 -5.77
CA ALA A 95 -17.29 14.87 -4.59
C ALA A 95 -18.39 14.05 -3.89
N GLY A 96 -18.11 13.62 -2.65
CA GLY A 96 -18.98 12.70 -1.90
C GLY A 96 -18.46 11.27 -1.82
N VAL A 97 -17.21 11.03 -2.32
CA VAL A 97 -16.55 9.71 -2.17
C VAL A 97 -16.29 9.42 -0.67
N PRO A 98 -16.81 8.28 -0.11
CA PRO A 98 -16.71 8.02 1.33
C PRO A 98 -15.28 7.58 1.75
N GLN A 99 -14.93 6.31 1.52
CA GLN A 99 -13.74 5.67 2.11
C GLN A 99 -13.26 4.53 1.18
N ILE A 100 -11.93 4.44 1.01
CA ILE A 100 -11.26 3.37 0.25
C ILE A 100 -10.51 2.46 1.25
N GLU A 101 -10.80 1.17 1.23
CA GLU A 101 -10.19 0.17 2.11
C GLU A 101 -8.83 -0.30 1.56
N VAL A 102 -7.82 -0.46 2.43
CA VAL A 102 -6.55 -1.12 2.07
C VAL A 102 -6.25 -2.22 3.11
N CYS A 103 -5.97 -3.44 2.62
CA CYS A 103 -5.62 -4.58 3.48
C CYS A 103 -4.22 -5.08 3.09
N PHE A 104 -3.37 -5.32 4.12
CA PHE A 104 -2.02 -5.87 3.94
C PHE A 104 -2.05 -7.33 4.38
N ASP A 105 -1.95 -8.23 3.41
CA ASP A 105 -2.00 -9.68 3.64
C ASP A 105 -0.56 -10.22 3.59
N ILE A 106 -0.20 -11.04 4.57
CA ILE A 106 1.17 -11.57 4.75
C ILE A 106 1.14 -13.10 4.76
N ASP A 107 2.06 -13.69 4.00
CA ASP A 107 2.23 -15.15 3.90
C ASP A 107 3.19 -15.64 4.99
N ALA A 108 3.31 -16.97 5.13
CA ALA A 108 4.29 -17.63 6.01
C ALA A 108 5.73 -17.41 5.53
N ASN A 109 5.89 -17.23 4.20
CA ASN A 109 7.17 -16.85 3.57
C ASN A 109 7.44 -15.33 3.73
N GLY A 110 6.46 -14.60 4.30
CA GLY A 110 6.55 -13.16 4.51
C GLY A 110 6.21 -12.34 3.28
N ILE A 111 5.56 -13.00 2.30
CA ILE A 111 5.17 -12.36 1.02
C ILE A 111 4.00 -11.41 1.26
N LEU A 112 4.15 -10.14 0.83
CA LEU A 112 3.14 -9.11 1.09
C LEU A 112 2.23 -8.95 -0.13
N HIS A 113 0.98 -9.38 0.03
CA HIS A 113 -0.05 -9.23 -0.97
C HIS A 113 -0.96 -8.06 -0.53
N VAL A 114 -0.88 -6.92 -1.24
CA VAL A 114 -1.63 -5.71 -0.88
C VAL A 114 -2.85 -5.58 -1.80
N THR A 115 -4.02 -5.30 -1.21
CA THR A 115 -5.26 -5.07 -1.96
C THR A 115 -5.93 -3.77 -1.48
N ALA A 116 -6.71 -3.17 -2.37
CA ALA A 116 -7.52 -1.99 -2.07
C ALA A 116 -8.90 -2.13 -2.73
N LYS A 117 -9.95 -1.69 -2.02
CA LYS A 117 -11.32 -1.71 -2.51
C LYS A 117 -12.01 -0.37 -2.18
N GLU A 118 -12.41 0.37 -3.22
CA GLU A 118 -13.23 1.58 -3.06
C GLU A 118 -14.67 1.08 -2.79
N ARG A 119 -15.29 1.59 -1.71
CA ARG A 119 -16.58 1.08 -1.23
C ARG A 119 -17.75 1.48 -2.14
N SER A 120 -17.82 2.78 -2.48
CA SER A 120 -18.96 3.35 -3.24
C SER A 120 -19.03 2.81 -4.67
N THR A 121 -17.85 2.55 -5.24
CA THR A 121 -17.69 2.04 -6.61
C THR A 121 -17.70 0.50 -6.61
N GLY A 122 -17.21 -0.10 -5.50
CA GLY A 122 -17.25 -1.55 -5.26
C GLY A 122 -16.01 -2.26 -5.77
N ARG A 123 -15.22 -1.56 -6.59
CA ARG A 123 -14.07 -2.12 -7.30
C ARG A 123 -12.87 -2.36 -6.38
N GLU A 124 -12.20 -3.50 -6.62
CA GLU A 124 -11.02 -3.93 -5.85
C GLU A 124 -9.95 -4.55 -6.76
N ALA A 125 -8.69 -4.38 -6.36
CA ALA A 125 -7.52 -4.92 -7.09
C ALA A 125 -6.45 -5.27 -6.06
N SER A 126 -5.62 -6.28 -6.38
CA SER A 126 -4.54 -6.73 -5.48
C SER A 126 -3.25 -6.96 -6.27
N ILE A 127 -2.12 -7.04 -5.52
CA ILE A 127 -0.78 -7.24 -6.09
C ILE A 127 0.04 -8.09 -5.12
N THR A 128 0.89 -8.97 -5.66
CA THR A 128 1.82 -9.77 -4.86
C THR A 128 3.22 -9.16 -4.93
N ILE A 129 3.69 -8.60 -3.81
CA ILE A 129 5.04 -8.05 -3.65
C ILE A 129 5.90 -9.07 -2.88
N GLN A 130 6.85 -9.67 -3.59
CA GLN A 130 7.82 -10.64 -3.03
C GLN A 130 9.15 -9.93 -2.70
N ASN A 131 9.22 -8.63 -3.04
CA ASN A 131 10.42 -7.77 -2.86
C ASN A 131 10.57 -7.27 -1.41
N THR A 132 9.67 -7.73 -0.51
CA THR A 132 9.69 -7.37 0.91
C THR A 132 10.82 -8.13 1.65
N THR A 133 10.71 -9.46 1.64
CA THR A 133 11.59 -10.34 2.40
C THR A 133 12.95 -10.51 1.73
N THR A 134 14.02 -10.33 2.52
CA THR A 134 15.39 -10.55 2.12
C THR A 134 15.63 -12.06 1.80
N PRO A 3 -5.03 6.20 9.90
CA PRO A 3 -5.26 7.59 9.39
C PRO A 3 -4.44 7.84 8.11
N GLY A 4 -4.75 8.94 7.41
CA GLY A 4 -3.97 9.41 6.25
C GLY A 4 -4.67 9.17 4.91
N LEU A 5 -4.48 10.12 3.98
CA LEU A 5 -4.93 10.01 2.58
C LEU A 5 -3.70 9.72 1.70
N PHE A 6 -3.85 8.89 0.65
CA PHE A 6 -2.70 8.45 -0.18
C PHE A 6 -2.05 9.62 -0.94
N GLY A 7 -0.71 9.65 -0.95
CA GLY A 7 0.05 10.56 -1.79
C GLY A 7 0.25 9.97 -3.17
N GLY A 8 1.07 8.91 -3.25
CA GLY A 8 1.28 8.15 -4.49
C GLY A 8 2.42 8.74 -5.33
N PHE A 9 2.26 10.02 -5.71
CA PHE A 9 3.26 10.76 -6.52
C PHE A 9 4.49 11.10 -5.65
N GLY A 10 5.65 10.57 -6.02
CA GLY A 10 6.88 10.84 -5.27
C GLY A 10 8.10 10.36 -6.01
N SER A 11 8.59 9.19 -5.62
CA SER A 11 9.75 8.52 -6.24
C SER A 11 9.59 6.99 -6.10
N GLY A 12 10.66 6.26 -6.44
CA GLY A 12 10.69 4.80 -6.31
C GLY A 12 12.00 4.32 -5.73
N GLY A 13 12.36 3.06 -6.03
CA GLY A 13 13.59 2.45 -5.55
C GLY A 13 13.34 1.03 -5.11
N SER A 14 13.14 0.14 -6.10
CA SER A 14 12.94 -1.30 -5.87
C SER A 14 14.29 -2.00 -5.61
N GLY A 15 14.22 -3.06 -4.78
CA GLY A 15 15.38 -3.87 -4.43
C GLY A 15 14.91 -5.24 -3.98
N GLY A 16 14.40 -6.01 -4.97
CA GLY A 16 13.79 -7.33 -4.72
C GLY A 16 14.83 -8.38 -4.39
N SER A 17 15.22 -8.40 -3.12
CA SER A 17 16.17 -9.38 -2.57
C SER A 17 15.38 -10.47 -1.81
N GLY A 18 16.00 -11.65 -1.65
CA GLY A 18 15.33 -12.79 -1.03
C GLY A 18 16.27 -13.95 -0.69
N GLY A 19 17.32 -13.64 0.08
CA GLY A 19 18.25 -14.65 0.61
C GLY A 19 17.73 -15.34 1.89
N SER A 20 16.66 -14.77 2.49
CA SER A 20 15.96 -15.32 3.68
C SER A 20 14.48 -14.93 3.61
N GLY A 21 13.64 -15.59 4.43
CA GLY A 21 12.18 -15.41 4.40
C GLY A 21 11.65 -14.35 5.37
N VAL A 22 12.54 -13.48 5.89
CA VAL A 22 12.13 -12.35 6.77
C VAL A 22 12.48 -11.03 6.09
N THR A 23 11.74 -9.97 6.39
CA THR A 23 11.94 -8.65 5.77
C THR A 23 12.81 -7.75 6.69
N PRO A 24 13.73 -6.89 6.12
CA PRO A 24 14.61 -6.00 6.92
C PRO A 24 13.90 -4.73 7.41
N LEU A 25 12.77 -4.40 6.74
CA LEU A 25 12.05 -3.13 6.90
C LEU A 25 10.53 -3.39 6.97
N SER A 26 9.83 -2.68 7.88
CA SER A 26 8.38 -2.88 8.14
C SER A 26 7.52 -2.40 6.95
N LEU A 27 6.35 -3.03 6.73
CA LEU A 27 5.62 -2.94 5.45
C LEU A 27 4.39 -2.04 5.63
N GLY A 28 4.24 -1.05 4.72
CA GLY A 28 3.14 -0.09 4.79
C GLY A 28 2.90 0.64 3.48
N VAL A 29 2.05 1.67 3.51
CA VAL A 29 1.67 2.49 2.33
C VAL A 29 2.13 3.94 2.52
N GLU A 30 2.10 4.70 1.42
CA GLU A 30 2.48 6.10 1.41
C GLU A 30 1.22 6.98 1.48
N THR A 31 1.25 7.91 2.41
CA THR A 31 0.22 8.94 2.59
C THR A 31 0.87 10.32 2.35
N LYS A 32 0.03 11.33 2.07
CA LYS A 32 0.47 12.67 1.65
C LYS A 32 1.29 13.35 2.77
N GLY A 33 2.27 14.17 2.36
CA GLY A 33 3.28 14.70 3.27
C GLY A 33 4.50 13.80 3.31
N GLY A 34 4.48 12.72 2.48
CA GLY A 34 5.59 11.76 2.41
C GLY A 34 5.65 10.85 3.62
N VAL A 35 4.51 10.65 4.28
CA VAL A 35 4.42 9.88 5.54
C VAL A 35 4.24 8.37 5.23
N MET A 36 5.05 7.53 5.88
CA MET A 36 4.94 6.06 5.77
C MET A 36 3.99 5.53 6.86
N THR A 37 2.88 4.90 6.44
CA THR A 37 1.89 4.31 7.34
C THR A 37 2.06 2.78 7.33
N VAL A 38 2.61 2.23 8.42
CA VAL A 38 2.95 0.79 8.51
C VAL A 38 1.75 -0.05 9.01
N LEU A 39 1.43 -1.13 8.27
CA LEU A 39 0.38 -2.10 8.66
C LEU A 39 1.00 -3.38 9.25
N ILE A 40 2.18 -3.78 8.74
CA ILE A 40 2.83 -5.06 9.13
C ILE A 40 4.22 -4.79 9.74
N PRO A 41 4.56 -5.39 10.92
CA PRO A 41 5.92 -5.31 11.51
C PRO A 41 6.95 -6.14 10.69
N ARG A 42 8.24 -5.73 10.72
CA ARG A 42 9.33 -6.41 10.01
C ARG A 42 9.80 -7.68 10.74
N ASN A 43 10.85 -8.32 10.16
CA ASN A 43 11.37 -9.61 10.61
C ASN A 43 10.29 -10.68 10.53
N THR A 44 9.49 -10.58 9.45
CA THR A 44 8.30 -11.40 9.20
C THR A 44 8.66 -12.91 9.09
N THR A 45 8.11 -13.69 10.03
CA THR A 45 8.36 -15.15 10.12
C THR A 45 7.02 -15.90 10.21
N ILE A 46 5.98 -15.19 10.67
CA ILE A 46 4.61 -15.73 10.81
C ILE A 46 3.63 -14.97 9.88
N PRO A 47 2.53 -15.64 9.42
CA PRO A 47 1.50 -14.99 8.60
C PRO A 47 0.68 -13.95 9.40
N THR A 48 0.35 -12.82 8.76
CA THR A 48 -0.30 -11.66 9.41
C THR A 48 -1.27 -10.98 8.44
N ARG A 49 -2.54 -10.92 8.82
CA ARG A 49 -3.56 -10.21 8.04
C ARG A 49 -3.99 -8.97 8.84
N LYS A 50 -3.83 -7.80 8.22
CA LYS A 50 -4.11 -6.50 8.84
C LYS A 50 -4.75 -5.60 7.79
N CYS A 51 -5.93 -5.05 8.07
CA CYS A 51 -6.66 -4.19 7.13
C CYS A 51 -7.06 -2.91 7.85
N GLU A 52 -6.86 -1.77 7.18
CA GLU A 52 -7.16 -0.44 7.73
C GLU A 52 -7.91 0.38 6.67
N ILE A 53 -8.87 1.18 7.14
CA ILE A 53 -9.68 2.05 6.27
C ILE A 53 -8.97 3.41 6.14
N PHE A 54 -8.68 3.80 4.88
CA PHE A 54 -8.04 5.10 4.57
C PHE A 54 -9.07 6.01 3.89
N THR A 55 -9.04 7.30 4.23
CA THR A 55 -9.93 8.30 3.61
C THR A 55 -9.09 9.23 2.75
N THR A 56 -9.48 9.40 1.47
CA THR A 56 -8.89 10.43 0.59
C THR A 56 -9.95 11.52 0.39
N ALA A 57 -11.10 11.14 -0.22
CA ALA A 57 -12.30 11.98 -0.32
C ALA A 57 -12.03 13.36 -0.98
N GLU A 58 -11.29 13.33 -2.10
CA GLU A 58 -10.78 14.56 -2.76
C GLU A 58 -11.46 14.82 -4.11
N HIS A 59 -11.39 16.10 -4.52
CA HIS A 59 -11.93 16.58 -5.80
C HIS A 59 -10.93 16.32 -6.94
N ASN A 60 -11.50 16.18 -8.16
CA ASN A 60 -10.78 15.85 -9.42
C ASN A 60 -10.24 14.40 -9.42
N GLN A 61 -10.48 13.65 -8.32
CA GLN A 61 -9.99 12.28 -8.15
C GLN A 61 -10.75 11.36 -9.12
N THR A 62 -9.99 10.60 -9.92
CA THR A 62 -10.53 9.63 -10.90
C THR A 62 -9.84 8.27 -10.75
N ALA A 63 -8.73 8.26 -9.99
CA ALA A 63 -7.95 7.07 -9.70
C ALA A 63 -7.17 7.30 -8.39
N VAL A 64 -6.94 6.21 -7.64
CA VAL A 64 -6.23 6.26 -6.35
C VAL A 64 -4.91 5.49 -6.52
N GLU A 65 -3.78 6.16 -6.27
CA GLU A 65 -2.45 5.54 -6.39
C GLU A 65 -1.97 5.09 -5.00
N ILE A 66 -1.99 3.78 -4.74
CA ILE A 66 -1.56 3.21 -3.47
C ILE A 66 -0.09 2.78 -3.62
N HIS A 67 0.81 3.62 -3.11
CA HIS A 67 2.26 3.41 -3.18
C HIS A 67 2.73 2.69 -1.90
N VAL A 68 3.05 1.40 -2.03
CA VAL A 68 3.48 0.54 -0.92
C VAL A 68 5.02 0.56 -0.79
N LEU A 69 5.54 0.88 0.41
CA LEU A 69 6.99 0.88 0.70
C LEU A 69 7.26 0.15 2.03
N GLN A 70 8.53 -0.20 2.25
CA GLN A 70 8.99 -0.79 3.50
C GLN A 70 10.08 0.09 4.10
N GLY A 71 10.02 0.32 5.41
CA GLY A 71 11.03 1.09 6.10
C GLY A 71 10.82 1.14 7.58
N GLU A 72 11.63 1.98 8.21
CA GLU A 72 11.61 2.25 9.65
C GLU A 72 11.51 3.76 9.89
N ARG A 73 11.61 4.55 8.81
CA ARG A 73 11.58 6.02 8.86
C ARG A 73 10.12 6.56 8.86
N PRO A 74 9.86 7.72 9.54
CA PRO A 74 8.57 8.45 9.42
C PRO A 74 8.24 8.86 7.96
N MET A 75 9.30 9.11 7.16
CA MET A 75 9.14 9.50 5.74
C MET A 75 9.34 8.29 4.82
N ALA A 76 8.34 8.06 3.94
CA ALA A 76 8.34 7.01 2.91
C ALA A 76 9.44 7.22 1.86
N GLN A 77 9.87 8.49 1.66
CA GLN A 77 10.93 8.85 0.69
C GLN A 77 12.30 8.21 1.03
N ASP A 78 12.51 7.91 2.33
CA ASP A 78 13.78 7.31 2.82
C ASP A 78 13.68 5.77 2.88
N ASN A 79 12.51 5.24 2.46
CA ASN A 79 12.15 3.83 2.62
C ASN A 79 12.16 3.12 1.25
N LYS A 80 12.43 1.80 1.26
CA LYS A 80 12.66 1.02 0.04
C LYS A 80 11.28 0.70 -0.58
N SER A 81 11.04 1.22 -1.81
CA SER A 81 9.77 1.07 -2.52
C SER A 81 9.50 -0.40 -2.87
N LEU A 82 8.35 -0.91 -2.41
CA LEU A 82 7.91 -2.30 -2.65
C LEU A 82 7.18 -2.39 -4.00
N GLY A 83 6.36 -1.37 -4.25
CA GLY A 83 5.65 -1.22 -5.50
C GLY A 83 4.57 -0.17 -5.36
N ARG A 84 3.75 -0.04 -6.40
CA ARG A 84 2.55 0.79 -6.36
C ARG A 84 1.54 0.24 -7.36
N PHE A 85 0.26 0.33 -6.99
CA PHE A 85 -0.85 -0.13 -7.83
C PHE A 85 -1.97 0.91 -7.76
N ARG A 86 -2.60 1.17 -8.90
CA ARG A 86 -3.61 2.21 -9.02
C ARG A 86 -4.99 1.59 -9.20
N LEU A 87 -5.90 1.98 -8.31
CA LEU A 87 -7.31 1.60 -8.38
C LEU A 87 -8.02 2.67 -9.23
N GLU A 88 -8.48 2.28 -10.41
CA GLU A 88 -9.03 3.20 -11.42
C GLU A 88 -10.39 2.71 -11.92
N GLY A 89 -11.08 3.59 -12.64
CA GLY A 89 -12.49 3.39 -13.02
C GLY A 89 -13.42 4.24 -12.18
N ILE A 90 -12.84 5.02 -11.25
CA ILE A 90 -13.59 5.96 -10.40
C ILE A 90 -13.99 7.19 -11.27
N PRO A 91 -15.27 7.70 -11.16
CA PRO A 91 -15.68 8.95 -11.87
C PRO A 91 -14.79 10.14 -11.47
N PRO A 92 -14.25 10.95 -12.46
CA PRO A 92 -13.52 12.19 -12.16
C PRO A 92 -14.35 13.14 -11.26
N MET A 93 -13.78 13.57 -10.12
CA MET A 93 -14.46 14.40 -9.07
C MET A 93 -15.82 13.77 -8.64
N PRO A 94 -15.80 12.57 -7.96
CA PRO A 94 -17.01 11.80 -7.66
C PRO A 94 -17.74 12.37 -6.42
N ALA A 95 -18.92 12.97 -6.64
CA ALA A 95 -19.79 13.44 -5.55
C ALA A 95 -20.39 12.22 -4.84
N GLY A 96 -20.04 12.07 -3.55
CA GLY A 96 -20.42 10.88 -2.78
C GLY A 96 -19.26 9.90 -2.57
N VAL A 97 -18.01 10.33 -2.88
CA VAL A 97 -16.80 9.51 -2.62
C VAL A 97 -16.62 9.27 -1.09
N PRO A 98 -16.62 7.97 -0.63
CA PRO A 98 -16.42 7.63 0.78
C PRO A 98 -14.92 7.45 1.12
N GLN A 99 -14.47 6.19 1.27
CA GLN A 99 -13.15 5.85 1.82
C GLN A 99 -12.61 4.57 1.13
N ILE A 100 -11.29 4.51 0.90
CA ILE A 100 -10.60 3.39 0.24
C ILE A 100 -9.92 2.50 1.32
N GLU A 101 -10.40 1.25 1.46
CA GLU A 101 -9.91 0.29 2.47
C GLU A 101 -8.76 -0.56 1.89
N VAL A 102 -7.60 -0.56 2.56
CA VAL A 102 -6.41 -1.35 2.16
C VAL A 102 -6.21 -2.53 3.11
N CYS A 103 -5.88 -3.71 2.55
CA CYS A 103 -5.59 -4.92 3.32
C CYS A 103 -4.19 -5.45 2.97
N PHE A 104 -3.38 -5.72 4.00
CA PHE A 104 -2.08 -6.38 3.91
C PHE A 104 -2.21 -7.82 4.42
N ASP A 105 -2.09 -8.80 3.51
CA ASP A 105 -2.08 -10.22 3.86
C ASP A 105 -0.65 -10.75 3.71
N ILE A 106 -0.13 -11.33 4.77
CA ILE A 106 1.25 -11.79 4.88
C ILE A 106 1.25 -13.30 5.09
N ASP A 107 2.17 -13.99 4.38
CA ASP A 107 2.46 -15.41 4.57
C ASP A 107 3.65 -15.59 5.52
N ALA A 108 3.82 -16.82 6.02
CA ALA A 108 4.92 -17.20 6.93
C ALA A 108 6.30 -17.01 6.27
N ASN A 109 6.33 -17.11 4.92
CA ASN A 109 7.56 -16.96 4.11
C ASN A 109 7.93 -15.46 3.89
N GLY A 110 7.17 -14.55 4.51
CA GLY A 110 7.43 -13.11 4.39
C GLY A 110 6.84 -12.50 3.12
N ILE A 111 5.93 -13.25 2.47
CA ILE A 111 5.30 -12.83 1.21
C ILE A 111 4.19 -11.81 1.51
N LEU A 112 4.24 -10.63 0.88
CA LEU A 112 3.24 -9.57 1.07
C LEU A 112 2.23 -9.59 -0.07
N HIS A 113 0.95 -9.44 0.29
CA HIS A 113 -0.16 -9.28 -0.67
C HIS A 113 -0.97 -8.04 -0.25
N VAL A 114 -0.90 -6.95 -1.04
CA VAL A 114 -1.65 -5.71 -0.75
C VAL A 114 -2.83 -5.57 -1.72
N THR A 115 -3.99 -5.17 -1.20
CA THR A 115 -5.15 -4.79 -2.02
C THR A 115 -5.76 -3.49 -1.47
N ALA A 116 -6.51 -2.79 -2.31
CA ALA A 116 -7.26 -1.59 -1.92
C ALA A 116 -8.64 -1.65 -2.57
N LYS A 117 -9.67 -1.12 -1.89
CA LYS A 117 -11.05 -1.20 -2.36
C LYS A 117 -11.75 0.16 -2.21
N GLU A 118 -12.17 0.73 -3.36
CA GLU A 118 -13.00 1.93 -3.41
C GLU A 118 -14.47 1.50 -3.21
N ARG A 119 -15.11 2.06 -2.19
CA ARG A 119 -16.46 1.67 -1.76
C ARG A 119 -17.57 2.29 -2.63
N SER A 120 -17.31 3.43 -3.32
CA SER A 120 -18.31 4.09 -4.18
C SER A 120 -18.64 3.21 -5.40
N THR A 121 -17.59 2.70 -6.05
CA THR A 121 -17.70 1.84 -7.23
C THR A 121 -17.82 0.36 -6.84
N GLY A 122 -17.23 0.00 -5.68
CA GLY A 122 -17.15 -1.39 -5.23
C GLY A 122 -15.97 -2.12 -5.86
N ARG A 123 -15.16 -1.38 -6.63
CA ARG A 123 -14.01 -1.91 -7.36
C ARG A 123 -12.78 -1.98 -6.45
N GLU A 124 -11.87 -2.91 -6.78
CA GLU A 124 -10.65 -3.13 -6.02
C GLU A 124 -9.51 -3.59 -6.94
N ALA A 125 -8.27 -3.36 -6.48
CA ALA A 125 -7.04 -3.75 -7.19
C ALA A 125 -6.06 -4.35 -6.19
N SER A 126 -5.28 -5.37 -6.60
CA SER A 126 -4.37 -6.10 -5.69
C SER A 126 -3.01 -6.37 -6.37
N ILE A 127 -1.98 -6.61 -5.54
CA ILE A 127 -0.59 -6.84 -5.96
C ILE A 127 0.07 -7.78 -4.92
N THR A 128 0.94 -8.68 -5.37
CA THR A 128 1.68 -9.57 -4.46
C THR A 128 3.18 -9.23 -4.55
N ILE A 129 3.70 -8.68 -3.46
CA ILE A 129 5.05 -8.15 -3.36
C ILE A 129 5.97 -9.16 -2.62
N GLN A 130 6.92 -9.75 -3.37
CA GLN A 130 8.04 -10.55 -2.79
C GLN A 130 9.32 -9.69 -2.71
N ASN A 131 9.19 -8.39 -3.05
CA ASN A 131 10.28 -7.37 -2.99
C ASN A 131 10.53 -6.90 -1.51
N THR A 132 10.01 -7.67 -0.55
CA THR A 132 10.06 -7.38 0.88
C THR A 132 11.33 -7.93 1.55
N THR A 133 11.56 -9.24 1.39
CA THR A 133 12.50 -10.03 2.20
C THR A 133 14.00 -9.61 2.08
N THR A 134 14.80 -10.09 3.04
CA THR A 134 16.25 -9.87 3.14
C THR A 134 16.96 -10.73 2.09
N PRO A 3 -5.80 10.50 8.91
CA PRO A 3 -6.87 10.52 7.87
C PRO A 3 -6.85 9.23 7.04
N GLY A 4 -5.68 8.96 6.42
CA GLY A 4 -5.47 7.78 5.56
C GLY A 4 -5.46 8.10 4.08
N LEU A 5 -5.36 9.41 3.75
CA LEU A 5 -5.31 9.88 2.36
C LEU A 5 -3.98 9.46 1.69
N PHE A 6 -4.05 8.85 0.50
CA PHE A 6 -2.88 8.25 -0.18
C PHE A 6 -2.11 9.30 -1.00
N GLY A 7 -0.77 9.11 -1.08
CA GLY A 7 0.10 10.00 -1.85
C GLY A 7 -0.09 9.83 -3.35
N GLY A 8 0.07 8.57 -3.80
CA GLY A 8 -0.15 8.19 -5.19
C GLY A 8 0.98 8.62 -6.11
N PHE A 9 2.20 8.62 -5.57
CA PHE A 9 3.42 8.88 -6.35
C PHE A 9 3.81 7.61 -7.13
N GLY A 10 3.82 7.74 -8.47
CA GLY A 10 4.15 6.63 -9.37
C GLY A 10 5.64 6.40 -9.50
N SER A 11 6.25 5.95 -8.40
CA SER A 11 7.67 5.57 -8.34
C SER A 11 7.81 4.30 -7.49
N GLY A 12 7.25 3.20 -8.03
CA GLY A 12 7.24 1.90 -7.38
C GLY A 12 6.97 0.80 -8.39
N GLY A 13 7.53 -0.38 -8.14
CA GLY A 13 7.44 -1.51 -9.07
C GLY A 13 8.78 -2.21 -9.16
N SER A 14 8.79 -3.50 -8.80
CA SER A 14 10.01 -4.35 -8.86
C SER A 14 9.62 -5.80 -9.17
N GLY A 15 10.62 -6.62 -9.53
CA GLY A 15 10.41 -8.04 -9.79
C GLY A 15 10.17 -8.83 -8.51
N GLY A 16 8.94 -9.34 -8.35
CA GLY A 16 8.53 -10.10 -7.17
C GLY A 16 9.19 -11.48 -7.11
N SER A 17 10.39 -11.51 -6.52
CA SER A 17 11.14 -12.74 -6.26
C SER A 17 11.54 -12.78 -4.77
N GLY A 18 12.39 -11.79 -4.37
CA GLY A 18 12.84 -11.66 -2.97
C GLY A 18 13.57 -12.88 -2.43
N GLY A 19 13.41 -13.15 -1.14
CA GLY A 19 13.88 -14.37 -0.51
C GLY A 19 12.73 -15.17 0.08
N SER A 20 13.00 -16.05 1.03
CA SER A 20 11.95 -16.80 1.76
C SER A 20 12.07 -16.59 3.27
N GLY A 21 13.04 -15.73 3.69
CA GLY A 21 13.32 -15.46 5.10
C GLY A 21 12.41 -14.38 5.68
N VAL A 22 13.01 -13.27 6.15
CA VAL A 22 12.30 -12.17 6.83
C VAL A 22 12.56 -10.86 6.08
N THR A 23 11.62 -9.91 6.18
CA THR A 23 11.76 -8.59 5.55
C THR A 23 12.66 -7.68 6.43
N PRO A 24 13.60 -6.88 5.82
CA PRO A 24 14.54 -6.02 6.58
C PRO A 24 13.84 -4.76 7.14
N LEU A 25 12.77 -4.30 6.47
CA LEU A 25 12.04 -3.08 6.84
C LEU A 25 10.52 -3.35 6.87
N SER A 26 9.81 -2.61 7.76
CA SER A 26 8.38 -2.79 8.02
C SER A 26 7.52 -2.33 6.82
N LEU A 27 6.37 -2.97 6.61
CA LEU A 27 5.60 -2.84 5.36
C LEU A 27 4.40 -1.92 5.61
N GLY A 28 4.25 -0.91 4.74
CA GLY A 28 3.17 0.08 4.86
C GLY A 28 2.83 0.76 3.55
N VAL A 29 1.90 1.73 3.63
CA VAL A 29 1.38 2.47 2.47
C VAL A 29 1.83 3.92 2.56
N GLU A 30 1.94 4.55 1.39
CA GLU A 30 2.27 5.97 1.28
C GLU A 30 1.00 6.79 1.47
N THR A 31 1.08 7.75 2.38
CA THR A 31 0.01 8.72 2.64
C THR A 31 0.51 10.13 2.29
N LYS A 32 -0.42 10.89 1.67
CA LYS A 32 -0.22 12.25 1.16
C LYS A 32 0.24 13.18 2.30
N GLY A 33 1.38 13.85 2.08
CA GLY A 33 2.09 14.60 3.12
C GLY A 33 3.51 14.05 3.32
N GLY A 34 3.84 12.95 2.60
CA GLY A 34 5.19 12.37 2.60
C GLY A 34 5.44 11.42 3.74
N VAL A 35 4.35 10.96 4.38
CA VAL A 35 4.41 10.07 5.55
C VAL A 35 4.02 8.65 5.12
N MET A 36 4.59 7.62 5.78
CA MET A 36 4.21 6.21 5.56
C MET A 36 3.36 5.74 6.76
N THR A 37 2.26 5.03 6.46
CA THR A 37 1.46 4.34 7.47
C THR A 37 1.84 2.85 7.47
N VAL A 38 2.58 2.42 8.51
CA VAL A 38 3.00 1.02 8.66
C VAL A 38 1.82 0.16 9.16
N LEU A 39 1.57 -0.98 8.49
CA LEU A 39 0.51 -1.93 8.87
C LEU A 39 1.12 -3.22 9.45
N ILE A 40 2.18 -3.73 8.78
CA ILE A 40 2.88 -4.96 9.21
C ILE A 40 4.28 -4.60 9.74
N PRO A 41 4.68 -5.06 10.96
CA PRO A 41 6.06 -4.88 11.47
C PRO A 41 7.07 -5.77 10.69
N ARG A 42 8.35 -5.38 10.73
CA ARG A 42 9.42 -6.12 10.01
C ARG A 42 9.85 -7.38 10.75
N ASN A 43 10.91 -8.03 10.23
CA ASN A 43 11.42 -9.32 10.75
C ASN A 43 10.33 -10.40 10.54
N THR A 44 9.55 -10.24 9.47
CA THR A 44 8.36 -11.04 9.17
C THR A 44 8.70 -12.51 8.85
N THR A 45 8.22 -13.42 9.69
CA THR A 45 8.56 -14.85 9.65
C THR A 45 7.30 -15.74 9.74
N ILE A 46 6.19 -15.18 10.27
CA ILE A 46 4.91 -15.89 10.43
C ILE A 46 3.82 -15.18 9.60
N PRO A 47 2.73 -15.91 9.16
CA PRO A 47 1.64 -15.28 8.41
C PRO A 47 0.79 -14.35 9.30
N THR A 48 0.44 -13.18 8.75
CA THR A 48 -0.31 -12.13 9.49
C THR A 48 -1.16 -11.30 8.51
N ARG A 49 -2.27 -10.72 8.98
CA ARG A 49 -3.13 -9.86 8.15
C ARG A 49 -3.62 -8.64 8.95
N LYS A 50 -3.30 -7.44 8.46
CA LYS A 50 -3.76 -6.15 9.00
C LYS A 50 -4.70 -5.51 7.97
N CYS A 51 -5.87 -5.03 8.41
CA CYS A 51 -6.82 -4.33 7.53
C CYS A 51 -7.31 -3.06 8.23
N GLU A 52 -7.39 -1.96 7.47
CA GLU A 52 -7.76 -0.64 8.00
C GLU A 52 -8.51 0.14 6.93
N ILE A 53 -9.52 0.92 7.34
CA ILE A 53 -10.28 1.77 6.44
C ILE A 53 -9.61 3.17 6.36
N PHE A 54 -9.13 3.54 5.16
CA PHE A 54 -8.36 4.77 4.91
C PHE A 54 -9.23 5.81 4.19
N THR A 55 -9.18 7.07 4.65
CA THR A 55 -10.03 8.15 4.14
C THR A 55 -9.24 9.10 3.23
N THR A 56 -9.75 9.33 2.02
CA THR A 56 -9.17 10.31 1.08
C THR A 56 -10.29 11.06 0.35
N ALA A 57 -10.05 12.34 0.05
CA ALA A 57 -10.98 13.21 -0.67
C ALA A 57 -10.17 14.22 -1.47
N GLU A 58 -9.71 13.79 -2.66
CA GLU A 58 -8.83 14.61 -3.50
C GLU A 58 -9.60 15.05 -4.75
N HIS A 59 -9.42 16.33 -5.10
CA HIS A 59 -10.15 16.98 -6.19
C HIS A 59 -9.43 16.77 -7.51
N ASN A 60 -10.24 16.57 -8.58
CA ASN A 60 -9.77 16.33 -9.97
C ASN A 60 -9.02 14.99 -10.10
N GLN A 61 -9.18 14.11 -9.10
CA GLN A 61 -8.50 12.79 -9.06
C GLN A 61 -9.20 11.84 -10.06
N THR A 62 -8.40 11.18 -10.91
CA THR A 62 -8.91 10.28 -11.96
C THR A 62 -9.03 8.83 -11.45
N ALA A 63 -8.05 8.44 -10.61
CA ALA A 63 -7.97 7.12 -9.96
C ALA A 63 -7.13 7.26 -8.68
N VAL A 64 -7.25 6.31 -7.73
CA VAL A 64 -6.57 6.42 -6.40
C VAL A 64 -5.46 5.35 -6.31
N GLU A 65 -4.21 5.79 -6.10
CA GLU A 65 -3.04 4.89 -6.15
C GLU A 65 -2.49 4.64 -4.75
N ILE A 66 -2.33 3.35 -4.44
CA ILE A 66 -1.75 2.88 -3.19
C ILE A 66 -0.29 2.47 -3.52
N HIS A 67 0.64 3.35 -3.14
CA HIS A 67 2.08 3.16 -3.34
C HIS A 67 2.65 2.51 -2.05
N VAL A 68 3.13 1.27 -2.18
CA VAL A 68 3.59 0.45 -1.05
C VAL A 68 5.12 0.55 -0.90
N LEU A 69 5.58 0.88 0.32
CA LEU A 69 7.01 0.98 0.65
C LEU A 69 7.31 0.17 1.92
N GLN A 70 8.60 -0.11 2.15
CA GLN A 70 9.08 -0.66 3.42
C GLN A 70 10.09 0.31 4.05
N GLY A 71 10.01 0.47 5.37
CA GLY A 71 10.89 1.37 6.10
C GLY A 71 10.71 1.22 7.60
N GLU A 72 11.25 2.18 8.33
CA GLU A 72 11.10 2.30 9.79
C GLU A 72 10.81 3.77 10.13
N ARG A 73 11.45 4.69 9.38
CA ARG A 73 11.22 6.14 9.48
C ARG A 73 9.83 6.50 8.93
N PRO A 74 9.11 7.51 9.54
CA PRO A 74 7.82 8.01 9.01
C PRO A 74 7.96 8.68 7.63
N MET A 75 9.19 9.11 7.29
CA MET A 75 9.48 9.83 6.04
C MET A 75 9.62 8.82 4.88
N ALA A 76 8.79 8.99 3.84
CA ALA A 76 8.78 8.11 2.64
C ALA A 76 10.11 8.19 1.85
N GLN A 77 10.86 9.30 2.03
CA GLN A 77 12.18 9.52 1.40
C GLN A 77 13.22 8.49 1.93
N ASP A 78 13.04 8.08 3.19
CA ASP A 78 13.91 7.08 3.84
C ASP A 78 13.40 5.65 3.63
N ASN A 79 12.26 5.50 2.92
CA ASN A 79 11.62 4.19 2.75
C ASN A 79 11.83 3.69 1.34
N LYS A 80 12.17 2.40 1.23
CA LYS A 80 12.49 1.75 -0.04
C LYS A 80 11.18 1.21 -0.63
N SER A 81 10.78 1.74 -1.80
CA SER A 81 9.53 1.37 -2.48
C SER A 81 9.53 -0.13 -2.86
N LEU A 82 8.47 -0.83 -2.45
CA LEU A 82 8.23 -2.24 -2.78
C LEU A 82 7.52 -2.36 -4.13
N GLY A 83 6.54 -1.48 -4.32
CA GLY A 83 5.74 -1.45 -5.53
C GLY A 83 4.61 -0.46 -5.41
N ARG A 84 3.71 -0.47 -6.38
CA ARG A 84 2.46 0.30 -6.33
C ARG A 84 1.40 -0.35 -7.21
N PHE A 85 0.15 0.00 -6.94
CA PHE A 85 -0.99 -0.36 -7.80
C PHE A 85 -2.01 0.77 -7.69
N ARG A 86 -2.67 1.08 -8.80
CA ARG A 86 -3.66 2.16 -8.84
C ARG A 86 -5.05 1.56 -9.08
N LEU A 87 -5.99 2.00 -8.25
CA LEU A 87 -7.38 1.56 -8.27
C LEU A 87 -8.17 2.44 -9.24
N GLU A 88 -8.73 1.76 -10.26
CA GLU A 88 -9.40 2.38 -11.41
C GLU A 88 -10.92 2.24 -11.28
N GLY A 89 -11.67 2.97 -12.13
CA GLY A 89 -13.14 2.89 -12.15
C GLY A 89 -13.79 3.93 -11.23
N ILE A 90 -12.93 4.66 -10.49
CA ILE A 90 -13.33 5.80 -9.65
C ILE A 90 -13.50 7.01 -10.58
N PRO A 91 -14.68 7.70 -10.56
CA PRO A 91 -15.00 8.77 -11.54
C PRO A 91 -14.04 9.98 -11.40
N PRO A 92 -13.54 10.58 -12.53
CA PRO A 92 -12.68 11.79 -12.49
C PRO A 92 -13.35 12.92 -11.68
N MET A 93 -12.55 13.61 -10.83
CA MET A 93 -13.02 14.62 -9.84
C MET A 93 -14.10 14.02 -8.89
N PRO A 94 -13.73 13.02 -8.01
CA PRO A 94 -14.71 12.24 -7.23
C PRO A 94 -15.28 13.05 -6.05
N ALA A 95 -16.36 13.80 -6.31
CA ALA A 95 -17.11 14.50 -5.26
C ALA A 95 -17.96 13.50 -4.48
N GLY A 96 -17.86 13.52 -3.14
CA GLY A 96 -18.59 12.57 -2.30
C GLY A 96 -17.88 11.25 -2.14
N VAL A 97 -16.58 11.19 -2.53
CA VAL A 97 -15.73 10.00 -2.34
C VAL A 97 -15.63 9.68 -0.83
N PRO A 98 -15.97 8.42 -0.41
CA PRO A 98 -15.92 8.01 1.00
C PRO A 98 -14.50 7.58 1.42
N GLN A 99 -14.29 6.27 1.66
CA GLN A 99 -13.05 5.74 2.25
C GLN A 99 -12.69 4.42 1.55
N ILE A 100 -11.41 4.28 1.15
CA ILE A 100 -10.89 3.07 0.50
C ILE A 100 -10.28 2.13 1.57
N GLU A 101 -10.73 0.88 1.59
CA GLU A 101 -10.25 -0.16 2.52
C GLU A 101 -8.98 -0.80 1.96
N VAL A 102 -7.92 -0.88 2.79
CA VAL A 102 -6.65 -1.53 2.37
C VAL A 102 -6.31 -2.64 3.38
N CYS A 103 -5.95 -3.82 2.83
CA CYS A 103 -5.52 -4.97 3.62
C CYS A 103 -4.10 -5.40 3.18
N PHE A 104 -3.23 -5.59 4.18
CA PHE A 104 -1.90 -6.19 4.05
C PHE A 104 -1.98 -7.64 4.54
N ASP A 105 -1.88 -8.58 3.61
CA ASP A 105 -1.87 -10.02 3.87
C ASP A 105 -0.43 -10.54 3.75
N ILE A 106 0.00 -11.37 4.68
CA ILE A 106 1.37 -11.84 4.79
C ILE A 106 1.40 -13.36 4.97
N ASP A 107 2.33 -14.01 4.24
CA ASP A 107 2.62 -15.47 4.35
C ASP A 107 3.70 -15.74 5.43
N ALA A 108 3.93 -17.04 5.70
CA ALA A 108 5.03 -17.52 6.58
C ALA A 108 6.40 -17.23 5.95
N ASN A 109 6.43 -17.20 4.60
CA ASN A 109 7.64 -16.83 3.83
C ASN A 109 7.78 -15.29 3.70
N GLY A 110 6.93 -14.54 4.46
CA GLY A 110 7.00 -13.09 4.54
C GLY A 110 6.52 -12.38 3.28
N ILE A 111 5.77 -13.11 2.44
CA ILE A 111 5.30 -12.62 1.14
C ILE A 111 4.10 -11.68 1.35
N LEU A 112 4.17 -10.48 0.75
CA LEU A 112 3.19 -9.42 0.94
C LEU A 112 2.14 -9.44 -0.18
N HIS A 113 0.87 -9.30 0.21
CA HIS A 113 -0.28 -9.13 -0.69
C HIS A 113 -0.99 -7.85 -0.27
N VAL A 114 -0.93 -6.80 -1.08
CA VAL A 114 -1.63 -5.54 -0.78
C VAL A 114 -2.83 -5.40 -1.70
N THR A 115 -4.03 -5.23 -1.12
CA THR A 115 -5.25 -4.96 -1.88
C THR A 115 -5.96 -3.72 -1.32
N ALA A 116 -6.65 -3.01 -2.21
CA ALA A 116 -7.43 -1.81 -1.86
C ALA A 116 -8.75 -1.84 -2.64
N LYS A 117 -9.84 -1.46 -1.98
CA LYS A 117 -11.19 -1.50 -2.55
C LYS A 117 -11.96 -0.23 -2.17
N GLU A 118 -12.45 0.48 -3.19
CA GLU A 118 -13.30 1.67 -3.05
C GLU A 118 -14.72 1.24 -2.67
N ARG A 119 -15.25 1.87 -1.61
CA ARG A 119 -16.61 1.61 -1.10
C ARG A 119 -17.68 2.18 -2.04
N SER A 120 -17.38 3.33 -2.68
CA SER A 120 -18.29 4.03 -3.61
C SER A 120 -18.59 3.19 -4.85
N THR A 121 -17.53 2.81 -5.56
CA THR A 121 -17.62 2.21 -6.89
C THR A 121 -17.70 0.67 -6.80
N GLY A 122 -17.20 0.12 -5.66
CA GLY A 122 -17.15 -1.32 -5.44
C GLY A 122 -15.89 -1.96 -6.05
N ARG A 123 -15.14 -1.15 -6.83
CA ARG A 123 -13.92 -1.61 -7.52
C ARG A 123 -12.82 -1.93 -6.52
N GLU A 124 -12.11 -3.03 -6.81
CA GLU A 124 -10.93 -3.46 -6.04
C GLU A 124 -9.74 -3.65 -6.98
N ALA A 125 -8.55 -3.68 -6.38
CA ALA A 125 -7.28 -3.89 -7.07
C ALA A 125 -6.32 -4.52 -6.07
N SER A 126 -5.49 -5.47 -6.53
CA SER A 126 -4.56 -6.19 -5.64
C SER A 126 -3.24 -6.47 -6.36
N ILE A 127 -2.18 -6.59 -5.56
CA ILE A 127 -0.83 -6.89 -6.01
C ILE A 127 -0.19 -7.82 -4.97
N THR A 128 0.66 -8.73 -5.41
CA THR A 128 1.45 -9.58 -4.51
C THR A 128 2.94 -9.29 -4.75
N ILE A 129 3.58 -8.73 -3.72
CA ILE A 129 5.01 -8.40 -3.74
C ILE A 129 5.78 -9.48 -2.97
N GLN A 130 6.54 -10.32 -3.69
CA GLN A 130 7.42 -11.35 -3.10
C GLN A 130 8.76 -10.71 -2.71
N ASN A 131 9.11 -9.61 -3.43
CA ASN A 131 10.36 -8.87 -3.21
C ASN A 131 10.19 -7.94 -1.99
N THR A 132 10.22 -8.56 -0.81
CA THR A 132 10.12 -7.90 0.50
C THR A 132 11.22 -8.47 1.40
N THR A 133 11.24 -9.81 1.48
CA THR A 133 12.14 -10.57 2.34
C THR A 133 13.60 -10.52 1.87
N THR A 134 14.50 -10.15 2.80
CA THR A 134 15.95 -10.04 2.56
C THR A 134 16.60 -11.44 2.34
#